data_7B05
#
_entry.id   7B05
#
_cell.length_a   1.00
_cell.length_b   1.00
_cell.length_c   1.00
_cell.angle_alpha   90.00
_cell.angle_beta   90.00
_cell.angle_gamma   90.00
#
_symmetry.space_group_name_H-M   'P 1'
#
loop_
_entity.id
_entity.type
_entity.pdbx_description
1 polymer 'Transient receptor potential cation channel subfamily c member 4a'
2 non-polymer 4-[4-[[4,4-bis(fluoranyl)cyclohexyl]methyl]-3-oxidanylidene-piperazin-1-yl]-5-chloranyl-1~{H}-pyridazin-6-one
3 non-polymer 'CALCIUM ION'
4 non-polymer '(2R)-3-(phosphonooxy)propane-1,2-diyl dihexanoate'
#
_entity_poly.entity_id   1
_entity_poly.type   'polypeptide(L)'
_entity_poly.pdbx_seq_one_letter_code
;GSQLYFRRTDNSSYRDRIPLRIVRAESELSTQEKSYLSAVEKGDYASVKLALEEAEIYFKININCIDPLGRTALLIAIEN
ENLEIIELLLSFNVYVGDALLHAIRKEVVGAVELLLNHKKPSGEKQVPPILLDKQFSDFTPDITPIILAAHTNNYEIIKM
LVQKGVSVPQPHEVRCNCVECVSSSDVDSLRHSRSRLNIYKALASPSLIALSSEDPFLTAFQLSWELQELSKVENEFKAE
YEELSHQCKHFAKDLLDQTRSSRELELILNFRDDMNLLQDEANNELARLKLAIKYRQKEFVAQPNCQQLLASRWYDEFPG
WRRRHWAGKLITCVFIGLMFPLLSLCYLVAPKSRYGLFIRKPFIKFICHTASYLTFLFLLLLASQHIVSNNPDRQGPKPT
TVEWMILPWVLGFIWTEIKQMWDGGFQDYIHDWWNLMDFVMNSLYLATISLKIVAYVKYSGCKPRDTWEMWHPTLVAEAV
FAIANIFSSLRLISLFTANSHLGPLQISLGRMLLDILKFLFIYCLVLLAFANGLNQLYFYYENSEGMTCKGIRCERQNNA
FSTLFETLQSLFWSIFGLISLYVTNVKADHKFTEFVGATMFGTYNVISLVVLLNMLIAMMNNSYQHIADHADIEWKFART
KLWMSYFEEGGTLPPPFNIIPSPKSICYLITWIKVHVFKRRSKRTETFGTLGRRAAENVRLNHQYQEVLRNLVKRYVAAM
IRDAKTEEGLTEENFKELKQDISSFRYEVIGMMKGNRKSTRANKSDTSASDVSHPEGSLQYSSALKQNSKLHLYDVTTAL
QQQNSEEAKASLGCLANGSAVVLTEPILKDKARSDFPKDFTDFGLFPKKQNPNKIYSLAEEATESDPDILDWGKEDKPLA
GKVEQDVNESKCLMEEDERVLEEQEMEHIASSHEH
;
_entity_poly.pdbx_strand_id   A,B,C,D
#
loop_
_chem_comp.id
_chem_comp.type
_chem_comp.name
_chem_comp.formula
44E non-polymer '(2R)-3-(phosphonooxy)propane-1,2-diyl dihexanoate' 'C15 H29 O8 P'
CA non-polymer 'CALCIUM ION' 'Ca 2'
SJQ non-polymer 4-[4-[[4,4-bis(fluoranyl)cyclohexyl]methyl]-3-oxidanylidene-piperazin-1-yl]-5-chloranyl-1~{H}-pyridazin-6-one 'C15 H19 Cl F2 N4 O2'
#
# COMPACT_ATOMS: atom_id res chain seq x y z
N LEU A 29 -44.06 37.42 -3.60
CA LEU A 29 -44.53 36.07 -3.84
C LEU A 29 -45.88 36.19 -4.54
N SER A 30 -46.88 35.43 -4.05
CA SER A 30 -48.26 35.51 -4.53
C SER A 30 -48.34 35.38 -6.04
N THR A 31 -47.51 34.48 -6.59
CA THR A 31 -47.39 34.26 -8.02
C THR A 31 -47.25 35.61 -8.75
N GLN A 32 -46.51 36.52 -8.10
CA GLN A 32 -46.26 37.83 -8.66
C GLN A 32 -44.76 38.06 -8.71
N GLU A 33 -44.08 37.66 -7.64
CA GLU A 33 -42.63 37.72 -7.59
C GLU A 33 -42.01 36.57 -8.37
N LYS A 34 -42.75 35.47 -8.53
CA LYS A 34 -42.21 34.31 -9.23
C LYS A 34 -41.82 34.66 -10.66
N SER A 35 -42.70 35.41 -11.35
CA SER A 35 -42.37 35.85 -12.70
C SER A 35 -41.13 36.73 -12.70
N TYR A 36 -41.02 37.63 -11.72
CA TYR A 36 -39.88 38.52 -11.61
C TYR A 36 -38.58 37.73 -11.45
N LEU A 37 -38.56 36.79 -10.51
CA LEU A 37 -37.37 35.98 -10.30
C LEU A 37 -37.03 35.15 -11.54
N SER A 38 -38.04 34.56 -12.17
CA SER A 38 -37.79 33.75 -13.35
C SER A 38 -37.20 34.58 -14.47
N ALA A 39 -37.74 35.78 -14.69
CA ALA A 39 -37.20 36.66 -15.72
C ALA A 39 -35.76 37.04 -15.41
N VAL A 40 -35.48 37.36 -14.15
CA VAL A 40 -34.11 37.74 -13.80
C VAL A 40 -33.15 36.60 -14.05
N GLU A 41 -33.53 35.37 -13.66
CA GLU A 41 -32.60 34.26 -13.78
C GLU A 41 -32.46 33.79 -15.22
N LYS A 42 -33.51 33.88 -16.02
CA LYS A 42 -33.46 33.37 -17.39
C LYS A 42 -32.59 34.22 -18.29
N GLY A 43 -32.35 35.48 -17.94
CA GLY A 43 -31.55 36.37 -18.74
C GLY A 43 -32.31 37.48 -19.42
N ASP A 44 -33.62 37.57 -19.20
CA ASP A 44 -34.40 38.61 -19.85
C ASP A 44 -34.00 39.98 -19.33
N TYR A 45 -34.17 40.98 -20.17
CA TYR A 45 -33.85 42.35 -19.79
C TYR A 45 -35.05 43.27 -19.78
N ALA A 46 -35.79 43.34 -20.89
CA ALA A 46 -36.92 44.26 -20.96
C ALA A 46 -37.99 43.92 -19.94
N SER A 47 -38.31 42.64 -19.80
CA SER A 47 -39.34 42.22 -18.85
C SER A 47 -38.95 42.59 -17.43
N VAL A 48 -37.68 42.38 -17.07
CA VAL A 48 -37.21 42.70 -15.73
C VAL A 48 -37.37 44.20 -15.47
N LYS A 49 -36.93 45.03 -16.42
CA LYS A 49 -37.06 46.47 -16.26
C LYS A 49 -38.51 46.88 -16.10
N LEU A 50 -39.38 46.33 -16.95
CA LEU A 50 -40.79 46.68 -16.87
C LEU A 50 -41.36 46.31 -15.52
N ALA A 51 -40.97 45.14 -15.00
CA ALA A 51 -41.42 44.75 -13.67
C ALA A 51 -40.94 45.74 -12.62
N LEU A 52 -39.68 46.19 -12.73
CA LEU A 52 -39.15 47.16 -11.78
C LEU A 52 -40.02 48.41 -11.73
N GLU A 53 -40.16 49.11 -12.85
CA GLU A 53 -40.92 50.36 -12.72
C GLU A 53 -42.42 50.14 -12.73
N GLU A 54 -42.91 48.90 -12.80
CA GLU A 54 -44.33 48.68 -12.51
C GLU A 54 -44.55 48.55 -11.01
N ALA A 55 -43.82 47.63 -10.37
CA ALA A 55 -43.93 47.49 -8.92
C ALA A 55 -43.44 48.73 -8.19
N GLU A 56 -42.68 49.59 -8.86
CA GLU A 56 -42.28 50.84 -8.24
C GLU A 56 -43.45 51.79 -8.06
N ILE A 57 -44.51 51.65 -8.86
CA ILE A 57 -45.66 52.53 -8.74
C ILE A 57 -46.87 51.84 -8.12
N TYR A 58 -47.07 50.55 -8.36
CA TYR A 58 -48.21 49.88 -7.76
C TYR A 58 -47.96 49.39 -6.34
N PHE A 59 -46.71 49.47 -5.86
CA PHE A 59 -46.36 49.05 -4.50
C PHE A 59 -46.94 47.68 -4.20
N LYS A 60 -46.80 46.78 -5.16
CA LYS A 60 -47.45 45.49 -5.17
C LYS A 60 -46.57 44.39 -4.58
N ILE A 61 -45.31 44.32 -4.97
CA ILE A 61 -44.35 43.39 -4.40
C ILE A 61 -43.16 44.19 -3.90
N ASN A 62 -42.33 43.53 -3.09
CA ASN A 62 -41.03 44.09 -2.75
C ASN A 62 -40.01 43.64 -3.77
N ILE A 63 -39.13 44.56 -4.17
CA ILE A 63 -38.11 44.24 -5.16
C ILE A 63 -37.16 43.18 -4.62
N ASN A 64 -37.04 43.10 -3.29
CA ASN A 64 -35.98 42.35 -2.63
C ASN A 64 -36.50 41.13 -1.90
N CYS A 65 -37.42 40.40 -2.51
CA CYS A 65 -37.89 39.14 -1.94
C CYS A 65 -36.83 38.06 -2.10
N ILE A 66 -36.83 37.10 -1.18
CA ILE A 66 -35.97 35.93 -1.25
C ILE A 66 -36.84 34.69 -1.05
N ASP A 67 -37.38 34.17 -2.16
CA ASP A 67 -38.26 33.02 -2.04
C ASP A 67 -37.53 31.69 -1.89
N PRO A 68 -36.76 31.24 -2.90
CA PRO A 68 -36.41 29.81 -2.95
C PRO A 68 -35.49 29.36 -1.84
N LEU A 69 -34.31 29.97 -1.76
CA LEU A 69 -33.29 29.59 -0.79
C LEU A 69 -32.60 30.82 -0.25
N GLY A 70 -33.37 31.85 0.07
CA GLY A 70 -32.78 33.11 0.50
C GLY A 70 -31.97 33.79 -0.56
N ARG A 71 -32.49 33.86 -1.79
CA ARG A 71 -31.75 34.39 -2.94
C ARG A 71 -32.39 35.69 -3.39
N THR A 72 -31.78 36.82 -3.03
CA THR A 72 -32.19 38.08 -3.60
C THR A 72 -31.95 38.07 -5.10
N ALA A 73 -32.84 38.72 -5.84
CA ALA A 73 -32.66 38.79 -7.29
C ALA A 73 -31.29 39.34 -7.64
N LEU A 74 -30.77 40.25 -6.82
CA LEU A 74 -29.40 40.70 -7.01
C LEU A 74 -28.43 39.53 -6.95
N LEU A 75 -28.62 38.63 -5.98
CA LEU A 75 -27.74 37.48 -5.88
C LEU A 75 -27.87 36.57 -7.09
N ILE A 76 -29.10 36.40 -7.59
CA ILE A 76 -29.31 35.60 -8.78
C ILE A 76 -28.54 36.17 -9.96
N ALA A 77 -28.62 37.48 -10.15
CA ALA A 77 -27.84 38.10 -11.22
C ALA A 77 -26.36 37.93 -10.97
N ILE A 78 -25.93 38.04 -9.71
CA ILE A 78 -24.52 37.92 -9.38
C ILE A 78 -23.99 36.56 -9.81
N GLU A 79 -24.68 35.50 -9.41
CA GLU A 79 -24.16 34.16 -9.67
C GLU A 79 -24.23 33.76 -11.14
N ASN A 80 -25.04 34.43 -11.94
CA ASN A 80 -24.97 34.30 -13.39
C ASN A 80 -24.09 35.36 -14.03
N GLU A 81 -23.43 36.18 -13.21
CA GLU A 81 -22.46 37.19 -13.66
C GLU A 81 -22.99 38.06 -14.80
N ASN A 82 -24.32 38.17 -14.91
CA ASN A 82 -24.89 38.96 -15.99
C ASN A 82 -24.80 40.43 -15.59
N LEU A 83 -23.87 41.16 -16.20
CA LEU A 83 -23.59 42.52 -15.76
C LEU A 83 -24.76 43.46 -15.98
N GLU A 84 -25.46 43.31 -17.10
CA GLU A 84 -26.51 44.28 -17.44
C GLU A 84 -27.56 44.34 -16.35
N ILE A 85 -28.01 43.18 -15.89
CA ILE A 85 -29.04 43.15 -14.86
C ILE A 85 -28.53 43.78 -13.57
N ILE A 86 -27.29 43.48 -13.19
CA ILE A 86 -26.75 44.02 -11.95
C ILE A 86 -26.69 45.54 -12.02
N GLU A 87 -26.16 46.07 -13.12
CA GLU A 87 -26.04 47.52 -13.23
C GLU A 87 -27.40 48.18 -13.29
N LEU A 88 -28.39 47.52 -13.90
CA LEU A 88 -29.75 48.05 -13.86
C LEU A 88 -30.30 48.08 -12.44
N LEU A 89 -30.07 47.00 -11.69
CA LEU A 89 -30.60 46.94 -10.33
C LEU A 89 -29.97 47.98 -9.44
N LEU A 90 -28.71 48.31 -9.68
CA LEU A 90 -28.10 49.39 -8.90
C LEU A 90 -28.78 50.73 -9.15
N SER A 91 -29.44 50.91 -10.29
CA SER A 91 -30.16 52.15 -10.54
C SER A 91 -31.35 52.30 -9.60
N PHE A 92 -32.08 51.21 -9.34
CA PHE A 92 -33.29 51.28 -8.54
C PHE A 92 -33.04 51.21 -7.04
N ASN A 93 -31.78 51.23 -6.61
CA ASN A 93 -31.45 51.33 -5.20
C ASN A 93 -32.01 50.17 -4.39
N VAL A 94 -32.11 48.98 -4.99
CA VAL A 94 -32.52 47.81 -4.23
C VAL A 94 -31.46 47.54 -3.16
N TYR A 95 -31.91 47.01 -2.03
CA TYR A 95 -31.00 46.81 -0.91
C TYR A 95 -29.87 45.87 -1.30
N VAL A 96 -28.64 46.24 -0.94
CA VAL A 96 -27.47 45.50 -1.38
C VAL A 96 -27.14 44.35 -0.44
N GLY A 97 -27.19 44.58 0.87
CA GLY A 97 -26.76 43.55 1.77
C GLY A 97 -25.28 43.27 1.63
N ASP A 98 -24.89 42.06 2.04
CA ASP A 98 -23.51 41.62 1.88
C ASP A 98 -23.32 40.89 0.56
N ALA A 99 -23.81 41.49 -0.52
CA ALA A 99 -23.62 40.90 -1.84
C ALA A 99 -22.18 41.02 -2.28
N LEU A 100 -21.50 42.09 -1.86
CA LEU A 100 -20.07 42.23 -2.14
C LEU A 100 -19.32 40.98 -1.73
N LEU A 101 -19.66 40.45 -0.56
CA LEU A 101 -18.99 39.24 -0.08
C LEU A 101 -19.26 38.07 -0.99
N HIS A 102 -20.50 37.91 -1.45
CA HIS A 102 -20.83 36.81 -2.35
C HIS A 102 -20.06 36.94 -3.66
N ALA A 103 -19.98 38.15 -4.19
CA ALA A 103 -19.21 38.35 -5.41
C ALA A 103 -17.74 38.01 -5.19
N ILE A 104 -17.19 38.43 -4.05
CA ILE A 104 -15.80 38.14 -3.76
C ILE A 104 -15.58 36.63 -3.73
N ARG A 105 -16.46 35.90 -3.05
CA ARG A 105 -16.34 34.46 -3.02
C ARG A 105 -16.42 33.87 -4.41
N LYS A 106 -17.37 34.37 -5.22
CA LYS A 106 -17.60 33.83 -6.55
C LYS A 106 -16.48 34.19 -7.53
N GLU A 107 -15.63 35.14 -7.19
CA GLU A 107 -14.54 35.57 -8.05
C GLU A 107 -15.07 36.10 -9.38
N VAL A 108 -15.83 37.19 -9.30
CA VAL A 108 -16.30 37.93 -10.45
C VAL A 108 -15.81 39.36 -10.34
N VAL A 109 -15.13 39.85 -11.37
CA VAL A 109 -14.43 41.11 -11.25
C VAL A 109 -15.36 42.29 -11.50
N GLY A 110 -16.25 42.17 -12.48
CA GLY A 110 -17.12 43.29 -12.80
C GLY A 110 -18.06 43.63 -11.66
N ALA A 111 -18.53 42.61 -10.94
CA ALA A 111 -19.47 42.85 -9.86
C ALA A 111 -18.84 43.72 -8.77
N VAL A 112 -17.67 43.33 -8.29
CA VAL A 112 -17.00 44.15 -7.28
C VAL A 112 -16.55 45.46 -7.90
N GLU A 113 -16.29 45.47 -9.20
CA GLU A 113 -15.93 46.71 -9.88
C GLU A 113 -17.04 47.75 -9.73
N LEU A 114 -18.29 47.32 -9.90
CA LEU A 114 -19.42 48.24 -9.70
C LEU A 114 -19.67 48.51 -8.22
N LEU A 115 -19.81 47.46 -7.42
CA LEU A 115 -20.23 47.62 -6.04
C LEU A 115 -19.28 48.51 -5.26
N LEU A 116 -18.00 48.52 -5.62
CA LEU A 116 -17.02 49.24 -4.83
C LEU A 116 -17.33 50.73 -4.78
N ASN A 117 -17.74 51.30 -5.91
CA ASN A 117 -17.93 52.74 -6.03
C ASN A 117 -19.38 53.10 -5.81
N HIS A 118 -19.61 54.07 -4.92
CA HIS A 118 -20.95 54.61 -4.64
C HIS A 118 -20.86 55.89 -3.82
N GLN A 135 -31.07 40.25 7.57
CA GLN A 135 -30.85 40.41 9.01
C GLN A 135 -29.69 39.54 9.47
N PHE A 136 -29.93 38.25 9.71
CA PHE A 136 -28.85 37.31 9.90
C PHE A 136 -28.33 36.84 8.55
N SER A 137 -27.03 37.00 8.35
CA SER A 137 -26.38 36.59 7.11
C SER A 137 -25.77 35.22 7.28
N ASP A 138 -25.17 34.72 6.20
CA ASP A 138 -24.50 33.43 6.19
C ASP A 138 -23.00 33.56 6.33
N PHE A 139 -22.49 34.74 6.62
CA PHE A 139 -21.06 34.98 6.75
C PHE A 139 -20.72 35.37 8.17
N THR A 140 -19.61 34.84 8.67
CA THR A 140 -19.20 35.07 10.04
C THR A 140 -19.05 36.58 10.28
N PRO A 141 -19.45 37.08 11.45
CA PRO A 141 -19.30 38.52 11.71
C PRO A 141 -17.87 39.01 11.59
N ASP A 142 -16.89 38.12 11.68
CA ASP A 142 -15.50 38.54 11.64
C ASP A 142 -15.10 39.04 10.26
N ILE A 143 -15.58 38.37 9.21
CA ILE A 143 -15.01 38.54 7.89
C ILE A 143 -15.29 39.94 7.36
N THR A 144 -14.25 40.62 6.90
CA THR A 144 -14.30 41.89 6.19
C THR A 144 -13.96 41.65 4.73
N PRO A 145 -14.18 42.64 3.87
CA PRO A 145 -13.85 42.43 2.44
C PRO A 145 -12.41 41.99 2.21
N ILE A 146 -11.44 42.57 2.91
CA ILE A 146 -10.05 42.23 2.63
C ILE A 146 -9.73 40.81 3.09
N ILE A 147 -10.29 40.39 4.22
CA ILE A 147 -9.97 39.06 4.73
C ILE A 147 -10.43 38.00 3.75
N LEU A 148 -11.68 38.07 3.33
CA LEU A 148 -12.17 37.11 2.35
C LEU A 148 -11.45 37.26 1.03
N ALA A 149 -11.10 38.49 0.67
CA ALA A 149 -10.36 38.69 -0.57
C ALA A 149 -9.03 37.95 -0.53
N ALA A 150 -8.35 37.98 0.60
CA ALA A 150 -7.09 37.27 0.71
C ALA A 150 -7.30 35.78 0.83
N HIS A 151 -8.44 35.35 1.36
CA HIS A 151 -8.73 33.92 1.48
C HIS A 151 -8.65 33.22 0.15
N THR A 152 -8.87 33.93 -0.95
CA THR A 152 -8.80 33.38 -2.29
C THR A 152 -7.77 34.17 -3.06
N ASN A 153 -6.65 33.54 -3.40
CA ASN A 153 -5.62 34.24 -4.15
C ASN A 153 -6.16 34.58 -5.52
N ASN A 154 -6.54 35.83 -5.72
CA ASN A 154 -6.98 36.27 -7.03
C ASN A 154 -6.56 37.74 -7.17
N TYR A 155 -5.39 37.93 -7.78
CA TYR A 155 -4.65 39.19 -7.80
C TYR A 155 -5.52 40.43 -7.90
N GLU A 156 -6.53 40.36 -8.78
CA GLU A 156 -7.29 41.54 -9.15
C GLU A 156 -7.96 42.20 -7.95
N ILE A 157 -8.70 41.41 -7.17
CA ILE A 157 -9.43 42.00 -6.06
C ILE A 157 -8.48 42.57 -5.02
N ILE A 158 -7.40 41.83 -4.73
CA ILE A 158 -6.45 42.32 -3.73
C ILE A 158 -5.89 43.66 -4.18
N LYS A 159 -5.50 43.76 -5.45
CA LYS A 159 -4.96 45.02 -5.94
C LYS A 159 -6.00 46.13 -5.85
N MET A 160 -7.24 45.84 -6.25
CA MET A 160 -8.27 46.87 -6.23
C MET A 160 -8.49 47.39 -4.82
N LEU A 161 -8.71 46.48 -3.87
CA LEU A 161 -9.00 46.89 -2.51
C LEU A 161 -7.82 47.59 -1.87
N VAL A 162 -6.59 47.20 -2.24
CA VAL A 162 -5.44 47.95 -1.76
C VAL A 162 -5.46 49.36 -2.33
N GLN A 163 -5.85 49.50 -3.60
CA GLN A 163 -5.97 50.83 -4.19
C GLN A 163 -6.94 51.68 -3.41
N LYS A 164 -8.11 51.13 -3.08
CA LYS A 164 -9.06 51.87 -2.25
C LYS A 164 -8.49 52.12 -0.87
N GLY A 165 -7.69 51.19 -0.36
CA GLY A 165 -7.03 51.37 0.92
C GLY A 165 -7.75 50.75 2.09
N VAL A 166 -7.17 49.68 2.65
CA VAL A 166 -7.68 49.02 3.84
C VAL A 166 -6.51 48.71 4.76
N SER A 167 -6.80 48.04 5.87
CA SER A 167 -5.76 47.68 6.84
C SER A 167 -6.23 46.42 7.58
N VAL A 168 -5.67 45.27 7.19
CA VAL A 168 -6.03 44.02 7.85
C VAL A 168 -5.56 44.07 9.31
N PRO A 169 -6.39 43.65 10.27
CA PRO A 169 -5.96 43.65 11.66
C PRO A 169 -4.86 42.64 11.91
N GLN A 170 -4.09 42.89 12.94
CA GLN A 170 -3.01 42.02 13.33
C GLN A 170 -3.29 41.38 14.68
N PRO A 171 -2.87 40.14 14.90
CA PRO A 171 -3.05 39.51 16.20
C PRO A 171 -1.96 39.91 17.16
N HIS A 172 -2.23 39.69 18.45
CA HIS A 172 -1.25 39.96 19.49
C HIS A 172 -0.49 38.67 19.81
N GLU A 173 0.82 38.71 19.63
CA GLU A 173 1.64 37.50 19.69
C GLU A 173 1.60 36.87 21.07
N VAL A 174 1.68 35.54 21.09
CA VAL A 174 1.79 34.79 22.33
C VAL A 174 2.91 33.76 22.21
N VAL A 187 -14.12 35.89 27.13
CA VAL A 187 -15.57 35.89 27.28
C VAL A 187 -16.22 35.15 26.12
N ASP A 188 -15.41 34.84 25.10
CA ASP A 188 -15.90 34.16 23.90
C ASP A 188 -14.75 33.37 23.28
N SER A 189 -14.62 32.12 23.72
CA SER A 189 -13.50 31.29 23.28
C SER A 189 -13.61 30.96 21.80
N LEU A 190 -14.78 30.46 21.38
CA LEU A 190 -14.95 30.03 20.00
C LEU A 190 -14.69 31.16 19.02
N ARG A 191 -15.28 32.32 19.28
CA ARG A 191 -15.13 33.45 18.37
C ARG A 191 -13.68 33.90 18.30
N HIS A 192 -13.01 33.97 19.44
CA HIS A 192 -11.63 34.42 19.47
C HIS A 192 -10.74 33.47 18.68
N SER A 193 -10.88 32.17 18.92
CA SER A 193 -10.05 31.20 18.22
C SER A 193 -10.29 31.26 16.72
N ARG A 194 -11.55 31.29 16.31
CA ARG A 194 -11.83 31.31 14.88
C ARG A 194 -11.31 32.58 14.24
N SER A 195 -11.44 33.72 14.92
CA SER A 195 -10.92 34.96 14.36
C SER A 195 -9.41 34.90 14.19
N ARG A 196 -8.72 34.35 15.20
CA ARG A 196 -7.27 34.21 15.06
C ARG A 196 -6.93 33.36 13.85
N LEU A 197 -7.62 32.23 13.68
CA LEU A 197 -7.31 31.36 12.55
C LEU A 197 -7.58 32.06 11.23
N ASN A 198 -8.68 32.79 11.14
CA ASN A 198 -9.01 33.50 9.90
C ASN A 198 -7.93 34.51 9.56
N ILE A 199 -7.51 35.30 10.54
CA ILE A 199 -6.50 36.31 10.25
C ILE A 199 -5.21 35.66 9.78
N TYR A 200 -4.78 34.59 10.47
CA TYR A 200 -3.52 33.98 10.07
C TYR A 200 -3.62 33.37 8.69
N LYS A 201 -4.76 32.77 8.34
CA LYS A 201 -4.90 32.27 6.98
C LYS A 201 -4.89 33.40 5.97
N ALA A 202 -5.43 34.56 6.35
CA ALA A 202 -5.40 35.70 5.44
C ALA A 202 -3.98 36.16 5.17
N LEU A 203 -3.14 36.22 6.21
CA LEU A 203 -1.78 36.71 5.99
C LEU A 203 -0.96 35.80 5.12
N ALA A 204 -1.18 34.49 5.18
CA ALA A 204 -0.30 33.54 4.52
C ALA A 204 -0.88 33.12 3.17
N SER A 205 -0.94 34.09 2.27
CA SER A 205 -1.40 33.84 0.91
C SER A 205 -0.40 34.44 -0.07
N PRO A 206 0.06 33.69 -1.06
CA PRO A 206 1.11 34.20 -1.95
C PRO A 206 0.78 35.54 -2.58
N SER A 207 -0.46 35.74 -3.00
CA SER A 207 -0.82 36.99 -3.65
C SER A 207 -0.61 38.16 -2.71
N LEU A 208 -1.17 38.08 -1.51
CA LEU A 208 -1.07 39.20 -0.59
C LEU A 208 0.38 39.48 -0.22
N ILE A 209 1.17 38.43 -0.04
CA ILE A 209 2.58 38.63 0.25
C ILE A 209 3.24 39.39 -0.89
N ALA A 210 2.97 38.98 -2.12
CA ALA A 210 3.62 39.61 -3.26
C ALA A 210 3.21 41.06 -3.40
N LEU A 211 1.98 41.42 -3.01
CA LEU A 211 1.56 42.79 -3.19
C LEU A 211 2.16 43.71 -2.14
N SER A 212 1.86 43.48 -0.87
CA SER A 212 2.22 44.40 0.19
C SER A 212 3.19 43.68 1.13
N SER A 213 4.48 43.79 0.84
CA SER A 213 5.52 43.28 1.70
C SER A 213 6.84 43.86 1.23
N GLU A 214 7.79 43.96 2.15
CA GLU A 214 9.08 44.51 1.79
C GLU A 214 10.03 43.40 1.32
N ASP A 215 10.31 42.43 2.19
CA ASP A 215 11.16 41.31 1.85
C ASP A 215 10.32 40.04 1.86
N PRO A 216 9.86 39.58 0.72
CA PRO A 216 9.06 38.36 0.66
C PRO A 216 9.68 37.21 1.43
N PHE A 217 10.98 37.03 1.26
CA PHE A 217 11.64 35.88 1.85
C PHE A 217 11.54 35.89 3.37
N LEU A 218 11.84 37.02 3.99
CA LEU A 218 11.74 37.09 5.44
C LEU A 218 10.30 36.85 5.86
N THR A 219 9.38 37.69 5.40
CA THR A 219 7.99 37.59 5.80
C THR A 219 7.40 36.22 5.50
N ALA A 220 8.07 35.42 4.68
CA ALA A 220 7.67 34.03 4.55
C ALA A 220 8.24 33.19 5.67
N PHE A 221 9.54 33.35 5.96
CA PHE A 221 10.16 32.56 7.02
C PHE A 221 9.50 32.84 8.36
N GLN A 222 9.25 34.10 8.65
CA GLN A 222 8.70 34.49 9.94
C GLN A 222 7.33 33.85 10.14
N LEU A 223 6.48 33.93 9.12
CA LEU A 223 5.16 33.35 9.21
C LEU A 223 5.24 31.84 9.36
N SER A 224 6.14 31.19 8.60
CA SER A 224 6.29 29.75 8.73
C SER A 224 6.63 29.37 10.16
N TRP A 225 7.63 30.02 10.74
CA TRP A 225 8.05 29.68 12.09
C TRP A 225 6.94 29.95 13.09
N GLU A 226 6.30 31.11 12.98
CA GLU A 226 5.30 31.48 13.96
C GLU A 226 4.13 30.52 13.93
N LEU A 227 3.66 30.17 12.74
CA LEU A 227 2.56 29.21 12.63
C LEU A 227 2.98 27.84 13.13
N GLN A 228 4.17 27.39 12.77
CA GLN A 228 4.60 26.06 13.20
C GLN A 228 4.63 25.97 14.71
N GLU A 229 5.21 26.97 15.37
CA GLU A 229 5.26 26.90 16.82
C GLU A 229 3.89 27.10 17.44
N LEU A 230 3.03 27.91 16.81
CA LEU A 230 1.70 28.16 17.36
C LEU A 230 0.81 26.94 17.25
N SER A 231 1.09 26.06 16.30
CA SER A 231 0.33 24.83 16.20
C SER A 231 0.56 23.89 17.37
N LYS A 232 1.43 24.24 18.32
CA LYS A 232 1.67 23.42 19.49
C LYS A 232 0.86 23.87 20.70
N VAL A 233 0.80 25.18 20.95
CA VAL A 233 0.06 25.68 22.10
C VAL A 233 -1.44 25.48 21.90
N GLU A 234 -1.93 25.62 20.68
CA GLU A 234 -3.29 25.27 20.34
C GLU A 234 -3.27 23.89 19.71
N ASN A 235 -4.05 22.98 20.26
CA ASN A 235 -3.99 21.58 19.89
C ASN A 235 -5.37 21.05 19.56
N GLU A 236 -6.14 21.84 18.84
CA GLU A 236 -7.38 21.38 18.24
C GLU A 236 -7.43 21.64 16.76
N PHE A 237 -6.90 22.78 16.31
CA PHE A 237 -6.82 23.10 14.89
C PHE A 237 -5.43 22.81 14.32
N LYS A 238 -4.78 21.77 14.84
CA LYS A 238 -3.39 21.53 14.48
C LYS A 238 -3.21 21.39 12.98
N ALA A 239 -4.10 20.63 12.34
CA ALA A 239 -3.91 20.32 10.93
C ALA A 239 -3.87 21.58 10.07
N GLU A 240 -4.75 22.53 10.33
CA GLU A 240 -4.78 23.74 9.53
C GLU A 240 -3.47 24.49 9.64
N TYR A 241 -2.94 24.64 10.86
CA TYR A 241 -1.72 25.40 11.03
C TYR A 241 -0.55 24.70 10.37
N GLU A 242 -0.47 23.38 10.49
CA GLU A 242 0.59 22.67 9.79
C GLU A 242 0.49 22.88 8.29
N GLU A 243 -0.72 22.78 7.74
CA GLU A 243 -0.87 22.94 6.30
C GLU A 243 -0.47 24.35 5.87
N LEU A 244 -0.83 25.35 6.66
CA LEU A 244 -0.45 26.71 6.31
C LEU A 244 1.06 26.88 6.31
N SER A 245 1.74 26.33 7.32
CA SER A 245 3.19 26.41 7.31
C SER A 245 3.76 25.76 6.06
N HIS A 246 3.19 24.61 5.68
CA HIS A 246 3.70 23.93 4.49
C HIS A 246 3.52 24.78 3.24
N GLN A 247 2.37 25.42 3.10
CA GLN A 247 2.18 26.21 1.88
C GLN A 247 3.10 27.41 1.88
N CYS A 248 3.40 27.98 3.04
CA CYS A 248 4.39 29.04 3.08
C CYS A 248 5.74 28.53 2.60
N LYS A 249 6.13 27.33 3.05
CA LYS A 249 7.40 26.76 2.62
C LYS A 249 7.44 26.64 1.10
N HIS A 250 6.39 26.09 0.51
CA HIS A 250 6.43 25.87 -0.93
C HIS A 250 6.38 27.18 -1.69
N PHE A 251 5.68 28.19 -1.18
CA PHE A 251 5.70 29.49 -1.81
C PHE A 251 7.11 30.05 -1.83
N ALA A 252 7.82 29.95 -0.71
CA ALA A 252 9.18 30.47 -0.66
C ALA A 252 10.06 29.76 -1.68
N LYS A 253 9.93 28.45 -1.77
CA LYS A 253 10.75 27.72 -2.73
C LYS A 253 10.47 28.17 -4.15
N ASP A 254 9.19 28.23 -4.52
CA ASP A 254 8.85 28.59 -5.88
C ASP A 254 9.24 30.03 -6.20
N LEU A 255 9.16 30.92 -5.22
CA LEU A 255 9.62 32.27 -5.45
C LEU A 255 11.11 32.30 -5.70
N LEU A 256 11.87 31.46 -4.99
CA LEU A 256 13.29 31.38 -5.29
C LEU A 256 13.53 30.87 -6.70
N ASP A 257 12.73 29.92 -7.14
CA ASP A 257 13.05 29.20 -8.37
C ASP A 257 13.13 30.12 -9.58
N GLN A 258 12.34 31.19 -9.60
CA GLN A 258 12.25 32.02 -10.80
C GLN A 258 13.48 32.91 -10.97
N THR A 259 14.64 32.31 -11.23
CA THR A 259 15.84 33.09 -11.52
C THR A 259 16.52 32.50 -12.74
N ARG A 260 17.16 33.35 -13.52
CA ARG A 260 17.81 32.93 -14.75
C ARG A 260 19.17 33.58 -14.89
N SER A 261 19.94 33.62 -13.80
CA SER A 261 21.28 34.18 -13.83
C SER A 261 22.06 33.80 -12.58
N SER A 262 23.27 33.26 -12.76
CA SER A 262 24.06 32.83 -11.63
C SER A 262 24.29 33.97 -10.66
N ARG A 263 24.76 35.12 -11.16
CA ARG A 263 25.04 36.25 -10.29
C ARG A 263 23.78 36.73 -9.59
N GLU A 264 22.62 36.61 -10.25
CA GLU A 264 21.36 36.89 -9.59
C GLU A 264 21.22 36.04 -8.33
N LEU A 265 21.44 34.74 -8.49
CA LEU A 265 21.29 33.82 -7.37
C LEU A 265 22.26 34.15 -6.26
N GLU A 266 23.52 34.41 -6.61
CA GLU A 266 24.50 34.66 -5.57
C GLU A 266 24.17 35.95 -4.82
N LEU A 267 23.67 36.95 -5.53
CA LEU A 267 23.26 38.16 -4.84
C LEU A 267 22.12 37.88 -3.88
N ILE A 268 21.15 37.06 -4.31
CA ILE A 268 20.02 36.77 -3.44
C ILE A 268 20.49 36.04 -2.18
N LEU A 269 21.36 35.03 -2.34
CA LEU A 269 21.77 34.26 -1.18
C LEU A 269 22.76 35.01 -0.28
N ASN A 270 23.43 36.03 -0.80
CA ASN A 270 24.39 36.72 0.04
C ASN A 270 23.80 37.84 0.86
N PHE A 271 22.68 38.42 0.42
CA PHE A 271 22.20 39.65 1.03
C PHE A 271 21.91 39.46 2.52
N ARG A 272 22.29 40.46 3.30
CA ARG A 272 22.14 40.40 4.74
C ARG A 272 21.15 41.44 5.24
N ASN A 284 29.65 36.50 6.88
CA ASN A 284 30.39 37.27 5.89
C ASN A 284 30.14 36.75 4.48
N GLU A 285 29.64 35.51 4.39
CA GLU A 285 29.22 34.96 3.11
C GLU A 285 28.07 33.99 3.35
N LEU A 286 27.09 34.01 2.43
CA LEU A 286 25.93 33.14 2.51
C LEU A 286 25.17 33.34 3.82
N ALA A 287 25.02 34.59 4.24
CA ALA A 287 24.31 34.86 5.48
C ALA A 287 22.85 34.44 5.38
N ARG A 288 22.20 34.74 4.26
CA ARG A 288 20.80 34.38 4.13
C ARG A 288 20.61 32.88 4.14
N LEU A 289 21.54 32.14 3.54
CA LEU A 289 21.38 30.69 3.56
C LEU A 289 21.53 30.15 4.97
N LYS A 290 22.44 30.74 5.75
CA LYS A 290 22.53 30.36 7.16
C LYS A 290 21.21 30.68 7.86
N LEU A 291 20.59 31.80 7.51
CA LEU A 291 19.30 32.14 8.10
C LEU A 291 18.27 31.07 7.77
N ALA A 292 18.24 30.63 6.51
CA ALA A 292 17.30 29.59 6.12
C ALA A 292 17.56 28.31 6.91
N ILE A 293 18.83 27.94 7.06
CA ILE A 293 19.17 26.77 7.85
C ILE A 293 18.63 26.92 9.26
N LYS A 294 18.75 28.12 9.83
CA LYS A 294 18.27 28.35 11.18
C LYS A 294 16.77 28.14 11.26
N TYR A 295 16.03 28.57 10.25
CA TYR A 295 14.57 28.52 10.27
C TYR A 295 14.01 27.20 9.78
N ARG A 296 14.84 26.15 9.70
CA ARG A 296 14.41 24.80 9.36
C ARG A 296 13.62 24.76 8.05
N GLN A 297 13.96 25.65 7.14
CA GLN A 297 13.27 25.79 5.86
C GLN A 297 13.83 24.77 4.90
N LYS A 298 13.21 23.60 4.83
CA LYS A 298 13.83 22.49 4.13
C LYS A 298 13.79 22.67 2.61
N GLU A 299 12.60 22.76 2.04
CA GLU A 299 12.46 22.73 0.58
C GLU A 299 13.23 23.85 -0.10
N PHE A 300 13.50 24.96 0.58
CA PHE A 300 14.22 26.06 -0.01
C PHE A 300 15.68 25.72 -0.28
N VAL A 301 16.22 24.72 0.41
CA VAL A 301 17.65 24.43 0.36
C VAL A 301 17.92 23.27 -0.59
N ALA A 302 16.94 22.40 -0.78
CA ALA A 302 17.08 21.33 -1.77
C ALA A 302 16.64 21.78 -3.14
N GLN A 303 17.18 22.89 -3.58
CA GLN A 303 16.92 23.46 -4.89
C GLN A 303 18.12 23.21 -5.79
N PRO A 304 17.90 22.65 -6.98
CA PRO A 304 19.04 22.22 -7.81
C PRO A 304 20.06 23.32 -8.07
N ASN A 305 19.60 24.54 -8.31
CA ASN A 305 20.53 25.63 -8.59
C ASN A 305 21.39 25.93 -7.36
N CYS A 306 20.75 26.05 -6.20
CA CYS A 306 21.50 26.28 -4.98
C CYS A 306 22.47 25.13 -4.71
N GLN A 307 22.05 23.92 -5.02
CA GLN A 307 22.93 22.78 -4.80
C GLN A 307 24.14 22.85 -5.72
N GLN A 308 23.96 23.24 -6.98
CA GLN A 308 25.11 23.39 -7.86
C GLN A 308 26.05 24.46 -7.33
N LEU A 309 25.50 25.57 -6.84
CA LEU A 309 26.36 26.61 -6.29
C LEU A 309 27.18 26.07 -5.12
N LEU A 310 26.52 25.35 -4.21
CA LEU A 310 27.24 24.81 -3.06
C LEU A 310 28.29 23.81 -3.50
N ALA A 311 27.97 22.95 -4.45
CA ALA A 311 28.93 21.96 -4.91
C ALA A 311 30.14 22.64 -5.54
N SER A 312 29.90 23.67 -6.35
CA SER A 312 31.01 24.36 -6.99
C SER A 312 31.91 25.03 -5.97
N ARG A 313 31.32 25.63 -4.94
CA ARG A 313 32.16 26.23 -3.91
C ARG A 313 32.79 25.18 -3.00
N TRP A 314 32.25 23.96 -3.00
CA TRP A 314 32.80 22.89 -2.19
C TRP A 314 34.00 22.22 -2.84
N TYR A 315 33.81 21.57 -3.98
CA TYR A 315 34.90 20.82 -4.58
C TYR A 315 36.10 21.70 -4.87
N ASP A 316 35.88 22.87 -5.45
CA ASP A 316 36.97 23.79 -5.76
C ASP A 316 38.04 23.09 -6.58
N GLU A 317 37.62 22.16 -7.44
CA GLU A 317 38.50 21.30 -8.22
C GLU A 317 39.54 20.60 -7.33
N ARG A 324 36.00 12.33 -13.15
CA ARG A 324 36.85 11.18 -12.91
C ARG A 324 35.98 9.95 -12.66
N HIS A 325 36.49 8.99 -11.89
CA HIS A 325 35.74 7.78 -11.59
C HIS A 325 36.18 7.24 -10.24
N TRP A 326 35.52 6.17 -9.80
CA TRP A 326 35.65 5.72 -8.42
C TRP A 326 37.04 5.20 -8.10
N ALA A 327 37.74 4.59 -9.06
CA ALA A 327 39.10 4.17 -8.77
C ALA A 327 40.01 5.38 -8.56
N GLY A 328 39.92 6.37 -9.44
CA GLY A 328 40.71 7.58 -9.27
C GLY A 328 40.36 8.32 -8.00
N LYS A 329 39.06 8.45 -7.72
CA LYS A 329 38.64 9.10 -6.48
C LYS A 329 39.14 8.32 -5.27
N LEU A 330 39.11 6.99 -5.35
CA LEU A 330 39.59 6.18 -4.24
C LEU A 330 41.07 6.41 -3.97
N ILE A 331 41.89 6.32 -5.01
CA ILE A 331 43.33 6.49 -4.80
C ILE A 331 43.64 7.91 -4.33
N THR A 332 43.00 8.91 -4.94
CA THR A 332 43.26 10.29 -4.53
C THR A 332 42.81 10.51 -3.10
N CYS A 333 41.66 9.95 -2.71
CA CYS A 333 41.17 10.09 -1.35
C CYS A 333 42.13 9.46 -0.36
N VAL A 334 42.51 8.20 -0.58
CA VAL A 334 43.36 7.52 0.38
C VAL A 334 44.72 8.17 0.44
N PHE A 335 45.15 8.82 -0.63
CA PHE A 335 46.48 9.42 -0.65
C PHE A 335 46.63 10.47 0.44
N ILE A 336 45.60 11.30 0.65
CA ILE A 336 45.77 12.45 1.52
C ILE A 336 45.96 12.03 2.97
N GLY A 337 45.32 10.92 3.37
CA GLY A 337 45.45 10.50 4.75
C GLY A 337 46.86 10.11 5.10
N LEU A 338 47.56 9.45 4.18
CA LEU A 338 48.94 9.05 4.43
C LEU A 338 49.89 10.23 4.51
N MET A 339 49.40 11.46 4.40
CA MET A 339 50.27 12.62 4.50
C MET A 339 49.67 13.78 5.27
N PHE A 340 48.48 13.65 5.85
CA PHE A 340 47.87 14.81 6.51
C PHE A 340 48.74 15.49 7.57
N PRO A 341 49.52 14.80 8.41
CA PRO A 341 50.18 15.53 9.52
C PRO A 341 51.12 16.61 9.03
N LEU A 342 52.01 16.29 8.09
CA LEU A 342 52.93 17.30 7.58
C LEU A 342 52.19 18.42 6.88
N LEU A 343 51.07 18.12 6.24
CA LEU A 343 50.28 19.16 5.59
C LEU A 343 49.73 20.14 6.62
N SER A 344 49.13 19.61 7.68
CA SER A 344 48.65 20.47 8.76
C SER A 344 49.81 21.27 9.37
N LEU A 345 50.98 20.64 9.46
CA LEU A 345 52.15 21.36 9.94
C LEU A 345 52.49 22.52 9.02
N CYS A 346 52.45 22.28 7.72
CA CYS A 346 52.76 23.34 6.76
C CYS A 346 51.81 24.51 6.92
N TYR A 347 50.53 24.23 7.15
CA TYR A 347 49.62 25.34 7.41
C TYR A 347 49.99 26.05 8.70
N LEU A 348 50.19 25.30 9.78
CA LEU A 348 50.29 25.93 11.09
C LEU A 348 51.59 26.68 11.29
N VAL A 349 52.62 26.37 10.52
CA VAL A 349 53.90 27.04 10.67
C VAL A 349 54.16 28.06 9.57
N ALA A 350 53.71 27.78 8.35
CA ALA A 350 53.94 28.65 7.20
C ALA A 350 52.63 28.87 6.45
N PRO A 351 51.72 29.67 7.01
CA PRO A 351 50.43 29.89 6.34
C PRO A 351 50.58 30.73 5.08
N LYS A 352 51.31 30.20 4.10
CA LYS A 352 51.57 30.88 2.84
C LYS A 352 50.96 30.05 1.71
N SER A 353 51.04 30.58 0.49
CA SER A 353 50.38 29.95 -0.66
C SER A 353 51.25 28.89 -1.31
N ARG A 354 51.80 27.99 -0.50
CA ARG A 354 52.49 26.82 -1.02
C ARG A 354 51.79 25.54 -0.59
N TYR A 355 51.60 25.36 0.72
CA TYR A 355 50.72 24.34 1.24
C TYR A 355 49.61 24.90 2.11
N GLY A 356 49.73 26.15 2.57
CA GLY A 356 48.75 26.69 3.50
C GLY A 356 47.36 26.74 2.91
N LEU A 357 47.24 27.10 1.64
CA LEU A 357 45.92 27.17 1.03
C LEU A 357 45.34 25.78 0.77
N PHE A 358 46.19 24.78 0.57
CA PHE A 358 45.70 23.46 0.16
C PHE A 358 44.80 22.87 1.22
N ILE A 359 45.16 23.00 2.49
CA ILE A 359 44.26 22.55 3.55
C ILE A 359 43.03 23.43 3.62
N ARG A 360 43.19 24.73 3.38
CA ARG A 360 42.08 25.66 3.55
C ARG A 360 40.91 25.34 2.63
N LYS A 361 41.16 24.61 1.55
CA LYS A 361 40.07 24.16 0.70
C LYS A 361 39.20 23.18 1.47
N PRO A 362 37.88 23.32 1.44
CA PRO A 362 37.06 22.56 2.39
C PRO A 362 37.19 21.06 2.24
N PHE A 363 36.98 20.52 1.03
CA PHE A 363 37.00 19.08 0.83
C PHE A 363 38.26 18.47 1.41
N ILE A 364 39.40 19.13 1.23
CA ILE A 364 40.63 18.64 1.82
C ILE A 364 40.56 18.67 3.33
N LYS A 365 39.95 19.72 3.90
CA LYS A 365 39.82 19.77 5.35
C LYS A 365 39.01 18.60 5.85
N PHE A 366 37.93 18.28 5.16
CA PHE A 366 37.10 17.15 5.56
C PHE A 366 37.87 15.85 5.47
N ILE A 367 38.66 15.68 4.40
CA ILE A 367 39.46 14.47 4.28
C ILE A 367 40.45 14.36 5.41
N CYS A 368 41.10 15.47 5.75
CA CYS A 368 42.07 15.45 6.83
C CYS A 368 41.41 15.08 8.15
N HIS A 369 40.24 15.64 8.44
CA HIS A 369 39.58 15.32 9.70
C HIS A 369 39.14 13.87 9.76
N THR A 370 38.65 13.34 8.63
CA THR A 370 38.31 11.92 8.58
C THR A 370 39.53 11.07 8.87
N ALA A 371 40.66 11.40 8.26
CA ALA A 371 41.86 10.62 8.50
C ALA A 371 42.27 10.66 9.96
N SER A 372 42.17 11.83 10.58
CA SER A 372 42.48 11.95 12.00
C SER A 372 41.57 11.04 12.83
N TYR A 373 40.29 11.03 12.51
CA TYR A 373 39.37 10.22 13.30
C TYR A 373 39.66 8.72 13.14
N LEU A 374 39.96 8.30 11.90
CA LEU A 374 40.37 6.91 11.70
C LEU A 374 41.61 6.57 12.50
N THR A 375 42.57 7.50 12.56
CA THR A 375 43.75 7.25 13.39
C THR A 375 43.36 7.09 14.85
N PHE A 376 42.42 7.91 15.32
CA PHE A 376 41.97 7.79 16.70
C PHE A 376 41.41 6.40 16.96
N LEU A 377 40.51 5.94 16.10
CA LEU A 377 39.95 4.60 16.30
C LEU A 377 41.03 3.53 16.22
N PHE A 378 42.00 3.68 15.33
CA PHE A 378 43.04 2.66 15.26
C PHE A 378 43.81 2.57 16.56
N LEU A 379 44.22 3.72 17.10
CA LEU A 379 44.95 3.68 18.37
C LEU A 379 44.08 3.12 19.48
N LEU A 380 42.83 3.53 19.52
CA LEU A 380 41.89 3.02 20.52
C LEU A 380 41.80 1.50 20.44
N LEU A 381 41.63 0.97 19.24
CA LEU A 381 41.54 -0.47 19.07
C LEU A 381 42.85 -1.15 19.43
N LEU A 382 43.97 -0.48 19.20
CA LEU A 382 45.26 -1.05 19.56
C LEU A 382 45.52 -0.98 21.05
N ALA A 383 44.71 -0.25 21.80
CA ALA A 383 44.93 -0.12 23.23
C ALA A 383 44.94 -1.48 23.93
N SER A 384 44.12 -2.41 23.48
CA SER A 384 44.05 -3.74 24.09
C SER A 384 44.91 -4.74 23.31
N GLN A 385 46.20 -4.65 23.52
CA GLN A 385 47.11 -5.68 23.05
C GLN A 385 48.08 -6.03 24.17
N HIS A 386 48.29 -7.32 24.37
CA HIS A 386 49.15 -7.77 25.44
C HIS A 386 50.61 -7.41 25.22
N ILE A 387 50.96 -6.96 24.01
CA ILE A 387 52.29 -6.40 23.78
C ILE A 387 52.47 -5.06 24.47
N VAL A 388 51.38 -4.36 24.76
CA VAL A 388 51.45 -3.01 25.34
C VAL A 388 50.67 -2.97 26.64
N SER A 389 50.44 -4.13 27.23
CA SER A 389 49.67 -4.29 28.46
C SER A 389 50.47 -5.06 29.50
N ASN A 390 51.68 -4.56 29.76
CA ASN A 390 52.74 -5.31 30.43
C ASN A 390 52.24 -6.25 31.53
N ASN A 391 51.41 -5.76 32.44
CA ASN A 391 50.98 -6.66 33.50
C ASN A 391 49.66 -6.19 34.09
N PRO A 392 48.72 -7.09 34.35
CA PRO A 392 47.47 -6.69 35.02
C PRO A 392 47.66 -6.43 36.50
N ASP A 393 48.41 -7.31 37.17
CA ASP A 393 48.49 -7.28 38.63
C ASP A 393 49.32 -6.07 39.05
N ARG A 394 48.65 -4.92 39.12
CA ARG A 394 49.23 -3.69 39.65
C ARG A 394 48.13 -2.69 39.96
N GLN A 395 48.07 -2.20 41.19
CA GLN A 395 47.08 -1.18 41.53
C GLN A 395 47.49 0.14 40.89
N GLY A 396 46.74 0.55 39.86
CA GLY A 396 46.87 1.84 39.26
C GLY A 396 48.27 2.16 38.77
N PRO A 397 48.76 1.39 37.80
CA PRO A 397 50.08 1.68 37.25
C PRO A 397 50.06 2.94 36.41
N LYS A 398 51.24 3.46 36.14
CA LYS A 398 51.36 4.66 35.34
C LYS A 398 50.86 4.39 33.93
N PRO A 399 50.28 5.40 33.27
CA PRO A 399 49.67 5.17 31.95
C PRO A 399 50.67 4.59 30.97
N THR A 400 50.19 3.66 30.14
CA THR A 400 51.04 3.02 29.14
C THR A 400 51.25 3.97 27.96
N THR A 401 52.08 3.53 27.01
CA THR A 401 52.40 4.38 25.86
C THR A 401 51.16 4.73 25.06
N VAL A 402 50.35 3.71 24.73
CA VAL A 402 49.13 3.99 24.01
C VAL A 402 48.23 4.89 24.85
N GLU A 403 48.20 4.67 26.15
CA GLU A 403 47.46 5.56 27.04
C GLU A 403 47.96 6.99 26.98
N TRP A 404 49.21 7.21 26.58
CA TRP A 404 49.68 8.57 26.36
C TRP A 404 49.21 9.10 25.02
N MET A 405 49.36 8.31 23.96
CA MET A 405 49.00 8.82 22.64
C MET A 405 47.52 9.17 22.54
N ILE A 406 46.66 8.56 23.34
CA ILE A 406 45.24 8.87 23.26
C ILE A 406 44.97 10.28 23.74
N LEU A 407 45.64 10.70 24.82
CA LEU A 407 45.26 11.92 25.52
C LEU A 407 45.11 13.16 24.65
N PRO A 408 46.01 13.45 23.69
CA PRO A 408 45.81 14.65 22.87
C PRO A 408 44.49 14.67 22.14
N TRP A 409 44.03 13.52 21.64
CA TRP A 409 42.75 13.51 20.94
C TRP A 409 41.62 13.85 21.88
N VAL A 410 41.69 13.35 23.11
CA VAL A 410 40.66 13.69 24.10
C VAL A 410 40.66 15.19 24.35
N LEU A 411 41.84 15.77 24.53
CA LEU A 411 41.91 17.21 24.77
C LEU A 411 41.34 18.00 23.61
N GLY A 412 41.71 17.64 22.39
CA GLY A 412 41.22 18.36 21.23
C GLY A 412 39.72 18.26 21.10
N PHE A 413 39.17 17.07 21.30
CA PHE A 413 37.73 16.91 21.21
C PHE A 413 37.03 17.75 22.26
N ILE A 414 37.57 17.75 23.48
CA ILE A 414 36.98 18.55 24.55
C ILE A 414 36.97 20.02 24.16
N TRP A 415 38.08 20.50 23.61
CA TRP A 415 38.14 21.91 23.25
C TRP A 415 37.15 22.25 22.15
N THR A 416 37.03 21.38 21.15
CA THR A 416 36.07 21.64 20.09
C THR A 416 34.66 21.70 20.63
N GLU A 417 34.31 20.78 21.51
CA GLU A 417 32.96 20.82 22.08
C GLU A 417 32.74 22.05 22.93
N ILE A 418 33.79 22.50 23.61
CA ILE A 418 33.69 23.75 24.38
C ILE A 418 33.42 24.92 23.46
N LYS A 419 34.14 25.00 22.34
CA LYS A 419 33.88 26.06 21.38
C LYS A 419 32.44 26.01 20.87
N GLN A 420 31.98 24.82 20.51
CA GLN A 420 30.63 24.69 19.95
C GLN A 420 29.58 25.09 20.97
N MET A 421 29.72 24.64 22.21
CA MET A 421 28.74 24.99 23.23
C MET A 421 28.86 26.46 23.62
N TRP A 422 30.04 27.05 23.50
CA TRP A 422 30.17 28.49 23.67
C TRP A 422 29.37 29.23 22.61
N ASP A 423 29.42 28.76 21.37
CA ASP A 423 28.60 29.36 20.33
C ASP A 423 27.11 29.18 20.62
N GLY A 424 26.72 27.97 21.03
CA GLY A 424 25.31 27.68 21.21
C GLY A 424 24.77 27.97 22.59
N GLY A 425 25.42 27.41 23.62
CA GLY A 425 24.99 27.63 24.99
C GLY A 425 23.73 26.86 25.35
N PHE A 426 23.74 25.54 25.10
CA PHE A 426 22.66 24.65 25.49
C PHE A 426 21.40 24.92 24.66
N GLN A 427 21.42 25.99 23.89
CA GLN A 427 20.31 26.35 23.02
C GLN A 427 20.74 26.13 21.58
N ASP A 428 19.94 25.36 20.85
CA ASP A 428 20.22 24.90 19.49
C ASP A 428 21.37 23.90 19.48
N TYR A 429 22.06 23.70 20.60
CA TYR A 429 23.17 22.76 20.68
C TYR A 429 22.70 21.38 21.14
N ILE A 430 21.91 21.34 22.21
CA ILE A 430 21.49 20.06 22.76
C ILE A 430 20.57 19.33 21.80
N HIS A 431 19.84 20.05 20.95
CA HIS A 431 18.79 19.44 20.17
C HIS A 431 19.31 18.30 19.31
N ASP A 432 20.41 18.54 18.59
CA ASP A 432 21.01 17.48 17.80
C ASP A 432 21.48 16.34 18.69
N TRP A 433 20.86 15.17 18.55
CA TRP A 433 21.16 14.07 19.44
C TRP A 433 22.63 13.69 19.42
N TRP A 434 23.32 13.94 18.31
CA TRP A 434 24.74 13.64 18.25
C TRP A 434 25.51 14.47 19.26
N ASN A 435 25.13 15.73 19.45
CA ASN A 435 25.82 16.55 20.44
C ASN A 435 25.59 16.02 21.85
N LEU A 436 24.38 15.57 22.15
CA LEU A 436 24.12 14.95 23.44
C LEU A 436 25.01 13.72 23.64
N MET A 437 25.14 12.91 22.59
CA MET A 437 26.02 11.75 22.69
C MET A 437 27.46 12.18 22.93
N ASP A 438 27.90 13.25 22.26
CA ASP A 438 29.26 13.74 22.47
C ASP A 438 29.46 14.18 23.93
N PHE A 439 28.48 14.85 24.50
CA PHE A 439 28.61 15.30 25.88
C PHE A 439 28.74 14.12 26.83
N VAL A 440 27.82 13.17 26.74
CA VAL A 440 27.87 12.02 27.65
C VAL A 440 29.11 11.16 27.39
N MET A 441 29.62 11.20 26.17
CA MET A 441 30.79 10.41 25.79
C MET A 441 32.09 11.06 26.21
N ASN A 442 32.12 12.39 26.30
CA ASN A 442 33.28 13.08 26.85
C ASN A 442 33.36 12.94 28.35
N SER A 443 32.20 13.04 29.02
CA SER A 443 32.20 12.98 30.47
C SER A 443 32.87 11.71 30.97
N LEU A 444 32.64 10.60 30.26
CA LEU A 444 33.23 9.33 30.67
C LEU A 444 34.75 9.39 30.63
N TYR A 445 35.31 9.96 29.57
CA TYR A 445 36.76 10.04 29.48
C TYR A 445 37.32 10.90 30.60
N LEU A 446 36.66 12.02 30.89
CA LEU A 446 37.12 12.87 31.98
C LEU A 446 37.13 12.09 33.30
N ALA A 447 36.03 11.40 33.58
CA ALA A 447 35.94 10.63 34.81
C ALA A 447 37.02 9.55 34.86
N THR A 448 37.31 8.95 33.71
CA THR A 448 38.36 7.94 33.66
C THR A 448 39.71 8.52 34.04
N ILE A 449 40.05 9.68 33.48
CA ILE A 449 41.33 10.30 33.81
C ILE A 449 41.41 10.60 35.29
N SER A 450 40.36 11.22 35.83
CA SER A 450 40.40 11.62 37.24
C SER A 450 40.52 10.40 38.14
N LEU A 451 39.71 9.38 37.89
CA LEU A 451 39.70 8.22 38.77
C LEU A 451 41.00 7.43 38.65
N LYS A 452 41.58 7.37 37.45
CA LYS A 452 42.85 6.70 37.29
C LYS A 452 43.94 7.42 38.08
N ILE A 453 43.89 8.75 38.12
CA ILE A 453 44.83 9.49 38.96
C ILE A 453 44.62 9.14 40.43
N VAL A 454 43.36 9.07 40.86
CA VAL A 454 43.08 8.72 42.24
C VAL A 454 43.72 7.38 42.58
N ALA A 455 43.50 6.39 41.73
CA ALA A 455 44.08 5.08 41.98
C ALA A 455 45.60 5.13 41.94
N TYR A 456 46.16 5.96 41.07
CA TYR A 456 47.61 6.13 41.03
C TYR A 456 48.15 6.57 42.37
N VAL A 457 47.47 7.51 43.01
CA VAL A 457 48.03 8.11 44.22
C VAL A 457 47.67 7.35 45.49
N LYS A 458 46.55 6.63 45.52
CA LYS A 458 46.19 5.88 46.73
C LYS A 458 46.96 4.55 46.81
N TYR A 459 46.78 3.70 45.81
CA TYR A 459 47.20 2.31 45.88
C TYR A 459 48.32 2.08 44.88
N SER A 460 49.31 1.29 45.27
CA SER A 460 50.31 0.81 44.32
C SER A 460 51.00 -0.41 44.89
N GLY A 461 50.74 -1.56 44.30
CA GLY A 461 51.40 -2.79 44.72
C GLY A 461 51.26 -3.85 43.64
N CYS A 462 52.06 -4.90 43.78
CA CYS A 462 52.01 -6.02 42.85
C CYS A 462 51.19 -7.17 43.45
N LYS A 463 49.92 -6.88 43.67
CA LYS A 463 48.96 -7.83 44.22
C LYS A 463 48.19 -8.52 43.09
N PRO A 464 47.88 -9.81 43.23
CA PRO A 464 47.25 -10.53 42.13
C PRO A 464 45.90 -9.93 41.75
N ARG A 465 45.59 -10.04 40.46
CA ARG A 465 44.33 -9.52 39.95
C ARG A 465 43.15 -10.21 40.61
N ASP A 466 43.26 -11.50 40.88
CA ASP A 466 42.13 -12.26 41.39
C ASP A 466 41.68 -11.76 42.75
N THR A 467 42.61 -11.45 43.63
CA THR A 467 42.27 -11.09 45.01
C THR A 467 42.14 -9.58 45.19
N TRP A 468 41.29 -8.95 44.38
CA TRP A 468 40.97 -7.55 44.54
C TRP A 468 39.51 -7.42 44.93
N GLU A 469 39.22 -6.51 45.85
CA GLU A 469 37.86 -6.31 46.29
C GLU A 469 37.08 -5.52 45.24
N MET A 470 35.77 -5.71 45.23
CA MET A 470 34.91 -4.98 44.31
C MET A 470 35.09 -3.48 44.53
N TRP A 471 34.71 -2.68 43.54
CA TRP A 471 34.87 -1.24 43.58
C TRP A 471 36.32 -0.81 43.73
N HIS A 472 37.27 -1.68 43.40
CA HIS A 472 38.64 -1.23 43.27
C HIS A 472 38.70 -0.20 42.15
N PRO A 473 39.30 0.97 42.37
CA PRO A 473 39.23 2.03 41.37
C PRO A 473 39.66 1.61 39.98
N THR A 474 40.71 0.80 39.87
CA THR A 474 41.15 0.39 38.54
C THR A 474 40.05 -0.34 37.79
N LEU A 475 39.26 -1.16 38.49
CA LEU A 475 38.22 -1.92 37.81
C LEU A 475 37.18 -1.01 37.19
N VAL A 476 36.63 -0.09 37.98
CA VAL A 476 35.63 0.81 37.43
C VAL A 476 36.25 1.70 36.36
N ALA A 477 37.54 2.01 36.50
CA ALA A 477 38.21 2.77 35.47
C ALA A 477 38.19 2.02 34.15
N GLU A 478 38.53 0.73 34.18
CA GLU A 478 38.51 -0.06 32.95
C GLU A 478 37.10 -0.13 32.37
N ALA A 479 36.11 -0.35 33.22
CA ALA A 479 34.74 -0.49 32.71
C ALA A 479 34.28 0.81 32.04
N VAL A 480 34.50 1.94 32.70
CA VAL A 480 34.08 3.22 32.14
C VAL A 480 34.84 3.48 30.85
N PHE A 481 36.14 3.21 30.83
CA PHE A 481 36.90 3.41 29.62
C PHE A 481 36.31 2.58 28.48
N ALA A 482 35.92 1.34 28.76
CA ALA A 482 35.37 0.50 27.69
C ALA A 482 34.07 1.07 27.15
N ILE A 483 33.17 1.49 28.03
CA ILE A 483 31.91 2.06 27.55
C ILE A 483 32.20 3.30 26.71
N ALA A 484 33.17 4.11 27.14
CA ALA A 484 33.56 5.25 26.35
C ALA A 484 34.08 4.84 24.99
N ASN A 485 34.79 3.72 24.93
CA ASN A 485 35.27 3.23 23.65
C ASN A 485 34.09 2.90 22.74
N ILE A 486 33.06 2.27 23.29
CA ILE A 486 31.90 1.93 22.47
C ILE A 486 31.26 3.17 21.89
N PHE A 487 30.97 4.16 22.73
CA PHE A 487 30.37 5.38 22.19
C PHE A 487 31.29 6.07 21.21
N SER A 488 32.59 6.12 21.49
CA SER A 488 33.50 6.78 20.57
C SER A 488 33.46 6.12 19.20
N SER A 489 33.50 4.79 19.18
CA SER A 489 33.49 4.09 17.90
C SER A 489 32.15 4.18 17.21
N LEU A 490 31.07 4.41 17.96
CA LEU A 490 29.76 4.31 17.34
C LEU A 490 29.41 5.52 16.50
N ARG A 491 30.21 6.57 16.51
CA ARG A 491 29.86 7.81 15.84
C ARG A 491 30.31 7.84 14.39
N LEU A 492 30.72 6.70 13.83
CA LEU A 492 31.06 6.69 12.41
C LEU A 492 29.82 6.83 11.54
N ILE A 493 28.68 6.34 11.99
CA ILE A 493 27.48 6.39 11.16
C ILE A 493 27.21 7.80 10.69
N SER A 494 27.48 8.78 11.55
CA SER A 494 27.27 10.16 11.16
C SER A 494 28.16 10.60 10.01
N LEU A 495 29.20 9.84 9.71
CA LEU A 495 30.05 10.20 8.58
C LEU A 495 29.39 9.89 7.25
N PHE A 496 28.40 9.00 7.24
CA PHE A 496 27.88 8.49 5.97
C PHE A 496 26.78 9.35 5.38
N THR A 497 26.40 10.46 6.03
CA THR A 497 25.50 11.37 5.36
C THR A 497 26.15 12.03 4.16
N ALA A 498 27.48 12.02 4.10
CA ALA A 498 28.18 12.60 2.97
C ALA A 498 28.23 11.67 1.76
N ASN A 499 27.87 10.40 1.93
CA ASN A 499 27.78 9.53 0.77
C ASN A 499 26.44 9.72 0.09
N SER A 500 26.33 9.18 -1.12
CA SER A 500 25.10 9.29 -1.89
C SER A 500 24.26 8.02 -1.88
N HIS A 501 24.87 6.86 -1.73
CA HIS A 501 24.09 5.62 -1.71
C HIS A 501 23.56 5.31 -0.32
N LEU A 502 24.26 5.73 0.73
CA LEU A 502 23.89 5.40 2.09
C LEU A 502 23.14 6.51 2.81
N GLY A 503 23.41 7.76 2.46
CA GLY A 503 22.78 8.89 3.09
C GLY A 503 21.30 8.73 3.35
N PRO A 504 20.50 8.64 2.29
CA PRO A 504 19.05 8.57 2.49
C PRO A 504 18.64 7.44 3.39
N LEU A 505 19.29 6.29 3.22
CA LEU A 505 18.98 5.15 4.07
C LEU A 505 19.29 5.45 5.52
N GLN A 506 20.45 6.06 5.78
CA GLN A 506 20.80 6.37 7.15
C GLN A 506 19.77 7.31 7.77
N ILE A 507 19.34 8.32 7.01
CA ILE A 507 18.34 9.24 7.56
C ILE A 507 17.04 8.52 7.85
N SER A 508 16.60 7.67 6.92
CA SER A 508 15.33 6.98 7.11
C SER A 508 15.35 6.09 8.35
N LEU A 509 16.46 5.38 8.58
CA LEU A 509 16.64 4.72 9.86
C LEU A 509 16.61 5.73 11.01
N GLY A 510 17.14 6.92 10.79
CA GLY A 510 17.10 7.91 11.84
C GLY A 510 15.70 8.32 12.23
N ARG A 511 14.78 8.34 11.27
CA ARG A 511 13.46 8.87 11.55
C ARG A 511 12.61 7.90 12.37
N MET A 512 12.85 6.61 12.25
CA MET A 512 12.04 5.63 12.97
C MET A 512 12.52 5.40 14.39
N LEU A 513 12.65 6.43 15.19
CA LEU A 513 12.93 6.19 16.59
C LEU A 513 11.84 6.65 17.52
N LEU A 514 11.10 7.68 17.15
CA LEU A 514 9.87 7.91 17.90
C LEU A 514 8.81 6.88 17.61
N ASP A 515 9.02 6.02 16.61
CA ASP A 515 8.11 4.94 16.32
C ASP A 515 8.50 3.65 17.02
N ILE A 516 9.55 3.67 17.82
CA ILE A 516 10.01 2.51 18.58
C ILE A 516 10.10 2.83 20.06
N LEU A 517 10.52 4.04 20.39
CA LEU A 517 10.56 4.43 21.79
C LEU A 517 9.17 4.53 22.38
N LYS A 518 8.18 4.88 21.59
CA LYS A 518 6.81 4.88 22.08
C LYS A 518 6.28 3.47 22.25
N PHE A 519 7.12 2.47 22.06
CA PHE A 519 6.74 1.08 22.12
C PHE A 519 7.50 0.31 23.18
N LEU A 520 8.80 0.55 23.28
CA LEU A 520 9.57 -0.06 24.34
C LEU A 520 9.01 0.31 25.70
N PHE A 521 8.34 1.45 25.79
CA PHE A 521 7.72 1.83 27.05
C PHE A 521 6.62 0.85 27.43
N ILE A 522 5.70 0.58 26.50
CA ILE A 522 4.64 -0.36 26.78
C ILE A 522 5.21 -1.73 27.11
N TYR A 523 6.22 -2.15 26.35
CA TYR A 523 6.78 -3.46 26.65
C TYR A 523 7.39 -3.50 28.04
N CYS A 524 8.09 -2.43 28.44
CA CYS A 524 8.67 -2.39 29.77
C CYS A 524 7.60 -2.46 30.83
N LEU A 525 6.46 -1.82 30.59
CA LEU A 525 5.37 -1.89 31.55
C LEU A 525 4.89 -3.33 31.72
N VAL A 526 4.68 -4.03 30.60
CA VAL A 526 4.25 -5.43 30.68
C VAL A 526 5.27 -6.25 31.44
N LEU A 527 6.54 -6.03 31.15
CA LEU A 527 7.60 -6.79 31.80
C LEU A 527 7.56 -6.58 33.30
N LEU A 528 7.37 -5.34 33.73
CA LEU A 528 7.29 -5.06 35.16
C LEU A 528 6.14 -5.81 35.79
N ALA A 529 4.98 -5.78 35.15
CA ALA A 529 3.82 -6.46 35.73
C ALA A 529 4.09 -7.95 35.91
N PHE A 530 4.64 -8.59 34.88
CA PHE A 530 4.83 -10.03 34.99
C PHE A 530 5.93 -10.38 35.99
N ALA A 531 6.99 -9.58 36.08
CA ALA A 531 8.01 -9.86 37.08
C ALA A 531 7.45 -9.75 38.48
N ASN A 532 6.70 -8.67 38.72
CA ASN A 532 6.04 -8.51 40.01
C ASN A 532 5.14 -9.68 40.32
N GLY A 533 4.55 -10.27 39.30
CA GLY A 533 3.79 -11.47 39.54
C GLY A 533 4.64 -12.65 39.96
N LEU A 534 5.57 -13.05 39.10
CA LEU A 534 6.32 -14.28 39.33
C LEU A 534 7.18 -14.23 40.57
N ASN A 535 7.49 -13.05 41.09
CA ASN A 535 8.29 -13.05 42.32
C ASN A 535 7.50 -13.58 43.50
N GLN A 536 6.19 -13.26 43.56
CA GLN A 536 5.38 -13.67 44.70
C GLN A 536 5.36 -15.18 44.83
N LEU A 537 5.18 -15.88 43.72
CA LEU A 537 4.99 -17.31 43.77
C LEU A 537 6.21 -18.01 44.33
N TYR A 538 7.40 -17.51 44.01
CA TYR A 538 8.60 -18.29 44.25
C TYR A 538 9.40 -17.85 45.46
N PHE A 539 9.34 -16.58 45.87
CA PHE A 539 10.42 -16.10 46.74
C PHE A 539 10.56 -16.87 48.04
N TYR A 540 9.64 -17.79 48.35
CA TYR A 540 9.83 -18.65 49.52
C TYR A 540 10.83 -19.74 49.29
N TYR A 541 11.23 -19.99 48.05
CA TYR A 541 12.10 -21.12 47.74
C TYR A 541 13.53 -20.70 47.50
N GLU A 542 13.97 -19.58 48.07
CA GLU A 542 15.34 -19.14 47.87
C GLU A 542 16.29 -20.20 48.43
N ASN A 543 16.99 -20.91 47.55
CA ASN A 543 17.70 -22.10 47.97
C ASN A 543 19.06 -21.75 48.55
N SER A 544 19.98 -21.30 47.70
CA SER A 544 21.32 -20.85 48.09
C SER A 544 21.95 -21.69 49.20
N GLU A 545 21.79 -23.02 49.10
CA GLU A 545 22.40 -23.92 50.09
C GLU A 545 23.78 -24.38 49.62
N GLY A 546 24.73 -23.46 49.72
CA GLY A 546 26.12 -23.79 49.50
C GLY A 546 26.48 -24.03 48.05
N MET A 547 25.74 -23.43 47.13
CA MET A 547 26.05 -23.59 45.72
C MET A 547 27.34 -22.83 45.40
N THR A 548 28.05 -23.31 44.38
CA THR A 548 29.29 -22.64 44.00
C THR A 548 29.03 -21.26 43.40
N CYS A 549 27.91 -21.08 42.72
CA CYS A 549 27.56 -19.80 42.12
C CYS A 549 26.08 -19.55 42.41
N LYS A 550 25.49 -18.57 41.73
CA LYS A 550 24.09 -18.27 41.95
C LYS A 550 23.57 -17.45 40.78
N GLY A 551 22.29 -17.59 40.51
CA GLY A 551 21.64 -16.83 39.46
C GLY A 551 21.48 -17.62 38.19
N ILE A 552 21.15 -16.90 37.12
CA ILE A 552 21.09 -17.50 35.81
C ILE A 552 22.44 -17.41 35.09
N ARG A 553 23.23 -16.40 35.41
CA ARG A 553 24.50 -16.19 34.74
C ARG A 553 25.53 -17.19 35.27
N CYS A 554 25.20 -18.47 35.09
CA CYS A 554 26.03 -19.55 35.58
C CYS A 554 25.83 -20.76 34.68
N GLU A 555 26.74 -21.73 34.81
CA GLU A 555 26.71 -22.89 33.92
C GLU A 555 25.44 -23.69 34.12
N ARG A 556 25.02 -23.89 35.35
CA ARG A 556 23.79 -24.60 35.68
C ARG A 556 22.83 -23.59 36.27
N GLN A 557 21.86 -23.17 35.48
CA GLN A 557 20.95 -22.13 35.93
C GLN A 557 20.17 -22.58 37.15
N ASN A 558 20.08 -21.71 38.14
CA ASN A 558 19.39 -22.05 39.36
C ASN A 558 18.94 -20.77 40.04
N ASN A 559 17.87 -20.88 40.81
CA ASN A 559 17.45 -19.81 41.71
C ASN A 559 17.20 -18.52 40.94
N ALA A 560 16.60 -18.63 39.76
CA ALA A 560 16.36 -17.45 38.95
C ALA A 560 15.26 -16.57 39.53
N PHE A 561 14.15 -17.18 39.93
CA PHE A 561 13.01 -16.40 40.38
C PHE A 561 13.03 -16.27 41.91
N SER A 562 14.02 -15.52 42.39
CA SER A 562 14.14 -15.29 43.82
C SER A 562 13.94 -13.82 44.18
N THR A 563 14.73 -12.92 43.61
CA THR A 563 14.70 -11.52 43.97
C THR A 563 14.00 -10.77 42.84
N LEU A 564 13.62 -9.53 43.10
CA LEU A 564 13.01 -8.73 42.03
C LEU A 564 14.01 -8.46 40.92
N PHE A 565 15.24 -8.09 41.27
CA PHE A 565 16.23 -7.81 40.24
C PHE A 565 16.53 -9.06 39.43
N GLU A 566 16.71 -10.19 40.11
CA GLU A 566 16.98 -11.43 39.39
C GLU A 566 15.82 -11.78 38.46
N THR A 567 14.59 -11.59 38.93
CA THR A 567 13.45 -11.88 38.08
C THR A 567 13.42 -10.99 36.86
N LEU A 568 13.75 -9.70 37.04
CA LEU A 568 13.80 -8.83 35.88
C LEU A 568 14.83 -9.31 34.88
N GLN A 569 16.00 -9.73 35.37
CA GLN A 569 17.02 -10.24 34.45
C GLN A 569 16.50 -11.45 33.68
N SER A 570 15.87 -12.39 34.38
CA SER A 570 15.39 -13.60 33.72
C SER A 570 14.35 -13.26 32.68
N LEU A 571 13.41 -12.38 33.03
CA LEU A 571 12.38 -11.99 32.08
C LEU A 571 12.97 -11.32 30.86
N PHE A 572 14.01 -10.51 31.04
CA PHE A 572 14.57 -9.86 29.87
C PHE A 572 15.28 -10.85 28.98
N TRP A 573 16.11 -11.71 29.56
CA TRP A 573 16.84 -12.66 28.74
C TRP A 573 15.95 -13.68 28.09
N SER A 574 14.75 -13.90 28.63
CA SER A 574 13.88 -14.91 28.05
C SER A 574 13.49 -14.60 26.62
N ILE A 575 13.59 -13.34 26.20
CA ILE A 575 13.15 -12.97 24.86
C ILE A 575 13.94 -13.72 23.81
N PHE A 576 15.26 -13.77 23.98
CA PHE A 576 16.12 -14.37 22.96
C PHE A 576 16.34 -15.85 23.18
N GLY A 577 15.54 -16.50 24.01
CA GLY A 577 15.64 -17.93 24.17
C GLY A 577 16.93 -18.40 24.79
N LEU A 578 17.52 -17.61 25.68
CA LEU A 578 18.73 -17.99 26.37
C LEU A 578 18.47 -18.47 27.79
N ILE A 579 17.21 -18.70 28.14
CA ILE A 579 16.86 -19.18 29.47
C ILE A 579 16.30 -20.58 29.32
N SER A 580 16.98 -21.56 29.87
CA SER A 580 16.52 -22.93 29.75
C SER A 580 15.28 -23.13 30.61
N LEU A 581 14.51 -24.17 30.28
CA LEU A 581 13.18 -24.27 30.84
C LEU A 581 13.19 -24.75 32.28
N TYR A 582 14.17 -25.54 32.67
CA TYR A 582 14.07 -26.16 33.98
C TYR A 582 14.25 -25.22 35.10
N VAL A 583 14.27 -23.91 34.84
CA VAL A 583 14.34 -22.94 35.92
C VAL A 583 13.12 -23.04 36.81
N THR A 584 11.93 -23.12 36.22
CA THR A 584 10.69 -23.05 36.98
C THR A 584 10.44 -24.36 37.73
N ASN A 585 11.37 -24.66 38.63
CA ASN A 585 11.34 -25.94 39.33
C ASN A 585 11.96 -25.74 40.70
N VAL A 586 11.45 -26.48 41.69
CA VAL A 586 11.85 -26.31 43.07
C VAL A 586 12.33 -27.63 43.64
N LYS A 587 13.12 -27.54 44.71
CA LYS A 587 13.70 -28.73 45.31
C LYS A 587 12.61 -29.66 45.85
N ALA A 588 11.56 -29.09 46.43
CA ALA A 588 10.48 -29.90 46.97
C ALA A 588 9.63 -30.44 45.82
N ASP A 589 8.52 -31.09 46.15
CA ASP A 589 7.66 -31.71 45.15
C ASP A 589 6.29 -31.06 45.09
N HIS A 590 6.22 -29.76 45.35
CA HIS A 590 4.94 -29.07 45.31
C HIS A 590 4.49 -28.95 43.87
N LYS A 591 4.03 -30.05 43.29
CA LYS A 591 3.77 -30.07 41.87
C LYS A 591 2.44 -29.41 41.55
N PHE A 592 2.21 -28.23 42.13
CA PHE A 592 1.13 -27.39 41.63
C PHE A 592 1.68 -26.01 41.32
N THR A 593 2.48 -25.48 42.24
CA THR A 593 3.11 -24.19 41.99
C THR A 593 4.07 -24.29 40.83
N GLU A 594 4.77 -25.42 40.72
CA GLU A 594 5.64 -25.64 39.57
C GLU A 594 4.85 -25.54 38.27
N PHE A 595 3.56 -25.81 38.33
CA PHE A 595 2.78 -25.68 37.11
C PHE A 595 2.31 -24.26 36.88
N VAL A 596 1.86 -23.58 37.92
CA VAL A 596 1.37 -22.23 37.74
C VAL A 596 2.50 -21.30 37.31
N GLY A 597 3.69 -21.51 37.86
CA GLY A 597 4.82 -20.70 37.43
C GLY A 597 5.12 -20.90 35.96
N ALA A 598 5.13 -22.14 35.50
CA ALA A 598 5.36 -22.39 34.09
C ALA A 598 4.26 -21.74 33.25
N THR A 599 3.03 -21.76 33.75
CA THR A 599 1.94 -21.15 32.99
C THR A 599 2.16 -19.66 32.83
N MET A 600 2.52 -18.96 33.91
CA MET A 600 2.78 -17.54 33.77
C MET A 600 3.94 -17.28 32.82
N PHE A 601 5.00 -18.09 32.92
CA PHE A 601 6.15 -17.89 32.06
C PHE A 601 5.76 -18.05 30.61
N GLY A 602 4.97 -19.07 30.30
CA GLY A 602 4.52 -19.25 28.93
C GLY A 602 3.65 -18.12 28.45
N THR A 603 2.74 -17.65 29.30
CA THR A 603 1.89 -16.55 28.89
C THR A 603 2.70 -15.32 28.57
N TYR A 604 3.71 -15.03 29.40
CA TYR A 604 4.58 -13.90 29.09
C TYR A 604 5.26 -14.09 27.77
N ASN A 605 5.76 -15.30 27.49
CA ASN A 605 6.45 -15.50 26.23
C ASN A 605 5.51 -15.29 25.05
N VAL A 606 4.29 -15.80 25.13
CA VAL A 606 3.35 -15.60 24.03
C VAL A 606 3.09 -14.12 23.82
N ILE A 607 2.75 -13.42 24.90
CA ILE A 607 2.39 -12.01 24.77
C ILE A 607 3.53 -11.21 24.19
N SER A 608 4.74 -11.45 24.68
CA SER A 608 5.87 -10.60 24.33
C SER A 608 6.70 -11.13 23.19
N LEU A 609 6.28 -12.19 22.53
CA LEU A 609 7.05 -12.62 21.38
C LEU A 609 6.19 -13.03 20.19
N VAL A 610 4.87 -13.05 20.31
CA VAL A 610 4.07 -13.43 19.16
C VAL A 610 2.95 -12.43 18.96
N VAL A 611 2.66 -11.62 19.97
CA VAL A 611 1.50 -10.75 19.89
C VAL A 611 1.93 -9.30 20.02
N LEU A 612 3.06 -9.07 20.67
CA LEU A 612 3.49 -7.69 20.81
C LEU A 612 4.59 -7.30 19.85
N LEU A 613 5.50 -8.21 19.52
CA LEU A 613 6.59 -7.83 18.65
C LEU A 613 6.11 -7.70 17.20
N ASN A 614 5.28 -8.63 16.75
CA ASN A 614 4.73 -8.53 15.41
C ASN A 614 4.02 -7.21 15.20
N MET A 615 3.44 -6.65 16.26
CA MET A 615 2.81 -5.35 16.12
C MET A 615 3.83 -4.24 16.01
N LEU A 616 5.01 -4.40 16.61
CA LEU A 616 6.09 -3.47 16.33
C LEU A 616 6.47 -3.52 14.85
N ILE A 617 6.56 -4.72 14.30
CA ILE A 617 6.89 -4.85 12.89
C ILE A 617 5.85 -4.17 12.03
N ALA A 618 4.57 -4.45 12.31
CA ALA A 618 3.50 -3.91 11.49
C ALA A 618 3.31 -2.42 11.73
N MET A 619 3.91 -1.86 12.77
CA MET A 619 3.90 -0.42 12.94
C MET A 619 4.97 0.25 12.10
N MET A 620 6.23 -0.16 12.29
CA MET A 620 7.30 0.45 11.51
C MET A 620 7.05 0.28 10.02
N ASN A 621 6.48 -0.86 9.63
CA ASN A 621 6.22 -1.09 8.22
C ASN A 621 5.35 0.00 7.63
N ASN A 622 4.25 0.33 8.31
CA ASN A 622 3.37 1.37 7.79
C ASN A 622 4.06 2.73 7.83
N SER A 623 4.86 2.98 8.86
CA SER A 623 5.47 4.30 8.95
C SER A 623 6.51 4.53 7.87
N TYR A 624 7.14 3.46 7.37
CA TYR A 624 8.18 3.64 6.36
C TYR A 624 7.64 4.28 5.11
N GLN A 625 6.39 4.02 4.76
CA GLN A 625 5.87 4.68 3.57
C GLN A 625 5.52 6.14 3.84
N HIS A 626 5.11 6.46 5.05
CA HIS A 626 4.90 7.86 5.40
C HIS A 626 6.20 8.65 5.31
N ILE A 627 7.32 8.02 5.64
CA ILE A 627 8.60 8.72 5.69
C ILE A 627 9.33 8.69 4.35
N ALA A 628 9.40 7.52 3.72
CA ALA A 628 10.26 7.35 2.55
C ALA A 628 9.91 8.31 1.43
N ASP A 629 8.65 8.73 1.35
CA ASP A 629 8.26 9.69 0.32
C ASP A 629 9.08 10.97 0.44
N HIS A 630 9.35 11.41 1.67
CA HIS A 630 10.23 12.56 1.90
C HIS A 630 11.57 12.01 2.40
N ALA A 631 12.42 11.62 1.45
CA ALA A 631 13.73 11.09 1.79
C ALA A 631 14.85 12.00 1.30
N ASP A 632 14.90 12.28 0.01
CA ASP A 632 15.96 13.11 -0.54
C ASP A 632 15.81 14.56 -0.13
N ILE A 633 14.58 15.08 -0.10
CA ILE A 633 14.37 16.47 0.29
C ILE A 633 14.93 16.74 1.67
N GLU A 634 15.01 15.71 2.50
CA GLU A 634 15.56 15.88 3.83
C GLU A 634 17.02 15.51 3.89
N TRP A 635 17.42 14.46 3.16
CA TRP A 635 18.83 14.09 3.15
C TRP A 635 19.69 15.23 2.65
N LYS A 636 19.22 15.94 1.62
CA LYS A 636 20.00 17.05 1.09
C LYS A 636 20.17 18.14 2.12
N PHE A 637 19.14 18.41 2.91
CA PHE A 637 19.27 19.41 3.95
C PHE A 637 20.31 18.98 4.97
N ALA A 638 20.30 17.71 5.37
CA ALA A 638 21.28 17.24 6.33
C ALA A 638 22.69 17.36 5.78
N ARG A 639 22.88 16.96 4.54
CA ARG A 639 24.19 17.03 3.92
C ARG A 639 24.66 18.47 3.79
N THR A 640 23.75 19.37 3.45
CA THR A 640 24.11 20.78 3.34
C THR A 640 24.54 21.34 4.68
N LYS A 641 23.85 20.97 5.75
CA LYS A 641 24.30 21.42 7.06
C LYS A 641 25.70 20.90 7.36
N LEU A 642 25.94 19.62 7.06
CA LEU A 642 27.27 19.07 7.26
C LEU A 642 28.32 19.87 6.51
N TRP A 643 28.05 20.18 5.25
CA TRP A 643 29.00 20.96 4.46
C TRP A 643 29.23 22.33 5.06
N MET A 644 28.16 23.06 5.34
CA MET A 644 28.30 24.41 5.87
C MET A 644 29.04 24.42 7.18
N SER A 645 29.13 23.28 7.86
CA SER A 645 29.97 23.22 9.03
C SER A 645 31.44 23.47 8.72
N TYR A 646 31.84 23.39 7.46
CA TYR A 646 33.27 23.44 7.10
C TYR A 646 33.68 24.69 6.33
N PHE A 647 32.74 25.51 5.89
CA PHE A 647 33.10 26.54 4.91
C PHE A 647 33.87 27.71 5.50
N GLU A 648 34.01 27.77 6.82
CA GLU A 648 34.59 28.93 7.49
C GLU A 648 36.02 28.62 7.91
N GLU A 649 36.74 29.68 8.27
CA GLU A 649 38.07 29.53 8.85
C GLU A 649 37.99 29.37 10.35
N GLY A 650 37.16 28.43 10.81
CA GLY A 650 36.97 28.23 12.23
C GLY A 650 37.76 27.10 12.83
N GLY A 651 37.66 25.90 12.25
CA GLY A 651 38.40 24.77 12.77
C GLY A 651 39.78 24.64 12.16
N THR A 652 39.81 24.49 10.84
CA THR A 652 41.02 24.54 10.01
C THR A 652 42.18 23.74 10.59
N LEU A 653 41.90 22.75 11.44
CA LEU A 653 42.96 21.97 12.06
C LEU A 653 42.40 20.68 12.60
N PRO A 654 43.05 19.54 12.37
CA PRO A 654 42.61 18.31 13.00
C PRO A 654 42.75 18.39 14.50
N PRO A 655 41.91 17.70 15.25
CA PRO A 655 41.97 17.75 16.72
C PRO A 655 43.31 17.31 17.28
N PRO A 656 44.02 16.34 16.68
CA PRO A 656 45.36 16.05 17.19
C PRO A 656 46.25 17.27 17.22
N PHE A 657 46.33 17.99 16.10
CA PHE A 657 47.07 19.24 16.02
C PHE A 657 46.16 20.42 16.29
N ASN A 658 45.42 20.37 17.39
CA ASN A 658 44.53 21.47 17.74
C ASN A 658 45.13 22.37 18.79
N ILE A 659 46.27 22.00 19.37
CA ILE A 659 46.89 22.78 20.42
C ILE A 659 48.40 22.79 20.26
N ALA A 696 25.96 53.71 -0.51
CA ALA A 696 27.17 53.39 0.22
C ALA A 696 27.49 51.90 0.13
N GLU A 697 28.02 51.34 1.22
CA GLU A 697 28.46 49.96 1.22
C GLU A 697 27.30 49.02 0.91
N ASN A 698 26.16 49.22 1.55
CA ASN A 698 25.00 48.38 1.36
C ASN A 698 23.82 49.09 0.72
N VAL A 699 23.84 50.42 0.63
CA VAL A 699 22.79 51.14 -0.07
C VAL A 699 22.79 50.76 -1.54
N ARG A 700 23.96 50.65 -2.14
CA ARG A 700 24.05 50.17 -3.51
C ARG A 700 23.60 48.71 -3.61
N LEU A 701 23.98 47.90 -2.62
CA LEU A 701 23.52 46.52 -2.59
C LEU A 701 22.01 46.45 -2.49
N ASN A 702 21.41 47.27 -1.62
CA ASN A 702 19.96 47.34 -1.56
C ASN A 702 19.39 47.78 -2.89
N HIS A 703 20.08 48.72 -3.55
CA HIS A 703 19.61 49.25 -4.82
C HIS A 703 19.47 48.16 -5.86
N GLN A 704 20.50 47.33 -5.99
CA GLN A 704 20.44 46.25 -6.97
C GLN A 704 19.56 45.09 -6.51
N TYR A 705 19.58 44.82 -5.20
CA TYR A 705 18.78 43.73 -4.66
C TYR A 705 17.30 43.97 -4.87
N GLN A 706 16.87 45.22 -4.72
CA GLN A 706 15.46 45.53 -4.95
C GLN A 706 15.08 45.29 -6.40
N GLU A 707 15.95 45.64 -7.33
CA GLU A 707 15.65 45.36 -8.74
C GLU A 707 15.51 43.86 -8.97
N VAL A 708 16.41 43.08 -8.39
CA VAL A 708 16.32 41.64 -8.53
C VAL A 708 14.98 41.14 -7.96
N LEU A 709 14.61 41.64 -6.79
CA LEU A 709 13.34 41.23 -6.20
C LEU A 709 12.17 41.57 -7.09
N ARG A 710 12.18 42.78 -7.67
CA ARG A 710 11.09 43.16 -8.54
C ARG A 710 10.98 42.21 -9.73
N ASN A 711 12.11 41.87 -10.33
CA ASN A 711 12.07 40.96 -11.47
C ASN A 711 11.52 39.61 -11.05
N LEU A 712 11.98 39.07 -9.91
CA LEU A 712 11.51 37.76 -9.49
C LEU A 712 10.01 37.77 -9.23
N VAL A 713 9.52 38.77 -8.51
CA VAL A 713 8.11 38.77 -8.16
C VAL A 713 7.26 38.95 -9.41
N LYS A 714 7.72 39.78 -10.36
CA LYS A 714 7.00 39.92 -11.61
C LYS A 714 6.92 38.59 -12.35
N ARG A 715 8.05 37.91 -12.47
CA ARG A 715 8.04 36.63 -13.17
C ARG A 715 7.10 35.65 -12.48
N TYR A 716 7.14 35.61 -11.15
CA TYR A 716 6.30 34.66 -10.44
C TYR A 716 4.83 34.96 -10.64
N VAL A 717 4.44 36.21 -10.45
CA VAL A 717 3.02 36.56 -10.56
C VAL A 717 2.52 36.26 -11.96
N ALA A 718 3.29 36.64 -12.98
CA ALA A 718 2.84 36.39 -14.34
C ALA A 718 2.79 34.89 -14.63
N ALA A 719 3.75 34.13 -14.11
CA ALA A 719 3.99 32.80 -14.63
C ALA A 719 3.27 31.70 -13.87
N MET A 720 2.88 31.91 -12.62
CA MET A 720 2.18 30.84 -11.91
C MET A 720 0.77 31.22 -11.51
N ILE A 721 0.57 32.28 -10.73
CA ILE A 721 -0.78 32.55 -10.24
C ILE A 721 -1.71 33.03 -11.33
N ARG A 722 -1.17 33.41 -12.49
CA ARG A 722 -1.99 33.66 -13.67
C ARG A 722 -1.99 32.43 -14.58
N ASP A 723 -0.81 32.02 -15.02
CA ASP A 723 -0.73 31.03 -16.09
C ASP A 723 -1.29 29.68 -15.65
N ALA A 724 -1.14 29.32 -14.39
CA ALA A 724 -1.63 28.03 -13.95
C ALA A 724 -3.10 28.05 -13.56
N LYS A 725 -3.68 29.23 -13.34
CA LYS A 725 -5.13 29.29 -13.12
C LYS A 725 -5.87 28.86 -14.36
N THR A 726 -5.37 29.22 -15.54
CA THR A 726 -6.07 28.83 -16.76
C THR A 726 -5.66 27.41 -17.14
N GLU A 727 -5.74 26.49 -16.17
CA GLU A 727 -5.51 25.08 -16.42
C GLU A 727 -6.35 24.19 -15.50
N GLU A 728 -7.45 24.69 -14.96
CA GLU A 728 -8.27 23.97 -14.02
C GLU A 728 -9.52 23.40 -14.69
N GLY A 729 -10.03 22.30 -14.14
CA GLY A 729 -11.16 21.63 -14.73
C GLY A 729 -12.47 22.38 -14.54
N LEU A 730 -13.45 22.02 -15.35
CA LEU A 730 -14.72 22.72 -15.40
C LEU A 730 -15.63 22.30 -14.25
N THR A 731 -16.72 23.06 -14.09
CA THR A 731 -17.69 22.79 -13.04
C THR A 731 -19.06 23.30 -13.49
N GLU A 732 -20.05 23.13 -12.62
CA GLU A 732 -21.43 23.41 -12.99
C GLU A 732 -21.68 24.90 -13.22
N GLU A 733 -20.83 25.77 -12.64
CA GLU A 733 -20.93 27.20 -12.92
C GLU A 733 -20.79 27.48 -14.41
N ASN A 734 -19.86 26.81 -15.07
CA ASN A 734 -19.64 27.05 -16.49
C ASN A 734 -20.88 26.66 -17.30
N PHE A 735 -21.50 25.53 -16.95
CA PHE A 735 -22.78 25.16 -17.54
C PHE A 735 -23.82 26.27 -17.38
N LYS A 736 -24.01 26.72 -16.15
CA LYS A 736 -25.00 27.77 -15.90
C LYS A 736 -24.73 28.98 -16.77
N GLU A 737 -23.48 29.45 -16.77
CA GLU A 737 -23.17 30.71 -17.45
C GLU A 737 -23.34 30.58 -18.96
N LEU A 738 -22.89 29.47 -19.55
CA LEU A 738 -23.07 29.28 -20.98
C LEU A 738 -24.55 29.29 -21.34
N LYS A 739 -25.35 28.48 -20.64
CA LYS A 739 -26.75 28.37 -21.01
C LYS A 739 -27.47 29.70 -20.82
N GLN A 740 -27.15 30.41 -19.73
CA GLN A 740 -27.79 31.70 -19.48
C GLN A 740 -27.42 32.72 -20.54
N ASP A 741 -26.15 32.76 -20.96
CA ASP A 741 -25.76 33.70 -22.00
C ASP A 741 -26.49 33.41 -23.30
N ILE A 742 -26.60 32.13 -23.66
CA ILE A 742 -27.34 31.78 -24.87
C ILE A 742 -28.78 32.24 -24.75
N SER A 743 -29.41 32.02 -23.58
CA SER A 743 -30.80 32.41 -23.41
C SER A 743 -30.97 33.92 -23.53
N SER A 744 -30.04 34.68 -22.95
CA SER A 744 -30.14 36.13 -23.05
C SER A 744 -30.03 36.59 -24.50
N PHE A 745 -29.10 36.00 -25.25
CA PHE A 745 -28.97 36.38 -26.65
C PHE A 745 -30.24 36.03 -27.42
N ARG A 746 -30.87 34.91 -27.06
CA ARG A 746 -32.16 34.55 -27.66
C ARG A 746 -33.20 35.62 -27.40
N TYR A 747 -33.31 36.05 -26.13
CA TYR A 747 -34.34 37.01 -25.79
C TYR A 747 -34.10 38.34 -26.48
N GLU A 748 -32.85 38.79 -26.54
CA GLU A 748 -32.58 40.06 -27.22
C GLU A 748 -32.94 39.98 -28.69
N VAL A 749 -32.55 38.90 -29.36
CA VAL A 749 -32.84 38.79 -30.79
C VAL A 749 -34.34 38.75 -31.02
N ILE A 750 -35.07 37.99 -30.19
CA ILE A 750 -36.51 37.89 -30.36
C ILE A 750 -37.17 39.24 -30.12
N GLY A 751 -36.68 39.99 -29.12
CA GLY A 751 -37.24 41.30 -28.86
C GLY A 751 -36.98 42.30 -29.97
N MET A 752 -35.82 42.24 -30.60
CA MET A 752 -35.51 43.17 -31.67
C MET A 752 -36.00 42.72 -33.04
N MET A 753 -36.51 41.48 -33.16
CA MET A 753 -37.11 41.07 -34.42
C MET A 753 -38.41 41.81 -34.71
N LYS A 754 -39.21 42.09 -33.68
CA LYS A 754 -40.48 42.78 -33.86
C LYS A 754 -40.90 43.49 -32.59
N LEU B 29 -44.53 4.66 -36.74
CA LEU B 29 -43.33 4.23 -37.45
C LEU B 29 -43.58 4.49 -38.94
N SER B 30 -43.30 3.49 -39.78
CA SER B 30 -43.58 3.54 -41.22
C SER B 30 -43.01 4.81 -41.86
N THR B 31 -41.80 5.18 -41.41
CA THR B 31 -41.13 6.39 -41.85
C THR B 31 -42.10 7.58 -41.79
N GLN B 32 -42.94 7.57 -40.76
CA GLN B 32 -43.91 8.64 -40.55
C GLN B 32 -43.71 9.20 -39.15
N GLU B 33 -43.50 8.30 -38.19
CA GLU B 33 -43.19 8.70 -36.83
C GLU B 33 -41.74 9.12 -36.70
N LYS B 34 -40.88 8.64 -37.59
CA LYS B 34 -39.46 8.97 -37.50
C LYS B 34 -39.23 10.47 -37.63
N SER B 35 -39.93 11.11 -38.57
CA SER B 35 -39.84 12.56 -38.70
C SER B 35 -40.32 13.25 -37.43
N TYR B 36 -41.42 12.76 -36.85
CA TYR B 36 -41.97 13.33 -35.64
C TYR B 36 -40.97 13.27 -34.49
N LEU B 37 -40.39 12.09 -34.26
CA LEU B 37 -39.40 11.94 -33.20
C LEU B 37 -38.17 12.81 -33.45
N SER B 38 -37.70 12.85 -34.69
CA SER B 38 -36.52 13.65 -35.00
C SER B 38 -36.78 15.12 -34.75
N ALA B 39 -37.95 15.61 -35.15
CA ALA B 39 -38.30 17.01 -34.91
C ALA B 39 -38.37 17.30 -33.42
N VAL B 40 -38.98 16.39 -32.66
CA VAL B 40 -39.08 16.62 -31.22
C VAL B 40 -37.71 16.68 -30.59
N GLU B 41 -36.81 15.77 -30.96
CA GLU B 41 -35.52 15.72 -30.30
C GLU B 41 -34.60 16.85 -30.76
N LYS B 42 -34.70 17.28 -32.01
CA LYS B 42 -33.80 18.30 -32.52
C LYS B 42 -34.08 19.68 -31.93
N GLY B 43 -35.28 19.91 -31.40
CA GLY B 43 -35.63 21.18 -30.83
C GLY B 43 -36.63 21.98 -31.63
N ASP B 44 -37.13 21.44 -32.74
CA ASP B 44 -38.08 22.19 -33.55
C ASP B 44 -39.39 22.37 -32.80
N TYR B 45 -40.09 23.44 -33.13
CA TYR B 45 -41.38 23.71 -32.50
C TYR B 45 -42.53 23.70 -33.48
N ALA B 46 -42.44 24.49 -34.56
CA ALA B 46 -43.56 24.57 -35.50
C ALA B 46 -43.84 23.24 -36.16
N SER B 47 -42.79 22.54 -36.58
CA SER B 47 -42.98 21.25 -37.25
C SER B 47 -43.65 20.25 -36.32
N VAL B 48 -43.24 20.23 -35.05
CA VAL B 48 -43.83 19.31 -34.09
C VAL B 48 -45.32 19.60 -33.93
N LYS B 49 -45.67 20.88 -33.76
CA LYS B 49 -47.07 21.25 -33.62
C LYS B 49 -47.87 20.84 -34.85
N LEU B 50 -47.34 21.13 -36.03
CA LEU B 50 -48.04 20.78 -37.25
C LEU B 50 -48.27 19.29 -37.33
N ALA B 51 -47.26 18.50 -36.95
CA ALA B 51 -47.44 17.06 -36.94
C ALA B 51 -48.54 16.65 -35.98
N LEU B 52 -48.58 17.27 -34.80
CA LEU B 52 -49.63 16.96 -33.83
C LEU B 52 -51.01 17.14 -34.44
N GLU B 53 -51.35 18.36 -34.87
CA GLU B 53 -52.72 18.50 -35.36
C GLU B 53 -52.91 17.98 -36.78
N GLU B 54 -51.88 17.44 -37.42
CA GLU B 54 -52.13 16.69 -38.66
C GLU B 54 -52.54 15.26 -38.33
N ALA B 55 -51.71 14.56 -37.56
CA ALA B 55 -52.06 13.20 -37.16
C ALA B 55 -53.29 13.17 -36.27
N GLU B 56 -53.68 14.30 -35.69
CA GLU B 56 -54.90 14.35 -34.92
C GLU B 56 -56.13 14.20 -35.81
N ILE B 57 -56.04 14.55 -37.10
CA ILE B 57 -57.17 14.45 -37.99
C ILE B 57 -57.05 13.30 -38.98
N TYR B 58 -55.84 12.96 -39.43
CA TYR B 58 -55.71 11.85 -40.35
C TYR B 58 -55.64 10.49 -39.67
N PHE B 59 -55.53 10.46 -38.34
CA PHE B 59 -55.48 9.21 -37.58
C PHE B 59 -54.47 8.25 -38.19
N LYS B 60 -53.32 8.80 -38.54
CA LYS B 60 -52.30 8.13 -39.32
C LYS B 60 -51.25 7.44 -38.45
N ILE B 61 -50.74 8.13 -37.44
CA ILE B 61 -49.82 7.55 -36.48
C ILE B 61 -50.40 7.75 -35.09
N ASN B 62 -49.83 7.03 -34.12
CA ASN B 62 -50.11 7.32 -32.72
C ASN B 62 -49.11 8.34 -32.21
N ILE B 63 -49.60 9.30 -31.42
CA ILE B 63 -48.74 10.33 -30.88
C ILE B 63 -47.70 9.73 -29.95
N ASN B 64 -48.00 8.57 -29.37
CA ASN B 64 -47.25 8.01 -28.26
C ASN B 64 -46.49 6.75 -28.64
N CYS B 65 -45.87 6.75 -29.82
CA CYS B 65 -45.02 5.63 -30.21
C CYS B 65 -43.70 5.67 -29.45
N ILE B 66 -43.12 4.49 -29.25
CA ILE B 66 -41.80 4.36 -28.63
C ILE B 66 -40.95 3.47 -29.54
N ASP B 67 -40.27 4.09 -30.51
CA ASP B 67 -39.49 3.30 -31.44
C ASP B 67 -38.11 2.86 -30.91
N PRO B 68 -37.20 3.81 -30.62
CA PRO B 68 -35.79 3.41 -30.51
C PRO B 68 -35.47 2.52 -29.32
N LEU B 69 -35.76 3.03 -28.12
CA LEU B 69 -35.44 2.33 -26.89
C LEU B 69 -36.56 2.52 -25.88
N GLY B 70 -37.80 2.40 -26.33
CA GLY B 70 -38.93 2.67 -25.46
C GLY B 70 -39.02 4.11 -24.99
N ARG B 71 -38.83 5.06 -25.91
CA ARG B 71 -38.77 6.48 -25.57
C ARG B 71 -39.99 7.18 -26.15
N THR B 72 -40.97 7.48 -25.30
CA THR B 72 -42.06 8.34 -25.71
C THR B 72 -41.52 9.72 -26.03
N ALA B 73 -42.11 10.36 -27.04
CA ALA B 73 -41.69 11.72 -27.39
C ALA B 73 -41.72 12.62 -26.17
N LEU B 74 -42.67 12.39 -25.26
CA LEU B 74 -42.67 13.13 -24.01
C LEU B 74 -41.38 12.91 -23.25
N LEU B 75 -40.90 11.67 -23.20
CA LEU B 75 -39.65 11.39 -22.51
C LEU B 75 -38.48 12.07 -23.20
N ILE B 76 -38.48 12.09 -24.54
CA ILE B 76 -37.43 12.77 -25.28
C ILE B 76 -37.39 14.25 -24.91
N ALA B 77 -38.55 14.90 -24.87
CA ALA B 77 -38.58 16.29 -24.46
C ALA B 77 -38.12 16.44 -23.02
N ILE B 78 -38.51 15.49 -22.15
CA ILE B 78 -38.14 15.56 -20.75
C ILE B 78 -36.62 15.58 -20.61
N GLU B 79 -35.95 14.63 -21.25
CA GLU B 79 -34.51 14.50 -21.05
C GLU B 79 -33.71 15.62 -21.69
N ASN B 80 -34.28 16.35 -22.64
CA ASN B 80 -33.69 17.59 -23.12
C ASN B 80 -34.24 18.81 -22.40
N GLU B 81 -35.07 18.59 -21.37
CA GLU B 81 -35.61 19.65 -20.50
C GLU B 81 -36.19 20.82 -21.28
N ASN B 82 -36.59 20.59 -22.53
CA ASN B 82 -37.14 21.67 -23.34
C ASN B 82 -38.58 21.90 -22.91
N LEU B 83 -38.82 22.98 -22.17
CA LEU B 83 -40.13 23.19 -21.56
C LEU B 83 -41.22 23.40 -22.60
N GLU B 84 -40.92 24.13 -23.67
CA GLU B 84 -41.97 24.49 -24.63
C GLU B 84 -42.63 23.25 -25.19
N ILE B 85 -41.83 22.27 -25.60
CA ILE B 85 -42.39 21.06 -26.18
C ILE B 85 -43.23 20.31 -25.16
N ILE B 86 -42.75 20.23 -23.92
CA ILE B 86 -43.49 19.50 -22.90
C ILE B 86 -44.85 20.15 -22.66
N GLU B 87 -44.86 21.47 -22.48
CA GLU B 87 -46.11 22.15 -22.22
C GLU B 87 -47.06 22.06 -23.40
N LEU B 88 -46.52 22.06 -24.63
CA LEU B 88 -47.37 21.84 -25.79
C LEU B 88 -47.97 20.45 -25.78
N LEU B 89 -47.16 19.44 -25.45
CA LEU B 89 -47.66 18.07 -25.45
C LEU B 89 -48.73 17.86 -24.41
N LEU B 90 -48.63 18.56 -23.28
CA LEU B 90 -49.70 18.46 -22.29
C LEU B 90 -51.03 18.99 -22.83
N SER B 91 -51.01 19.87 -23.82
CA SER B 91 -52.25 20.35 -24.41
C SER B 91 -52.99 19.24 -25.14
N PHE B 92 -52.26 18.40 -25.87
CA PHE B 92 -52.89 17.37 -26.68
C PHE B 92 -53.23 16.10 -25.93
N ASN B 93 -53.05 16.09 -24.61
CA ASN B 93 -53.49 14.98 -23.77
C ASN B 93 -52.82 13.66 -24.15
N VAL B 94 -51.58 13.72 -24.63
CA VAL B 94 -50.85 12.49 -24.90
C VAL B 94 -50.66 11.75 -23.57
N TYR B 95 -50.64 10.43 -23.65
CA TYR B 95 -50.57 9.63 -22.43
C TYR B 95 -49.29 9.94 -21.66
N VAL B 96 -49.43 10.11 -20.35
CA VAL B 96 -48.31 10.56 -19.53
C VAL B 96 -47.47 9.39 -19.04
N GLY B 97 -48.10 8.31 -18.58
CA GLY B 97 -47.32 7.25 -18.00
C GLY B 97 -46.63 7.70 -16.73
N ASP B 98 -45.56 6.99 -16.38
CA ASP B 98 -44.74 7.36 -15.24
C ASP B 98 -43.62 8.29 -15.64
N ALA B 99 -43.96 9.34 -16.39
CA ALA B 99 -42.96 10.32 -16.78
C ALA B 99 -42.56 11.18 -15.60
N LEU B 100 -43.49 11.41 -14.67
CA LEU B 100 -43.17 12.12 -13.44
C LEU B 100 -41.97 11.50 -12.76
N LEU B 101 -41.93 10.17 -12.73
CA LEU B 101 -40.80 9.48 -12.11
C LEU B 101 -39.50 9.76 -12.85
N HIS B 102 -39.54 9.74 -14.18
CA HIS B 102 -38.34 10.03 -14.96
C HIS B 102 -37.85 11.45 -14.71
N ALA B 103 -38.77 12.40 -14.66
CA ALA B 103 -38.38 13.77 -14.36
C ALA B 103 -37.76 13.87 -12.98
N ILE B 104 -38.35 13.18 -12.00
CA ILE B 104 -37.82 13.22 -10.65
C ILE B 104 -36.39 12.69 -10.64
N ARG B 105 -36.17 11.56 -11.30
CA ARG B 105 -34.82 11.02 -11.39
C ARG B 105 -33.87 11.99 -12.05
N LYS B 106 -34.32 12.62 -13.14
CA LYS B 106 -33.48 13.52 -13.91
C LYS B 106 -33.21 14.84 -13.19
N GLU B 107 -33.97 15.15 -12.15
CA GLU B 107 -33.81 16.39 -11.39
C GLU B 107 -34.03 17.61 -12.29
N VAL B 108 -35.24 17.72 -12.81
CA VAL B 108 -35.68 18.88 -13.56
C VAL B 108 -36.90 19.46 -12.87
N VAL B 109 -36.85 20.76 -12.55
CA VAL B 109 -37.86 21.33 -11.69
C VAL B 109 -39.10 21.73 -12.47
N GLY B 110 -38.92 22.29 -13.67
CA GLY B 110 -40.07 22.74 -14.42
C GLY B 110 -40.98 21.60 -14.84
N ALA B 111 -40.40 20.44 -15.14
CA ALA B 111 -41.19 19.31 -15.59
C ALA B 111 -42.16 18.87 -14.49
N VAL B 112 -41.65 18.63 -13.29
CA VAL B 112 -42.53 18.25 -12.20
C VAL B 112 -43.43 19.42 -11.83
N GLU B 113 -42.97 20.64 -12.06
CA GLU B 113 -43.80 21.82 -11.80
C GLU B 113 -45.08 21.76 -12.62
N LEU B 114 -44.96 21.38 -13.89
CA LEU B 114 -46.15 21.23 -14.73
C LEU B 114 -46.93 19.96 -14.39
N LEU B 115 -46.24 18.82 -14.38
CA LEU B 115 -46.93 17.54 -14.24
C LEU B 115 -47.74 17.47 -12.97
N LEU B 116 -47.31 18.15 -11.91
CA LEU B 116 -47.96 18.02 -10.62
C LEU B 116 -49.42 18.46 -10.69
N ASN B 117 -49.70 19.55 -11.40
CA ASN B 117 -51.03 20.14 -11.41
C ASN B 117 -51.80 19.66 -12.62
N HIS B 118 -53.02 19.19 -12.38
CA HIS B 118 -53.94 18.76 -13.43
C HIS B 118 -55.34 18.54 -12.89
N GLN B 135 -47.21 -0.34 -20.33
CA GLN B 135 -47.75 -1.48 -19.59
C GLN B 135 -46.80 -1.88 -18.47
N PHE B 136 -45.75 -2.65 -18.79
CA PHE B 136 -44.67 -2.86 -17.85
C PHE B 136 -43.68 -1.70 -17.92
N SER B 137 -43.43 -1.09 -16.78
CA SER B 137 -42.51 0.03 -16.68
C SER B 137 -41.15 -0.47 -16.25
N ASP B 138 -40.20 0.46 -16.16
CA ASP B 138 -38.85 0.17 -15.72
C ASP B 138 -38.61 0.54 -14.27
N PHE B 139 -39.66 0.88 -13.53
CA PHE B 139 -39.55 1.26 -12.14
C PHE B 139 -40.25 0.26 -11.25
N THR B 140 -39.63 -0.06 -10.13
CA THR B 140 -40.16 -1.05 -9.21
C THR B 140 -41.58 -0.65 -8.78
N PRO B 141 -42.51 -1.60 -8.66
CA PRO B 141 -43.86 -1.24 -8.22
C PRO B 141 -43.91 -0.55 -6.89
N ASP B 142 -42.86 -0.68 -6.07
CA ASP B 142 -42.88 -0.08 -4.74
C ASP B 142 -42.81 1.44 -4.81
N ILE B 143 -41.99 1.97 -5.72
CA ILE B 143 -41.59 3.36 -5.65
C ILE B 143 -42.78 4.27 -5.91
N THR B 144 -42.99 5.24 -5.03
CA THR B 144 -43.94 6.32 -5.15
C THR B 144 -43.18 7.61 -5.40
N PRO B 145 -43.88 8.69 -5.77
CA PRO B 145 -43.16 9.96 -6.01
C PRO B 145 -42.32 10.41 -4.83
N ILE B 146 -42.81 10.29 -3.60
CA ILE B 146 -42.05 10.81 -2.47
C ILE B 146 -40.82 9.96 -2.21
N ILE B 147 -40.92 8.64 -2.37
CA ILE B 147 -39.78 7.78 -2.07
C ILE B 147 -38.62 8.11 -3.00
N LEU B 148 -38.89 8.15 -4.30
CA LEU B 148 -37.83 8.50 -5.23
C LEU B 148 -37.37 9.93 -5.03
N ALA B 149 -38.29 10.82 -4.66
CA ALA B 149 -37.90 12.19 -4.40
C ALA B 149 -36.89 12.26 -3.27
N ALA B 150 -37.10 11.47 -2.23
CA ALA B 150 -36.15 11.47 -1.12
C ALA B 150 -34.88 10.74 -1.48
N HIS B 151 -34.95 9.78 -2.40
CA HIS B 151 -33.75 9.05 -2.81
C HIS B 151 -32.67 9.98 -3.32
N THR B 152 -33.04 11.15 -3.83
CA THR B 152 -32.10 12.13 -4.33
C THR B 152 -32.33 13.41 -3.54
N ASN B 153 -31.35 13.80 -2.73
CA ASN B 153 -31.49 15.02 -1.94
C ASN B 153 -31.52 16.20 -2.89
N ASN B 154 -32.71 16.74 -3.14
CA ASN B 154 -32.81 17.93 -3.96
C ASN B 154 -34.00 18.73 -3.42
N TYR B 155 -33.69 19.67 -2.53
CA TYR B 155 -34.64 20.38 -1.69
C TYR B 155 -35.97 20.69 -2.36
N GLU B 156 -35.90 21.15 -3.61
CA GLU B 156 -37.06 21.70 -4.29
C GLU B 156 -38.20 20.70 -4.38
N ILE B 157 -37.92 19.50 -4.88
CA ILE B 157 -38.99 18.54 -5.07
C ILE B 157 -39.58 18.12 -3.74
N ILE B 158 -38.72 17.89 -2.75
CA ILE B 158 -39.23 17.48 -1.44
C ILE B 158 -40.17 18.54 -0.90
N LYS B 159 -39.77 19.81 -0.99
CA LYS B 159 -40.63 20.86 -0.50
C LYS B 159 -41.94 20.91 -1.26
N MET B 160 -41.88 20.80 -2.59
CA MET B 160 -43.09 20.87 -3.39
C MET B 160 -44.06 19.77 -3.01
N LEU B 161 -43.58 18.52 -3.00
CA LEU B 161 -44.46 17.40 -2.72
C LEU B 161 -44.98 17.44 -1.30
N VAL B 162 -44.20 17.97 -0.36
CA VAL B 162 -44.74 18.17 0.98
C VAL B 162 -45.85 19.20 0.95
N GLN B 163 -45.69 20.25 0.15
CA GLN B 163 -46.75 21.25 0.02
C GLN B 163 -48.02 20.60 -0.48
N LYS B 164 -47.92 19.76 -1.52
CA LYS B 164 -49.10 19.04 -1.99
C LYS B 164 -49.61 18.09 -0.93
N GLY B 165 -48.71 17.51 -0.13
CA GLY B 165 -49.10 16.65 0.96
C GLY B 165 -49.08 15.17 0.63
N VAL B 166 -48.13 14.45 1.22
CA VAL B 166 -48.02 13.01 1.09
C VAL B 166 -47.72 12.42 2.46
N SER B 167 -47.53 11.10 2.50
CA SER B 167 -47.23 10.41 3.76
C SER B 167 -46.43 9.15 3.42
N VAL B 168 -45.12 9.22 3.64
CA VAL B 168 -44.26 8.05 3.38
C VAL B 168 -44.64 6.92 4.34
N PRO B 169 -44.77 5.69 3.86
CA PRO B 169 -45.09 4.58 4.77
C PRO B 169 -43.96 4.30 5.73
N GLN B 170 -44.30 3.71 6.85
CA GLN B 170 -43.35 3.36 7.87
C GLN B 170 -43.26 1.84 8.00
N PRO B 171 -42.08 1.30 8.30
CA PRO B 171 -41.95 -0.14 8.51
C PRO B 171 -42.34 -0.52 9.93
N HIS B 172 -42.60 -1.81 10.11
CA HIS B 172 -42.92 -2.33 11.44
C HIS B 172 -41.64 -2.89 12.07
N GLU B 173 -41.28 -2.34 13.22
CA GLU B 173 -39.98 -2.62 13.82
C GLU B 173 -39.84 -4.08 14.20
N VAL B 174 -38.62 -4.58 14.10
CA VAL B 174 -38.28 -5.93 14.54
C VAL B 174 -37.01 -5.88 15.39
N VAL B 187 -44.90 -14.31 1.76
CA VAL B 187 -45.32 -14.85 0.48
C VAL B 187 -44.45 -14.31 -0.64
N ASP B 188 -43.64 -13.29 -0.30
CA ASP B 188 -42.78 -12.64 -1.28
C ASP B 188 -41.56 -12.06 -0.56
N SER B 189 -40.52 -12.89 -0.45
CA SER B 189 -39.33 -12.49 0.30
C SER B 189 -38.60 -11.35 -0.38
N LEU B 190 -38.32 -11.50 -1.67
CA LEU B 190 -37.54 -10.51 -2.39
C LEU B 190 -38.20 -9.14 -2.35
N ARG B 191 -39.50 -9.09 -2.64
CA ARG B 191 -40.21 -7.82 -2.68
C ARG B 191 -40.22 -7.18 -1.30
N HIS B 192 -40.47 -7.96 -0.26
CA HIS B 192 -40.54 -7.41 1.08
C HIS B 192 -39.19 -6.83 1.49
N SER B 193 -38.11 -7.57 1.26
CA SER B 193 -36.79 -7.08 1.65
C SER B 193 -36.44 -5.81 0.89
N ARG B 194 -36.67 -5.80 -0.42
CA ARG B 194 -36.32 -4.62 -1.19
C ARG B 194 -37.15 -3.42 -0.77
N SER B 195 -38.43 -3.63 -0.48
CA SER B 195 -39.26 -2.51 -0.04
C SER B 195 -38.76 -1.96 1.29
N ARG B 196 -38.39 -2.84 2.22
CA ARG B 196 -37.84 -2.36 3.48
C ARG B 196 -36.60 -1.52 3.24
N LEU B 197 -35.70 -2.00 2.39
CA LEU B 197 -34.47 -1.25 2.14
C LEU B 197 -34.77 0.10 1.51
N ASN B 198 -35.70 0.14 0.56
CA ASN B 198 -36.05 1.41 -0.09
C ASN B 198 -36.59 2.40 0.92
N ILE B 199 -37.51 1.96 1.78
CA ILE B 199 -38.08 2.88 2.74
C ILE B 199 -37.00 3.43 3.67
N TYR B 200 -36.13 2.54 4.17
CA TYR B 200 -35.11 3.01 5.09
C TYR B 200 -34.16 3.98 4.42
N LYS B 201 -33.80 3.73 3.16
CA LYS B 201 -32.95 4.69 2.47
C LYS B 201 -33.68 6.01 2.27
N ALA B 202 -34.99 5.97 2.07
CA ALA B 202 -35.75 7.20 1.93
C ALA B 202 -35.71 8.03 3.20
N LEU B 203 -35.87 7.38 4.36
CA LEU B 203 -35.91 8.14 5.61
C LEU B 203 -34.59 8.81 5.92
N ALA B 204 -33.47 8.19 5.55
CA ALA B 204 -32.16 8.66 6.00
C ALA B 204 -31.51 9.52 4.91
N SER B 205 -32.13 10.67 4.67
CA SER B 205 -31.60 11.63 3.72
C SER B 205 -31.60 13.01 4.37
N PRO B 206 -30.48 13.73 4.33
CA PRO B 206 -30.40 15.01 5.05
C PRO B 206 -31.52 15.97 4.71
N SER B 207 -31.88 16.07 3.44
CA SER B 207 -32.93 17.01 3.04
C SER B 207 -34.23 16.68 3.74
N LEU B 208 -34.68 15.43 3.64
CA LEU B 208 -35.96 15.08 4.23
C LEU B 208 -35.95 15.27 5.73
N ILE B 209 -34.84 14.95 6.38
CA ILE B 209 -34.75 15.17 7.81
C ILE B 209 -34.92 16.65 8.12
N ALA B 210 -34.23 17.51 7.36
CA ALA B 210 -34.29 18.93 7.64
C ALA B 210 -35.68 19.49 7.42
N LEU B 211 -36.44 18.93 6.47
CA LEU B 211 -37.75 19.48 6.19
C LEU B 211 -38.76 19.09 7.27
N SER B 212 -39.03 17.80 7.41
CA SER B 212 -40.10 17.31 8.26
C SER B 212 -39.49 16.49 9.39
N SER B 213 -39.17 17.17 10.49
CA SER B 213 -38.69 16.51 11.70
C SER B 213 -38.73 17.53 12.82
N GLU B 214 -38.87 17.03 14.04
CA GLU B 214 -38.92 17.93 15.19
C GLU B 214 -37.52 18.19 15.73
N ASP B 215 -36.83 17.14 16.17
CA ASP B 215 -35.47 17.26 16.68
C ASP B 215 -34.54 16.52 15.73
N PRO B 216 -33.88 17.23 14.83
CA PRO B 216 -32.96 16.58 13.90
C PRO B 216 -31.98 15.64 14.59
N PHE B 217 -31.43 16.10 15.71
CA PHE B 217 -30.38 15.34 16.37
C PHE B 217 -30.89 13.97 16.83
N LEU B 218 -32.04 13.94 17.49
CA LEU B 218 -32.58 12.67 17.92
C LEU B 218 -32.86 11.79 16.71
N THR B 219 -33.73 12.25 15.82
CA THR B 219 -34.12 11.46 14.66
C THR B 219 -32.92 11.03 13.82
N ALA B 220 -31.77 11.65 14.03
CA ALA B 220 -30.55 11.12 13.42
C ALA B 220 -29.98 9.97 14.25
N PHE B 221 -29.89 10.16 15.57
CA PHE B 221 -29.33 9.11 16.41
C PHE B 221 -30.18 7.84 16.33
N GLN B 222 -31.49 7.99 16.38
CA GLN B 222 -32.38 6.85 16.38
C GLN B 222 -32.22 6.04 15.11
N LEU B 223 -32.19 6.72 13.97
CA LEU B 223 -32.03 6.03 12.70
C LEU B 223 -30.67 5.36 12.62
N SER B 224 -29.61 6.03 13.09
CA SER B 224 -28.29 5.42 13.08
C SER B 224 -28.30 4.11 13.85
N TRP B 225 -28.81 4.14 15.08
CA TRP B 225 -28.81 2.95 15.90
C TRP B 225 -29.66 1.85 15.28
N GLU B 226 -30.86 2.20 14.81
CA GLU B 226 -31.76 1.20 14.29
C GLU B 226 -31.17 0.52 13.07
N LEU B 227 -30.60 1.30 12.16
CA LEU B 227 -29.98 0.71 10.97
C LEU B 227 -28.77 -0.13 11.36
N GLN B 228 -27.93 0.36 12.26
CA GLN B 228 -26.74 -0.40 12.62
C GLN B 228 -27.12 -1.75 13.18
N GLU B 229 -28.08 -1.79 14.09
CA GLU B 229 -28.46 -3.07 14.66
C GLU B 229 -29.19 -3.94 13.64
N LEU B 230 -29.96 -3.32 12.74
CA LEU B 230 -30.70 -4.10 11.75
C LEU B 230 -29.78 -4.72 10.72
N SER B 231 -28.60 -4.13 10.51
CA SER B 231 -27.65 -4.73 9.60
C SER B 231 -27.09 -6.05 10.11
N LYS B 232 -27.48 -6.50 11.30
CA LYS B 232 -27.03 -7.78 11.83
C LYS B 232 -28.03 -8.90 11.59
N VAL B 233 -29.32 -8.64 11.80
CA VAL B 233 -30.32 -9.67 11.61
C VAL B 233 -30.47 -10.01 10.12
N GLU B 234 -30.35 -9.02 9.25
CA GLU B 234 -30.27 -9.25 7.82
C GLU B 234 -28.81 -9.21 7.42
N ASN B 235 -28.35 -10.26 6.77
CA ASN B 235 -26.93 -10.46 6.51
C ASN B 235 -26.71 -10.76 5.04
N GLU B 236 -27.41 -10.05 4.18
CA GLU B 236 -27.12 -10.06 2.75
C GLU B 236 -26.91 -8.66 2.21
N PHE B 237 -27.68 -7.69 2.69
CA PHE B 237 -27.51 -6.29 2.29
C PHE B 237 -26.72 -5.51 3.33
N LYS B 238 -25.75 -6.17 3.98
CA LYS B 238 -25.06 -5.54 5.10
C LYS B 238 -24.42 -4.22 4.70
N ALA B 239 -23.76 -4.20 3.54
CA ALA B 239 -22.99 -3.03 3.16
C ALA B 239 -23.87 -1.79 3.06
N GLU B 240 -25.05 -1.91 2.47
CA GLU B 240 -25.91 -0.75 2.33
C GLU B 240 -26.30 -0.19 3.68
N TYR B 241 -26.66 -1.05 4.62
CA TYR B 241 -27.10 -0.56 5.92
C TYR B 241 -25.95 0.09 6.67
N GLU B 242 -24.76 -0.49 6.59
CA GLU B 242 -23.62 0.16 7.22
C GLU B 242 -23.37 1.53 6.62
N GLU B 243 -23.42 1.63 5.29
CA GLU B 243 -23.17 2.91 4.65
C GLU B 243 -24.21 3.94 5.06
N LEU B 244 -25.47 3.53 5.15
CA LEU B 244 -26.51 4.45 5.57
C LEU B 244 -26.27 4.96 6.98
N SER B 245 -25.90 4.05 7.89
CA SER B 245 -25.60 4.51 9.24
C SER B 245 -24.47 5.53 9.22
N HIS B 246 -23.45 5.26 8.40
CA HIS B 246 -22.33 6.19 8.35
C HIS B 246 -22.76 7.56 7.84
N GLN B 247 -23.61 7.60 6.82
CA GLN B 247 -23.99 8.91 6.31
C GLN B 247 -24.85 9.64 7.33
N CYS B 248 -25.66 8.92 8.11
CA CYS B 248 -26.39 9.57 9.18
C CYS B 248 -25.42 10.19 10.19
N LYS B 249 -24.36 9.45 10.53
CA LYS B 249 -23.38 9.98 11.47
C LYS B 249 -22.79 11.29 10.95
N HIS B 250 -22.37 11.28 9.68
CA HIS B 250 -21.71 12.48 9.17
C HIS B 250 -22.69 13.64 9.03
N PHE B 251 -23.96 13.36 8.71
CA PHE B 251 -24.94 14.42 8.68
C PHE B 251 -25.09 15.05 10.05
N ALA B 252 -25.16 14.24 11.10
CA ALA B 252 -25.30 14.78 12.45
C ALA B 252 -24.10 15.66 12.78
N LYS B 253 -22.90 15.21 12.45
CA LYS B 253 -21.73 16.01 12.76
C LYS B 253 -21.77 17.35 12.05
N ASP B 254 -22.05 17.33 10.75
CA ASP B 254 -22.04 18.57 9.99
C ASP B 254 -23.16 19.50 10.43
N LEU B 255 -24.30 18.96 10.83
CA LEU B 255 -25.35 19.81 11.36
C LEU B 255 -24.91 20.47 12.65
N LEU B 256 -24.17 19.75 13.50
CA LEU B 256 -23.63 20.38 14.69
C LEU B 256 -22.67 21.50 14.32
N ASP B 257 -21.86 21.29 13.29
CA ASP B 257 -20.74 22.20 13.04
C ASP B 257 -21.19 23.63 12.81
N GLN B 258 -22.37 23.83 12.21
CA GLN B 258 -22.78 25.17 11.82
C GLN B 258 -23.22 26.01 13.01
N THR B 259 -22.29 26.35 13.91
CA THR B 259 -22.60 27.24 15.01
C THR B 259 -21.51 28.28 15.12
N ARG B 260 -21.88 29.48 15.55
CA ARG B 260 -20.95 30.59 15.64
C ARG B 260 -21.14 31.35 16.93
N SER B 261 -21.32 30.63 18.04
CA SER B 261 -21.47 31.26 19.34
C SER B 261 -21.31 30.24 20.46
N SER B 262 -20.45 30.54 21.44
CA SER B 262 -20.20 29.61 22.51
C SER B 262 -21.49 29.25 23.24
N ARG B 263 -22.26 30.27 23.65
CA ARG B 263 -23.49 30.01 24.38
C ARG B 263 -24.47 29.21 23.53
N GLU B 264 -24.47 29.42 22.22
CA GLU B 264 -25.25 28.58 21.33
C GLU B 264 -24.90 27.11 21.54
N LEU B 265 -23.60 26.82 21.50
CA LEU B 265 -23.14 25.44 21.64
C LEU B 265 -23.54 24.87 22.99
N GLU B 266 -23.34 25.64 24.05
CA GLU B 266 -23.64 25.10 25.37
C GLU B 266 -25.14 24.83 25.51
N LEU B 267 -25.97 25.70 24.94
CA LEU B 267 -27.39 25.43 24.97
C LEU B 267 -27.73 24.16 24.23
N ILE B 268 -27.09 23.94 23.07
CA ILE B 268 -27.39 22.74 22.31
C ILE B 268 -26.99 21.49 23.09
N LEU B 269 -25.80 21.50 23.69
CA LEU B 269 -25.34 20.31 24.39
C LEU B 269 -26.05 20.08 25.72
N ASN B 270 -26.65 21.12 26.30
CA ASN B 270 -27.29 20.92 27.59
C ASN B 270 -28.73 20.45 27.49
N PHE B 271 -29.41 20.74 26.38
CA PHE B 271 -30.85 20.52 26.33
C PHE B 271 -31.21 19.07 26.57
N ARG B 272 -32.27 18.86 27.34
CA ARG B 272 -32.70 17.53 27.72
C ARG B 272 -34.06 17.21 27.13
N ASN B 284 -27.85 16.34 34.87
CA ASN B 284 -28.05 17.72 35.31
C ASN B 284 -27.21 18.68 34.49
N GLU B 285 -26.18 18.15 33.83
CA GLU B 285 -25.38 18.94 32.90
C GLU B 285 -24.87 18.04 31.79
N LEU B 286 -24.86 18.57 30.57
CA LEU B 286 -24.39 17.84 29.40
C LEU B 286 -25.17 16.54 29.20
N ALA B 287 -26.48 16.60 29.39
CA ALA B 287 -27.29 15.41 29.22
C ALA B 287 -27.26 14.92 27.78
N ARG B 288 -27.36 15.83 26.82
CA ARG B 288 -27.35 15.40 25.42
C ARG B 288 -26.02 14.77 25.05
N LEU B 289 -24.93 15.29 25.58
CA LEU B 289 -23.64 14.67 25.25
C LEU B 289 -23.55 13.27 25.82
N LYS B 290 -24.09 13.07 27.03
CA LYS B 290 -24.16 11.71 27.56
C LYS B 290 -25.02 10.84 26.66
N LEU B 291 -26.09 11.39 26.10
CA LEU B 291 -26.92 10.63 25.17
C LEU B 291 -26.11 10.22 23.95
N ALA B 292 -25.32 11.15 23.41
CA ALA B 292 -24.49 10.83 22.26
C ALA B 292 -23.50 9.72 22.60
N ILE B 293 -22.88 9.81 23.78
CA ILE B 293 -21.96 8.77 24.22
C ILE B 293 -22.67 7.44 24.25
N LYS B 294 -23.92 7.43 24.73
CA LYS B 294 -24.67 6.19 24.81
C LYS B 294 -24.89 5.60 23.43
N TYR B 295 -25.16 6.44 22.44
CA TYR B 295 -25.50 5.99 21.11
C TYR B 295 -24.29 5.76 20.23
N ARG B 296 -23.09 5.67 20.81
CA ARG B 296 -21.86 5.33 20.11
C ARG B 296 -21.62 6.23 18.90
N GLN B 297 -22.07 7.48 19.01
CA GLN B 297 -21.98 8.46 17.92
C GLN B 297 -20.59 9.08 17.95
N LYS B 298 -19.66 8.51 17.19
CA LYS B 298 -18.27 8.88 17.35
C LYS B 298 -17.98 10.27 16.80
N GLU B 299 -18.19 10.47 15.50
CA GLU B 299 -17.75 11.70 14.85
C GLU B 299 -18.36 12.95 15.46
N PHE B 300 -19.52 12.84 16.11
CA PHE B 300 -20.15 14.00 16.71
C PHE B 300 -19.39 14.52 17.91
N VAL B 301 -18.54 13.68 18.52
CA VAL B 301 -17.89 14.04 19.78
C VAL B 301 -16.48 14.51 19.53
N ALA B 302 -15.87 14.07 18.43
CA ALA B 302 -14.55 14.57 18.06
C ALA B 302 -14.65 15.82 17.22
N GLN B 303 -15.39 16.78 17.71
CA GLN B 303 -15.56 18.08 17.08
C GLN B 303 -14.75 19.12 17.82
N PRO B 304 -13.92 19.89 17.11
CA PRO B 304 -12.98 20.78 17.81
C PRO B 304 -13.64 21.72 18.80
N ASN B 305 -14.81 22.26 18.46
CA ASN B 305 -15.47 23.19 19.37
C ASN B 305 -15.91 22.47 20.64
N CYS B 306 -16.54 21.31 20.49
CA CYS B 306 -16.93 20.54 21.65
C CYS B 306 -15.72 20.15 22.48
N GLN B 307 -14.62 19.84 21.82
CA GLN B 307 -13.42 19.47 22.55
C GLN B 307 -12.88 20.66 23.35
N GLN B 308 -12.90 21.85 22.78
CA GLN B 308 -12.47 23.02 23.54
C GLN B 308 -13.37 23.23 24.75
N LEU B 309 -14.67 23.06 24.57
CA LEU B 309 -15.58 23.22 25.71
C LEU B 309 -15.23 22.23 26.81
N LEU B 310 -15.03 20.96 26.44
CA LEU B 310 -14.70 19.95 27.44
C LEU B 310 -13.38 20.26 28.12
N ALA B 311 -12.38 20.67 27.35
CA ALA B 311 -11.08 20.99 27.94
C ALA B 311 -11.19 22.15 28.92
N SER B 312 -11.95 23.18 28.55
CA SER B 312 -12.10 24.32 29.43
C SER B 312 -12.79 23.93 30.72
N ARG B 313 -13.81 23.09 30.63
CA ARG B 313 -14.46 22.65 31.87
C ARG B 313 -13.62 21.64 32.63
N TRP B 314 -12.64 21.02 31.97
CA TRP B 314 -11.77 20.06 32.62
C TRP B 314 -10.65 20.72 33.40
N TYR B 315 -9.75 21.42 32.70
CA TYR B 315 -8.59 21.98 33.40
C TYR B 315 -9.00 22.91 34.53
N ASP B 316 -9.95 23.80 34.27
CA ASP B 316 -10.41 24.74 35.28
C ASP B 316 -9.24 25.50 35.89
N GLU B 317 -8.23 25.78 35.05
CA GLU B 317 -6.97 26.40 35.47
C GLU B 317 -6.34 25.65 36.65
N ARG B 324 2.11 26.62 30.14
CA ARG B 324 3.32 26.21 30.85
C ARG B 324 4.13 25.27 29.97
N HIS B 325 4.91 24.38 30.58
CA HIS B 325 5.72 23.44 29.83
C HIS B 325 5.91 22.17 30.65
N TRP B 326 6.59 21.19 30.05
CA TRP B 326 6.61 19.85 30.61
C TRP B 326 7.34 19.77 31.94
N ALA B 327 8.38 20.58 32.15
CA ALA B 327 9.02 20.56 33.45
C ALA B 327 8.09 21.09 34.53
N GLY B 328 7.43 22.21 34.27
CA GLY B 328 6.47 22.76 35.23
C GLY B 328 5.31 21.82 35.47
N LYS B 329 4.78 21.24 34.39
CA LYS B 329 3.69 20.28 34.54
C LYS B 329 4.16 19.07 35.32
N LEU B 330 5.39 18.62 35.09
CA LEU B 330 5.91 17.48 35.82
C LEU B 330 6.00 17.75 37.31
N ILE B 331 6.61 18.87 37.68
CA ILE B 331 6.77 19.17 39.11
C ILE B 331 5.40 19.38 39.76
N THR B 332 4.51 20.11 39.09
CA THR B 332 3.19 20.35 39.66
C THR B 332 2.43 19.04 39.80
N CYS B 333 2.52 18.16 38.81
CA CYS B 333 1.85 16.87 38.87
C CYS B 333 2.37 16.04 40.02
N VAL B 334 3.68 15.87 40.11
CA VAL B 334 4.23 15.01 41.15
C VAL B 334 3.97 15.60 42.52
N PHE B 335 3.81 16.91 42.62
CA PHE B 335 3.62 17.53 43.92
C PHE B 335 2.36 17.03 44.60
N ILE B 336 1.27 16.86 43.84
CA ILE B 336 -0.01 16.58 44.47
C ILE B 336 -0.03 15.19 45.10
N GLY B 337 0.70 14.24 44.51
CA GLY B 337 0.69 12.90 45.07
C GLY B 337 1.31 12.85 46.45
N LEU B 338 2.37 13.62 46.66
CA LEU B 338 3.02 13.64 47.97
C LEU B 338 2.16 14.29 49.04
N MET B 339 0.94 14.71 48.72
CA MET B 339 0.07 15.32 49.72
C MET B 339 -1.39 14.91 49.61
N PHE B 340 -1.75 14.00 48.70
CA PHE B 340 -3.17 13.69 48.53
C PHE B 340 -3.90 13.26 49.81
N PRO B 341 -3.32 12.48 50.73
CA PRO B 341 -4.17 11.98 51.85
C PRO B 341 -4.76 13.09 52.69
N LEU B 342 -3.95 14.05 53.13
CA LEU B 342 -4.47 15.14 53.94
C LEU B 342 -5.47 15.98 53.16
N LEU B 343 -5.29 16.11 51.85
CA LEU B 343 -6.24 16.84 51.03
C LEU B 343 -7.60 16.14 51.03
N SER B 344 -7.61 14.84 50.79
CA SER B 344 -8.85 14.08 50.86
C SER B 344 -9.46 14.18 52.25
N LEU B 345 -8.61 14.20 53.28
CA LEU B 345 -9.12 14.39 54.63
C LEU B 345 -9.81 15.73 54.77
N CYS B 346 -9.19 16.78 54.23
CA CYS B 346 -9.79 18.11 54.32
C CYS B 346 -11.15 18.14 53.66
N TYR B 347 -11.30 17.46 52.53
CA TYR B 347 -12.63 17.39 51.93
C TYR B 347 -13.59 16.64 52.84
N LEU B 348 -13.18 15.46 53.31
CA LEU B 348 -14.14 14.57 53.96
C LEU B 348 -14.55 15.05 55.33
N VAL B 349 -13.76 15.92 55.97
CA VAL B 349 -14.09 16.41 57.30
C VAL B 349 -14.61 17.83 57.27
N ALA B 350 -14.10 18.67 56.38
CA ALA B 350 -14.47 20.08 56.29
C ALA B 350 -14.78 20.45 54.85
N PRO B 351 -15.92 19.99 54.32
CA PRO B 351 -16.26 20.30 52.92
C PRO B 351 -16.59 21.76 52.73
N LYS B 352 -15.62 22.64 52.96
CA LYS B 352 -15.78 24.07 52.84
C LYS B 352 -14.83 24.58 51.76
N SER B 353 -14.92 25.87 51.46
CA SER B 353 -14.16 26.45 50.35
C SER B 353 -12.76 26.88 50.78
N ARG B 354 -12.04 25.98 51.45
CA ARG B 354 -10.63 26.19 51.74
C ARG B 354 -9.78 25.13 51.07
N TYR B 355 -10.06 23.86 51.34
CA TYR B 355 -9.52 22.76 50.57
C TYR B 355 -10.59 21.88 49.95
N GLY B 356 -11.85 21.99 50.39
CA GLY B 356 -12.88 21.10 49.90
C GLY B 356 -13.11 21.23 48.42
N LEU B 357 -13.07 22.45 47.89
CA LEU B 357 -13.29 22.63 46.46
C LEU B 357 -12.08 22.16 45.65
N PHE B 358 -10.89 22.21 46.23
CA PHE B 358 -9.69 21.93 45.45
C PHE B 358 -9.70 20.51 44.89
N ILE B 359 -10.12 19.54 45.72
CA ILE B 359 -10.27 18.18 45.21
C ILE B 359 -11.41 18.10 44.22
N ARG B 360 -12.49 18.85 44.46
CA ARG B 360 -13.68 18.74 43.63
C ARG B 360 -13.41 19.09 42.18
N LYS B 361 -12.34 19.83 41.91
CA LYS B 361 -11.95 20.09 40.54
C LYS B 361 -11.51 18.79 39.88
N PRO B 362 -11.97 18.50 38.67
CA PRO B 362 -11.78 17.13 38.15
C PRO B 362 -10.33 16.73 38.01
N PHE B 363 -9.52 17.54 37.30
CA PHE B 363 -8.13 17.17 37.05
C PHE B 363 -7.42 16.79 38.34
N ILE B 364 -7.68 17.53 39.41
CA ILE B 364 -7.10 17.18 40.70
C ILE B 364 -7.62 15.84 41.18
N LYS B 365 -8.91 15.56 40.97
CA LYS B 365 -9.44 14.27 41.38
C LYS B 365 -8.73 13.15 40.66
N PHE B 366 -8.50 13.32 39.37
CA PHE B 366 -7.80 12.31 38.59
C PHE B 366 -6.39 12.12 39.09
N ILE B 367 -5.70 13.22 39.40
CA ILE B 367 -4.34 13.09 39.92
C ILE B 367 -4.34 12.35 41.24
N CYS B 368 -5.30 12.66 42.11
CA CYS B 368 -5.36 11.98 43.40
C CYS B 368 -5.60 10.48 43.21
N HIS B 369 -6.50 10.10 42.31
CA HIS B 369 -6.78 8.68 42.12
C HIS B 369 -5.58 7.96 41.53
N THR B 370 -4.88 8.61 40.60
CA THR B 370 -3.65 8.01 40.07
C THR B 370 -2.64 7.79 41.18
N ALA B 371 -2.46 8.77 42.05
CA ALA B 371 -1.51 8.62 43.13
C ALA B 371 -1.90 7.47 44.04
N SER B 372 -3.19 7.34 44.34
CA SER B 372 -3.65 6.22 45.15
C SER B 372 -3.32 4.89 44.50
N TYR B 373 -3.54 4.79 43.19
CA TYR B 373 -3.27 3.53 42.52
C TYR B 373 -1.79 3.19 42.54
N LEU B 374 -0.93 4.20 42.30
CA LEU B 374 0.50 3.96 42.40
C LEU B 374 0.89 3.49 43.79
N THR B 375 0.27 4.06 44.83
CA THR B 375 0.54 3.58 46.19
C THR B 375 0.14 2.13 46.33
N PHE B 376 -1.00 1.75 45.75
CA PHE B 376 -1.43 0.36 45.80
C PHE B 376 -0.39 -0.56 45.20
N LEU B 377 0.07 -0.23 43.99
CA LEU B 377 1.09 -1.07 43.37
C LEU B 377 2.37 -1.10 44.18
N PHE B 378 2.76 0.02 44.78
CA PHE B 378 3.98 -0.01 45.57
C PHE B 378 3.86 -0.96 46.74
N LEU B 379 2.75 -0.89 47.47
CA LEU B 379 2.58 -1.81 48.60
C LEU B 379 2.52 -3.25 48.12
N LEU B 380 1.81 -3.49 47.04
CA LEU B 380 1.73 -4.83 46.46
C LEU B 380 3.11 -5.36 46.14
N LEU B 381 3.93 -4.55 45.48
CA LEU B 381 5.28 -4.98 45.14
C LEU B 381 6.13 -5.17 46.38
N LEU B 382 5.88 -4.39 47.42
CA LEU B 382 6.62 -4.55 48.66
C LEU B 382 6.16 -5.77 49.45
N ALA B 383 5.05 -6.38 49.07
CA ALA B 383 4.54 -7.53 49.81
C ALA B 383 5.57 -8.65 49.88
N SER B 384 6.36 -8.86 48.83
CA SER B 384 7.37 -9.91 48.81
C SER B 384 8.74 -9.35 49.18
N GLN B 385 8.93 -9.13 50.46
CA GLN B 385 10.25 -8.84 50.99
C GLN B 385 10.47 -9.68 52.23
N HIS B 386 11.65 -10.29 52.33
CA HIS B 386 11.95 -11.16 53.45
C HIS B 386 12.07 -10.40 54.76
N ILE B 387 12.12 -9.07 54.71
CA ILE B 387 12.03 -8.27 55.92
C ILE B 387 10.63 -8.31 56.53
N VAL B 388 9.62 -8.62 55.72
CA VAL B 388 8.23 -8.60 56.19
C VAL B 388 7.58 -9.95 55.94
N SER B 389 8.40 -10.98 55.79
CA SER B 389 7.97 -12.34 55.48
C SER B 389 8.56 -13.31 56.50
N ASN B 390 8.34 -13.01 57.79
CA ASN B 390 9.08 -13.57 58.90
C ASN B 390 9.48 -15.04 58.71
N ASN B 391 8.53 -15.90 58.34
CA ASN B 391 8.91 -17.29 58.20
C ASN B 391 7.96 -18.02 57.26
N PRO B 392 8.46 -18.86 56.36
CA PRO B 392 7.56 -19.65 55.51
C PRO B 392 6.92 -20.80 56.26
N ASP B 393 7.70 -21.51 57.07
CA ASP B 393 7.24 -22.75 57.67
C ASP B 393 6.22 -22.43 58.76
N ARG B 394 4.98 -22.24 58.32
CA ARG B 394 3.84 -22.07 59.22
C ARG B 394 2.54 -22.29 58.46
N GLN B 395 1.70 -23.20 58.91
CA GLN B 395 0.40 -23.39 58.27
C GLN B 395 -0.50 -22.22 58.59
N GLY B 396 -0.75 -21.38 57.58
CA GLY B 396 -1.72 -20.32 57.67
C GLY B 396 -1.49 -19.36 58.83
N PRO B 397 -0.36 -18.66 58.82
CA PRO B 397 -0.11 -17.68 59.88
C PRO B 397 -1.01 -16.48 59.73
N LYS B 398 -1.09 -15.70 60.79
CA LYS B 398 -1.92 -14.51 60.78
C LYS B 398 -1.36 -13.51 59.77
N PRO B 399 -2.23 -12.72 59.14
CA PRO B 399 -1.77 -11.82 58.07
C PRO B 399 -0.68 -10.89 58.55
N THR B 400 0.31 -10.66 57.69
CA THR B 400 1.42 -9.77 58.02
C THR B 400 0.97 -8.31 57.92
N THR B 401 1.88 -7.41 58.27
CA THR B 401 1.55 -5.98 58.27
C THR B 401 1.15 -5.50 56.89
N VAL B 402 1.98 -5.83 55.89
CA VAL B 402 1.63 -5.44 54.53
C VAL B 402 0.31 -6.10 54.13
N GLU B 403 0.10 -7.33 54.55
CA GLU B 403 -1.18 -8.00 54.31
C GLU B 403 -2.34 -7.25 54.94
N TRP B 404 -2.09 -6.46 55.99
CA TRP B 404 -3.14 -5.61 56.53
C TRP B 404 -3.34 -4.37 55.68
N MET B 405 -2.24 -3.69 55.32
CA MET B 405 -2.40 -2.44 54.59
C MET B 405 -3.06 -2.65 53.23
N ILE B 406 -2.98 -3.84 52.64
CA ILE B 406 -3.61 -4.06 51.35
C ILE B 406 -5.12 -4.02 51.47
N LEU B 407 -5.66 -4.61 52.54
CA LEU B 407 -7.10 -4.88 52.62
C LEU B 407 -8.00 -3.69 52.33
N PRO B 408 -7.73 -2.47 52.85
CA PRO B 408 -8.63 -1.35 52.53
C PRO B 408 -8.76 -1.09 51.05
N TRP B 409 -7.68 -1.21 50.29
CA TRP B 409 -7.78 -0.97 48.86
C TRP B 409 -8.67 -2.00 48.20
N VAL B 410 -8.58 -3.25 48.64
CA VAL B 410 -9.46 -4.28 48.09
C VAL B 410 -10.91 -3.94 48.39
N LEU B 411 -11.19 -3.53 49.63
CA LEU B 411 -12.56 -3.19 49.97
C LEU B 411 -13.08 -2.02 49.14
N GLY B 412 -12.27 -0.98 49.00
CA GLY B 412 -12.70 0.17 48.23
C GLY B 412 -12.97 -0.17 46.78
N PHE B 413 -12.08 -0.97 46.18
CA PHE B 413 -12.27 -1.36 44.80
C PHE B 413 -13.55 -2.17 44.65
N ILE B 414 -13.79 -3.09 45.59
CA ILE B 414 -15.00 -3.89 45.54
C ILE B 414 -16.23 -3.00 45.59
N TRP B 415 -16.21 -2.01 46.49
CA TRP B 415 -17.38 -1.14 46.61
C TRP B 415 -17.60 -0.33 45.34
N THR B 416 -16.52 0.18 44.75
CA THR B 416 -16.68 0.94 43.52
C THR B 416 -17.27 0.08 42.42
N GLU B 417 -16.79 -1.15 42.29
CA GLU B 417 -17.35 -2.02 41.25
C GLU B 417 -18.80 -2.36 41.53
N ILE B 418 -19.16 -2.49 42.81
CA ILE B 418 -20.56 -2.72 43.17
C ILE B 418 -21.41 -1.55 42.75
N LYS B 419 -20.95 -0.33 43.00
CA LYS B 419 -21.69 0.85 42.58
C LYS B 419 -21.86 0.87 41.06
N GLN B 420 -20.78 0.60 40.34
CA GLN B 420 -20.84 0.65 38.88
C GLN B 420 -21.79 -0.40 38.33
N MET B 421 -21.72 -1.62 38.84
CA MET B 421 -22.62 -2.67 38.36
C MET B 421 -24.05 -2.42 38.81
N TRP B 422 -24.25 -1.74 39.94
CA TRP B 422 -25.59 -1.31 40.32
C TRP B 422 -26.15 -0.33 39.30
N ASP B 423 -25.32 0.60 38.83
CA ASP B 423 -25.75 1.50 37.79
C ASP B 423 -26.06 0.75 36.49
N GLY B 424 -25.18 -0.18 36.11
CA GLY B 424 -25.34 -0.86 34.84
C GLY B 424 -26.17 -2.12 34.88
N GLY B 425 -25.81 -3.05 35.78
CA GLY B 425 -26.55 -4.29 35.90
C GLY B 425 -26.29 -5.26 34.77
N PHE B 426 -25.00 -5.54 34.50
CA PHE B 426 -24.58 -6.53 33.52
C PHE B 426 -24.90 -6.07 32.10
N GLN B 427 -25.64 -4.97 31.99
CA GLN B 427 -25.99 -4.39 30.71
C GLN B 427 -25.22 -3.09 30.54
N ASP B 428 -24.49 -2.97 29.44
CA ASP B 428 -23.58 -1.87 29.14
C ASP B 428 -22.37 -1.90 30.06
N TYR B 429 -22.36 -2.77 31.08
CA TYR B 429 -21.23 -2.88 31.99
C TYR B 429 -20.24 -3.94 31.54
N ILE B 430 -20.73 -5.12 31.19
CA ILE B 430 -19.84 -6.21 30.82
C ILE B 430 -19.11 -5.91 29.53
N HIS B 431 -19.70 -5.10 28.65
CA HIS B 431 -19.17 -4.95 27.31
C HIS B 431 -17.73 -4.47 27.32
N ASP B 432 -17.44 -3.44 28.11
CA ASP B 432 -16.06 -2.96 28.23
C ASP B 432 -15.18 -4.05 28.83
N TRP B 433 -14.22 -4.55 28.04
CA TRP B 433 -13.41 -5.66 28.49
C TRP B 433 -12.68 -5.37 29.79
N TRP B 434 -12.39 -4.09 30.05
CA TRP B 434 -11.73 -3.74 31.30
C TRP B 434 -12.60 -4.10 32.49
N ASN B 435 -13.91 -3.89 32.39
CA ASN B 435 -14.79 -4.25 33.49
C ASN B 435 -14.80 -5.76 33.72
N LEU B 436 -14.79 -6.54 32.64
CA LEU B 436 -14.70 -7.99 32.78
C LEU B 436 -13.41 -8.37 33.51
N MET B 437 -12.30 -7.73 33.13
CA MET B 437 -11.04 -7.99 33.82
C MET B 437 -11.14 -7.63 35.29
N ASP B 438 -11.79 -6.51 35.61
CA ASP B 438 -11.96 -6.12 37.01
C ASP B 438 -12.76 -7.17 37.78
N PHE B 439 -13.81 -7.71 37.17
CA PHE B 439 -14.61 -8.71 37.86
C PHE B 439 -13.79 -9.95 38.16
N VAL B 440 -13.13 -10.50 37.14
CA VAL B 440 -12.35 -11.72 37.36
C VAL B 440 -11.16 -11.46 38.29
N MET B 441 -10.68 -10.23 38.33
CA MET B 441 -9.54 -9.86 39.16
C MET B 441 -9.93 -9.60 40.60
N ASN B 442 -11.17 -9.17 40.84
CA ASN B 442 -11.66 -9.05 42.21
C ASN B 442 -11.98 -10.41 42.80
N SER B 443 -12.58 -11.29 41.99
CA SER B 443 -12.98 -12.59 42.51
C SER B 443 -11.80 -13.32 43.13
N LEU B 444 -10.62 -13.18 42.51
CA LEU B 444 -9.44 -13.86 43.02
C LEU B 444 -9.09 -13.36 44.42
N TYR B 445 -9.13 -12.05 44.63
CA TYR B 445 -8.80 -11.52 45.94
C TYR B 445 -9.79 -12.02 46.99
N LEU B 446 -11.07 -12.04 46.64
CA LEU B 446 -12.07 -12.55 47.57
C LEU B 446 -11.77 -13.99 47.95
N ALA B 447 -11.50 -14.82 46.94
CA ALA B 447 -11.21 -16.22 47.20
C ALA B 447 -9.95 -16.36 48.06
N THR B 448 -8.97 -15.49 47.83
CA THR B 448 -7.76 -15.53 48.64
C THR B 448 -8.06 -15.26 50.10
N ILE B 449 -8.86 -14.22 50.37
CA ILE B 449 -9.20 -13.91 51.76
C ILE B 449 -9.91 -15.08 52.41
N SER B 450 -10.92 -15.62 51.73
CA SER B 450 -11.71 -16.70 52.32
C SER B 450 -10.84 -17.92 52.60
N LEU B 451 -10.04 -18.32 51.61
CA LEU B 451 -9.25 -19.53 51.77
C LEU B 451 -8.16 -19.35 52.81
N LYS B 452 -7.58 -18.15 52.90
CA LYS B 452 -6.59 -17.90 53.93
C LYS B 452 -7.21 -18.01 55.31
N ILE B 453 -8.45 -17.55 55.46
CA ILE B 453 -9.15 -17.73 56.74
C ILE B 453 -9.34 -19.22 57.03
N VAL B 454 -9.74 -19.98 56.02
CA VAL B 454 -9.91 -21.42 56.20
C VAL B 454 -8.63 -22.04 56.73
N ALA B 455 -7.51 -21.74 56.09
CA ALA B 455 -6.24 -22.28 56.53
C ALA B 455 -5.89 -21.80 57.92
N TYR B 456 -6.23 -20.55 58.24
CA TYR B 456 -5.99 -20.03 59.59
C TYR B 456 -6.67 -20.89 60.63
N VAL B 457 -7.91 -21.29 60.37
CA VAL B 457 -8.69 -21.96 61.40
C VAL B 457 -8.48 -23.48 61.42
N LYS B 458 -8.11 -24.10 60.29
CA LYS B 458 -7.89 -25.55 60.30
C LYS B 458 -6.51 -25.90 60.85
N TYR B 459 -5.46 -25.40 60.20
CA TYR B 459 -4.11 -25.86 60.44
C TYR B 459 -3.29 -24.75 61.07
N SER B 460 -2.44 -25.11 62.02
CA SER B 460 -1.45 -24.16 62.53
C SER B 460 -0.33 -24.94 63.21
N GLY B 461 0.84 -24.93 62.59
CA GLY B 461 2.01 -25.57 63.18
C GLY B 461 3.27 -25.06 62.51
N CYS B 462 4.39 -25.35 63.16
CA CYS B 462 5.69 -24.97 62.61
C CYS B 462 6.35 -26.18 61.92
N LYS B 463 5.69 -26.63 60.87
CA LYS B 463 6.14 -27.74 60.05
C LYS B 463 6.92 -27.24 58.84
N PRO B 464 7.98 -27.94 58.43
CA PRO B 464 8.82 -27.42 57.34
C PRO B 464 8.04 -27.25 56.05
N ARG B 465 8.45 -26.25 55.28
CA ARG B 465 7.81 -25.97 54.00
C ARG B 465 7.93 -27.15 53.06
N ASP B 466 9.06 -27.85 53.09
CA ASP B 466 9.30 -28.90 52.12
C ASP B 466 8.30 -30.04 52.26
N THR B 467 7.99 -30.43 53.49
CA THR B 467 7.14 -31.60 53.72
C THR B 467 5.67 -31.23 53.87
N TRP B 468 5.13 -30.52 52.89
CA TRP B 468 3.71 -30.23 52.84
C TRP B 468 3.10 -30.94 51.65
N GLU B 469 1.91 -31.49 51.85
CA GLU B 469 1.23 -32.18 50.77
C GLU B 469 0.63 -31.19 49.79
N MET B 470 0.47 -31.62 48.55
CA MET B 470 -0.14 -30.79 47.53
C MET B 470 -1.53 -30.36 47.98
N TRP B 471 -2.05 -29.30 47.38
CA TRP B 471 -3.34 -28.74 47.74
C TRP B 471 -3.41 -28.29 49.19
N HIS B 472 -2.26 -28.06 49.83
CA HIS B 472 -2.28 -27.38 51.11
C HIS B 472 -2.85 -25.98 50.90
N PRO B 473 -3.83 -25.56 51.70
CA PRO B 473 -4.52 -24.30 51.41
C PRO B 473 -3.59 -23.12 51.25
N THR B 474 -2.54 -23.02 52.06
CA THR B 474 -1.64 -21.88 51.94
C THR B 474 -1.02 -21.82 50.55
N LEU B 475 -0.70 -22.96 49.96
CA LEU B 475 -0.06 -22.95 48.65
C LEU B 475 -0.97 -22.37 47.59
N VAL B 476 -2.20 -22.87 47.50
CA VAL B 476 -3.12 -22.33 46.50
C VAL B 476 -3.43 -20.88 46.81
N ALA B 477 -3.43 -20.52 48.09
CA ALA B 477 -3.63 -19.12 48.45
C ALA B 477 -2.54 -18.26 47.84
N GLU B 478 -1.28 -18.67 47.99
CA GLU B 478 -0.19 -17.90 47.42
C GLU B 478 -0.31 -17.82 45.91
N ALA B 479 -0.62 -18.94 45.26
CA ALA B 479 -0.70 -18.93 43.79
C ALA B 479 -1.79 -17.99 43.31
N VAL B 480 -2.97 -18.08 43.91
CA VAL B 480 -4.08 -17.22 43.49
C VAL B 480 -3.73 -15.77 43.77
N PHE B 481 -3.13 -15.48 44.92
CA PHE B 481 -2.74 -14.12 45.20
C PHE B 481 -1.78 -13.60 44.14
N ALA B 482 -0.84 -14.43 43.70
CA ALA B 482 0.12 -13.97 42.70
C ALA B 482 -0.57 -13.65 41.38
N ILE B 483 -1.46 -14.52 40.93
CA ILE B 483 -2.16 -14.25 39.67
C ILE B 483 -2.95 -12.95 39.81
N ALA B 484 -3.58 -12.75 40.96
CA ALA B 484 -4.29 -11.51 41.20
C ALA B 484 -3.35 -10.32 41.13
N ASN B 485 -2.12 -10.49 41.61
CA ASN B 485 -1.15 -9.41 41.51
C ASN B 485 -0.87 -9.07 40.06
N ILE B 486 -0.74 -10.09 39.22
CA ILE B 486 -0.47 -9.83 37.81
C ILE B 486 -1.59 -9.04 37.18
N PHE B 487 -2.83 -9.49 37.35
CA PHE B 487 -3.93 -8.72 36.77
C PHE B 487 -4.02 -7.33 37.36
N SER B 488 -3.82 -7.19 38.66
CA SER B 488 -3.90 -5.86 39.26
C SER B 488 -2.88 -4.92 38.64
N SER B 489 -1.66 -5.40 38.49
CA SER B 489 -0.62 -4.54 37.92
C SER B 489 -0.83 -4.29 36.45
N LEU B 490 -1.55 -5.17 35.75
CA LEU B 490 -1.61 -5.04 34.31
C LEU B 490 -2.55 -3.94 33.85
N ARG B 491 -3.30 -3.32 34.74
CA ARG B 491 -4.32 -2.36 34.34
C ARG B 491 -3.79 -0.94 34.24
N LEU B 492 -2.46 -0.76 34.25
CA LEU B 492 -1.92 0.57 34.05
C LEU B 492 -2.11 1.04 32.63
N ILE B 493 -2.09 0.13 31.66
CA ILE B 493 -2.18 0.53 30.25
C ILE B 493 -3.40 1.40 30.03
N SER B 494 -4.50 1.10 30.73
CA SER B 494 -5.70 1.90 30.59
C SER B 494 -5.50 3.33 31.05
N LEU B 495 -4.45 3.61 31.80
CA LEU B 495 -4.21 4.98 32.22
C LEU B 495 -3.69 5.84 31.08
N PHE B 496 -3.12 5.23 30.05
CA PHE B 496 -2.40 6.00 29.04
C PHE B 496 -3.29 6.53 27.93
N THR B 497 -4.60 6.27 27.97
CA THR B 497 -5.46 6.94 27.03
C THR B 497 -5.52 8.44 27.28
N ALA B 498 -5.16 8.88 28.48
CA ALA B 498 -5.15 10.29 28.79
C ALA B 498 -3.91 11.01 28.28
N ASN B 499 -2.90 10.28 27.83
CA ASN B 499 -1.77 10.94 27.21
C ASN B 499 -2.07 11.23 25.75
N SER B 500 -1.23 12.06 25.14
CA SER B 500 -1.42 12.42 23.74
C SER B 500 -0.48 11.68 22.79
N HIS B 501 0.70 11.29 23.25
CA HIS B 501 1.62 10.57 22.37
C HIS B 501 1.34 9.08 22.35
N LEU B 502 0.81 8.52 23.42
CA LEU B 502 0.60 7.09 23.53
C LEU B 502 -0.83 6.67 23.25
N GLY B 503 -1.80 7.53 23.54
CA GLY B 503 -3.19 7.22 23.35
C GLY B 503 -3.51 6.50 22.06
N PRO B 504 -3.30 7.17 20.92
CA PRO B 504 -3.68 6.56 19.65
C PRO B 504 -3.03 5.22 19.45
N LEU B 505 -1.76 5.11 19.82
CA LEU B 505 -1.06 3.85 19.68
C LEU B 505 -1.70 2.77 20.54
N GLN B 506 -2.04 3.11 21.78
CA GLN B 506 -2.67 2.13 22.65
C GLN B 506 -3.97 1.64 22.05
N ILE B 507 -4.78 2.56 21.51
CA ILE B 507 -6.05 2.14 20.93
C ILE B 507 -5.81 1.23 19.72
N SER B 508 -4.86 1.60 18.87
CA SER B 508 -4.62 0.81 17.67
C SER B 508 -4.18 -0.60 18.02
N LEU B 509 -3.32 -0.76 19.02
CA LEU B 509 -3.07 -2.08 19.56
C LEU B 509 -4.35 -2.72 20.09
N GLY B 510 -5.24 -1.92 20.67
CA GLY B 510 -6.48 -2.48 21.15
C GLY B 510 -7.33 -3.08 20.05
N ARG B 511 -7.30 -2.48 18.86
CA ARG B 511 -8.21 -2.91 17.81
C ARG B 511 -7.80 -4.24 17.20
N MET B 512 -6.51 -4.57 17.19
CA MET B 512 -6.05 -5.80 16.57
C MET B 512 -6.15 -7.00 17.49
N LEU B 513 -7.31 -7.27 18.05
CA LEU B 513 -7.45 -8.51 18.78
C LEU B 513 -8.45 -9.47 18.17
N LEU B 514 -9.47 -8.97 17.49
CA LEU B 514 -10.23 -9.90 16.67
C LEU B 514 -9.46 -10.33 15.45
N ASP B 515 -8.32 -9.72 15.16
CA ASP B 515 -7.47 -10.14 14.06
C ASP B 515 -6.41 -11.13 14.49
N ILE B 516 -6.41 -11.52 15.76
CA ILE B 516 -5.47 -12.50 16.30
C ILE B 516 -6.19 -13.65 16.96
N LEU B 517 -7.29 -13.37 17.63
CA LEU B 517 -8.08 -14.43 18.24
C LEU B 517 -8.71 -15.32 17.18
N LYS B 518 -9.04 -14.77 16.03
CA LYS B 518 -9.54 -15.60 14.93
C LYS B 518 -8.44 -16.44 14.32
N PHE B 519 -7.25 -16.40 14.89
CA PHE B 519 -6.10 -17.10 14.36
C PHE B 519 -5.52 -18.11 15.34
N LEU B 520 -5.44 -17.72 16.61
CA LEU B 520 -5.01 -18.67 17.62
C LEU B 520 -5.91 -19.88 17.64
N PHE B 521 -7.16 -19.72 17.22
CA PHE B 521 -8.06 -20.87 17.15
C PHE B 521 -7.56 -21.89 16.14
N ILE B 522 -7.27 -21.43 14.92
CA ILE B 522 -6.76 -22.34 13.91
C ILE B 522 -5.47 -22.99 14.37
N TYR B 523 -4.59 -22.20 14.97
CA TYR B 523 -3.34 -22.79 15.41
C TYR B 523 -3.57 -23.85 16.48
N CYS B 524 -4.49 -23.60 17.41
CA CYS B 524 -4.79 -24.58 18.44
C CYS B 524 -5.33 -25.86 17.82
N LEU B 525 -6.14 -25.73 16.77
CA LEU B 525 -6.65 -26.92 16.11
C LEU B 525 -5.51 -27.75 15.52
N VAL B 526 -4.59 -27.09 14.83
CA VAL B 526 -3.44 -27.81 14.27
C VAL B 526 -2.66 -28.50 15.36
N LEU B 527 -2.44 -27.79 16.47
CA LEU B 527 -1.67 -28.35 17.57
C LEU B 527 -2.34 -29.60 18.11
N LEU B 528 -3.65 -29.56 18.26
CA LEU B 528 -4.38 -30.73 18.74
C LEU B 528 -4.19 -31.90 17.81
N ALA B 529 -4.31 -31.67 16.51
CA ALA B 529 -4.17 -32.77 15.56
C ALA B 529 -2.80 -33.41 15.67
N PHE B 530 -1.75 -32.59 15.71
CA PHE B 530 -0.42 -33.18 15.73
C PHE B 530 -0.12 -33.88 17.05
N ALA B 531 -0.61 -33.35 18.17
CA ALA B 531 -0.39 -34.03 19.44
C ALA B 531 -1.08 -35.39 19.44
N ASN B 532 -2.33 -35.41 18.98
CA ASN B 532 -3.05 -36.66 18.88
C ASN B 532 -2.31 -37.64 17.99
N GLY B 533 -1.60 -37.14 16.99
CA GLY B 533 -0.78 -38.03 16.21
C GLY B 533 0.40 -38.60 16.99
N LEU B 534 1.26 -37.72 17.48
CA LEU B 534 2.51 -38.18 18.08
C LEU B 534 2.31 -39.01 19.33
N ASN B 535 1.15 -38.92 19.97
CA ASN B 535 0.98 -39.77 21.15
C ASN B 535 0.89 -41.24 20.77
N GLN B 536 0.24 -41.55 19.63
CA GLN B 536 0.05 -42.94 19.24
C GLN B 536 1.38 -43.63 19.06
N LEU B 537 2.32 -42.97 18.40
CA LEU B 537 3.57 -43.62 18.04
C LEU B 537 4.35 -44.02 19.27
N TYR B 538 4.30 -43.21 20.32
CA TYR B 538 5.25 -43.37 21.41
C TYR B 538 4.68 -44.03 22.64
N PHE B 539 3.38 -43.93 22.92
CA PHE B 539 2.94 -44.20 24.29
C PHE B 539 3.28 -45.60 24.78
N TYR B 540 3.79 -46.48 23.92
CA TYR B 540 4.26 -47.78 24.40
C TYR B 540 5.60 -47.71 25.09
N TYR B 541 6.31 -46.60 24.97
CA TYR B 541 7.66 -46.50 25.50
C TYR B 541 7.73 -45.72 26.80
N GLU B 542 6.64 -45.66 27.56
CA GLU B 542 6.65 -44.93 28.82
C GLU B 542 7.70 -45.55 29.74
N ASN B 543 8.80 -44.84 29.97
CA ASN B 543 9.94 -45.46 30.62
C ASN B 543 9.79 -45.45 32.13
N SER B 544 9.88 -44.27 32.73
CA SER B 544 9.69 -44.05 34.17
C SER B 544 10.29 -45.16 35.03
N GLU B 545 11.49 -45.63 34.67
CA GLU B 545 12.16 -46.66 35.47
C GLU B 545 13.08 -46.03 36.50
N GLY B 546 12.46 -45.49 37.54
CA GLY B 546 13.19 -45.03 38.70
C GLY B 546 13.96 -43.73 38.48
N MET B 547 13.50 -42.91 37.54
CA MET B 547 14.16 -41.64 37.29
C MET B 547 13.90 -40.70 38.47
N THR B 548 14.83 -39.78 38.69
CA THR B 548 14.67 -38.83 39.78
C THR B 548 13.52 -37.86 39.53
N CYS B 549 13.28 -37.51 38.27
CA CYS B 549 12.20 -36.61 37.90
C CYS B 549 11.50 -37.19 36.68
N LYS B 550 10.66 -36.39 36.03
CA LYS B 550 9.95 -36.87 34.86
C LYS B 550 9.43 -35.68 34.07
N GLY B 551 9.31 -35.87 32.77
CA GLY B 551 8.77 -34.85 31.90
C GLY B 551 9.85 -34.07 31.18
N ILE B 552 9.43 -32.96 30.59
CA ILE B 552 10.38 -32.04 29.98
C ILE B 552 10.86 -30.99 30.97
N ARG B 553 10.05 -30.66 31.96
CA ARG B 553 10.39 -29.63 32.92
C ARG B 553 11.41 -30.18 33.91
N CYS B 554 12.54 -30.59 33.38
CA CYS B 554 13.61 -31.20 34.17
C CYS B 554 14.94 -30.92 33.49
N GLU B 555 16.02 -31.14 34.24
CA GLU B 555 17.34 -30.81 33.73
C GLU B 555 17.70 -31.66 32.51
N ARG B 556 17.38 -32.94 32.56
CA ARG B 556 17.61 -33.85 31.44
C ARG B 556 16.26 -34.26 30.90
N GLN B 557 15.86 -33.68 29.78
CA GLN B 557 14.54 -33.95 29.25
C GLN B 557 14.37 -35.42 28.92
N ASN B 558 13.24 -35.99 29.31
CA ASN B 558 12.99 -37.39 29.06
C ASN B 558 11.50 -37.63 29.08
N ASN B 559 11.09 -38.65 28.35
CA ASN B 559 9.72 -39.16 28.44
C ASN B 559 8.71 -38.06 28.11
N ALA B 560 9.02 -37.25 27.11
CA ALA B 560 8.13 -36.15 26.76
C ALA B 560 6.86 -36.65 26.08
N PHE B 561 7.01 -37.55 25.12
CA PHE B 561 5.86 -37.98 24.33
C PHE B 561 5.28 -39.26 24.93
N SER B 562 4.70 -39.12 26.11
CA SER B 562 4.07 -40.25 26.77
C SER B 562 2.57 -40.07 26.92
N THR B 563 2.13 -39.00 27.57
CA THR B 563 0.73 -38.79 27.86
C THR B 563 0.20 -37.72 26.90
N LEU B 564 -1.11 -37.58 26.83
CA LEU B 564 -1.66 -36.52 25.99
C LEU B 564 -1.31 -35.15 26.55
N PHE B 565 -1.44 -34.96 27.86
CA PHE B 565 -1.12 -33.67 28.44
C PHE B 565 0.36 -33.34 28.25
N GLU B 566 1.22 -34.32 28.50
CA GLU B 566 2.65 -34.07 28.32
C GLU B 566 2.96 -33.73 26.87
N THR B 567 2.31 -34.42 25.94
CA THR B 567 2.55 -34.12 24.54
C THR B 567 2.11 -32.72 24.19
N LEU B 568 0.96 -32.29 24.73
CA LEU B 568 0.53 -30.92 24.48
C LEU B 568 1.54 -29.92 25.01
N GLN B 569 2.09 -30.18 26.20
CA GLN B 569 3.10 -29.28 26.74
C GLN B 569 4.31 -29.21 25.81
N SER B 570 4.79 -30.36 25.36
CA SER B 570 5.98 -30.37 24.51
C SER B 570 5.72 -29.62 23.22
N LEU B 571 4.56 -29.87 22.60
CA LEU B 571 4.24 -29.19 21.35
C LEU B 571 4.15 -27.69 21.55
N PHE B 572 3.62 -27.24 22.69
CA PHE B 572 3.54 -25.80 22.87
C PHE B 572 4.91 -25.20 23.07
N TRP B 573 5.72 -25.79 23.93
CA TRP B 573 7.04 -25.21 24.18
C TRP B 573 7.95 -25.29 22.97
N SER B 574 7.67 -26.20 22.03
CA SER B 574 8.54 -26.32 20.89
C SER B 574 8.60 -25.06 20.05
N ILE B 575 7.60 -24.18 20.16
CA ILE B 575 7.56 -22.99 19.32
C ILE B 575 8.79 -22.12 19.57
N PHE B 576 9.12 -21.91 20.84
CA PHE B 576 10.21 -20.99 21.18
C PHE B 576 11.55 -21.68 21.26
N GLY B 577 11.68 -22.89 20.73
CA GLY B 577 12.96 -23.55 20.68
C GLY B 577 13.54 -23.90 22.03
N LEU B 578 12.69 -24.21 23.00
CA LEU B 578 13.13 -24.61 24.32
C LEU B 578 13.07 -26.12 24.53
N ILE B 579 12.84 -26.88 23.46
CA ILE B 579 12.79 -28.33 23.55
C ILE B 579 13.97 -28.89 22.78
N SER B 580 14.87 -29.55 23.48
CA SER B 580 16.03 -30.10 22.82
C SER B 580 15.64 -31.28 21.96
N LEU B 581 16.49 -31.61 20.99
CA LEU B 581 16.07 -32.53 19.95
C LEU B 581 16.05 -33.97 20.41
N TYR B 582 16.91 -34.33 21.35
CA TYR B 582 17.05 -35.75 21.64
C TYR B 582 15.89 -36.32 22.34
N VAL B 583 14.77 -35.59 22.45
CA VAL B 583 13.57 -36.15 23.04
C VAL B 583 13.07 -37.33 22.23
N THR B 584 13.02 -37.18 20.91
CA THR B 584 12.40 -38.18 20.04
C THR B 584 13.30 -39.41 19.91
N ASN B 585 13.54 -40.05 21.04
CA ASN B 585 14.48 -41.15 21.10
C ASN B 585 14.04 -42.11 22.18
N VAL B 586 14.28 -43.40 21.98
CA VAL B 586 13.80 -44.44 22.87
C VAL B 586 14.96 -45.30 23.33
N LYS B 587 14.74 -45.98 24.46
CA LYS B 587 15.80 -46.79 25.04
C LYS B 587 16.19 -47.93 24.11
N ALA B 588 15.22 -48.53 23.43
CA ALA B 588 15.52 -49.62 22.52
C ALA B 588 16.15 -49.06 21.25
N ASP B 589 16.35 -49.92 20.25
CA ASP B 589 17.01 -49.52 19.01
C ASP B 589 16.07 -49.62 17.81
N HIS B 590 14.78 -49.37 18.02
CA HIS B 590 13.83 -49.44 16.92
C HIS B 590 14.05 -48.26 16.00
N LYS B 591 15.12 -48.31 15.22
CA LYS B 591 15.52 -47.13 14.46
C LYS B 591 14.66 -46.98 13.21
N PHE B 592 13.35 -47.11 13.37
CA PHE B 592 12.45 -46.67 12.32
C PHE B 592 11.43 -45.71 12.90
N THR B 593 10.86 -46.09 14.04
CA THR B 593 9.92 -45.20 14.71
C THR B 593 10.63 -43.94 15.16
N GLU B 594 11.88 -44.07 15.62
CA GLU B 594 12.65 -42.89 15.97
C GLU B 594 12.77 -41.94 14.78
N PHE B 595 12.66 -42.46 13.58
CA PHE B 595 12.71 -41.56 12.44
C PHE B 595 11.37 -40.96 12.12
N VAL B 596 10.31 -41.75 12.18
CA VAL B 596 9.00 -41.22 11.85
C VAL B 596 8.58 -40.16 12.85
N GLY B 597 8.91 -40.38 14.13
CA GLY B 597 8.59 -39.38 15.12
C GLY B 597 9.30 -38.07 14.84
N ALA B 598 10.58 -38.13 14.51
CA ALA B 598 11.31 -36.92 14.18
C ALA B 598 10.70 -36.26 12.95
N THR B 599 10.23 -37.05 11.99
CA THR B 599 9.63 -36.47 10.80
C THR B 599 8.37 -35.70 11.16
N MET B 600 7.50 -36.28 11.97
CA MET B 600 6.30 -35.54 12.36
C MET B 600 6.66 -34.28 13.12
N PHE B 601 7.65 -34.37 14.01
CA PHE B 601 8.02 -33.21 14.79
C PHE B 601 8.53 -32.10 13.89
N GLY B 602 9.35 -32.44 12.91
CA GLY B 602 9.82 -31.44 11.97
C GLY B 602 8.71 -30.84 11.15
N THR B 603 7.78 -31.67 10.69
CA THR B 603 6.67 -31.14 9.90
C THR B 603 5.86 -30.16 10.71
N TYR B 604 5.61 -30.48 11.98
CA TYR B 604 4.89 -29.54 12.82
C TYR B 604 5.65 -28.25 12.95
N ASN B 605 6.97 -28.32 13.14
CA ASN B 605 7.73 -27.09 13.29
C ASN B 605 7.65 -26.24 12.03
N VAL B 606 7.78 -26.85 10.86
CA VAL B 606 7.70 -26.08 9.62
C VAL B 606 6.34 -25.41 9.52
N ILE B 607 5.27 -26.19 9.69
CA ILE B 607 3.94 -25.65 9.50
C ILE B 607 3.68 -24.50 10.45
N SER B 608 4.06 -24.67 11.72
CA SER B 608 3.68 -23.72 12.75
C SER B 608 4.73 -22.68 13.02
N LEU B 609 5.79 -22.62 12.25
CA LEU B 609 6.74 -21.56 12.49
C LEU B 609 7.27 -20.91 11.21
N VAL B 610 6.91 -21.40 10.03
CA VAL B 610 7.41 -20.77 8.82
C VAL B 610 6.26 -20.54 7.85
N VAL B 611 5.14 -21.20 8.06
CA VAL B 611 4.06 -21.14 7.09
C VAL B 611 2.81 -20.57 7.73
N LEU B 612 2.68 -20.73 9.04
CA LEU B 612 1.49 -20.21 9.69
C LEU B 612 1.72 -18.90 10.40
N LEU B 613 2.89 -18.70 11.00
CA LEU B 613 3.09 -17.47 11.73
C LEU B 613 3.30 -16.29 10.79
N ASN B 614 4.07 -16.49 9.73
CA ASN B 614 4.26 -15.42 8.75
C ASN B 614 2.93 -14.94 8.21
N MET B 615 1.94 -15.83 8.14
CA MET B 615 0.63 -15.40 7.68
C MET B 615 -0.09 -14.58 8.74
N LEU B 616 0.18 -14.83 10.02
CA LEU B 616 -0.30 -13.92 11.04
C LEU B 616 0.29 -12.53 10.85
N ILE B 617 1.59 -12.48 10.57
CA ILE B 617 2.23 -11.19 10.35
C ILE B 617 1.60 -10.47 9.17
N ALA B 618 1.44 -11.19 8.05
CA ALA B 618 0.92 -10.58 6.84
C ALA B 618 -0.56 -10.28 6.96
N MET B 619 -1.24 -10.81 7.97
CA MET B 619 -2.62 -10.41 8.22
C MET B 619 -2.69 -9.11 9.00
N MET B 620 -2.04 -9.07 10.17
CA MET B 620 -2.08 -7.84 10.96
C MET B 620 -1.53 -6.67 10.16
N ASN B 621 -0.52 -6.93 9.34
CA ASN B 621 0.06 -5.85 8.56
C ASN B 621 -0.98 -5.17 7.69
N ASN B 622 -1.77 -5.96 6.97
CA ASN B 622 -2.79 -5.35 6.13
C ASN B 622 -3.87 -4.68 6.96
N SER B 623 -4.21 -5.26 8.10
CA SER B 623 -5.29 -4.67 8.87
C SER B 623 -4.90 -3.33 9.48
N TYR B 624 -3.60 -3.11 9.73
CA TYR B 624 -3.18 -1.85 10.35
C TYR B 624 -3.52 -0.66 9.48
N GLN B 625 -3.50 -0.81 8.18
CA GLN B 625 -3.87 0.33 7.35
C GLN B 625 -5.37 0.54 7.33
N HIS B 626 -6.15 -0.52 7.43
CA HIS B 626 -7.60 -0.35 7.56
C HIS B 626 -7.96 0.40 8.83
N ILE B 627 -7.19 0.19 9.90
CA ILE B 627 -7.51 0.78 11.19
C ILE B 627 -6.88 2.16 11.37
N ALA B 628 -5.60 2.29 11.06
CA ALA B 628 -4.86 3.50 11.40
C ALA B 628 -5.48 4.75 10.81
N ASP B 629 -6.17 4.61 9.67
CA ASP B 629 -6.83 5.77 9.07
C ASP B 629 -7.82 6.39 10.05
N HIS B 630 -8.54 5.56 10.80
CA HIS B 630 -9.43 6.04 11.86
C HIS B 630 -8.74 5.78 13.19
N ALA B 631 -7.87 6.72 13.58
CA ALA B 631 -7.15 6.59 14.84
C ALA B 631 -7.54 7.69 15.83
N ASP B 632 -7.38 8.95 15.44
CA ASP B 632 -7.70 10.05 16.33
C ASP B 632 -9.19 10.19 16.55
N ILE B 633 -9.99 10.01 15.50
CA ILE B 633 -11.44 10.13 15.63
C ILE B 633 -11.96 9.18 16.68
N GLU B 634 -11.26 8.08 16.92
CA GLU B 634 -11.69 7.14 17.93
C GLU B 634 -10.99 7.37 19.25
N TRP B 635 -9.70 7.72 19.21
CA TRP B 635 -8.99 8.00 20.45
C TRP B 635 -9.66 9.12 21.22
N LYS B 636 -10.11 10.16 20.51
CA LYS B 636 -10.76 11.27 21.19
C LYS B 636 -12.03 10.82 21.88
N PHE B 637 -12.78 9.94 21.24
CA PHE B 637 -13.99 9.44 21.88
C PHE B 637 -13.65 8.68 23.15
N ALA B 638 -12.61 7.84 23.11
CA ALA B 638 -12.23 7.10 24.30
C ALA B 638 -11.80 8.04 25.41
N ARG B 639 -10.99 9.04 25.09
CA ARG B 639 -10.53 9.99 26.08
C ARG B 639 -11.69 10.78 26.66
N THR B 640 -12.64 11.16 25.83
CA THR B 640 -13.80 11.89 26.31
C THR B 640 -14.62 11.05 27.27
N LYS B 641 -14.79 9.77 26.97
CA LYS B 641 -15.50 8.92 27.92
C LYS B 641 -14.74 8.86 29.24
N LEU B 642 -13.42 8.71 29.18
CA LEU B 642 -12.63 8.71 30.41
C LEU B 642 -12.86 9.97 31.21
N TRP B 643 -12.83 11.13 30.55
CA TRP B 643 -13.05 12.39 31.25
C TRP B 643 -14.43 12.44 31.87
N MET B 644 -15.46 12.16 31.08
CA MET B 644 -16.82 12.25 31.59
C MET B 644 -17.05 11.31 32.75
N SER B 645 -16.19 10.31 32.92
CA SER B 645 -16.29 9.50 34.11
C SER B 645 -16.03 10.29 35.39
N TYR B 646 -15.47 11.49 35.29
CA TYR B 646 -15.03 12.23 36.48
C TYR B 646 -15.83 13.50 36.75
N PHE B 647 -16.69 13.93 35.85
CA PHE B 647 -17.23 15.28 35.96
C PHE B 647 -18.28 15.43 37.05
N GLU B 648 -18.71 14.33 37.67
CA GLU B 648 -19.83 14.35 38.60
C GLU B 648 -19.31 14.28 40.03
N GLU B 649 -20.20 14.57 40.97
CA GLU B 649 -19.90 14.39 42.39
C GLU B 649 -20.24 12.98 42.83
N GLY B 650 -19.74 11.99 42.11
CA GLY B 650 -20.04 10.61 42.41
C GLY B 650 -18.99 9.88 43.21
N GLY B 651 -17.74 9.90 42.74
CA GLY B 651 -16.68 9.23 43.45
C GLY B 651 -16.01 10.11 44.48
N THR B 652 -15.45 11.22 44.02
CA THR B 652 -14.93 12.33 44.84
C THR B 652 -14.08 11.85 46.00
N LEU B 653 -13.51 10.64 45.92
CA LEU B 653 -12.71 10.11 47.01
C LEU B 653 -11.85 8.99 46.50
N PRO B 654 -10.56 8.94 46.87
CA PRO B 654 -9.75 7.79 46.52
C PRO B 654 -10.25 6.54 47.21
N PRO B 655 -10.07 5.38 46.60
CA PRO B 655 -10.55 4.13 47.20
C PRO B 655 -9.98 3.85 48.58
N PRO B 656 -8.72 4.21 48.88
CA PRO B 656 -8.26 4.04 50.26
C PRO B 656 -9.16 4.74 51.25
N PHE B 657 -9.45 6.02 51.03
CA PHE B 657 -10.38 6.77 51.86
C PHE B 657 -11.78 6.72 51.28
N ASN B 658 -12.27 5.53 50.98
CA ASN B 658 -13.61 5.37 50.44
C ASN B 658 -14.60 4.97 51.50
N ILE B 659 -14.15 4.65 52.71
CA ILE B 659 -15.03 4.20 53.77
C ILE B 659 -14.60 4.78 55.11
N ALA B 696 -42.26 28.30 31.18
CA ALA B 696 -41.88 27.88 32.52
C ALA B 696 -40.41 27.49 32.57
N GLU B 697 -40.10 26.47 33.38
CA GLU B 697 -38.72 26.08 33.59
C GLU B 697 -38.06 25.66 32.28
N ASN B 698 -38.74 24.85 31.49
CA ASN B 698 -38.21 24.36 30.23
C ASN B 698 -38.97 24.85 29.01
N VAL B 699 -40.15 25.44 29.19
CA VAL B 699 -40.87 26.02 28.07
C VAL B 699 -40.06 27.17 27.48
N ARG B 700 -39.47 28.00 28.33
CA ARG B 700 -38.58 29.04 27.84
C ARG B 700 -37.34 28.45 27.19
N LEU B 701 -36.80 27.38 27.80
CA LEU B 701 -35.67 26.70 27.19
C LEU B 701 -36.03 26.15 25.82
N ASN B 702 -37.20 25.53 25.70
CA ASN B 702 -37.66 25.07 24.39
C ASN B 702 -37.80 26.25 23.44
N HIS B 703 -38.27 27.38 23.97
CA HIS B 703 -38.49 28.57 23.16
C HIS B 703 -37.21 29.03 22.50
N GLN B 704 -36.14 29.12 23.28
CA GLN B 704 -34.86 29.56 22.72
C GLN B 704 -34.17 28.46 21.91
N TYR B 705 -34.32 27.21 22.37
CA TYR B 705 -33.70 26.10 21.67
C TYR B 705 -34.24 25.95 20.27
N GLN B 706 -35.54 26.17 20.10
CA GLN B 706 -36.12 26.08 18.77
C GLN B 706 -35.55 27.15 17.85
N GLU B 707 -35.35 28.36 18.37
CA GLU B 707 -34.74 29.40 17.54
C GLU B 707 -33.33 28.99 17.12
N VAL B 708 -32.57 28.45 18.06
CA VAL B 708 -31.23 27.99 17.72
C VAL B 708 -31.29 26.92 16.63
N LEU B 709 -32.21 25.98 16.77
CA LEU B 709 -32.35 24.93 15.77
C LEU B 709 -32.69 25.51 14.40
N ARG B 710 -33.61 26.48 14.38
CA ARG B 710 -33.97 27.08 13.10
C ARG B 710 -32.76 27.72 12.44
N ASN B 711 -31.97 28.46 13.22
CA ASN B 711 -30.79 29.10 12.65
C ASN B 711 -29.83 28.06 12.10
N LEU B 712 -29.57 26.99 12.86
CA LEU B 712 -28.63 25.98 12.40
C LEU B 712 -29.10 25.33 11.12
N VAL B 713 -30.37 24.93 11.07
CA VAL B 713 -30.84 24.22 9.89
C VAL B 713 -30.84 25.14 8.68
N LYS B 714 -31.18 26.42 8.88
CA LYS B 714 -31.12 27.37 7.78
C LYS B 714 -29.69 27.49 7.25
N ARG B 715 -28.73 27.66 8.15
CA ARG B 715 -27.35 27.79 7.71
C ARG B 715 -26.91 26.55 6.97
N TYR B 716 -27.28 25.37 7.47
CA TYR B 716 -26.84 24.14 6.83
C TYR B 716 -27.44 24.00 5.44
N VAL B 717 -28.74 24.20 5.32
CA VAL B 717 -29.39 24.02 4.02
C VAL B 717 -28.82 25.00 3.01
N ALA B 718 -28.65 26.26 3.41
CA ALA B 718 -28.11 27.23 2.47
C ALA B 718 -26.67 26.91 2.11
N ALA B 719 -25.89 26.43 3.07
CA ALA B 719 -24.45 26.45 2.92
C ALA B 719 -23.86 25.16 2.39
N MET B 720 -24.54 24.03 2.50
CA MET B 720 -23.96 22.80 1.97
C MET B 720 -24.79 22.19 0.86
N ILE B 721 -26.07 21.85 1.11
CA ILE B 721 -26.81 21.12 0.08
C ILE B 721 -27.15 22.00 -1.10
N ARG B 722 -27.00 23.32 -0.97
CA ARG B 722 -27.07 24.21 -2.12
C ARG B 722 -25.67 24.55 -2.63
N ASP B 723 -24.85 25.12 -1.75
CA ASP B 723 -23.59 25.71 -2.20
C ASP B 723 -22.64 24.65 -2.75
N ALA B 724 -22.66 23.44 -2.20
CA ALA B 724 -21.74 22.43 -2.67
C ALA B 724 -22.26 21.67 -3.88
N LYS B 725 -23.56 21.75 -4.18
CA LYS B 725 -24.06 21.17 -5.42
C LYS B 725 -23.47 21.88 -6.62
N THR B 726 -23.31 23.20 -6.54
CA THR B 726 -22.75 23.92 -7.67
C THR B 726 -21.23 23.83 -7.64
N GLU B 727 -20.71 22.61 -7.47
CA GLU B 727 -19.28 22.36 -7.55
C GLU B 727 -18.97 20.98 -8.11
N GLU B 728 -19.88 20.38 -8.87
CA GLU B 728 -19.72 19.03 -9.38
C GLU B 728 -19.32 19.05 -10.86
N GLY B 729 -18.61 18.00 -11.28
CA GLY B 729 -18.11 17.94 -12.63
C GLY B 729 -19.20 17.68 -13.65
N LEU B 730 -18.88 17.97 -14.91
CA LEU B 730 -19.83 17.92 -16.00
C LEU B 730 -20.04 16.49 -16.48
N THR B 731 -21.06 16.32 -17.32
CA THR B 731 -21.39 15.01 -17.88
C THR B 731 -22.07 15.21 -19.23
N GLU B 732 -22.44 14.09 -19.85
CA GLU B 732 -22.94 14.13 -21.22
C GLU B 732 -24.30 14.82 -21.33
N GLU B 733 -25.05 14.88 -20.21
CA GLU B 733 -26.30 15.65 -20.21
C GLU B 733 -26.06 17.10 -20.58
N ASN B 734 -25.00 17.70 -20.05
CA ASN B 734 -24.72 19.10 -20.33
C ASN B 734 -24.44 19.31 -21.82
N PHE B 735 -23.68 18.40 -22.42
CA PHE B 735 -23.48 18.41 -23.87
C PHE B 735 -24.81 18.38 -24.61
N LYS B 736 -25.66 17.42 -24.28
CA LYS B 736 -26.95 17.31 -24.96
C LYS B 736 -27.72 18.61 -24.86
N GLU B 737 -27.83 19.16 -23.65
CA GLU B 737 -28.68 20.31 -23.44
C GLU B 737 -28.14 21.55 -24.14
N LEU B 738 -26.83 21.77 -24.10
CA LEU B 738 -26.26 22.90 -24.81
C LEU B 738 -26.54 22.80 -26.30
N LYS B 739 -26.22 21.64 -26.90
CA LYS B 739 -26.37 21.52 -28.34
C LYS B 739 -27.83 21.65 -28.75
N GLN B 740 -28.74 21.06 -27.96
CA GLN B 740 -30.16 21.14 -28.29
C GLN B 740 -30.67 22.57 -28.18
N ASP B 741 -30.25 23.32 -27.16
CA ASP B 741 -30.69 24.71 -27.05
C ASP B 741 -30.20 25.52 -28.23
N ILE B 742 -28.95 25.32 -28.64
CA ILE B 742 -28.45 26.04 -29.81
C ILE B 742 -29.28 25.70 -31.03
N SER B 743 -29.60 24.41 -31.22
CA SER B 743 -30.37 24.00 -32.38
C SER B 743 -31.75 24.63 -32.38
N SER B 744 -32.39 24.68 -31.20
CA SER B 744 -33.71 25.28 -31.13
C SER B 744 -33.66 26.76 -31.49
N PHE B 745 -32.65 27.47 -30.98
CA PHE B 745 -32.52 28.88 -31.33
C PHE B 745 -32.30 29.06 -32.81
N ARG B 746 -31.55 28.14 -33.42
CA ARG B 746 -31.36 28.16 -34.87
C ARG B 746 -32.69 28.03 -35.60
N TYR B 747 -33.51 27.05 -35.18
CA TYR B 747 -34.77 26.82 -35.87
C TYR B 747 -35.70 28.00 -35.71
N GLU B 748 -35.77 28.59 -34.52
CA GLU B 748 -36.65 29.74 -34.34
C GLU B 748 -36.22 30.90 -35.21
N VAL B 749 -34.91 31.19 -35.25
CA VAL B 749 -34.45 32.32 -36.05
C VAL B 749 -34.74 32.08 -37.52
N ILE B 750 -34.48 30.85 -38.00
CA ILE B 750 -34.71 30.55 -39.40
C ILE B 750 -36.19 30.66 -39.73
N GLY B 751 -37.06 30.21 -38.82
CA GLY B 751 -38.48 30.31 -39.06
C GLY B 751 -38.99 31.74 -39.10
N MET B 752 -38.43 32.60 -38.25
CA MET B 752 -38.88 33.99 -38.22
C MET B 752 -38.16 34.88 -39.24
N MET B 753 -37.13 34.37 -39.92
CA MET B 753 -36.52 35.15 -40.98
C MET B 753 -37.44 35.31 -42.19
N LYS B 754 -38.23 34.28 -42.50
CA LYS B 754 -39.13 34.34 -43.65
C LYS B 754 -40.28 33.37 -43.48
N LEU C 29 -4.41 21.24 -53.70
CA LEU C 29 -3.49 22.05 -52.91
C LEU C 29 -3.33 23.38 -53.64
N SER C 30 -2.08 23.82 -53.83
CA SER C 30 -1.75 25.03 -54.60
C SER C 30 -2.56 26.23 -54.13
N THR C 31 -2.73 26.33 -52.81
CA THR C 31 -3.53 27.37 -52.18
C THR C 31 -4.89 27.50 -52.88
N GLN C 32 -5.42 26.34 -53.29
CA GLN C 32 -6.70 26.28 -53.96
C GLN C 32 -7.60 25.32 -53.19
N GLU C 33 -7.02 24.20 -52.78
CA GLU C 33 -7.73 23.24 -51.94
C GLU C 33 -7.78 23.70 -50.50
N LYS C 34 -6.84 24.55 -50.09
CA LYS C 34 -6.80 25.01 -48.71
C LYS C 34 -8.07 25.75 -48.33
N SER C 35 -8.55 26.62 -49.23
CA SER C 35 -9.81 27.31 -48.99
C SER C 35 -10.97 26.32 -48.88
N TYR C 36 -10.98 25.31 -49.76
CA TYR C 36 -12.02 24.30 -49.74
C TYR C 36 -12.06 23.55 -48.41
N LEU C 37 -10.90 23.07 -47.96
CA LEU C 37 -10.84 22.37 -46.68
C LEU C 37 -11.23 23.27 -45.53
N SER C 38 -10.76 24.52 -45.53
CA SER C 38 -11.10 25.43 -44.44
C SER C 38 -12.60 25.69 -44.39
N ALA C 39 -13.22 25.90 -45.55
CA ALA C 39 -14.66 26.11 -45.59
C ALA C 39 -15.40 24.89 -45.07
N VAL C 40 -14.96 23.70 -45.49
CA VAL C 40 -15.65 22.49 -45.03
C VAL C 40 -15.54 22.36 -43.52
N GLU C 41 -14.36 22.59 -42.96
CA GLU C 41 -14.19 22.37 -41.53
C GLU C 41 -14.84 23.46 -40.70
N LYS C 42 -14.88 24.69 -41.18
CA LYS C 42 -15.42 25.80 -40.39
C LYS C 42 -16.93 25.72 -40.24
N GLY C 43 -17.61 25.00 -41.14
CA GLY C 43 -19.05 24.88 -41.07
C GLY C 43 -19.79 25.59 -42.18
N ASP C 44 -19.09 26.22 -43.11
CA ASP C 44 -19.76 26.94 -44.18
C ASP C 44 -20.50 25.98 -45.09
N TYR C 45 -21.55 26.47 -45.70
CA TYR C 45 -22.34 25.65 -46.63
C TYR C 45 -22.32 26.18 -48.05
N ALA C 46 -22.69 27.45 -48.25
CA ALA C 46 -22.76 27.98 -49.60
C ALA C 46 -21.41 27.97 -50.29
N SER C 47 -20.36 28.39 -49.57
CA SER C 47 -19.03 28.43 -50.16
C SER C 47 -18.57 27.04 -50.58
N VAL C 48 -18.84 26.03 -49.74
CA VAL C 48 -18.46 24.67 -50.07
C VAL C 48 -19.15 24.21 -51.35
N LYS C 49 -20.46 24.44 -51.43
CA LYS C 49 -21.21 24.06 -52.62
C LYS C 49 -20.66 24.75 -53.86
N LEU C 50 -20.42 26.06 -53.75
CA LEU C 50 -19.91 26.79 -54.89
C LEU C 50 -18.58 26.24 -55.34
N ALA C 51 -17.72 25.89 -54.38
CA ALA C 51 -16.44 25.28 -54.74
C ALA C 51 -16.65 23.97 -55.46
N LEU C 52 -17.60 23.15 -54.99
CA LEU C 52 -17.89 21.88 -55.65
C LEU C 52 -18.22 22.08 -57.12
N GLU C 53 -19.28 22.83 -57.42
CA GLU C 53 -19.62 22.92 -58.84
C GLU C 53 -18.75 23.92 -59.60
N GLU C 54 -17.79 24.57 -58.96
CA GLU C 54 -16.80 25.30 -59.73
C GLU C 54 -15.69 24.35 -60.20
N ALA C 55 -15.07 23.65 -59.25
CA ALA C 55 -14.04 22.68 -59.61
C ALA C 55 -14.61 21.53 -60.43
N GLU C 56 -15.92 21.34 -60.42
CA GLU C 56 -16.52 20.33 -61.27
C GLU C 56 -16.43 20.70 -62.74
N ILE C 57 -16.33 21.99 -63.07
CA ILE C 57 -16.25 22.41 -64.45
C ILE C 57 -14.86 22.88 -64.85
N TYR C 58 -14.10 23.49 -63.95
CA TYR C 58 -12.76 23.92 -64.32
C TYR C 58 -11.71 22.83 -64.20
N PHE C 59 -12.07 21.68 -63.62
CA PHE C 59 -11.14 20.55 -63.48
C PHE C 59 -9.82 21.02 -62.90
N LYS C 60 -9.92 21.86 -61.88
CA LYS C 60 -8.80 22.59 -61.32
C LYS C 60 -8.16 21.87 -60.13
N ILE C 61 -8.97 21.38 -59.20
CA ILE C 61 -8.51 20.59 -58.07
C ILE C 61 -9.27 19.27 -58.08
N ASN C 62 -8.76 18.31 -57.31
CA ASN C 62 -9.54 17.11 -57.02
C ASN C 62 -10.37 17.33 -55.78
N ILE C 63 -11.61 16.86 -55.81
CA ILE C 63 -12.50 17.03 -54.68
C ILE C 63 -11.97 16.29 -53.46
N ASN C 64 -11.17 15.25 -53.69
CA ASN C 64 -10.80 14.27 -52.68
C ASN C 64 -9.34 14.35 -52.29
N CYS C 65 -8.81 15.56 -52.14
CA CYS C 65 -7.45 15.73 -51.66
C CYS C 65 -7.38 15.45 -50.16
N ILE C 66 -6.21 15.00 -49.71
CA ILE C 66 -5.94 14.79 -48.29
C ILE C 66 -4.62 15.49 -47.96
N ASP C 67 -4.71 16.77 -47.60
CA ASP C 67 -3.50 17.51 -47.32
C ASP C 67 -2.91 17.28 -45.93
N PRO C 68 -3.63 17.65 -44.85
CA PRO C 68 -2.93 17.81 -43.56
C PRO C 68 -2.41 16.52 -42.96
N LEU C 69 -3.31 15.57 -42.72
CA LEU C 69 -2.98 14.31 -42.08
C LEU C 69 -3.75 13.17 -42.72
N GLY C 70 -3.83 13.17 -44.04
CA GLY C 70 -4.63 12.19 -44.73
C GLY C 70 -6.12 12.30 -44.44
N ARG C 71 -6.65 13.51 -44.48
CA ARG C 71 -8.04 13.77 -44.10
C ARG C 71 -8.83 14.20 -45.33
N THR C 72 -9.61 13.28 -45.89
CA THR C 72 -10.55 13.65 -46.93
C THR C 72 -11.58 14.61 -46.35
N ALA C 73 -12.00 15.57 -47.17
CA ALA C 73 -13.03 16.51 -46.72
C ALA C 73 -14.24 15.77 -46.19
N LEU C 74 -14.56 14.62 -46.76
CA LEU C 74 -15.62 13.79 -46.21
C LEU C 74 -15.32 13.42 -44.77
N LEU C 75 -14.07 13.04 -44.49
CA LEU C 75 -13.71 12.69 -43.12
C LEU C 75 -13.82 13.89 -42.20
N ILE C 76 -13.42 15.08 -42.68
CA ILE C 76 -13.54 16.29 -41.89
C ILE C 76 -15.00 16.54 -41.51
N ALA C 77 -15.90 16.41 -42.48
CA ALA C 77 -17.31 16.57 -42.17
C ALA C 77 -17.78 15.49 -41.20
N ILE C 78 -17.28 14.26 -41.37
CA ILE C 78 -17.69 13.16 -40.51
C ILE C 78 -17.35 13.48 -39.06
N GLU C 79 -16.11 13.87 -38.80
CA GLU C 79 -15.68 14.06 -37.43
C GLU C 79 -16.30 15.29 -36.77
N ASN C 80 -16.82 16.23 -37.54
CA ASN C 80 -17.65 17.29 -36.99
C ASN C 80 -19.14 16.96 -37.07
N GLU C 81 -19.47 15.74 -37.49
CA GLU C 81 -20.84 15.22 -37.53
C GLU C 81 -21.83 16.19 -38.18
N ASN C 82 -21.33 17.08 -39.04
CA ASN C 82 -22.20 18.04 -39.68
C ASN C 82 -22.92 17.33 -40.84
N LEU C 83 -24.20 17.03 -40.63
CA LEU C 83 -24.93 16.19 -41.59
C LEU C 83 -25.08 16.87 -42.94
N GLU C 84 -25.34 18.18 -42.95
CA GLU C 84 -25.64 18.85 -44.21
C GLU C 84 -24.50 18.68 -45.20
N ILE C 85 -23.28 18.90 -44.74
CA ILE C 85 -22.14 18.79 -45.64
C ILE C 85 -21.98 17.37 -46.15
N ILE C 86 -22.16 16.39 -45.27
CA ILE C 86 -22.00 15.00 -45.68
C ILE C 86 -23.03 14.64 -46.76
N GLU C 87 -24.29 14.99 -46.52
CA GLU C 87 -25.32 14.65 -47.49
C GLU C 87 -25.12 15.39 -48.80
N LEU C 88 -24.60 16.62 -48.74
CA LEU C 88 -24.26 17.32 -49.98
C LEU C 88 -23.14 16.60 -50.73
N LEU C 89 -22.11 16.16 -50.00
CA LEU C 89 -20.98 15.50 -50.65
C LEU C 89 -21.40 14.19 -51.29
N LEU C 90 -22.36 13.50 -50.69
CA LEU C 90 -22.85 12.28 -51.33
C LEU C 90 -23.51 12.57 -52.67
N SER C 91 -24.00 13.79 -52.90
CA SER C 91 -24.59 14.12 -54.19
C SER C 91 -23.53 14.13 -55.29
N PHE C 92 -22.35 14.66 -55.00
CA PHE C 92 -21.32 14.81 -56.01
C PHE C 92 -20.47 13.57 -56.22
N ASN C 93 -20.83 12.45 -55.58
CA ASN C 93 -20.19 11.17 -55.84
C ASN C 93 -18.69 11.20 -55.55
N VAL C 94 -18.27 12.00 -54.57
CA VAL C 94 -16.88 11.98 -54.16
C VAL C 94 -16.56 10.58 -53.61
N TYR C 95 -15.32 10.16 -53.80
CA TYR C 95 -14.95 8.80 -53.40
C TYR C 95 -15.14 8.61 -51.91
N VAL C 96 -15.74 7.49 -51.53
CA VAL C 96 -16.12 7.26 -50.14
C VAL C 96 -14.98 6.63 -49.35
N GLY C 97 -14.30 5.63 -49.91
CA GLY C 97 -13.31 4.95 -49.13
C GLY C 97 -13.93 4.19 -47.98
N ASP C 98 -13.11 3.93 -46.96
CA ASP C 98 -13.59 3.29 -45.74
C ASP C 98 -14.03 4.33 -44.73
N ALA C 99 -14.84 5.29 -45.17
CA ALA C 99 -15.37 6.29 -44.25
C ALA C 99 -16.41 5.69 -43.34
N LEU C 100 -17.16 4.69 -43.83
CA LEU C 100 -18.10 3.97 -42.98
C LEU C 100 -17.43 3.49 -41.72
N LEU C 101 -16.21 2.97 -41.85
CA LEU C 101 -15.48 2.49 -40.68
C LEU C 101 -15.18 3.62 -39.72
N HIS C 102 -14.76 4.77 -40.24
CA HIS C 102 -14.46 5.91 -39.37
C HIS C 102 -15.72 6.37 -38.63
N ALA C 103 -16.84 6.42 -39.33
CA ALA C 103 -18.08 6.79 -38.68
C ALA C 103 -18.44 5.79 -37.59
N ILE C 104 -18.27 4.50 -37.87
CA ILE C 104 -18.58 3.49 -36.89
C ILE C 104 -17.73 3.69 -35.64
N ARG C 105 -16.44 3.90 -35.84
CA ARG C 105 -15.57 4.16 -34.70
C ARG C 105 -16.01 5.39 -33.93
N LYS C 106 -16.36 6.45 -34.65
CA LYS C 106 -16.73 7.72 -34.03
C LYS C 106 -18.09 7.66 -33.34
N GLU C 107 -18.89 6.64 -33.62
CA GLU C 107 -20.22 6.49 -33.03
C GLU C 107 -21.11 7.68 -33.38
N VAL C 108 -21.36 7.84 -34.67
CA VAL C 108 -22.31 8.80 -35.19
C VAL C 108 -23.37 8.07 -35.98
N VAL C 109 -24.64 8.29 -35.64
CA VAL C 109 -25.69 7.45 -36.18
C VAL C 109 -26.14 7.94 -37.56
N GLY C 110 -26.23 9.25 -37.74
CA GLY C 110 -26.71 9.76 -39.02
C GLY C 110 -25.78 9.43 -40.16
N ALA C 111 -24.47 9.43 -39.89
CA ALA C 111 -23.50 9.16 -40.94
C ALA C 111 -23.69 7.75 -41.50
N VAL C 112 -23.71 6.75 -40.63
CA VAL C 112 -23.93 5.39 -41.10
C VAL C 112 -25.34 5.25 -41.64
N GLU C 113 -26.27 6.05 -41.12
CA GLU C 113 -27.64 6.03 -41.63
C GLU C 113 -27.67 6.37 -43.11
N LEU C 114 -26.90 7.37 -43.52
CA LEU C 114 -26.81 7.71 -44.94
C LEU C 114 -25.95 6.71 -45.71
N LEU C 115 -24.73 6.46 -45.23
CA LEU C 115 -23.79 5.66 -45.99
C LEU C 115 -24.32 4.27 -46.29
N LEU C 116 -25.17 3.73 -45.42
CA LEU C 116 -25.61 2.36 -45.57
C LEU C 116 -26.37 2.16 -46.87
N ASN C 117 -27.22 3.12 -47.24
CA ASN C 117 -28.10 2.97 -48.38
C ASN C 117 -27.49 3.63 -49.60
N HIS C 118 -27.44 2.88 -50.71
CA HIS C 118 -26.96 3.38 -52.00
C HIS C 118 -27.30 2.42 -53.12
N GLN C 135 -5.61 4.15 -50.93
CA GLN C 135 -4.94 2.91 -51.32
C GLN C 135 -4.67 2.04 -50.09
N PHE C 136 -3.60 2.33 -49.35
CA PHE C 136 -3.41 1.74 -48.04
C PHE C 136 -4.20 2.53 -46.99
N SER C 137 -5.05 1.82 -46.26
CA SER C 137 -5.86 2.43 -45.22
C SER C 137 -5.19 2.25 -43.88
N ASP C 138 -5.82 2.80 -42.85
CA ASP C 138 -5.34 2.70 -41.48
C ASP C 138 -6.07 1.62 -40.69
N PHE C 139 -6.88 0.81 -41.34
CA PHE C 139 -7.64 -0.24 -40.67
C PHE C 139 -7.17 -1.61 -41.15
N THR C 140 -7.07 -2.54 -40.21
CA THR C 140 -6.58 -3.87 -40.52
C THR C 140 -7.45 -4.51 -41.60
N PRO C 141 -6.86 -5.24 -42.54
CA PRO C 141 -7.67 -5.88 -43.59
C PRO C 141 -8.73 -6.80 -43.05
N ASP C 142 -8.59 -7.27 -41.81
CA ASP C 142 -9.56 -8.21 -41.26
C ASP C 142 -10.91 -7.56 -41.01
N ILE C 143 -10.90 -6.32 -40.51
CA ILE C 143 -12.09 -5.74 -39.92
C ILE C 143 -13.15 -5.51 -40.98
N THR C 144 -14.36 -5.98 -40.72
CA THR C 144 -15.56 -5.73 -41.50
C THR C 144 -16.47 -4.81 -40.71
N PRO C 145 -17.52 -4.27 -41.34
CA PRO C 145 -18.42 -3.38 -40.59
C PRO C 145 -18.98 -3.99 -39.32
N ILE C 146 -19.38 -5.26 -39.35
CA ILE C 146 -20.01 -5.85 -38.17
C ILE C 146 -19.00 -6.04 -37.05
N ILE C 147 -17.76 -6.43 -37.39
CA ILE C 147 -16.77 -6.69 -36.35
C ILE C 147 -16.49 -5.41 -35.57
N LEU C 148 -16.19 -4.34 -36.28
CA LEU C 148 -15.95 -3.08 -35.59
C LEU C 148 -17.20 -2.58 -34.90
N ALA C 149 -18.37 -2.83 -35.49
CA ALA C 149 -19.60 -2.43 -34.85
C ALA C 149 -19.76 -3.10 -33.50
N ALA C 150 -19.41 -4.38 -33.42
CA ALA C 150 -19.51 -5.09 -32.15
C ALA C 150 -18.40 -4.68 -31.21
N HIS C 151 -17.25 -4.25 -31.73
CA HIS C 151 -16.15 -3.82 -30.88
C HIS C 151 -16.56 -2.71 -29.94
N THR C 152 -17.57 -1.93 -30.31
CA THR C 152 -18.07 -0.84 -29.48
C THR C 152 -19.54 -1.11 -29.23
N ASN C 153 -19.90 -1.40 -27.98
CA ASN C 153 -21.29 -1.67 -27.66
C ASN C 153 -22.08 -0.39 -27.86
N ASN C 154 -22.80 -0.31 -28.98
CA ASN C 154 -23.67 0.83 -29.20
C ASN C 154 -24.88 0.31 -29.99
N TYR C 155 -25.93 -0.02 -29.26
CA TYR C 155 -27.09 -0.77 -29.72
C TYR C 155 -27.51 -0.44 -31.15
N GLU C 156 -27.52 0.85 -31.47
CA GLU C 156 -28.12 1.32 -32.71
C GLU C 156 -27.47 0.69 -33.94
N ILE C 157 -26.15 0.76 -34.02
CA ILE C 157 -25.49 0.26 -35.21
C ILE C 157 -25.67 -1.24 -35.34
N ILE C 158 -25.53 -1.96 -34.22
CA ILE C 158 -25.70 -3.41 -34.27
C ILE C 158 -27.08 -3.75 -34.80
N LYS C 159 -28.11 -3.08 -34.28
CA LYS C 159 -29.45 -3.36 -34.75
C LYS C 159 -29.60 -3.04 -36.23
N MET C 160 -29.07 -1.89 -36.67
CA MET C 160 -29.20 -1.52 -38.07
C MET C 160 -28.56 -2.55 -38.97
N LEU C 161 -27.30 -2.89 -38.70
CA LEU C 161 -26.58 -3.82 -39.56
C LEU C 161 -27.20 -5.21 -39.53
N VAL C 162 -27.77 -5.61 -38.39
CA VAL C 162 -28.51 -6.86 -38.37
C VAL C 162 -29.73 -6.77 -39.27
N GLN C 163 -30.40 -5.61 -39.26
CA GLN C 163 -31.54 -5.42 -40.15
C GLN C 163 -31.13 -5.60 -41.60
N LYS C 164 -30.02 -4.97 -41.99
CA LYS C 164 -29.52 -5.17 -43.35
C LYS C 164 -29.10 -6.62 -43.57
N GLY C 165 -28.59 -7.28 -42.53
CA GLY C 165 -28.24 -8.68 -42.62
C GLY C 165 -26.78 -8.94 -42.92
N VAL C 166 -26.06 -9.46 -41.93
CA VAL C 166 -24.67 -9.86 -42.08
C VAL C 166 -24.48 -11.21 -41.39
N SER C 167 -23.24 -11.68 -41.38
CA SER C 167 -22.91 -12.97 -40.74
C SER C 167 -21.45 -12.91 -40.30
N VAL C 168 -21.24 -12.71 -39.00
CA VAL C 168 -19.87 -12.67 -38.47
C VAL C 168 -19.24 -14.05 -38.63
N PRO C 169 -17.99 -14.14 -39.09
CA PRO C 169 -17.34 -15.44 -39.21
C PRO C 169 -17.09 -16.07 -37.86
N GLN C 170 -16.99 -17.38 -37.85
CA GLN C 170 -16.73 -18.14 -36.65
C GLN C 170 -15.36 -18.80 -36.73
N PRO C 171 -14.66 -18.93 -35.61
CA PRO C 171 -13.37 -19.62 -35.62
C PRO C 171 -13.56 -21.12 -35.51
N HIS C 172 -12.51 -21.85 -35.87
CA HIS C 172 -12.52 -23.31 -35.75
C HIS C 172 -11.88 -23.70 -34.42
N GLU C 173 -12.64 -24.41 -33.60
CA GLU C 173 -12.24 -24.66 -32.22
C GLU C 173 -10.98 -25.51 -32.16
N VAL C 174 -10.17 -25.26 -31.14
CA VAL C 174 -9.00 -26.07 -30.85
C VAL C 174 -8.97 -26.43 -29.36
N VAL C 187 0.92 -19.91 -42.73
CA VAL C 187 1.71 -19.12 -43.66
C VAL C 187 1.78 -17.67 -43.19
N ASP C 188 0.96 -17.35 -42.18
CA ASP C 188 0.89 -15.99 -41.65
C ASP C 188 0.45 -16.06 -40.18
N SER C 189 1.44 -16.16 -39.30
CA SER C 189 1.15 -16.34 -37.88
C SER C 189 0.51 -15.09 -37.29
N LEU C 190 1.12 -13.93 -37.52
CA LEU C 190 0.63 -12.69 -36.92
C LEU C 190 -0.80 -12.41 -37.33
N ARG C 191 -1.09 -12.51 -38.63
CA ARG C 191 -2.42 -12.20 -39.12
C ARG C 191 -3.44 -13.16 -38.55
N HIS C 192 -3.12 -14.45 -38.51
CA HIS C 192 -4.05 -15.44 -38.01
C HIS C 192 -4.36 -15.19 -36.54
N SER C 193 -3.33 -14.96 -35.73
CA SER C 193 -3.56 -14.74 -34.31
C SER C 193 -4.40 -13.49 -34.08
N ARG C 194 -4.06 -12.40 -34.77
CA ARG C 194 -4.81 -11.17 -34.55
C ARG C 194 -6.25 -11.32 -35.00
N SER C 195 -6.48 -12.03 -36.11
CA SER C 195 -7.85 -12.23 -36.56
C SER C 195 -8.64 -13.04 -35.54
N ARG C 196 -8.03 -14.08 -34.98
CA ARG C 196 -8.72 -14.86 -33.95
C ARG C 196 -9.09 -13.97 -32.78
N LEU C 197 -8.16 -13.14 -32.33
CA LEU C 197 -8.44 -12.29 -31.18
C LEU C 197 -9.56 -11.31 -31.50
N ASN C 198 -9.54 -10.73 -32.69
CA ASN C 198 -10.59 -9.77 -33.07
C ASN C 198 -11.95 -10.44 -33.07
N ILE C 199 -12.05 -11.63 -33.66
CA ILE C 199 -13.35 -12.29 -33.71
C ILE C 199 -13.85 -12.59 -32.31
N TYR C 200 -12.97 -13.11 -31.45
CA TYR C 200 -13.42 -13.45 -30.12
C TYR C 200 -13.85 -12.22 -29.34
N LYS C 201 -13.14 -11.11 -29.50
CA LYS C 201 -13.59 -9.89 -28.84
C LYS C 201 -14.92 -9.42 -29.39
N ALA C 202 -15.16 -9.64 -30.68
CA ALA C 202 -16.44 -9.27 -31.26
C ALA C 202 -17.58 -10.06 -30.66
N LEU C 203 -17.39 -11.37 -30.47
CA LEU C 203 -18.48 -12.19 -29.95
C LEU C 203 -18.84 -11.83 -28.53
N ALA C 204 -17.88 -11.42 -27.71
CA ALA C 204 -18.11 -11.25 -26.28
C ALA C 204 -18.39 -9.79 -25.95
N SER C 205 -19.53 -9.31 -26.45
CA SER C 205 -19.98 -7.96 -26.18
C SER C 205 -21.44 -8.01 -25.75
N PRO C 206 -21.80 -7.38 -24.63
CA PRO C 206 -23.16 -7.52 -24.13
C PRO C 206 -24.23 -7.16 -25.14
N SER C 207 -24.02 -6.11 -25.93
CA SER C 207 -25.03 -5.71 -26.90
C SER C 207 -25.28 -6.83 -27.90
N LEU C 208 -24.23 -7.34 -28.52
CA LEU C 208 -24.41 -8.36 -29.54
C LEU C 208 -25.06 -9.61 -28.96
N ILE C 209 -24.68 -9.98 -27.75
CA ILE C 209 -25.30 -11.13 -27.11
C ILE C 209 -26.79 -10.88 -26.95
N ALA C 210 -27.16 -9.70 -26.47
CA ALA C 210 -28.56 -9.42 -26.23
C ALA C 210 -29.37 -9.41 -27.51
N LEU C 211 -28.76 -9.01 -28.64
CA LEU C 211 -29.51 -8.94 -29.87
C LEU C 211 -29.75 -10.32 -30.47
N SER C 212 -28.68 -11.02 -30.84
CA SER C 212 -28.78 -12.25 -31.59
C SER C 212 -28.22 -13.38 -30.73
N SER C 213 -29.10 -14.00 -29.94
CA SER C 213 -28.75 -15.17 -29.16
C SER C 213 -30.04 -15.78 -28.64
N GLU C 214 -29.99 -17.09 -28.40
CA GLU C 214 -31.19 -17.77 -27.91
C GLU C 214 -31.23 -17.75 -26.38
N ASP C 215 -30.23 -18.33 -25.73
CA ASP C 215 -30.14 -18.34 -24.28
C ASP C 215 -28.93 -17.51 -23.87
N PRO C 216 -29.13 -16.27 -23.49
CA PRO C 216 -28.00 -15.43 -23.06
C PRO C 216 -27.11 -16.11 -22.04
N PHE C 217 -27.73 -16.76 -21.07
CA PHE C 217 -26.97 -17.33 -19.97
C PHE C 217 -25.99 -18.40 -20.46
N LEU C 218 -26.47 -19.32 -21.28
CA LEU C 218 -25.58 -20.34 -21.80
C LEU C 218 -24.47 -19.69 -22.62
N THR C 219 -24.84 -18.98 -23.68
CA THR C 219 -23.86 -18.37 -24.56
C THR C 219 -22.90 -17.46 -23.82
N ALA C 220 -23.23 -17.07 -22.60
CA ALA C 220 -22.24 -16.39 -21.77
C ALA C 220 -21.30 -17.38 -21.11
N PHE C 221 -21.85 -18.44 -20.52
CA PHE C 221 -21.01 -19.43 -19.84
C PHE C 221 -20.05 -20.08 -20.83
N GLN C 222 -20.54 -20.44 -22.00
CA GLN C 222 -19.72 -21.14 -22.98
C GLN C 222 -18.55 -20.28 -23.40
N LEU C 223 -18.81 -19.01 -23.69
CA LEU C 223 -17.75 -18.10 -24.09
C LEU C 223 -16.75 -17.90 -22.97
N SER C 224 -17.24 -17.75 -21.74
CA SER C 224 -16.34 -17.59 -20.60
C SER C 224 -15.38 -18.77 -20.51
N TRP C 225 -15.92 -19.99 -20.53
CA TRP C 225 -15.08 -21.17 -20.40
C TRP C 225 -14.11 -21.28 -21.56
N GLU C 226 -14.59 -21.08 -22.78
CA GLU C 226 -13.74 -21.26 -23.94
C GLU C 226 -12.60 -20.28 -23.94
N LEU C 227 -12.88 -19.01 -23.64
CA LEU C 227 -11.81 -18.02 -23.57
C LEU C 227 -10.85 -18.32 -22.43
N GLN C 228 -11.36 -18.69 -21.27
CA GLN C 228 -10.47 -18.95 -20.14
C GLN C 228 -9.50 -20.07 -20.47
N GLU C 229 -9.99 -21.16 -21.04
CA GLU C 229 -9.10 -22.26 -21.36
C GLU C 229 -8.18 -21.90 -22.52
N LEU C 230 -8.66 -21.10 -23.47
CA LEU C 230 -7.84 -20.73 -24.62
C LEU C 230 -6.72 -19.80 -24.23
N SER C 231 -6.88 -19.05 -23.14
CA SER C 231 -5.81 -18.20 -22.67
C SER C 231 -4.61 -18.99 -22.16
N LYS C 232 -4.67 -20.32 -22.15
CA LYS C 232 -3.55 -21.14 -21.72
C LYS C 232 -2.71 -21.64 -22.88
N VAL C 233 -3.35 -22.10 -23.95
CA VAL C 233 -2.60 -22.61 -25.09
C VAL C 233 -1.87 -21.48 -25.81
N GLU C 234 -2.47 -20.30 -25.88
CA GLU C 234 -1.80 -19.11 -26.36
C GLU C 234 -1.33 -18.32 -25.15
N ASN C 235 -0.04 -18.02 -25.11
CA ASN C 235 0.58 -17.45 -23.92
C ASN C 235 1.37 -16.21 -24.29
N GLU C 236 0.81 -15.39 -25.15
CA GLU C 236 1.33 -14.05 -25.40
C GLU C 236 0.28 -12.98 -25.21
N PHE C 237 -0.97 -13.25 -25.60
CA PHE C 237 -2.07 -12.33 -25.40
C PHE C 237 -2.91 -12.71 -24.19
N LYS C 238 -2.26 -13.26 -23.16
CA LYS C 238 -2.99 -13.80 -22.02
C LYS C 238 -3.91 -12.77 -21.40
N ALA C 239 -3.40 -11.55 -21.20
CA ALA C 239 -4.16 -10.55 -20.47
C ALA C 239 -5.49 -10.25 -21.14
N GLU C 240 -5.50 -10.12 -22.46
CA GLU C 240 -6.74 -9.80 -23.15
C GLU C 240 -7.78 -10.88 -22.94
N TYR C 241 -7.38 -12.15 -23.06
CA TYR C 241 -8.34 -13.23 -22.91
C TYR C 241 -8.87 -13.30 -21.50
N GLU C 242 -8.00 -13.12 -20.51
CA GLU C 242 -8.50 -13.10 -19.14
C GLU C 242 -9.50 -11.98 -18.94
N GLU C 243 -9.19 -10.78 -19.45
CA GLU C 243 -10.10 -9.66 -19.27
C GLU C 243 -11.44 -9.93 -19.94
N LEU C 244 -11.42 -10.53 -21.13
CA LEU C 244 -12.66 -10.84 -21.81
C LEU C 244 -13.50 -11.83 -21.01
N SER C 245 -12.86 -12.86 -20.46
CA SER C 245 -13.62 -13.79 -19.64
C SER C 245 -14.25 -13.06 -18.46
N HIS C 246 -13.49 -12.15 -17.85
CA HIS C 246 -14.03 -11.43 -16.70
C HIS C 246 -15.24 -10.59 -17.10
N GLN C 247 -15.18 -9.91 -18.24
CA GLN C 247 -16.32 -9.08 -18.60
C GLN C 247 -17.52 -9.95 -18.92
N CYS C 248 -17.31 -11.14 -19.49
CA CYS C 248 -18.43 -12.04 -19.68
C CYS C 248 -19.06 -12.42 -18.34
N LYS C 249 -18.22 -12.70 -17.34
CA LYS C 249 -18.74 -13.04 -16.02
C LYS C 249 -19.62 -11.91 -15.49
N HIS C 250 -19.12 -10.68 -15.56
CA HIS C 250 -19.88 -9.58 -14.97
C HIS C 250 -21.15 -9.30 -15.76
N PHE C 251 -21.12 -9.49 -17.09
CA PHE C 251 -22.34 -9.35 -17.86
C PHE C 251 -23.38 -10.36 -17.41
N ALA C 252 -22.98 -11.61 -17.21
CA ALA C 252 -23.93 -12.62 -16.77
C ALA C 252 -24.53 -12.25 -15.43
N LYS C 253 -23.70 -11.78 -14.51
CA LYS C 253 -24.23 -11.41 -13.20
C LYS C 253 -25.24 -10.28 -13.31
N ASP C 254 -24.89 -9.23 -14.05
CA ASP C 254 -25.79 -8.09 -14.14
C ASP C 254 -27.07 -8.45 -14.88
N LEU C 255 -26.99 -9.34 -15.86
CA LEU C 255 -28.20 -9.78 -16.52
C LEU C 255 -29.09 -10.53 -15.55
N LEU C 256 -28.50 -11.34 -14.67
CA LEU C 256 -29.31 -11.99 -13.65
C LEU C 256 -29.97 -10.97 -12.74
N ASP C 257 -29.26 -9.91 -12.40
CA ASP C 257 -29.71 -9.03 -11.34
C ASP C 257 -31.08 -8.41 -11.63
N GLN C 258 -31.38 -8.14 -12.90
CA GLN C 258 -32.58 -7.41 -13.24
C GLN C 258 -33.84 -8.26 -13.10
N THR C 259 -34.18 -8.66 -11.88
CA THR C 259 -35.43 -9.37 -11.63
C THR C 259 -36.13 -8.75 -10.44
N ARG C 260 -37.45 -8.79 -10.47
CA ARG C 260 -38.26 -8.18 -9.42
C ARG C 260 -39.40 -9.09 -9.03
N SER C 261 -39.13 -10.39 -8.89
CA SER C 261 -40.15 -11.34 -8.47
C SER C 261 -39.52 -12.66 -8.06
N SER C 262 -39.88 -13.16 -6.87
CA SER C 262 -39.29 -14.39 -6.38
C SER C 262 -39.52 -15.54 -7.36
N ARG C 263 -40.78 -15.73 -7.77
CA ARG C 263 -41.09 -16.82 -8.68
C ARG C 263 -40.35 -16.66 -10.01
N GLU C 264 -40.13 -15.43 -10.45
CA GLU C 264 -39.29 -15.19 -11.61
C GLU C 264 -37.92 -15.83 -11.41
N LEU C 265 -37.31 -15.53 -10.27
CA LEU C 265 -35.97 -16.04 -9.99
C LEU C 265 -35.97 -17.56 -9.94
N GLU C 266 -36.96 -18.15 -9.27
CA GLU C 266 -36.95 -19.60 -9.14
C GLU C 266 -37.13 -20.25 -10.51
N LEU C 267 -37.96 -19.66 -11.36
CA LEU C 267 -38.10 -20.20 -12.70
C LEU C 267 -36.78 -20.13 -13.45
N ILE C 268 -36.06 -19.01 -13.32
CA ILE C 268 -34.80 -18.88 -14.03
C ILE C 268 -33.80 -19.93 -13.56
N LEU C 269 -33.69 -20.10 -12.24
CA LEU C 269 -32.69 -21.04 -11.73
C LEU C 269 -33.09 -22.50 -11.93
N ASN C 270 -34.36 -22.80 -12.14
CA ASN C 270 -34.75 -24.18 -12.29
C ASN C 270 -34.66 -24.69 -13.71
N PHE C 271 -34.76 -23.80 -14.70
CA PHE C 271 -34.92 -24.25 -16.07
C PHE C 271 -33.76 -25.12 -16.52
N ARG C 272 -34.08 -26.18 -17.25
CA ARG C 272 -33.09 -27.15 -17.69
C ARG C 272 -32.96 -27.15 -19.21
N ASN C 284 -32.96 -32.49 -10.80
CA ASN C 284 -34.41 -32.41 -10.64
C ASN C 284 -34.82 -31.08 -10.02
N GLU C 285 -33.86 -30.40 -9.38
CA GLU C 285 -34.09 -29.06 -8.88
C GLU C 285 -32.79 -28.28 -8.93
N LEU C 286 -32.90 -27.00 -9.29
CA LEU C 286 -31.74 -26.11 -9.38
C LEU C 286 -30.70 -26.65 -10.35
N ALA C 287 -31.15 -27.17 -11.48
CA ALA C 287 -30.21 -27.71 -12.46
C ALA C 287 -29.31 -26.62 -13.02
N ARG C 288 -29.87 -25.45 -13.33
CA ARG C 288 -29.05 -24.39 -13.89
C ARG C 288 -28.01 -23.92 -12.89
N LEU C 289 -28.36 -23.88 -11.61
CA LEU C 289 -27.36 -23.44 -10.63
C LEU C 289 -26.24 -24.45 -10.54
N LYS C 290 -26.57 -25.75 -10.62
CA LYS C 290 -25.51 -26.75 -10.68
C LYS C 290 -24.65 -26.53 -11.92
N LEU C 291 -25.27 -26.15 -13.03
CA LEU C 291 -24.49 -25.86 -14.23
C LEU C 291 -23.53 -24.71 -13.99
N ALA C 292 -24.01 -23.65 -13.33
CA ALA C 292 -23.14 -22.52 -13.03
C ALA C 292 -21.98 -22.95 -12.14
N ILE C 293 -22.27 -23.78 -11.13
CA ILE C 293 -21.22 -24.30 -10.27
C ILE C 293 -20.19 -25.04 -11.10
N LYS C 294 -20.65 -25.82 -12.08
CA LYS C 294 -19.74 -26.58 -12.91
C LYS C 294 -18.83 -25.65 -13.69
N TYR C 295 -19.36 -24.54 -14.19
CA TYR C 295 -18.62 -23.63 -15.05
C TYR C 295 -17.82 -22.60 -14.28
N ARG C 296 -17.61 -22.80 -12.97
CA ARG C 296 -16.76 -21.96 -12.14
C ARG C 296 -17.16 -20.48 -12.23
N GLN C 297 -18.44 -20.23 -12.43
CA GLN C 297 -18.98 -18.88 -12.61
C GLN C 297 -19.20 -18.28 -11.24
N LYS C 298 -18.20 -17.55 -10.74
CA LYS C 298 -18.23 -17.15 -9.34
C LYS C 298 -19.26 -16.05 -9.07
N GLU C 299 -19.09 -14.90 -9.72
CA GLU C 299 -19.90 -13.73 -9.37
C GLU C 299 -21.39 -13.97 -9.54
N PHE C 300 -21.79 -14.92 -10.39
CA PHE C 300 -23.20 -15.20 -10.60
C PHE C 300 -23.85 -15.83 -9.38
N VAL C 301 -23.05 -16.44 -8.50
CA VAL C 301 -23.60 -17.22 -7.40
C VAL C 301 -23.59 -16.42 -6.12
N ALA C 302 -22.69 -15.44 -6.01
CA ALA C 302 -22.69 -14.55 -4.86
C ALA C 302 -23.60 -13.36 -5.09
N GLN C 303 -24.82 -13.64 -5.46
CA GLN C 303 -25.86 -12.64 -5.67
C GLN C 303 -26.83 -12.66 -4.50
N PRO C 304 -27.10 -11.51 -3.89
CA PRO C 304 -27.89 -11.52 -2.65
C PRO C 304 -29.23 -12.22 -2.77
N ASN C 305 -29.92 -12.05 -3.89
CA ASN C 305 -31.21 -12.70 -4.05
C ASN C 305 -31.07 -14.21 -4.09
N CYS C 306 -30.12 -14.70 -4.88
CA CYS C 306 -29.88 -16.13 -4.94
C CYS C 306 -29.47 -16.66 -3.57
N GLN C 307 -28.69 -15.87 -2.84
CA GLN C 307 -28.27 -16.31 -1.52
C GLN C 307 -29.46 -16.40 -0.57
N GLN C 308 -30.39 -15.45 -0.62
CA GLN C 308 -31.58 -15.56 0.21
C GLN C 308 -32.38 -16.80 -0.15
N LEU C 309 -32.51 -17.08 -1.45
CA LEU C 309 -33.24 -18.29 -1.85
C LEU C 309 -32.58 -19.53 -1.26
N LEU C 310 -31.25 -19.63 -1.39
CA LEU C 310 -30.56 -20.79 -0.86
C LEU C 310 -30.71 -20.89 0.64
N ALA C 311 -30.59 -19.77 1.35
CA ALA C 311 -30.73 -19.80 2.80
C ALA C 311 -32.12 -20.25 3.21
N SER C 312 -33.14 -19.75 2.52
CA SER C 312 -34.50 -20.14 2.86
C SER C 312 -34.73 -21.62 2.64
N ARG C 313 -34.19 -22.16 1.54
CA ARG C 313 -34.34 -23.60 1.33
C ARG C 313 -33.43 -24.40 2.25
N TRP C 314 -32.41 -23.78 2.82
CA TRP C 314 -31.50 -24.46 3.73
C TRP C 314 -32.06 -24.57 5.13
N TYR C 315 -32.25 -23.44 5.81
CA TYR C 315 -32.68 -23.50 7.21
C TYR C 315 -33.99 -24.26 7.37
N ASP C 316 -34.97 -23.97 6.51
CA ASP C 316 -36.26 -24.64 6.59
C ASP C 316 -36.84 -24.54 8.00
N GLU C 317 -36.58 -23.41 8.66
CA GLU C 317 -36.95 -23.19 10.06
C GLU C 317 -36.47 -24.32 10.97
N ARG C 324 -33.14 -15.80 16.53
CA ARG C 324 -32.68 -16.22 17.85
C ARG C 324 -31.34 -15.57 18.15
N HIS C 325 -30.51 -16.23 18.97
CA HIS C 325 -29.20 -15.69 19.31
C HIS C 325 -28.25 -16.84 19.61
N TRP C 326 -26.99 -16.49 19.88
CA TRP C 326 -25.93 -17.48 19.91
C TRP C 326 -26.08 -18.47 21.06
N ALA C 327 -26.62 -18.05 22.20
CA ALA C 327 -26.84 -19.02 23.27
C ALA C 327 -27.90 -20.03 22.87
N GLY C 328 -29.02 -19.56 22.32
CA GLY C 328 -30.06 -20.48 21.86
C GLY C 328 -29.58 -21.38 20.75
N LYS C 329 -28.85 -20.80 19.78
CA LYS C 329 -28.30 -21.61 18.70
C LYS C 329 -27.31 -22.63 19.25
N LEU C 330 -26.51 -22.24 20.24
CA LEU C 330 -25.55 -23.16 20.83
C LEU C 330 -26.25 -24.35 21.48
N ILE C 331 -27.23 -24.07 22.34
CA ILE C 331 -27.91 -25.17 23.04
C ILE C 331 -28.65 -26.05 22.05
N THR C 332 -29.34 -25.44 21.08
CA THR C 332 -30.08 -26.24 20.11
C THR C 332 -29.13 -27.08 19.28
N CYS C 333 -27.98 -26.51 18.88
CA CYS C 333 -27.00 -27.24 18.10
C CYS C 333 -26.46 -28.43 18.88
N VAL C 334 -25.99 -28.19 20.10
CA VAL C 334 -25.38 -29.27 20.87
C VAL C 334 -26.42 -30.33 21.20
N PHE C 335 -27.69 -29.96 21.27
CA PHE C 335 -28.71 -30.92 21.65
C PHE C 335 -28.78 -32.08 20.67
N ILE C 336 -28.68 -31.79 19.36
CA ILE C 336 -28.95 -32.81 18.37
C ILE C 336 -27.88 -33.90 18.40
N GLY C 337 -26.64 -33.54 18.72
CA GLY C 337 -25.58 -34.54 18.73
C GLY C 337 -25.81 -35.59 19.79
N LEU C 338 -26.30 -35.18 20.95
CA LEU C 338 -26.56 -36.13 22.03
C LEU C 338 -27.71 -37.08 21.71
N MET C 339 -28.31 -36.99 20.53
CA MET C 339 -29.40 -37.88 20.18
C MET C 339 -29.37 -38.36 18.73
N PHE C 340 -28.35 -38.02 17.94
CA PHE C 340 -28.38 -38.40 16.53
C PHE C 340 -28.58 -39.89 16.26
N PRO C 341 -27.99 -40.83 17.02
CA PRO C 341 -28.11 -42.24 16.58
C PRO C 341 -29.53 -42.73 16.49
N LEU C 342 -30.34 -42.53 17.53
CA LEU C 342 -31.72 -42.97 17.49
C LEU C 342 -32.50 -42.26 16.40
N LEU C 343 -32.17 -41.00 16.12
CA LEU C 343 -32.83 -40.28 15.04
C LEU C 343 -32.55 -40.93 13.69
N SER C 344 -31.28 -41.22 13.42
CA SER C 344 -30.93 -41.93 12.19
C SER C 344 -31.61 -43.29 12.14
N LEU C 345 -31.73 -43.94 13.30
CA LEU C 345 -32.45 -45.20 13.36
C LEU C 345 -33.90 -45.02 12.95
N CYS C 346 -34.53 -43.97 13.47
CA CYS C 346 -35.93 -43.71 13.14
C CYS C 346 -36.11 -43.51 11.65
N TYR C 347 -35.17 -42.82 11.00
CA TYR C 347 -35.27 -42.71 9.55
C TYR C 347 -35.11 -44.06 8.89
N LEU C 348 -34.07 -44.81 9.27
CA LEU C 348 -33.71 -45.99 8.51
C LEU C 348 -34.68 -47.14 8.69
N VAL C 349 -35.47 -47.14 9.76
CA VAL C 349 -36.41 -48.22 10.01
C VAL C 349 -37.84 -47.80 9.72
N ALA C 350 -38.20 -46.55 9.99
CA ALA C 350 -39.55 -46.05 9.80
C ALA C 350 -39.53 -44.73 9.05
N PRO C 351 -39.24 -44.77 7.74
CA PRO C 351 -39.17 -43.52 6.97
C PRO C 351 -40.54 -42.89 6.79
N LYS C 352 -41.16 -42.48 7.90
CA LYS C 352 -42.48 -41.88 7.90
C LYS C 352 -42.36 -40.46 8.45
N SER C 353 -43.48 -39.74 8.45
CA SER C 353 -43.47 -38.32 8.82
C SER C 353 -43.62 -38.13 10.33
N ARG C 354 -42.83 -38.85 11.11
CA ARG C 354 -42.74 -38.62 12.54
C ARG C 354 -41.34 -38.19 12.94
N TYR C 355 -40.34 -38.99 12.60
CA TYR C 355 -38.95 -38.58 12.67
C TYR C 355 -38.23 -38.67 11.33
N GLY C 356 -38.80 -39.38 10.35
CA GLY C 356 -38.10 -39.59 9.10
C GLY C 356 -37.82 -38.30 8.37
N LEU C 357 -38.76 -37.36 8.38
CA LEU C 357 -38.54 -36.10 7.69
C LEU C 357 -37.55 -35.21 8.44
N PHE C 358 -37.46 -35.36 9.76
CA PHE C 358 -36.65 -34.43 10.54
C PHE C 358 -35.18 -34.49 10.14
N ILE C 359 -34.67 -35.70 9.91
CA ILE C 359 -33.30 -35.82 9.40
C ILE C 359 -33.22 -35.29 7.99
N ARG C 360 -34.25 -35.55 7.17
CA ARG C 360 -34.20 -35.19 5.76
C ARG C 360 -34.01 -33.71 5.54
N LYS C 361 -34.32 -32.88 6.53
CA LYS C 361 -34.03 -31.46 6.43
C LYS C 361 -32.53 -31.26 6.42
N PRO C 362 -32.00 -30.44 5.51
CA PRO C 362 -30.54 -30.44 5.31
C PRO C 362 -29.76 -30.05 6.54
N PHE C 363 -30.07 -28.89 7.14
CA PHE C 363 -29.29 -28.40 8.28
C PHE C 363 -29.16 -29.48 9.35
N ILE C 364 -30.24 -30.22 9.60
CA ILE C 364 -30.16 -31.32 10.56
C ILE C 364 -29.22 -32.39 10.07
N LYS C 365 -29.24 -32.69 8.78
CA LYS C 365 -28.32 -33.69 8.25
C LYS C 365 -26.88 -33.28 8.48
N PHE C 366 -26.59 -32.01 8.25
CA PHE C 366 -25.24 -31.51 8.47
C PHE C 366 -24.85 -31.61 9.93
N ILE C 367 -25.77 -31.27 10.83
CA ILE C 367 -25.47 -31.39 12.25
C ILE C 367 -25.20 -32.83 12.63
N CYS C 368 -26.00 -33.75 12.10
CA CYS C 368 -25.79 -35.16 12.41
C CYS C 368 -24.43 -35.63 11.92
N HIS C 369 -24.04 -35.25 10.71
CA HIS C 369 -22.75 -35.69 10.19
C HIS C 369 -21.59 -35.11 10.98
N THR C 370 -21.71 -33.84 11.38
CA THR C 370 -20.69 -33.25 12.24
C THR C 370 -20.57 -34.01 13.54
N ALA C 371 -21.69 -34.36 14.16
CA ALA C 371 -21.64 -35.09 15.41
C ALA C 371 -20.97 -36.44 15.22
N SER C 372 -21.28 -37.12 14.12
CA SER C 372 -20.62 -38.39 13.83
C SER C 372 -19.12 -38.23 13.72
N TYR C 373 -18.68 -37.18 13.03
CA TYR C 373 -17.25 -36.99 12.85
C TYR C 373 -16.56 -36.70 14.18
N LEU C 374 -17.19 -35.87 15.02
CA LEU C 374 -16.63 -35.64 16.35
C LEU C 374 -16.53 -36.92 17.14
N THR C 375 -17.53 -37.80 17.03
CA THR C 375 -17.45 -39.09 17.71
C THR C 375 -16.26 -39.89 17.19
N PHE C 376 -16.04 -39.85 15.87
CA PHE C 376 -14.89 -40.55 15.30
C PHE C 376 -13.59 -40.06 15.92
N LEU C 377 -13.40 -38.75 15.95
CA LEU C 377 -12.17 -38.23 16.54
C LEU C 377 -12.07 -38.59 18.02
N PHE C 378 -13.17 -38.57 18.75
CA PHE C 378 -13.08 -38.92 20.16
C PHE C 378 -12.60 -40.35 20.33
N LEU C 379 -13.19 -41.29 19.59
CA LEU C 379 -12.73 -42.67 19.71
C LEU C 379 -11.28 -42.82 19.29
N LEU C 380 -10.91 -42.16 18.20
CA LEU C 380 -9.53 -42.19 17.74
C LEU C 380 -8.59 -41.71 18.82
N LEU C 381 -8.90 -40.58 19.45
CA LEU C 381 -8.06 -40.05 20.51
C LEU C 381 -8.05 -40.98 21.71
N LEU C 382 -9.15 -41.67 21.97
CA LEU C 382 -9.20 -42.61 23.07
C LEU C 382 -8.45 -43.89 22.77
N ALA C 383 -8.06 -44.11 21.52
CA ALA C 383 -7.37 -45.34 21.17
C ALA C 383 -6.09 -45.54 21.99
N SER C 384 -5.38 -44.46 22.30
CA SER C 384 -4.15 -44.55 23.08
C SER C 384 -4.42 -44.28 24.56
N GLN C 385 -4.97 -45.26 25.23
CA GLN C 385 -5.06 -45.23 26.67
C GLN C 385 -4.61 -46.58 27.21
N HIS C 386 -3.78 -46.55 28.25
CA HIS C 386 -3.26 -47.78 28.81
C HIS C 386 -4.33 -48.61 29.50
N ILE C 387 -5.51 -48.05 29.71
CA ILE C 387 -6.64 -48.84 30.18
C ILE C 387 -7.16 -49.79 29.10
N VAL C 388 -6.89 -49.50 27.83
CA VAL C 388 -7.41 -50.29 26.73
C VAL C 388 -6.27 -50.77 25.85
N SER C 389 -5.07 -50.79 26.41
CA SER C 389 -3.83 -51.17 25.71
C SER C 389 -3.11 -52.26 26.49
N ASN C 390 -3.84 -53.34 26.79
CA ASN C 390 -3.48 -54.32 27.81
C ASN C 390 -1.98 -54.59 27.90
N ASN C 391 -1.32 -54.87 26.77
CA ASN C 391 0.10 -55.16 26.88
C ASN C 391 0.80 -54.89 25.56
N PRO C 392 1.98 -54.27 25.58
CA PRO C 392 2.74 -54.08 24.34
C PRO C 392 3.39 -55.36 23.85
N ASP C 393 3.99 -56.12 24.76
CA ASP C 393 4.82 -57.26 24.39
C ASP C 393 3.93 -58.38 23.89
N ARG C 394 3.57 -58.28 22.61
CA ARG C 394 2.84 -59.34 21.91
C ARG C 394 2.93 -59.12 20.41
N GLN C 395 3.41 -60.11 19.67
CA GLN C 395 3.45 -59.99 18.22
C GLN C 395 2.04 -60.09 17.66
N GLY C 396 1.53 -58.95 17.18
CA GLY C 396 0.27 -58.91 16.47
C GLY C 396 -0.90 -59.50 17.23
N PRO C 397 -1.25 -58.90 18.37
CA PRO C 397 -2.41 -59.39 19.11
C PRO C 397 -3.69 -59.06 18.40
N LYS C 398 -4.75 -59.72 18.81
CA LYS C 398 -6.06 -59.50 18.22
C LYS C 398 -6.51 -58.07 18.50
N PRO C 399 -7.27 -57.46 17.58
CA PRO C 399 -7.64 -56.05 17.74
C PRO C 399 -8.36 -55.81 19.05
N THR C 400 -8.04 -54.68 19.68
CA THR C 400 -8.66 -54.32 20.94
C THR C 400 -10.09 -53.80 20.70
N THR C 401 -10.79 -53.51 21.79
CA THR C 401 -12.18 -53.06 21.68
C THR C 401 -12.29 -51.77 20.88
N VAL C 402 -11.47 -50.78 21.23
CA VAL C 402 -11.49 -49.54 20.48
C VAL C 402 -11.11 -49.81 19.03
N GLU C 403 -10.16 -50.72 18.81
CA GLU C 403 -9.82 -51.12 17.45
C GLU C 403 -11.00 -51.73 16.72
N TRP C 404 -11.98 -52.28 17.43
CA TRP C 404 -13.19 -52.74 16.78
C TRP C 404 -14.12 -51.57 16.47
N MET C 405 -14.34 -50.69 17.43
CA MET C 405 -15.30 -49.62 17.20
C MET C 405 -14.86 -48.69 16.07
N ILE C 406 -13.57 -48.60 15.77
CA ILE C 406 -13.13 -47.73 14.68
C ILE C 406 -13.59 -48.26 13.34
N LEU C 407 -13.52 -49.57 13.15
CA LEU C 407 -13.68 -50.16 11.82
C LEU C 407 -14.91 -49.72 11.05
N PRO C 408 -16.11 -49.64 11.65
CA PRO C 408 -17.28 -49.19 10.86
C PRO C 408 -17.09 -47.83 10.24
N TRP C 409 -16.46 -46.88 10.96
CA TRP C 409 -16.27 -45.57 10.38
C TRP C 409 -15.35 -45.64 9.17
N VAL C 410 -14.32 -46.47 9.24
CA VAL C 410 -13.43 -46.64 8.08
C VAL C 410 -14.22 -47.19 6.90
N LEU C 411 -15.04 -48.20 7.15
CA LEU C 411 -15.82 -48.77 6.06
C LEU C 411 -16.76 -47.75 5.44
N GLY C 412 -17.46 -46.99 6.28
CA GLY C 412 -18.39 -46.00 5.76
C GLY C 412 -17.69 -44.94 4.95
N PHE C 413 -16.55 -44.45 5.44
CA PHE C 413 -15.81 -43.44 4.70
C PHE C 413 -15.35 -43.98 3.36
N ILE C 414 -14.87 -45.23 3.35
CA ILE C 414 -14.43 -45.84 2.11
C ILE C 414 -15.59 -45.90 1.12
N TRP C 415 -16.76 -46.31 1.59
CA TRP C 415 -17.89 -46.42 0.69
C TRP C 415 -18.30 -45.07 0.13
N THR C 416 -18.31 -44.04 0.98
CA THR C 416 -18.66 -42.72 0.50
C THR C 416 -17.68 -42.24 -0.56
N GLU C 417 -16.40 -42.46 -0.34
CA GLU C 417 -15.43 -42.03 -1.34
C GLU C 417 -15.58 -42.83 -2.63
N ILE C 418 -15.95 -44.11 -2.51
CA ILE C 418 -16.21 -44.91 -3.71
C ILE C 418 -17.37 -44.34 -4.49
N LYS C 419 -18.45 -43.97 -3.80
CA LYS C 419 -19.58 -43.36 -4.47
C LYS C 419 -19.17 -42.07 -5.18
N GLN C 420 -18.43 -41.22 -4.48
CA GLN C 420 -18.04 -39.94 -5.05
C GLN C 420 -17.15 -40.13 -6.28
N MET C 421 -16.17 -41.03 -6.20
CA MET C 421 -15.30 -41.26 -7.34
C MET C 421 -16.03 -41.98 -8.47
N TRP C 422 -17.06 -42.77 -8.15
CA TRP C 422 -17.92 -43.32 -9.18
C TRP C 422 -18.64 -42.22 -9.93
N ASP C 423 -19.13 -41.21 -9.21
CA ASP C 423 -19.75 -40.07 -9.86
C ASP C 423 -18.74 -39.31 -10.72
N GLY C 424 -17.54 -39.08 -10.18
CA GLY C 424 -16.57 -38.26 -10.88
C GLY C 424 -15.64 -39.02 -11.80
N GLY C 425 -14.98 -40.05 -11.28
CA GLY C 425 -14.07 -40.84 -12.08
C GLY C 425 -12.76 -40.14 -12.38
N PHE C 426 -12.09 -39.65 -11.34
CA PHE C 426 -10.77 -39.04 -11.44
C PHE C 426 -10.84 -37.70 -12.18
N GLN C 427 -12.00 -37.40 -12.75
CA GLN C 427 -12.23 -36.15 -13.45
C GLN C 427 -13.17 -35.29 -12.63
N ASP C 428 -12.75 -34.07 -12.34
CA ASP C 428 -13.42 -33.12 -11.46
C ASP C 428 -13.37 -33.59 -10.01
N TYR C 429 -12.89 -34.81 -9.75
CA TYR C 429 -12.78 -35.33 -8.40
C TYR C 429 -11.41 -35.06 -7.79
N ILE C 430 -10.34 -35.34 -8.53
CA ILE C 430 -9.00 -35.18 -8.00
C ILE C 430 -8.69 -33.71 -7.75
N HIS C 431 -9.31 -32.80 -8.50
CA HIS C 431 -8.90 -31.41 -8.48
C HIS C 431 -8.96 -30.83 -7.08
N ASP C 432 -10.08 -31.04 -6.38
CA ASP C 432 -10.19 -30.57 -5.01
C ASP C 432 -9.16 -31.26 -4.12
N TRP C 433 -8.21 -30.48 -3.60
CA TRP C 433 -7.12 -31.06 -2.84
C TRP C 433 -7.60 -31.88 -1.66
N TRP C 434 -8.77 -31.54 -1.12
CA TRP C 434 -9.31 -32.32 -0.01
C TRP C 434 -9.58 -33.76 -0.43
N ASN C 435 -10.07 -33.96 -1.65
CA ASN C 435 -10.31 -35.33 -2.11
C ASN C 435 -9.01 -36.10 -2.24
N LEU C 436 -7.96 -35.45 -2.73
CA LEU C 436 -6.65 -36.09 -2.79
C LEU C 436 -6.19 -36.50 -1.39
N MET C 437 -6.38 -35.61 -0.42
CA MET C 437 -6.03 -35.95 0.95
C MET C 437 -6.84 -37.14 1.45
N ASP C 438 -8.13 -37.18 1.11
CA ASP C 438 -8.96 -38.31 1.51
C ASP C 438 -8.44 -39.61 0.91
N PHE C 439 -8.04 -39.58 -0.35
CA PHE C 439 -7.54 -40.80 -0.98
C PHE C 439 -6.28 -41.31 -0.29
N VAL C 440 -5.30 -40.43 -0.12
CA VAL C 440 -4.05 -40.85 0.51
C VAL C 440 -4.27 -41.23 1.97
N MET C 441 -5.28 -40.66 2.60
CA MET C 441 -5.58 -40.92 4.01
C MET C 441 -6.36 -42.20 4.20
N ASN C 442 -7.15 -42.61 3.20
CA ASN C 442 -7.81 -43.91 3.27
C ASN C 442 -6.84 -45.04 3.00
N SER C 443 -5.94 -44.83 2.03
CA SER C 443 -5.01 -45.89 1.67
C SER C 443 -4.23 -46.37 2.88
N LEU C 444 -3.86 -45.43 3.76
CA LEU C 444 -3.09 -45.80 4.95
C LEU C 444 -3.90 -46.74 5.85
N TYR C 445 -5.17 -46.45 6.06
CA TYR C 445 -5.97 -47.30 6.91
C TYR C 445 -6.10 -48.69 6.31
N LEU C 446 -6.30 -48.76 5.00
CA LEU C 446 -6.38 -50.07 4.35
C LEU C 446 -5.10 -50.86 4.56
N ALA C 447 -3.96 -50.21 4.32
CA ALA C 447 -2.68 -50.88 4.50
C ALA C 447 -2.50 -51.33 5.95
N THR C 448 -2.97 -50.52 6.89
CA THR C 448 -2.87 -50.90 8.30
C THR C 448 -3.65 -52.16 8.58
N ILE C 449 -4.89 -52.24 8.09
CA ILE C 449 -5.69 -53.43 8.32
C ILE C 449 -5.00 -54.66 7.73
N SER C 450 -4.56 -54.55 6.49
CA SER C 450 -3.97 -55.71 5.83
C SER C 450 -2.71 -56.17 6.56
N LEU C 451 -1.83 -55.22 6.88
CA LEU C 451 -0.57 -55.59 7.50
C LEU C 451 -0.77 -56.12 8.91
N LYS C 452 -1.75 -55.58 9.64
CA LYS C 452 -2.04 -56.11 10.96
C LYS C 452 -2.53 -57.54 10.87
N ILE C 453 -3.31 -57.86 9.84
CA ILE C 453 -3.72 -59.25 9.64
C ILE C 453 -2.50 -60.13 9.36
N VAL C 454 -1.60 -59.64 8.53
CA VAL C 454 -0.38 -60.40 8.24
C VAL C 454 0.36 -60.73 9.52
N ALA C 455 0.56 -59.72 10.36
CA ALA C 455 1.26 -59.95 11.62
C ALA C 455 0.47 -60.89 12.51
N TYR C 456 -0.86 -60.79 12.50
CA TYR C 456 -1.69 -61.72 13.26
C TYR C 456 -1.40 -63.15 12.89
N VAL C 457 -1.27 -63.44 11.60
CA VAL C 457 -1.18 -64.82 11.17
C VAL C 457 0.25 -65.35 11.16
N LYS C 458 1.27 -64.49 11.00
CA LYS C 458 2.64 -64.98 11.01
C LYS C 458 3.15 -65.21 12.43
N TYR C 459 3.17 -64.14 13.23
CA TYR C 459 3.87 -64.13 14.50
C TYR C 459 2.87 -64.03 15.64
N SER C 460 3.13 -64.76 16.72
CA SER C 460 2.36 -64.57 17.95
C SER C 460 3.14 -65.13 19.12
N GLY C 461 3.63 -64.25 19.97
CA GLY C 461 4.34 -64.67 21.17
C GLY C 461 4.41 -63.53 22.16
N CYS C 462 4.76 -63.89 23.39
CA CYS C 462 4.92 -62.89 24.45
C CYS C 462 6.41 -62.55 24.63
N LYS C 463 6.97 -61.98 23.59
CA LYS C 463 8.36 -61.56 23.54
C LYS C 463 8.48 -60.08 23.90
N PRO C 464 9.52 -59.68 24.63
CA PRO C 464 9.61 -58.28 25.08
C PRO C 464 9.65 -57.31 23.92
N ARG C 465 9.08 -56.13 24.16
CA ARG C 465 9.05 -55.08 23.15
C ARG C 465 10.45 -54.67 22.75
N ASP C 466 11.37 -54.63 23.70
CA ASP C 466 12.70 -54.11 23.43
C ASP C 466 13.44 -54.95 22.40
N THR C 467 13.34 -56.27 22.51
CA THR C 467 14.11 -57.16 21.65
C THR C 467 13.35 -57.58 20.40
N TRP C 468 12.87 -56.60 19.64
CA TRP C 468 12.24 -56.86 18.36
C TRP C 468 13.11 -56.26 17.26
N GLU C 469 13.24 -56.98 16.16
CA GLU C 469 14.03 -56.49 15.05
C GLU C 469 13.27 -55.43 14.28
N MET C 470 14.01 -54.55 13.62
CA MET C 470 13.41 -53.51 12.81
C MET C 470 12.51 -54.14 11.75
N TRP C 471 11.60 -53.36 11.19
CA TRP C 471 10.64 -53.85 10.22
C TRP C 471 9.76 -54.97 10.74
N HIS C 472 9.64 -55.11 12.06
CA HIS C 472 8.62 -55.98 12.60
C HIS C 472 7.26 -55.44 12.19
N PRO C 473 6.38 -56.26 11.63
CA PRO C 473 5.13 -55.73 11.07
C PRO C 473 4.34 -54.87 12.03
N THR C 474 4.28 -55.24 13.31
CA THR C 474 3.50 -54.44 14.25
C THR C 474 4.03 -53.02 14.33
N LEU C 475 5.35 -52.84 14.25
CA LEU C 475 5.91 -51.50 14.37
C LEU C 475 5.47 -50.61 13.23
N VAL C 476 5.64 -51.08 11.99
CA VAL C 476 5.22 -50.25 10.86
C VAL C 476 3.71 -50.07 10.88
N ALA C 477 2.98 -51.06 11.40
CA ALA C 477 1.55 -50.90 11.53
C ALA C 477 1.22 -49.72 12.44
N GLU C 478 1.88 -49.65 13.59
CA GLU C 478 1.64 -48.54 14.50
C GLU C 478 2.00 -47.21 13.86
N ALA C 479 3.14 -47.16 13.18
CA ALA C 479 3.57 -45.89 12.58
C ALA C 479 2.58 -45.42 11.53
N VAL C 480 2.16 -46.32 10.64
CA VAL C 480 1.22 -45.95 9.59
C VAL C 480 -0.10 -45.54 10.22
N PHE C 481 -0.57 -46.27 11.23
CA PHE C 481 -1.80 -45.89 11.87
C PHE C 481 -1.70 -44.48 12.45
N ALA C 482 -0.56 -44.14 13.05
CA ALA C 482 -0.42 -42.81 13.63
C ALA C 482 -0.48 -41.73 12.56
N ILE C 483 0.23 -41.91 11.45
CA ILE C 483 0.18 -40.91 10.39
C ILE C 483 -1.25 -40.77 9.89
N ALA C 484 -1.96 -41.88 9.76
CA ALA C 484 -3.34 -41.83 9.36
C ALA C 484 -4.17 -41.04 10.36
N ASN C 485 -3.85 -41.18 11.65
CA ASN C 485 -4.55 -40.40 12.66
C ASN C 485 -4.33 -38.91 12.44
N ILE C 486 -3.11 -38.52 12.11
CA ILE C 486 -2.84 -37.11 11.89
C ILE C 486 -3.66 -36.58 10.73
N PHE C 487 -3.62 -37.26 9.59
CA PHE C 487 -4.43 -36.78 8.47
C PHE C 487 -5.91 -36.79 8.80
N SER C 488 -6.39 -37.82 9.47
CA SER C 488 -7.81 -37.87 9.80
C SER C 488 -8.21 -36.68 10.64
N SER C 489 -7.42 -36.36 11.65
CA SER C 489 -7.76 -35.24 12.52
C SER C 489 -7.58 -33.91 11.83
N LEU C 490 -6.75 -33.84 10.79
CA LEU C 490 -6.44 -32.54 10.23
C LEU C 490 -7.54 -31.99 9.35
N ARG C 491 -8.58 -32.76 9.05
CA ARG C 491 -9.60 -32.34 8.11
C ARG C 491 -10.73 -31.55 8.77
N LEU C 492 -10.55 -31.12 10.02
CA LEU C 492 -11.57 -30.28 10.63
C LEU C 492 -11.61 -28.89 10.01
N ILE C 493 -10.46 -28.39 9.54
CA ILE C 493 -10.42 -27.03 9.00
C ILE C 493 -11.47 -26.86 7.92
N SER C 494 -11.69 -27.90 7.12
CA SER C 494 -12.69 -27.82 6.08
C SER C 494 -14.09 -27.62 6.62
N LEU C 495 -14.31 -27.87 7.90
CA LEU C 495 -15.63 -27.65 8.47
C LEU C 495 -15.93 -26.18 8.65
N PHE C 496 -14.91 -25.33 8.72
CA PHE C 496 -15.11 -23.95 9.12
C PHE C 496 -15.48 -23.03 7.97
N THR C 497 -15.60 -23.53 6.76
CA THR C 497 -16.14 -22.70 5.70
C THR C 497 -17.60 -22.37 5.94
N ALA C 498 -18.28 -23.16 6.78
CA ALA C 498 -19.67 -22.90 7.09
C ALA C 498 -19.85 -21.82 8.15
N ASN C 499 -18.78 -21.40 8.82
CA ASN C 499 -18.90 -20.29 9.73
C ASN C 499 -18.78 -18.98 8.96
N SER C 500 -19.14 -17.89 9.63
CA SER C 500 -19.08 -16.57 9.00
C SER C 500 -17.88 -15.75 9.42
N HIS C 501 -17.35 -15.96 10.62
CA HIS C 501 -16.19 -15.19 11.05
C HIS C 501 -14.88 -15.82 10.58
N LEU C 502 -14.85 -17.13 10.40
CA LEU C 502 -13.62 -17.83 10.04
C LEU C 502 -13.52 -18.16 8.57
N GLY C 503 -14.64 -18.36 7.90
CA GLY C 503 -14.66 -18.72 6.51
C GLY C 503 -13.69 -17.94 5.65
N PRO C 504 -13.90 -16.62 5.53
CA PRO C 504 -13.04 -15.85 4.62
C PRO C 504 -11.58 -15.99 4.96
N LEU C 505 -11.27 -15.99 6.26
CA LEU C 505 -9.89 -16.15 6.68
C LEU C 505 -9.34 -17.50 6.24
N GLN C 506 -10.12 -18.56 6.43
CA GLN C 506 -9.65 -19.88 6.03
C GLN C 506 -9.36 -19.91 4.54
N ILE C 507 -10.25 -19.32 3.73
CA ILE C 507 -10.01 -19.33 2.29
C ILE C 507 -8.74 -18.55 1.95
N SER C 508 -8.57 -17.38 2.57
CA SER C 508 -7.41 -16.56 2.25
C SER C 508 -6.11 -17.28 2.58
N LEU C 509 -6.06 -17.97 3.72
CA LEU C 509 -4.94 -18.88 3.95
C LEU C 509 -4.86 -19.95 2.88
N GLY C 510 -6.00 -20.41 2.38
CA GLY C 510 -5.96 -21.40 1.33
C GLY C 510 -5.30 -20.90 0.07
N ARG C 511 -5.46 -19.63 -0.25
CA ARG C 511 -4.98 -19.13 -1.53
C ARG C 511 -3.47 -18.98 -1.55
N MET C 512 -2.84 -18.72 -0.41
CA MET C 512 -1.40 -18.52 -0.39
C MET C 512 -0.61 -19.81 -0.31
N LEU C 513 -0.83 -20.74 -1.21
CA LEU C 513 0.04 -21.89 -1.25
C LEU C 513 0.84 -22.00 -2.53
N LEU C 514 0.34 -21.51 -3.64
CA LEU C 514 1.24 -21.36 -4.77
C LEU C 514 2.22 -20.23 -4.57
N ASP C 515 2.04 -19.41 -3.53
CA ASP C 515 2.98 -18.36 -3.20
C ASP C 515 4.03 -18.81 -2.21
N ILE C 516 4.00 -20.08 -1.80
CA ILE C 516 4.97 -20.64 -0.87
C ILE C 516 5.64 -21.87 -1.46
N LEU C 517 4.88 -22.68 -2.19
CA LEU C 517 5.46 -23.84 -2.84
C LEU C 517 6.44 -23.43 -3.93
N LYS C 518 6.21 -22.30 -4.58
CA LYS C 518 7.18 -21.80 -5.55
C LYS C 518 8.42 -21.26 -4.88
N PHE C 519 8.52 -21.41 -3.57
CA PHE C 519 9.62 -20.87 -2.79
C PHE C 519 10.39 -21.95 -2.05
N LEU C 520 9.66 -22.89 -1.46
CA LEU C 520 10.32 -24.02 -0.82
C LEU C 520 11.19 -24.76 -1.82
N PHE C 521 10.85 -24.68 -3.10
CA PHE C 521 11.69 -25.32 -4.11
C PHE C 521 13.07 -24.67 -4.16
N ILE C 522 13.11 -23.34 -4.27
CA ILE C 522 14.38 -22.66 -4.29
C ILE C 522 15.16 -22.93 -3.03
N TYR C 523 14.48 -22.90 -1.89
CA TYR C 523 15.21 -23.16 -0.66
C TYR C 523 15.79 -24.56 -0.63
N CYS C 524 15.03 -25.56 -1.11
CA CYS C 524 15.54 -26.91 -1.15
C CYS C 524 16.76 -27.01 -2.05
N LEU C 525 16.75 -26.27 -3.15
CA LEU C 525 17.91 -26.29 -4.03
C LEU C 525 19.15 -25.76 -3.31
N VAL C 526 19.00 -24.64 -2.61
CA VAL C 526 20.14 -24.09 -1.86
C VAL C 526 20.62 -25.09 -0.84
N LEU C 527 19.69 -25.72 -0.13
CA LEU C 527 20.06 -26.69 0.90
C LEU C 527 20.86 -27.82 0.30
N LEU C 528 20.44 -28.32 -0.85
CA LEU C 528 21.17 -29.39 -1.51
C LEU C 528 22.59 -28.96 -1.83
N ALA C 529 22.74 -27.77 -2.38
CA ALA C 529 24.08 -27.31 -2.75
C ALA C 529 24.99 -27.26 -1.53
N PHE C 530 24.50 -26.68 -0.44
CA PHE C 530 25.37 -26.53 0.72
C PHE C 530 25.68 -27.88 1.37
N ALA C 531 24.72 -28.80 1.40
CA ALA C 531 25.01 -30.11 1.96
C ALA C 531 26.07 -30.83 1.15
N ASN C 532 25.91 -30.79 -0.18
CA ASN C 532 26.90 -31.38 -1.06
C ASN C 532 28.27 -30.76 -0.83
N GLY C 533 28.30 -29.49 -0.47
CA GLY C 533 29.57 -28.91 -0.11
C GLY C 533 30.15 -29.46 1.17
N LEU C 534 29.42 -29.31 2.27
CA LEU C 534 29.98 -29.65 3.58
C LEU C 534 30.29 -31.12 3.72
N ASN C 535 29.72 -31.99 2.90
CA ASN C 535 30.09 -33.40 3.05
C ASN C 535 31.52 -33.65 2.63
N GLN C 536 31.99 -32.95 1.59
CA GLN C 536 33.33 -33.19 1.06
C GLN C 536 34.37 -32.91 2.14
N LEU C 537 34.21 -31.80 2.85
CA LEU C 537 35.23 -31.38 3.78
C LEU C 537 35.43 -32.39 4.89
N TYR C 538 34.34 -33.01 5.35
CA TYR C 538 34.40 -33.76 6.59
C TYR C 538 34.48 -35.27 6.41
N PHE C 539 33.97 -35.84 5.33
CA PHE C 539 33.68 -37.27 5.38
C PHE C 539 34.89 -38.14 5.68
N TYR C 540 36.09 -37.57 5.71
CA TYR C 540 37.26 -38.35 6.14
C TYR C 540 37.32 -38.54 7.64
N TYR C 541 36.53 -37.81 8.41
CA TYR C 541 36.63 -37.86 9.86
C TYR C 541 35.53 -38.68 10.50
N GLU C 542 34.96 -39.64 9.77
CA GLU C 542 33.90 -40.46 10.35
C GLU C 542 34.45 -41.21 11.55
N ASN C 543 34.02 -40.82 12.75
CA ASN C 543 34.68 -41.30 13.95
C ASN C 543 34.16 -42.67 14.37
N SER C 544 32.91 -42.72 14.83
CA SER C 544 32.22 -43.96 15.20
C SER C 544 33.13 -44.97 15.91
N GLU C 545 33.98 -44.48 16.82
CA GLU C 545 34.85 -45.38 17.59
C GLU C 545 34.19 -45.78 18.90
N GLY C 546 33.21 -46.68 18.78
CA GLY C 546 32.62 -47.30 19.93
C GLY C 546 31.71 -46.40 20.73
N MET C 547 31.12 -45.40 20.09
CA MET C 547 30.20 -44.51 20.78
C MET C 547 28.92 -45.26 21.10
N THR C 548 28.24 -44.83 22.17
CA THR C 548 27.00 -45.49 22.54
C THR C 548 25.89 -45.22 21.52
N CYS C 549 25.90 -44.06 20.90
CA CYS C 549 24.90 -43.70 19.89
C CYS C 549 25.63 -43.05 18.73
N LYS C 550 24.89 -42.41 17.83
CA LYS C 550 25.51 -41.77 16.69
C LYS C 550 24.53 -40.78 16.08
N GLY C 551 25.07 -39.74 15.47
CA GLY C 551 24.27 -38.74 14.81
C GLY C 551 24.06 -37.50 15.65
N ILE C 552 23.12 -36.68 15.21
CA ILE C 552 22.72 -35.52 15.98
C ILE C 552 21.57 -35.86 16.93
N ARG C 553 20.75 -36.84 16.58
CA ARG C 553 19.60 -37.19 17.39
C ARG C 553 20.05 -37.98 18.62
N CYS C 554 20.90 -37.34 19.41
CA CYS C 554 21.48 -37.96 20.59
C CYS C 554 21.78 -36.87 21.61
N GLU C 555 22.03 -37.31 22.85
CA GLU C 555 22.23 -36.35 23.93
C GLU C 555 23.47 -35.50 23.70
N ARG C 556 24.55 -36.11 23.24
CA ARG C 556 25.78 -35.41 22.93
C ARG C 556 25.98 -35.48 21.43
N GLN C 557 25.70 -34.39 20.74
CA GLN C 557 25.76 -34.41 19.29
C GLN C 557 27.17 -34.72 18.81
N ASN C 558 27.27 -35.60 17.83
CA ASN C 558 28.56 -35.99 17.32
C ASN C 558 28.40 -36.53 15.92
N ASN C 559 29.45 -36.40 15.13
CA ASN C 559 29.53 -37.06 13.83
C ASN C 559 28.37 -36.64 12.93
N ALA C 560 28.01 -35.37 12.97
CA ALA C 560 26.89 -34.90 12.17
C ALA C 560 27.22 -34.86 10.69
N PHE C 561 28.38 -34.31 10.36
CA PHE C 561 28.72 -34.11 8.96
C PHE C 561 29.56 -35.29 8.45
N SER C 562 28.92 -36.45 8.36
CA SER C 562 29.59 -37.64 7.87
C SER C 562 28.98 -38.13 6.56
N THR C 563 27.69 -38.43 6.54
CA THR C 563 27.05 -39.00 5.38
C THR C 563 26.23 -37.91 4.70
N LEU C 564 25.79 -38.16 3.48
CA LEU C 564 24.93 -37.19 2.82
C LEU C 564 23.59 -37.06 3.53
N PHE C 565 22.98 -38.17 3.92
CA PHE C 565 21.70 -38.09 4.60
C PHE C 565 21.84 -37.39 5.94
N GLU C 566 22.88 -37.72 6.69
CA GLU C 566 23.08 -37.07 7.97
C GLU C 566 23.30 -35.57 7.78
N THR C 567 24.05 -35.20 6.76
CA THR C 567 24.27 -33.78 6.51
C THR C 567 22.98 -33.07 6.17
N LEU C 568 22.13 -33.71 5.37
CA LEU C 568 20.84 -33.10 5.07
C LEU C 568 20.03 -32.90 6.33
N GLN C 569 20.03 -33.88 7.23
CA GLN C 569 19.30 -33.72 8.48
C GLN C 569 19.84 -32.53 9.27
N SER C 570 21.16 -32.43 9.39
CA SER C 570 21.74 -31.35 10.18
C SER C 570 21.39 -30.00 9.57
N LEU C 571 21.50 -29.88 8.26
CA LEU C 571 21.19 -28.62 7.60
C LEU C 571 19.73 -28.26 7.79
N PHE C 572 18.83 -29.24 7.78
CA PHE C 572 17.43 -28.88 7.97
C PHE C 572 17.17 -28.43 9.38
N TRP C 573 17.66 -29.18 10.37
CA TRP C 573 17.40 -28.79 11.74
C TRP C 573 18.08 -27.51 12.14
N SER C 574 19.13 -27.10 11.41
CA SER C 574 19.82 -25.89 11.79
C SER C 574 18.94 -24.66 11.72
N ILE C 575 17.84 -24.71 10.96
CA ILE C 575 17.00 -23.53 10.78
C ILE C 575 16.45 -23.07 12.12
N PHE C 576 15.95 -24.00 12.92
CA PHE C 576 15.29 -23.64 14.17
C PHE C 576 16.24 -23.59 15.34
N GLY C 577 17.55 -23.55 15.10
CA GLY C 577 18.49 -23.38 16.18
C GLY C 577 18.55 -24.54 17.14
N LEU C 578 18.30 -25.75 16.67
CA LEU C 578 18.38 -26.93 17.50
C LEU C 578 19.68 -27.71 17.31
N ILE C 579 20.65 -27.12 16.61
CA ILE C 579 21.93 -27.77 16.39
C ILE C 579 22.99 -26.96 17.12
N SER C 580 23.61 -27.57 18.12
CA SER C 580 24.61 -26.86 18.87
C SER C 580 25.86 -26.67 18.03
N LEU C 581 26.68 -25.70 18.42
CA LEU C 581 27.74 -25.25 17.53
C LEU C 581 28.91 -26.21 17.49
N TYR C 582 29.17 -26.92 18.56
CA TYR C 582 30.41 -27.68 18.60
C TYR C 582 30.42 -28.84 17.70
N VAL C 583 29.43 -28.98 16.82
CA VAL C 583 29.45 -30.06 15.84
C VAL C 583 30.64 -29.94 14.93
N THR C 584 30.91 -28.73 14.43
CA THR C 584 31.93 -28.53 13.40
C THR C 584 33.33 -28.62 14.01
N ASN C 585 33.62 -29.79 14.55
CA ASN C 585 34.86 -29.99 15.29
C ASN C 585 35.28 -31.43 15.15
N VAL C 586 36.59 -31.67 15.11
CA VAL C 586 37.14 -32.98 14.84
C VAL C 586 38.09 -33.38 15.96
N LYS C 587 38.30 -34.70 16.08
CA LYS C 587 39.14 -35.22 17.15
C LYS C 587 40.57 -34.72 17.02
N ALA C 588 41.08 -34.63 15.80
CA ALA C 588 42.44 -34.15 15.59
C ALA C 588 42.48 -32.64 15.79
N ASP C 589 43.63 -32.03 15.49
CA ASP C 589 43.82 -30.60 15.71
C ASP C 589 44.04 -29.85 14.39
N HIS C 590 43.41 -30.31 13.32
CA HIS C 590 43.57 -29.65 12.03
C HIS C 590 42.83 -28.33 12.07
N LYS C 591 43.39 -27.35 12.76
CA LYS C 591 42.66 -26.12 13.02
C LYS C 591 42.69 -25.21 11.79
N PHE C 592 42.41 -25.78 10.63
CA PHE C 592 42.10 -24.95 9.48
C PHE C 592 40.79 -25.39 8.88
N THR C 593 40.63 -26.70 8.72
CA THR C 593 39.37 -27.22 8.22
C THR C 593 38.26 -26.93 9.20
N GLU C 594 38.56 -27.03 10.49
CA GLU C 594 37.56 -26.67 11.51
C GLU C 594 37.10 -25.23 11.31
N PHE C 595 37.92 -24.40 10.71
CA PHE C 595 37.46 -23.03 10.48
C PHE C 595 36.66 -22.91 9.20
N VAL C 596 37.09 -23.57 8.13
CA VAL C 596 36.37 -23.46 6.88
C VAL C 596 34.98 -24.06 7.00
N GLY C 597 34.87 -25.17 7.73
CA GLY C 597 33.56 -25.76 7.95
C GLY C 597 32.64 -24.81 8.68
N ALA C 598 33.13 -24.18 9.73
CA ALA C 598 32.31 -23.21 10.44
C ALA C 598 31.93 -22.06 9.53
N THR C 599 32.83 -21.65 8.65
CA THR C 599 32.51 -20.56 7.74
C THR C 599 31.37 -20.94 6.82
N MET C 600 31.42 -22.13 6.22
CA MET C 600 30.32 -22.53 5.36
C MET C 600 29.02 -22.62 6.15
N PHE C 601 29.08 -23.16 7.36
CA PHE C 601 27.87 -23.29 8.15
C PHE C 601 27.27 -21.93 8.44
N GLY C 602 28.10 -20.96 8.80
CA GLY C 602 27.59 -19.62 9.04
C GLY C 602 27.01 -18.99 7.80
N THR C 603 27.67 -19.16 6.66
CA THR C 603 27.15 -18.60 5.43
C THR C 603 25.79 -19.17 5.11
N TYR C 604 25.63 -20.48 5.28
CA TYR C 604 24.31 -21.07 5.06
C TYR C 604 23.29 -20.47 5.99
N ASN C 605 23.64 -20.29 7.26
CA ASN C 605 22.66 -19.74 8.18
C ASN C 605 22.26 -18.33 7.78
N VAL C 606 23.22 -17.49 7.39
CA VAL C 606 22.87 -16.14 6.97
C VAL C 606 21.94 -16.18 5.77
N ILE C 607 22.33 -16.93 4.74
CA ILE C 607 21.54 -16.95 3.51
C ILE C 607 20.13 -17.43 3.78
N SER C 608 20.00 -18.49 4.57
CA SER C 608 18.71 -19.15 4.72
C SER C 608 17.94 -18.69 5.94
N LEU C 609 18.40 -17.68 6.65
CA LEU C 609 17.59 -17.21 7.76
C LEU C 609 17.54 -15.70 7.86
N VAL C 610 18.26 -14.95 7.03
CA VAL C 610 18.19 -13.50 7.15
C VAL C 610 17.98 -12.89 5.78
N VAL C 611 18.23 -13.65 4.72
CA VAL C 611 18.19 -13.08 3.39
C VAL C 611 17.15 -13.79 2.54
N LEU C 612 16.86 -15.04 2.87
CA LEU C 612 15.87 -15.75 2.08
C LEU C 612 14.51 -15.82 2.73
N LEU C 613 14.44 -15.93 4.05
CA LEU C 613 13.15 -16.05 4.68
C LEU C 613 12.41 -14.71 4.69
N ASN C 614 13.12 -13.64 5.00
CA ASN C 614 12.50 -12.31 4.96
C ASN C 614 11.88 -12.04 3.60
N MET C 615 12.46 -12.60 2.54
CA MET C 615 11.87 -12.41 1.23
C MET C 615 10.61 -13.24 1.06
N LEU C 616 10.51 -14.38 1.74
CA LEU C 616 9.23 -15.08 1.79
C LEU C 616 8.18 -14.21 2.46
N ILE C 617 8.55 -13.57 3.56
CA ILE C 617 7.60 -12.69 4.26
C ILE C 617 7.16 -11.57 3.35
N ALA C 618 8.12 -10.91 2.70
CA ALA C 618 7.80 -9.77 1.86
C ALA C 618 7.10 -10.18 0.58
N MET C 619 7.10 -11.46 0.24
CA MET C 619 6.30 -11.93 -0.88
C MET C 619 4.85 -12.14 -0.49
N MET C 620 4.62 -12.97 0.54
CA MET C 620 3.24 -13.21 0.96
C MET C 620 2.56 -11.91 1.34
N ASN C 621 3.31 -10.99 1.94
CA ASN C 621 2.71 -9.73 2.34
C ASN C 621 2.09 -9.00 1.16
N ASN C 622 2.83 -8.90 0.06
CA ASN C 622 2.28 -8.22 -1.10
C ASN C 622 1.13 -9.01 -1.70
N SER C 623 1.21 -10.33 -1.68
CA SER C 623 0.15 -11.10 -2.31
C SER C 623 -1.16 -11.01 -1.55
N TYR C 624 -1.10 -10.77 -0.23
CA TYR C 624 -2.33 -10.72 0.56
C TYR C 624 -3.24 -9.61 0.09
N GLN C 625 -2.70 -8.51 -0.38
CA GLN C 625 -3.58 -7.45 -0.86
C GLN C 625 -4.16 -7.78 -2.22
N HIS C 626 -3.42 -8.51 -3.06
CA HIS C 626 -3.99 -8.97 -4.32
C HIS C 626 -5.16 -9.91 -4.09
N ILE C 627 -5.11 -10.70 -3.02
CA ILE C 627 -6.13 -11.71 -2.77
C ILE C 627 -7.28 -11.16 -1.93
N ALA C 628 -6.97 -10.46 -0.84
CA ALA C 628 -7.99 -10.10 0.13
C ALA C 628 -9.11 -9.28 -0.48
N ASP C 629 -8.81 -8.53 -1.55
CA ASP C 629 -9.86 -7.76 -2.21
C ASP C 629 -10.98 -8.66 -2.69
N HIS C 630 -10.64 -9.85 -3.19
CA HIS C 630 -11.64 -10.85 -3.56
C HIS C 630 -11.64 -11.93 -2.48
N ALA C 631 -12.39 -11.66 -1.41
CA ALA C 631 -12.48 -12.61 -0.31
C ALA C 631 -13.89 -13.17 -0.16
N ASP C 632 -14.88 -12.31 0.02
CA ASP C 632 -16.24 -12.77 0.20
C ASP C 632 -16.83 -13.33 -1.07
N ILE C 633 -16.55 -12.71 -2.22
CA ILE C 633 -17.07 -13.19 -3.49
C ILE C 633 -16.67 -14.63 -3.73
N GLU C 634 -15.55 -15.05 -3.14
CA GLU C 634 -15.11 -16.42 -3.30
C GLU C 634 -15.55 -17.30 -2.15
N TRP C 635 -15.53 -16.75 -0.93
CA TRP C 635 -15.98 -17.53 0.22
C TRP C 635 -17.42 -17.98 0.04
N LYS C 636 -18.27 -17.09 -0.49
CA LYS C 636 -19.66 -17.45 -0.69
C LYS C 636 -19.80 -18.59 -1.68
N PHE C 637 -18.98 -18.59 -2.73
CA PHE C 637 -19.03 -19.69 -3.68
C PHE C 637 -18.65 -20.99 -3.01
N ALA C 638 -17.60 -20.98 -2.18
CA ALA C 638 -17.19 -22.19 -1.50
C ALA C 638 -18.29 -22.69 -0.57
N ARG C 639 -18.89 -21.79 0.20
CA ARG C 639 -19.95 -22.17 1.12
C ARG C 639 -21.15 -22.72 0.36
N THR C 640 -21.49 -22.12 -0.76
CA THR C 640 -22.60 -22.60 -1.56
C THR C 640 -22.35 -24.00 -2.08
N LYS C 641 -21.12 -24.27 -2.53
CA LYS C 641 -20.82 -25.63 -2.95
C LYS C 641 -20.99 -26.60 -1.79
N LEU C 642 -20.49 -26.22 -0.61
CA LEU C 642 -20.66 -27.07 0.56
C LEU C 642 -22.12 -27.37 0.82
N TRP C 643 -22.97 -26.34 0.77
CA TRP C 643 -24.39 -26.54 0.99
C TRP C 643 -24.99 -27.46 -0.05
N MET C 644 -24.76 -27.17 -1.33
CA MET C 644 -25.35 -27.98 -2.38
C MET C 644 -24.91 -29.42 -2.30
N SER C 645 -23.82 -29.69 -1.59
CA SER C 645 -23.48 -31.08 -1.36
C SER C 645 -24.53 -31.83 -0.55
N TYR C 646 -25.46 -31.12 0.11
CA TYR C 646 -26.39 -31.77 1.03
C TYR C 646 -27.84 -31.76 0.57
N PHE C 647 -28.17 -31.04 -0.49
CA PHE C 647 -29.59 -30.79 -0.76
C PHE C 647 -30.33 -31.99 -1.32
N GLU C 648 -29.62 -33.07 -1.64
CA GLU C 648 -30.23 -34.20 -2.32
C GLU C 648 -30.46 -35.35 -1.35
N GLU C 649 -31.26 -36.32 -1.78
CA GLU C 649 -31.45 -37.55 -1.02
C GLU C 649 -30.39 -38.57 -1.37
N GLY C 650 -29.12 -38.16 -1.30
CA GLY C 650 -28.03 -39.04 -1.67
C GLY C 650 -27.34 -39.71 -0.51
N GLY C 651 -26.89 -38.94 0.47
CA GLY C 651 -26.22 -39.51 1.62
C GLY C 651 -27.18 -39.89 2.73
N THR C 652 -27.91 -38.90 3.23
CA THR C 652 -29.03 -39.05 4.16
C THR C 652 -28.74 -40.01 5.31
N LEU C 653 -27.46 -40.23 5.63
CA LEU C 653 -27.11 -41.17 6.68
C LEU C 653 -25.70 -40.90 7.14
N PRO C 654 -25.43 -40.86 8.45
CA PRO C 654 -24.07 -40.76 8.92
C PRO C 654 -23.27 -41.98 8.54
N PRO C 655 -21.96 -41.84 8.33
CA PRO C 655 -21.13 -42.98 7.92
C PRO C 655 -21.16 -44.13 8.91
N PRO C 656 -21.25 -43.89 10.23
CA PRO C 656 -21.41 -45.04 11.13
C PRO C 656 -22.59 -45.91 10.75
N PHE C 657 -23.76 -45.31 10.58
CA PHE C 657 -24.95 -46.02 10.13
C PHE C 657 -25.09 -45.93 8.62
N ASN C 658 -24.03 -46.26 7.90
CA ASN C 658 -24.07 -46.24 6.45
C ASN C 658 -24.28 -47.61 5.85
N ILE C 659 -24.25 -48.66 6.67
CA ILE C 659 -24.39 -50.02 6.18
C ILE C 659 -25.22 -50.85 7.14
N ALA C 696 -46.49 -28.85 -23.76
CA ALA C 696 -46.42 -30.08 -22.98
C ALA C 696 -45.70 -29.85 -21.66
N GLU C 697 -44.94 -30.86 -21.23
CA GLU C 697 -44.29 -30.79 -19.93
C GLU C 697 -43.33 -29.62 -19.86
N ASN C 698 -42.52 -29.43 -20.88
CA ASN C 698 -41.54 -28.35 -20.92
C ASN C 698 -41.81 -27.32 -21.99
N VAL C 699 -42.71 -27.59 -22.94
CA VAL C 699 -43.08 -26.59 -23.93
C VAL C 699 -43.74 -25.40 -23.23
N ARG C 700 -44.62 -25.66 -22.27
CA ARG C 700 -45.19 -24.58 -21.48
C ARG C 700 -44.11 -23.88 -20.65
N LEU C 701 -43.19 -24.66 -20.09
CA LEU C 701 -42.09 -24.06 -19.36
C LEU C 701 -41.25 -23.16 -20.26
N ASN C 702 -40.94 -23.63 -21.46
CA ASN C 702 -40.25 -22.79 -22.42
C ASN C 702 -41.07 -21.55 -22.73
N HIS C 703 -42.38 -21.72 -22.82
CA HIS C 703 -43.27 -20.61 -23.15
C HIS C 703 -43.16 -19.49 -22.14
N GLN C 704 -43.21 -19.84 -20.87
CA GLN C 704 -43.11 -18.81 -19.83
C GLN C 704 -41.67 -18.32 -19.64
N TYR C 705 -40.71 -19.23 -19.78
CA TYR C 705 -39.31 -18.87 -19.61
C TYR C 705 -38.88 -17.85 -20.64
N GLN C 706 -39.37 -17.99 -21.87
CA GLN C 706 -39.02 -17.02 -22.90
C GLN C 706 -39.57 -15.64 -22.56
N GLU C 707 -40.79 -15.58 -22.02
CA GLU C 707 -41.32 -14.28 -21.61
C GLU C 707 -40.46 -13.66 -20.52
N VAL C 708 -40.05 -14.47 -19.56
CA VAL C 708 -39.18 -13.96 -18.50
C VAL C 708 -37.88 -13.42 -19.11
N LEU C 709 -37.30 -14.17 -20.03
CA LEU C 709 -36.07 -13.72 -20.67
C LEU C 709 -36.26 -12.41 -21.39
N ARG C 710 -37.38 -12.28 -22.12
CA ARG C 710 -37.63 -11.04 -22.83
C ARG C 710 -37.70 -9.86 -21.87
N ASN C 711 -38.41 -10.04 -20.75
CA ASN C 711 -38.51 -8.96 -19.79
C ASN C 711 -37.14 -8.59 -19.24
N LEU C 712 -36.33 -9.60 -18.88
CA LEU C 712 -35.02 -9.30 -18.31
C LEU C 712 -34.15 -8.55 -19.30
N VAL C 713 -34.10 -9.03 -20.55
CA VAL C 713 -33.20 -8.39 -21.50
C VAL C 713 -33.68 -6.98 -21.82
N LYS C 714 -35.00 -6.77 -21.88
CA LYS C 714 -35.50 -5.42 -22.09
C LYS C 714 -35.08 -4.50 -20.95
N ARG C 715 -35.27 -4.96 -19.71
CA ARG C 715 -34.89 -4.12 -18.58
C ARG C 715 -33.41 -3.81 -18.61
N TYR C 716 -32.59 -4.81 -18.93
CA TYR C 716 -31.15 -4.58 -18.94
C TYR C 716 -30.75 -3.59 -20.00
N VAL C 717 -31.23 -3.78 -21.23
CA VAL C 717 -30.83 -2.89 -22.32
C VAL C 717 -31.26 -1.47 -22.02
N ALA C 718 -32.50 -1.29 -21.55
CA ALA C 718 -32.96 0.06 -21.26
C ALA C 718 -32.17 0.67 -20.10
N ALA C 719 -31.83 -0.14 -19.10
CA ALA C 719 -31.43 0.42 -17.82
C ALA C 719 -29.93 0.57 -17.65
N MET C 720 -29.11 -0.16 -18.40
CA MET C 720 -27.68 0.01 -18.22
C MET C 720 -26.98 0.51 -19.48
N ILE C 721 -27.08 -0.20 -20.60
CA ILE C 721 -26.29 0.22 -21.76
C ILE C 721 -26.82 1.49 -22.39
N ARG C 722 -28.02 1.92 -22.01
CA ARG C 722 -28.50 3.25 -22.37
C ARG C 722 -28.29 4.22 -21.22
N ASP C 723 -28.87 3.91 -20.07
CA ASP C 723 -28.94 4.89 -18.99
C ASP C 723 -27.56 5.24 -18.46
N ALA C 724 -26.63 4.30 -18.44
CA ALA C 724 -25.32 4.59 -17.91
C ALA C 724 -24.39 5.22 -18.93
N LYS C 725 -24.71 5.13 -20.23
CA LYS C 725 -23.92 5.86 -21.21
C LYS C 725 -24.04 7.36 -21.01
N THR C 726 -25.24 7.83 -20.64
CA THR C 726 -25.40 9.26 -20.44
C THR C 726 -24.93 9.63 -19.04
N GLU C 727 -23.73 9.18 -18.67
CA GLU C 727 -23.11 9.56 -17.41
C GLU C 727 -21.59 9.62 -17.52
N GLU C 728 -21.04 9.80 -18.72
CA GLU C 728 -19.61 9.78 -18.94
C GLU C 728 -19.06 11.20 -19.11
N GLY C 729 -17.80 11.38 -18.74
CA GLY C 729 -17.19 12.69 -18.78
C GLY C 729 -16.91 13.18 -20.20
N LEU C 730 -16.71 14.48 -20.31
CA LEU C 730 -16.57 15.15 -21.59
C LEU C 730 -15.16 14.97 -22.15
N THR C 731 -15.01 15.35 -23.42
CA THR C 731 -13.73 15.25 -24.11
C THR C 731 -13.67 16.31 -25.20
N GLU C 732 -12.55 16.34 -25.92
CA GLU C 732 -12.29 17.41 -26.88
C GLU C 732 -13.24 17.37 -28.07
N GLU C 733 -13.84 16.20 -28.35
CA GLU C 733 -14.86 16.12 -29.39
C GLU C 733 -16.02 17.07 -29.11
N ASN C 734 -16.45 17.14 -27.85
CA ASN C 734 -17.57 18.00 -27.51
C ASN C 734 -17.23 19.47 -27.76
N PHE C 735 -16.01 19.86 -27.39
CA PHE C 735 -15.52 21.20 -27.74
C PHE C 735 -15.62 21.46 -29.23
N LYS C 736 -15.06 20.56 -30.03
CA LYS C 736 -15.08 20.75 -31.48
C LYS C 736 -16.50 20.93 -31.97
N GLU C 737 -17.40 20.04 -31.56
CA GLU C 737 -18.75 20.05 -32.11
C GLU C 737 -19.52 21.29 -31.70
N LEU C 738 -19.39 21.71 -30.44
CA LEU C 738 -20.07 22.94 -30.02
C LEU C 738 -19.58 24.12 -30.83
N LYS C 739 -18.26 24.30 -30.91
CA LYS C 739 -17.74 25.48 -31.59
C LYS C 739 -18.11 25.47 -33.06
N GLN C 740 -18.04 24.29 -33.69
CA GLN C 740 -18.39 24.20 -35.11
C GLN C 740 -19.86 24.50 -35.35
N ASP C 741 -20.76 24.01 -34.49
CA ASP C 741 -22.17 24.31 -34.66
C ASP C 741 -22.42 25.81 -34.53
N ILE C 742 -21.79 26.44 -33.55
CA ILE C 742 -21.95 27.89 -33.41
C ILE C 742 -21.48 28.59 -34.67
N SER C 743 -20.32 28.18 -35.21
CA SER C 743 -19.78 28.83 -36.39
C SER C 743 -20.72 28.66 -37.58
N SER C 744 -21.30 27.47 -37.74
CA SER C 744 -22.21 27.25 -38.85
C SER C 744 -23.44 28.14 -38.72
N PHE C 745 -23.99 28.26 -37.50
CA PHE C 745 -25.14 29.13 -37.32
C PHE C 745 -24.78 30.57 -37.63
N ARG C 746 -23.56 30.97 -37.29
CA ARG C 746 -23.08 32.31 -37.64
C ARG C 746 -23.08 32.51 -39.14
N TYR C 747 -22.53 31.54 -39.88
CA TYR C 747 -22.42 31.69 -41.32
C TYR C 747 -23.80 31.73 -41.96
N GLU C 748 -24.72 30.89 -41.51
CA GLU C 748 -26.05 30.92 -42.10
C GLU C 748 -26.74 32.25 -41.86
N VAL C 749 -26.66 32.77 -40.63
CA VAL C 749 -27.32 34.03 -40.33
C VAL C 749 -26.71 35.15 -41.16
N ILE C 750 -25.38 35.18 -41.27
CA ILE C 750 -24.73 36.23 -42.03
C ILE C 750 -25.11 36.14 -43.50
N GLY C 751 -25.20 34.91 -44.03
CA GLY C 751 -25.59 34.75 -45.42
C GLY C 751 -27.02 35.18 -45.69
N MET C 752 -27.93 34.92 -44.76
CA MET C 752 -29.32 35.30 -44.97
C MET C 752 -29.63 36.73 -44.55
N MET C 753 -28.69 37.43 -43.92
CA MET C 753 -28.92 38.85 -43.63
C MET C 753 -28.92 39.70 -44.90
N LYS C 754 -28.09 39.36 -45.88
CA LYS C 754 -28.02 40.13 -47.11
C LYS C 754 -27.49 39.28 -48.25
N LEU D 29 -3.94 54.01 -20.56
CA LEU D 29 -4.68 53.88 -19.31
C LEU D 29 -5.63 55.07 -19.24
N SER D 30 -5.66 55.77 -18.10
CA SER D 30 -6.44 57.00 -17.91
C SER D 30 -7.89 56.81 -18.32
N THR D 31 -8.44 55.63 -17.98
CA THR D 31 -9.79 55.24 -18.34
C THR D 31 -10.04 55.52 -19.84
N GLN D 32 -8.99 55.28 -20.63
CA GLN D 32 -9.06 55.48 -22.07
C GLN D 32 -8.65 54.18 -22.75
N GLU D 33 -7.60 53.56 -22.22
CA GLU D 33 -7.17 52.26 -22.70
C GLU D 33 -8.05 51.15 -22.17
N LYS D 34 -8.71 51.38 -21.03
CA LYS D 34 -9.55 50.35 -20.43
C LYS D 34 -10.67 49.93 -21.38
N SER D 35 -11.32 50.92 -22.01
CA SER D 35 -12.35 50.61 -22.99
C SER D 35 -11.77 49.80 -24.15
N TYR D 36 -10.58 50.19 -24.62
CA TYR D 36 -9.93 49.49 -25.72
C TYR D 36 -9.68 48.03 -25.37
N LEU D 37 -9.07 47.78 -24.20
CA LEU D 37 -8.81 46.41 -23.79
C LEU D 37 -10.09 45.62 -23.61
N SER D 38 -11.11 46.23 -23.00
CA SER D 38 -12.37 45.52 -22.80
C SER D 38 -13.01 45.14 -24.12
N ALA D 39 -13.00 46.06 -25.08
CA ALA D 39 -13.56 45.76 -26.39
C ALA D 39 -12.80 44.63 -27.06
N VAL D 40 -11.46 44.67 -26.97
CA VAL D 40 -10.68 43.61 -27.61
C VAL D 40 -10.99 42.27 -26.99
N GLU D 41 -11.08 42.20 -25.66
CA GLU D 41 -11.28 40.92 -25.01
C GLU D 41 -12.70 40.41 -25.16
N LYS D 42 -13.68 41.29 -25.20
CA LYS D 42 -15.08 40.86 -25.26
C LYS D 42 -15.44 40.26 -26.61
N GLY D 43 -14.68 40.58 -27.66
CA GLY D 43 -14.97 40.06 -28.98
C GLY D 43 -15.47 41.09 -29.97
N ASP D 44 -15.57 42.35 -29.57
CA ASP D 44 -16.08 43.37 -30.47
C ASP D 44 -15.10 43.60 -31.62
N TYR D 45 -15.64 44.01 -32.74
CA TYR D 45 -14.80 44.29 -33.91
C TYR D 45 -14.84 45.74 -34.34
N ALA D 46 -16.04 46.29 -34.58
CA ALA D 46 -16.13 47.67 -35.06
C ALA D 46 -15.55 48.66 -34.06
N SER D 47 -15.89 48.48 -32.78
CA SER D 47 -15.40 49.40 -31.76
C SER D 47 -13.88 49.38 -31.68
N VAL D 48 -13.28 48.18 -31.77
CA VAL D 48 -11.84 48.07 -31.71
C VAL D 48 -11.20 48.81 -32.88
N LYS D 49 -11.73 48.60 -34.09
CA LYS D 49 -11.20 49.28 -35.27
C LYS D 49 -11.31 50.79 -35.11
N LEU D 50 -12.47 51.26 -34.67
CA LEU D 50 -12.66 52.69 -34.51
C LEU D 50 -11.67 53.26 -33.52
N ALA D 51 -11.42 52.53 -32.43
CA ALA D 51 -10.43 52.98 -31.46
C ALA D 51 -9.05 53.06 -32.10
N LEU D 52 -8.70 52.06 -32.92
CA LEU D 52 -7.40 52.08 -33.60
C LEU D 52 -7.22 53.35 -34.41
N GLU D 53 -8.09 53.59 -35.39
CA GLU D 53 -7.82 54.78 -36.20
C GLU D 53 -8.27 56.07 -35.55
N GLU D 54 -8.82 56.03 -34.34
CA GLU D 54 -8.99 57.28 -33.60
C GLU D 54 -7.69 57.65 -32.87
N ALA D 55 -7.18 56.73 -32.06
CA ALA D 55 -5.92 56.97 -31.37
C ALA D 55 -4.76 57.09 -32.35
N GLU D 56 -4.93 56.63 -33.59
CA GLU D 56 -3.89 56.82 -34.58
C GLU D 56 -3.75 58.28 -34.99
N ILE D 57 -4.81 59.09 -34.83
CA ILE D 57 -4.74 60.49 -35.20
C ILE D 57 -4.69 61.42 -34.00
N TYR D 58 -5.33 61.08 -32.89
CA TYR D 58 -5.26 61.96 -31.73
C TYR D 58 -4.03 61.73 -30.86
N PHE D 59 -3.25 60.69 -31.14
CA PHE D 59 -2.02 60.40 -30.40
C PHE D 59 -2.28 60.45 -28.90
N LYS D 60 -3.40 59.84 -28.51
CA LYS D 60 -3.95 59.95 -27.17
C LYS D 60 -3.49 58.81 -26.26
N ILE D 61 -3.54 57.58 -26.73
CA ILE D 61 -3.05 56.42 -26.00
C ILE D 61 -2.03 55.71 -26.89
N ASN D 62 -1.27 54.81 -26.28
CA ASN D 62 -0.46 53.88 -27.05
C ASN D 62 -1.26 52.63 -27.34
N ILE D 63 -1.14 52.12 -28.56
CA ILE D 63 -1.88 50.93 -28.95
C ILE D 63 -1.43 49.74 -28.13
N ASN D 64 -0.21 49.78 -27.61
CA ASN D 64 0.47 48.62 -27.04
C ASN D 64 0.65 48.73 -25.54
N CYS D 65 -0.37 49.21 -24.84
CA CYS D 65 -0.32 49.24 -23.38
C CYS D 65 -0.50 47.84 -22.81
N ILE D 66 0.07 47.61 -21.64
CA ILE D 66 -0.11 46.36 -20.90
C ILE D 66 -0.51 46.71 -19.47
N ASP D 67 -1.82 46.86 -19.25
CA ASP D 67 -2.27 47.24 -17.92
C ASP D 67 -2.33 46.09 -16.92
N PRO D 68 -3.19 45.08 -17.13
CA PRO D 68 -3.55 44.21 -16.00
C PRO D 68 -2.42 43.35 -15.48
N LEU D 69 -1.86 42.51 -16.36
CA LEU D 69 -0.82 41.57 -15.99
C LEU D 69 0.21 41.48 -17.09
N GLY D 70 0.61 42.62 -17.64
CA GLY D 70 1.51 42.62 -18.77
C GLY D 70 0.93 41.98 -20.01
N ARG D 71 -0.31 42.32 -20.36
CA ARG D 71 -1.02 41.68 -21.47
C ARG D 71 -1.23 42.70 -22.58
N THR D 72 -0.42 42.62 -23.63
CA THR D 72 -0.68 43.40 -24.82
C THR D 72 -2.00 42.96 -25.42
N ALA D 73 -2.73 43.92 -25.99
CA ALA D 73 -4.00 43.59 -26.63
C ALA D 73 -3.81 42.49 -27.65
N LEU D 74 -2.66 42.46 -28.32
CA LEU D 74 -2.35 41.36 -29.21
C LEU D 74 -2.37 40.04 -28.47
N LEU D 75 -1.79 40.01 -27.26
CA LEU D 75 -1.80 38.78 -26.49
C LEU D 75 -3.21 38.39 -26.09
N ILE D 76 -4.04 39.38 -25.73
CA ILE D 76 -5.43 39.10 -25.39
C ILE D 76 -6.15 38.45 -26.56
N ALA D 77 -5.97 38.99 -27.76
CA ALA D 77 -6.57 38.37 -28.93
C ALA D 77 -6.01 36.98 -29.15
N ILE D 78 -4.70 36.81 -28.93
CA ILE D 78 -4.06 35.52 -29.14
C ILE D 78 -4.72 34.45 -28.26
N GLU D 79 -4.84 34.74 -26.97
CA GLU D 79 -5.33 33.73 -26.05
C GLU D 79 -6.81 33.43 -26.21
N ASN D 80 -7.57 34.32 -26.84
CA ASN D 80 -8.93 34.00 -27.27
C ASN D 80 -8.99 33.51 -28.71
N GLU D 81 -7.82 33.33 -29.33
CA GLU D 81 -7.69 32.76 -30.69
C GLU D 81 -8.63 33.42 -31.70
N ASN D 82 -9.05 34.66 -31.42
CA ASN D 82 -9.96 35.34 -32.33
C ASN D 82 -9.14 35.88 -33.51
N LEU D 83 -9.25 35.21 -34.66
CA LEU D 83 -8.39 35.53 -35.78
C LEU D 83 -8.62 36.93 -36.33
N GLU D 84 -9.88 37.36 -36.38
CA GLU D 84 -10.19 38.64 -37.03
C GLU D 84 -9.43 39.77 -36.36
N ILE D 85 -9.46 39.81 -35.03
CA ILE D 85 -8.78 40.88 -34.32
C ILE D 85 -7.28 40.83 -34.56
N ILE D 86 -6.70 39.64 -34.55
CA ILE D 86 -5.26 39.52 -34.74
C ILE D 86 -4.87 40.03 -36.12
N GLU D 87 -5.59 39.59 -37.15
CA GLU D 87 -5.25 40.02 -38.50
C GLU D 87 -5.46 41.51 -38.68
N LEU D 88 -6.47 42.07 -38.01
CA LEU D 88 -6.64 43.52 -38.05
C LEU D 88 -5.46 44.23 -37.39
N LEU D 89 -5.02 43.72 -36.24
CA LEU D 89 -3.92 44.37 -35.53
C LEU D 89 -2.64 44.31 -36.32
N LEU D 90 -2.43 43.25 -37.09
CA LEU D 90 -1.25 43.21 -37.94
C LEU D 90 -1.27 44.31 -39.00
N SER D 91 -2.44 44.82 -39.36
CA SER D 91 -2.50 45.92 -40.32
C SER D 91 -1.89 47.20 -39.74
N PHE D 92 -2.16 47.48 -38.47
CA PHE D 92 -1.72 48.72 -37.87
C PHE D 92 -0.29 48.68 -37.34
N ASN D 93 0.43 47.59 -37.59
CA ASN D 93 1.86 47.52 -37.27
C ASN D 93 2.12 47.70 -35.78
N VAL D 94 1.20 47.27 -34.93
CA VAL D 94 1.45 47.30 -33.50
C VAL D 94 2.64 46.38 -33.20
N TYR D 95 3.41 46.74 -32.18
CA TYR D 95 4.62 45.99 -31.89
C TYR D 95 4.28 44.54 -31.55
N VAL D 96 5.04 43.61 -32.12
CA VAL D 96 4.72 42.19 -32.00
C VAL D 96 5.35 41.59 -30.75
N GLY D 97 6.61 41.90 -30.46
CA GLY D 97 7.25 41.24 -29.36
C GLY D 97 7.42 39.76 -29.62
N ASP D 98 7.56 39.01 -28.54
CA ASP D 98 7.64 37.55 -28.63
C ASP D 98 6.26 36.93 -28.52
N ALA D 99 5.31 37.45 -29.30
CA ALA D 99 3.98 36.86 -29.31
C ALA D 99 3.97 35.53 -30.02
N LEU D 100 4.84 35.37 -31.02
CA LEU D 100 5.00 34.09 -31.69
C LEU D 100 5.21 32.99 -30.67
N LEU D 101 6.05 33.25 -29.68
CA LEU D 101 6.32 32.25 -28.65
C LEU D 101 5.07 31.92 -27.86
N HIS D 102 4.28 32.94 -27.50
CA HIS D 102 3.05 32.69 -26.76
C HIS D 102 2.07 31.86 -27.59
N ALA D 103 1.95 32.17 -28.87
CA ALA D 103 1.08 31.37 -29.73
C ALA D 103 1.57 29.93 -29.80
N ILE D 104 2.89 29.74 -29.93
CA ILE D 104 3.43 28.40 -30.00
C ILE D 104 3.08 27.63 -28.73
N ARG D 105 3.27 28.26 -27.57
CA ARG D 105 2.92 27.60 -26.33
C ARG D 105 1.44 27.26 -26.29
N LYS D 106 0.60 28.20 -26.73
CA LYS D 106 -0.85 28.03 -26.66
C LYS D 106 -1.36 27.01 -27.68
N GLU D 107 -0.55 26.63 -28.66
CA GLU D 107 -0.94 25.68 -29.69
C GLU D 107 -2.15 26.19 -30.47
N VAL D 108 -1.96 27.30 -31.16
CA VAL D 108 -2.93 27.85 -32.08
C VAL D 108 -2.28 27.96 -33.45
N VAL D 109 -2.92 27.38 -34.46
CA VAL D 109 -2.26 27.24 -35.75
C VAL D 109 -2.40 28.50 -36.59
N GLY D 110 -3.56 29.14 -36.56
CA GLY D 110 -3.76 30.31 -37.39
C GLY D 110 -2.86 31.46 -36.99
N ALA D 111 -2.60 31.60 -35.68
CA ALA D 111 -1.78 32.70 -35.21
C ALA D 111 -0.37 32.60 -35.78
N VAL D 112 0.27 31.45 -35.62
CA VAL D 112 1.60 31.29 -36.19
C VAL D 112 1.54 31.30 -37.70
N GLU D 113 0.40 30.88 -38.26
CA GLU D 113 0.23 30.93 -39.71
C GLU D 113 0.37 32.35 -40.22
N LEU D 114 -0.22 33.31 -39.52
CA LEU D 114 -0.07 34.72 -39.91
C LEU D 114 1.30 35.26 -39.54
N LEU D 115 1.70 35.10 -38.27
CA LEU D 115 2.91 35.73 -37.79
C LEU D 115 4.14 35.31 -38.58
N LEU D 116 4.14 34.10 -39.12
CA LEU D 116 5.33 33.58 -39.77
C LEU D 116 5.72 34.43 -40.97
N ASN D 117 4.74 34.87 -41.75
CA ASN D 117 5.00 35.57 -43.00
C ASN D 117 4.93 37.07 -42.79
N HIS D 118 5.97 37.77 -43.25
CA HIS D 118 6.03 39.23 -43.20
C HIS D 118 7.18 39.75 -44.06
N GLN D 135 10.53 44.74 -23.02
CA GLN D 135 11.96 44.80 -22.72
C GLN D 135 12.44 43.47 -22.14
N PHE D 136 12.22 43.24 -20.85
CA PHE D 136 12.41 41.91 -20.29
C PHE D 136 11.16 41.07 -20.52
N SER D 137 11.36 39.92 -21.14
CA SER D 137 10.27 38.99 -21.43
C SER D 137 10.19 37.94 -20.35
N ASP D 138 9.20 37.06 -20.48
CA ASP D 138 9.00 35.95 -19.56
C ASP D 138 9.55 34.64 -20.09
N PHE D 139 10.29 34.67 -21.19
CA PHE D 139 10.84 33.47 -21.79
C PHE D 139 12.36 33.50 -21.72
N THR D 140 12.95 32.35 -21.42
CA THR D 140 14.39 32.26 -21.26
C THR D 140 15.08 32.73 -22.54
N PRO D 141 16.20 33.44 -22.44
CA PRO D 141 16.90 33.89 -23.66
C PRO D 141 17.30 32.75 -24.57
N ASP D 142 17.38 31.53 -24.05
CA ASP D 142 17.82 30.41 -24.87
C ASP D 142 16.80 30.04 -25.94
N ILE D 143 15.51 30.08 -25.58
CA ILE D 143 14.49 29.44 -26.39
C ILE D 143 14.33 30.16 -27.72
N THR D 144 14.37 29.40 -28.80
CA THR D 144 14.07 29.83 -30.16
C THR D 144 12.75 29.23 -30.58
N PRO D 145 12.18 29.68 -31.70
CA PRO D 145 10.89 29.10 -32.14
C PRO D 145 10.92 27.59 -32.28
N ILE D 146 11.99 27.02 -32.83
CA ILE D 146 11.99 25.58 -33.07
C ILE D 146 12.09 24.81 -31.76
N ILE D 147 12.87 25.32 -30.79
CA ILE D 147 13.04 24.59 -29.54
C ILE D 147 11.71 24.47 -28.82
N LEU D 148 11.01 25.59 -28.66
CA LEU D 148 9.71 25.53 -28.01
C LEU D 148 8.72 24.75 -28.84
N ALA D 149 8.83 24.84 -30.16
CA ALA D 149 7.94 24.07 -31.02
C ALA D 149 8.10 22.59 -30.76
N ALA D 150 9.34 22.13 -30.59
CA ALA D 150 9.56 20.72 -30.32
C ALA D 150 9.18 20.36 -28.90
N HIS D 151 9.25 21.32 -27.97
CA HIS D 151 8.88 21.05 -26.59
C HIS D 151 7.47 20.53 -26.47
N THR D 152 6.60 20.85 -27.43
CA THR D 152 5.23 20.40 -27.45
C THR D 152 5.02 19.65 -28.75
N ASN D 153 4.80 18.34 -28.66
CA ASN D 153 4.59 17.55 -29.87
C ASN D 153 3.28 17.99 -30.49
N ASN D 154 3.36 18.79 -31.55
CA ASN D 154 2.16 19.17 -32.28
C ASN D 154 2.57 19.32 -33.74
N TYR D 155 2.37 18.25 -34.50
CA TYR D 155 2.90 18.04 -35.84
C TYR D 155 2.93 19.29 -36.69
N GLU D 156 1.85 20.07 -36.64
CA GLU D 156 1.64 21.16 -37.58
C GLU D 156 2.77 22.19 -37.51
N ILE D 157 3.07 22.67 -36.31
CA ILE D 157 4.07 23.72 -36.20
C ILE D 157 5.44 23.21 -36.62
N ILE D 158 5.79 21.99 -36.20
CA ILE D 158 7.09 21.43 -36.57
C ILE D 158 7.20 21.37 -38.08
N LYS D 159 6.16 20.88 -38.75
CA LYS D 159 6.21 20.80 -40.19
C LYS D 159 6.34 22.17 -40.82
N MET D 160 5.57 23.15 -40.33
CA MET D 160 5.62 24.48 -40.91
C MET D 160 7.02 25.07 -40.78
N LEU D 161 7.57 25.07 -39.57
CA LEU D 161 8.87 25.68 -39.35
C LEU D 161 9.97 24.94 -40.10
N VAL D 162 9.83 23.62 -40.27
CA VAL D 162 10.79 22.92 -41.12
C VAL D 162 10.66 23.40 -42.55
N GLN D 163 9.43 23.63 -43.01
CA GLN D 163 9.23 24.16 -44.36
C GLN D 163 9.95 25.48 -44.52
N LYS D 164 9.79 26.39 -43.56
CA LYS D 164 10.52 27.65 -43.61
C LYS D 164 12.02 27.41 -43.51
N GLY D 165 12.43 26.40 -42.75
CA GLY D 165 13.83 26.04 -42.66
C GLY D 165 14.54 26.63 -41.46
N VAL D 166 14.90 25.77 -40.50
CA VAL D 166 15.67 26.15 -39.33
C VAL D 166 16.74 25.09 -39.09
N SER D 167 17.49 25.26 -38.01
CA SER D 167 18.55 24.30 -37.66
C SER D 167 18.75 24.36 -36.14
N VAL D 168 18.21 23.35 -35.45
CA VAL D 168 18.36 23.30 -33.99
C VAL D 168 19.84 23.09 -33.66
N PRO D 169 20.39 23.82 -32.69
CA PRO D 169 21.79 23.62 -32.31
C PRO D 169 22.00 22.26 -31.68
N GLN D 170 23.23 21.80 -31.76
CA GLN D 170 23.61 20.53 -31.19
C GLN D 170 24.60 20.74 -30.05
N PRO D 171 24.56 19.91 -29.02
CA PRO D 171 25.53 20.02 -27.93
C PRO D 171 26.82 19.30 -28.27
N HIS D 172 27.87 19.64 -27.53
CA HIS D 172 29.16 18.99 -27.70
C HIS D 172 29.28 17.85 -26.68
N GLU D 173 29.47 16.65 -27.18
CA GLU D 173 29.38 15.45 -26.35
C GLU D 173 30.46 15.44 -25.29
N VAL D 174 30.12 14.87 -24.14
CA VAL D 174 31.08 14.65 -23.06
C VAL D 174 30.95 13.21 -22.55
N VAL D 187 31.70 30.29 -17.37
CA VAL D 187 31.46 31.63 -16.87
C VAL D 187 30.01 31.78 -16.43
N ASP D 188 29.19 30.79 -16.78
CA ASP D 188 27.76 30.81 -16.46
C ASP D 188 27.26 29.37 -16.35
N SER D 189 27.34 28.84 -15.13
CA SER D 189 26.98 27.44 -14.91
C SER D 189 25.49 27.21 -15.11
N LEU D 190 24.66 28.03 -14.47
CA LEU D 190 23.22 27.83 -14.53
C LEU D 190 22.71 27.89 -15.96
N ARG D 191 23.13 28.91 -16.71
CA ARG D 191 22.65 29.07 -18.08
C ARG D 191 23.09 27.91 -18.94
N HIS D 192 24.34 27.48 -18.81
CA HIS D 192 24.86 26.39 -19.62
C HIS D 192 24.09 25.11 -19.34
N SER D 193 23.90 24.78 -18.07
CA SER D 193 23.19 23.55 -17.72
C SER D 193 21.76 23.58 -18.25
N ARG D 194 21.06 24.70 -18.04
CA ARG D 194 19.68 24.75 -18.48
C ARG D 194 19.58 24.68 -20.00
N SER D 195 20.51 25.32 -20.70
CA SER D 195 20.48 25.24 -22.16
C SER D 195 20.71 23.81 -22.63
N ARG D 196 21.64 23.10 -22.01
CA ARG D 196 21.85 21.71 -22.38
C ARG D 196 20.58 20.91 -22.17
N LEU D 197 19.93 21.09 -21.03
CA LEU D 197 18.72 20.32 -20.77
C LEU D 197 17.63 20.65 -21.78
N ASN D 198 17.47 21.92 -22.11
CA ASN D 198 16.45 22.32 -23.08
C ASN D 198 16.70 21.67 -24.43
N ILE D 199 17.95 21.72 -24.90
CA ILE D 199 18.23 21.13 -26.20
C ILE D 199 17.94 19.64 -26.20
N TYR D 200 18.38 18.95 -25.15
CA TYR D 200 18.16 17.51 -25.14
C TYR D 200 16.69 17.17 -25.08
N LYS D 201 15.90 17.94 -24.32
CA LYS D 201 14.46 17.69 -24.33
C LYS D 201 13.86 17.97 -25.70
N ALA D 202 14.40 18.95 -26.41
CA ALA D 202 13.91 19.23 -27.75
C ALA D 202 14.15 18.07 -28.69
N LEU D 203 15.34 17.47 -28.63
CA LEU D 203 15.65 16.39 -29.56
C LEU D 203 14.78 15.16 -29.33
N ALA D 204 14.41 14.88 -28.09
CA ALA D 204 13.75 13.62 -27.76
C ALA D 204 12.23 13.81 -27.70
N SER D 205 11.66 14.10 -28.86
CA SER D 205 10.22 14.25 -28.99
C SER D 205 9.76 13.42 -30.19
N PRO D 206 8.74 12.58 -30.03
CA PRO D 206 8.36 11.69 -31.12
C PRO D 206 8.07 12.41 -32.43
N SER D 207 7.41 13.56 -32.37
CA SER D 207 7.08 14.28 -33.60
C SER D 207 8.34 14.66 -34.35
N LEU D 208 9.28 15.31 -33.67
CA LEU D 208 10.48 15.77 -34.35
C LEU D 208 11.27 14.60 -34.91
N ILE D 209 11.34 13.50 -34.17
CA ILE D 209 12.03 12.33 -34.67
C ILE D 209 11.37 11.85 -35.96
N ALA D 210 10.04 11.77 -35.96
CA ALA D 210 9.35 11.26 -37.13
C ALA D 210 9.52 12.17 -38.33
N LEU D 211 9.67 13.48 -38.12
CA LEU D 211 9.79 14.37 -39.26
C LEU D 211 11.18 14.30 -39.88
N SER D 212 12.21 14.67 -39.13
CA SER D 212 13.54 14.84 -39.66
C SER D 212 14.46 13.81 -38.99
N SER D 213 14.55 12.63 -39.59
CA SER D 213 15.47 11.60 -39.15
C SER D 213 15.54 10.54 -40.24
N GLU D 214 16.67 9.85 -40.29
CA GLU D 214 16.83 8.82 -41.30
C GLU D 214 16.32 7.47 -40.79
N ASP D 215 16.92 6.96 -39.71
CA ASP D 215 16.50 5.71 -39.11
C ASP D 215 15.93 6.01 -37.73
N PRO D 216 14.62 6.09 -37.60
CA PRO D 216 14.01 6.36 -36.30
C PRO D 216 14.54 5.46 -35.19
N PHE D 217 14.69 4.18 -35.51
CA PHE D 217 15.06 3.21 -34.48
C PHE D 217 16.44 3.52 -33.91
N LEU D 218 17.42 3.76 -34.77
CA LEU D 218 18.74 4.09 -34.28
C LEU D 218 18.68 5.37 -33.47
N THR D 219 18.27 6.46 -34.10
CA THR D 219 18.24 7.75 -33.43
C THR D 219 17.42 7.73 -32.15
N ALA D 220 16.61 6.70 -31.95
CA ALA D 220 15.98 6.52 -30.65
C ALA D 220 16.93 5.83 -29.68
N PHE D 221 17.57 4.75 -30.12
CA PHE D 221 18.48 4.02 -29.24
C PHE D 221 19.63 4.92 -28.79
N GLN D 222 20.20 5.67 -29.72
CA GLN D 222 21.35 6.50 -29.43
C GLN D 222 21.00 7.54 -28.37
N LEU D 223 19.86 8.20 -28.54
CA LEU D 223 19.43 9.20 -27.58
C LEU D 223 19.16 8.57 -26.23
N SER D 224 18.51 7.41 -26.21
CA SER D 224 18.25 6.73 -24.95
C SER D 224 19.55 6.48 -24.20
N TRP D 225 20.53 5.89 -24.87
CA TRP D 225 21.78 5.57 -24.21
C TRP D 225 22.49 6.82 -23.75
N GLU D 226 22.56 7.83 -24.61
CA GLU D 226 23.31 9.03 -24.27
C GLU D 226 22.70 9.73 -23.08
N LEU D 227 21.38 9.86 -23.06
CA LEU D 227 20.73 10.48 -21.91
C LEU D 227 20.90 9.65 -20.65
N GLN D 228 20.75 8.34 -20.75
CA GLN D 228 20.87 7.51 -19.56
C GLN D 228 22.24 7.65 -18.94
N GLU D 229 23.29 7.59 -19.76
CA GLU D 229 24.62 7.72 -19.19
C GLU D 229 24.90 9.14 -18.72
N LEU D 230 24.33 10.14 -19.39
CA LEU D 230 24.56 11.52 -19.00
C LEU D 230 23.88 11.86 -17.70
N SER D 231 22.81 11.14 -17.35
CA SER D 231 22.17 11.35 -16.07
C SER D 231 23.04 10.95 -14.89
N LYS D 232 24.24 10.42 -15.13
CA LYS D 232 25.15 10.06 -14.05
C LYS D 232 26.18 11.13 -13.77
N VAL D 233 26.77 11.71 -14.81
CA VAL D 233 27.79 12.74 -14.60
C VAL D 233 27.16 14.01 -14.03
N GLU D 234 25.95 14.34 -14.45
CA GLU D 234 25.18 15.41 -13.84
C GLU D 234 24.21 14.78 -12.86
N ASN D 235 24.25 15.23 -11.62
CA ASN D 235 23.53 14.58 -10.54
C ASN D 235 22.71 15.60 -9.77
N GLU D 236 22.08 16.51 -10.48
CA GLU D 236 21.07 17.39 -9.91
C GLU D 236 19.76 17.32 -10.66
N PHE D 237 19.80 17.20 -11.99
CA PHE D 237 18.61 17.06 -12.81
C PHE D 237 18.37 15.61 -13.19
N LYS D 238 18.72 14.68 -12.29
CA LYS D 238 18.68 13.27 -12.64
C LYS D 238 17.30 12.85 -13.12
N ALA D 239 16.26 13.28 -12.41
CA ALA D 239 14.92 12.80 -12.70
C ALA D 239 14.50 13.12 -14.13
N GLU D 240 14.79 14.33 -14.60
CA GLU D 240 14.39 14.69 -15.95
C GLU D 240 15.05 13.80 -16.97
N TYR D 241 16.35 13.54 -16.82
CA TYR D 241 17.04 12.73 -17.81
C TYR D 241 16.54 11.30 -17.80
N GLU D 242 16.28 10.75 -16.61
CA GLU D 242 15.71 9.41 -16.57
C GLU D 242 14.37 9.37 -17.27
N GLU D 243 13.51 10.37 -17.00
CA GLU D 243 12.20 10.37 -17.62
C GLU D 243 12.31 10.47 -19.14
N LEU D 244 13.23 11.29 -19.63
CA LEU D 244 13.40 11.41 -21.06
C LEU D 244 13.84 10.10 -21.68
N SER D 245 14.78 9.41 -21.04
CA SER D 245 15.17 8.11 -21.57
C SER D 245 13.98 7.17 -21.62
N HIS D 246 13.15 7.20 -20.58
CA HIS D 246 12.00 6.31 -20.56
C HIS D 246 11.04 6.63 -21.70
N GLN D 247 10.79 7.91 -21.97
CA GLN D 247 9.85 8.21 -23.04
C GLN D 247 10.43 7.82 -24.38
N CYS D 248 11.75 7.92 -24.55
CA CYS D 248 12.34 7.43 -25.78
C CYS D 248 12.11 5.93 -25.92
N LYS D 249 12.27 5.18 -24.83
CA LYS D 249 12.04 3.74 -24.87
C LYS D 249 10.62 3.45 -25.33
N HIS D 250 9.64 4.12 -24.73
CA HIS D 250 8.26 3.80 -25.07
C HIS D 250 7.92 4.24 -26.49
N PHE D 251 8.51 5.34 -26.97
CA PHE D 251 8.30 5.72 -28.35
C PHE D 251 8.82 4.64 -29.29
N ALA D 252 10.00 4.10 -29.01
CA ALA D 252 10.55 3.06 -29.88
C ALA D 252 9.63 1.85 -29.89
N LYS D 253 9.14 1.46 -28.73
CA LYS D 253 8.25 0.30 -28.69
C LYS D 253 7.00 0.53 -29.51
N ASP D 254 6.35 1.68 -29.30
CA ASP D 254 5.11 1.93 -30.01
C ASP D 254 5.33 2.08 -31.51
N LEU D 255 6.47 2.62 -31.91
CA LEU D 255 6.76 2.69 -33.33
C LEU D 255 6.92 1.30 -33.91
N LEU D 256 7.54 0.38 -33.15
CA LEU D 256 7.61 -0.99 -33.62
C LEU D 256 6.22 -1.59 -33.76
N ASP D 257 5.33 -1.29 -32.83
CA ASP D 257 4.08 -2.02 -32.75
C ASP D 257 3.25 -1.92 -34.02
N GLN D 258 3.32 -0.79 -34.72
CA GLN D 258 2.44 -0.56 -35.86
C GLN D 258 2.85 -1.37 -37.08
N THR D 259 2.76 -2.69 -37.01
CA THR D 259 3.01 -3.54 -38.17
C THR D 259 1.89 -4.56 -38.30
N ARG D 260 1.59 -4.92 -39.53
CA ARG D 260 0.50 -5.84 -39.81
C ARG D 260 0.91 -6.86 -40.85
N SER D 261 2.13 -7.40 -40.73
CA SER D 261 2.61 -8.42 -41.65
C SER D 261 3.85 -9.10 -41.10
N SER D 262 3.84 -10.44 -41.07
CA SER D 262 4.97 -11.17 -40.52
C SER D 262 6.26 -10.81 -41.25
N ARG D 263 6.24 -10.88 -42.59
CA ARG D 263 7.44 -10.58 -43.35
C ARG D 263 7.90 -9.15 -43.13
N GLU D 264 6.96 -8.23 -42.91
CA GLU D 264 7.32 -6.88 -42.52
C GLU D 264 8.19 -6.89 -41.27
N LEU D 265 7.73 -7.61 -40.26
CA LEU D 265 8.46 -7.67 -39.00
C LEU D 265 9.83 -8.28 -39.19
N GLU D 266 9.91 -9.38 -39.93
CA GLU D 266 11.20 -10.04 -40.08
C GLU D 266 12.17 -9.14 -40.84
N LEU D 267 11.68 -8.40 -41.83
CA LEU D 267 12.55 -7.47 -42.51
C LEU D 267 13.06 -6.41 -41.56
N ILE D 268 12.18 -5.89 -40.70
CA ILE D 268 12.61 -4.85 -39.77
C ILE D 268 13.68 -5.38 -38.82
N LEU D 269 13.46 -6.57 -38.27
CA LEU D 269 14.42 -7.09 -37.29
C LEU D 269 15.72 -7.58 -37.93
N ASN D 270 15.72 -7.87 -39.23
CA ASN D 270 16.93 -8.38 -39.83
C ASN D 270 17.86 -7.30 -40.33
N PHE D 271 17.33 -6.12 -40.66
CA PHE D 271 18.12 -5.13 -41.36
C PHE D 271 19.36 -4.73 -40.58
N ARG D 272 20.47 -4.59 -41.28
CA ARG D 272 21.75 -4.28 -40.67
C ARG D 272 22.26 -2.90 -41.10
N ASN D 284 24.53 -12.32 -38.79
CA ASN D 284 24.03 -12.85 -40.06
C ASN D 284 22.52 -13.01 -40.02
N GLU D 285 21.95 -13.04 -38.82
CA GLU D 285 20.51 -13.04 -38.66
C GLU D 285 20.15 -12.32 -37.37
N LEU D 286 19.06 -11.55 -37.42
CA LEU D 286 18.57 -10.80 -36.27
C LEU D 286 19.64 -9.85 -35.73
N ALA D 287 20.35 -9.19 -36.63
CA ALA D 287 21.39 -8.26 -36.20
C ALA D 287 20.80 -7.09 -35.42
N ARG D 288 19.68 -6.54 -35.89
CA ARG D 288 19.10 -5.41 -35.18
C ARG D 288 18.63 -5.81 -33.79
N LEU D 289 18.10 -7.02 -33.65
CA LEU D 289 17.66 -7.43 -32.32
C LEU D 289 18.84 -7.57 -31.39
N LYS D 290 19.97 -8.08 -31.90
CA LYS D 290 21.18 -8.10 -31.08
C LYS D 290 21.58 -6.68 -30.70
N LEU D 291 21.42 -5.74 -31.62
CA LEU D 291 21.73 -4.35 -31.31
C LEU D 291 20.85 -3.85 -30.17
N ALA D 292 19.55 -4.17 -30.23
CA ALA D 292 18.65 -3.76 -29.17
C ALA D 292 19.07 -4.37 -27.83
N ILE D 293 19.44 -5.65 -27.85
CA ILE D 293 19.92 -6.30 -26.64
C ILE D 293 21.12 -5.55 -26.09
N LYS D 294 22.01 -5.13 -26.98
CA LYS D 294 23.20 -4.42 -26.55
C LYS D 294 22.83 -3.12 -25.86
N TYR D 295 21.83 -2.41 -26.38
CA TYR D 295 21.46 -1.09 -25.87
C TYR D 295 20.48 -1.15 -24.72
N ARG D 296 20.32 -2.32 -24.09
CA ARG D 296 19.51 -2.48 -22.88
C ARG D 296 18.09 -1.96 -23.08
N GLN D 297 17.59 -2.06 -24.30
CA GLN D 297 16.27 -1.55 -24.67
C GLN D 297 15.23 -2.58 -24.29
N LYS D 298 14.67 -2.46 -23.09
CA LYS D 298 13.86 -3.55 -22.56
C LYS D 298 12.51 -3.66 -23.26
N GLU D 299 11.70 -2.61 -23.18
CA GLU D 299 10.31 -2.70 -23.64
C GLU D 299 10.20 -3.07 -25.11
N PHE D 300 11.22 -2.81 -25.91
CA PHE D 300 11.18 -3.13 -27.33
C PHE D 300 11.22 -4.63 -27.57
N VAL D 301 11.70 -5.41 -26.61
CA VAL D 301 11.94 -6.83 -26.82
C VAL D 301 10.80 -7.64 -26.23
N ALA D 302 10.12 -7.11 -25.23
CA ALA D 302 8.94 -7.78 -24.69
C ALA D 302 7.69 -7.39 -25.45
N GLN D 303 7.74 -7.53 -26.74
CA GLN D 303 6.63 -7.26 -27.64
C GLN D 303 6.03 -8.57 -28.11
N PRO D 304 4.72 -8.75 -27.99
CA PRO D 304 4.14 -10.07 -28.26
C PRO D 304 4.47 -10.62 -29.64
N ASN D 305 4.49 -9.77 -30.66
CA ASN D 305 4.79 -10.25 -32.00
C ASN D 305 6.22 -10.75 -32.09
N CYS D 306 7.16 -9.96 -31.57
CA CYS D 306 8.55 -10.39 -31.57
C CYS D 306 8.71 -11.67 -30.76
N GLN D 307 7.97 -11.79 -29.68
CA GLN D 307 8.08 -13.00 -28.87
C GLN D 307 7.56 -14.21 -29.64
N GLN D 308 6.46 -14.07 -30.38
CA GLN D 308 5.99 -15.18 -31.19
C GLN D 308 7.04 -15.57 -32.23
N LEU D 309 7.66 -14.58 -32.86
CA LEU D 309 8.70 -14.89 -33.84
C LEU D 309 9.82 -15.68 -33.20
N LEU D 310 10.29 -15.23 -32.03
CA LEU D 310 11.38 -15.93 -31.36
C LEU D 310 10.96 -17.34 -30.97
N ALA D 311 9.75 -17.50 -30.45
CA ALA D 311 9.29 -18.82 -30.05
C ALA D 311 9.22 -19.76 -31.25
N SER D 312 8.71 -19.26 -32.37
CA SER D 312 8.61 -20.09 -33.56
C SER D 312 9.97 -20.52 -34.05
N ARG D 313 10.94 -19.61 -34.03
CA ARG D 313 12.28 -20.02 -34.44
C ARG D 313 12.97 -20.87 -33.38
N TRP D 314 12.49 -20.83 -32.15
CA TRP D 314 13.07 -21.63 -31.08
C TRP D 314 12.59 -23.07 -31.10
N TYR D 315 11.30 -23.30 -30.88
CA TYR D 315 10.81 -24.67 -30.77
C TYR D 315 11.11 -25.47 -32.03
N ASP D 316 10.86 -24.89 -33.20
CA ASP D 316 11.11 -25.59 -34.46
C ASP D 316 10.44 -26.96 -34.47
N GLU D 317 9.27 -27.04 -33.83
CA GLU D 317 8.53 -28.28 -33.63
C GLU D 317 9.41 -29.37 -33.02
N ARG D 324 0.75 -30.08 -26.76
CA ARG D 324 0.85 -31.26 -25.91
C ARG D 324 0.51 -30.89 -24.48
N HIS D 325 1.07 -31.62 -23.51
CA HIS D 325 0.81 -31.35 -22.11
C HIS D 325 2.01 -31.77 -21.28
N TRP D 326 1.93 -31.51 -19.97
CA TRP D 326 3.11 -31.61 -19.12
C TRP D 326 3.62 -33.03 -18.98
N ALA D 327 2.74 -34.04 -19.00
CA ALA D 327 3.24 -35.40 -18.96
C ALA D 327 4.02 -35.75 -20.22
N GLY D 328 3.47 -35.41 -21.38
CA GLY D 328 4.18 -35.65 -22.63
C GLY D 328 5.47 -34.88 -22.72
N LYS D 329 5.43 -33.60 -22.32
CA LYS D 329 6.65 -32.80 -22.31
C LYS D 329 7.67 -33.38 -21.35
N LEU D 330 7.21 -33.87 -20.20
CA LEU D 330 8.12 -34.47 -19.24
C LEU D 330 8.82 -35.69 -19.80
N ILE D 331 8.05 -36.62 -20.35
CA ILE D 331 8.66 -37.85 -20.87
C ILE D 331 9.58 -37.52 -22.04
N THR D 332 9.15 -36.64 -22.94
CA THR D 332 9.99 -36.30 -24.09
C THR D 332 11.26 -35.61 -23.62
N CYS D 333 11.16 -34.71 -22.64
CA CYS D 333 12.33 -34.03 -22.11
C CYS D 333 13.31 -35.01 -21.50
N VAL D 334 12.83 -35.86 -20.59
CA VAL D 334 13.74 -36.76 -19.90
C VAL D 334 14.34 -37.76 -20.88
N PHE D 335 13.65 -38.05 -21.97
CA PHE D 335 14.15 -39.04 -22.91
C PHE D 335 15.49 -38.63 -23.50
N ILE D 336 15.66 -37.34 -23.83
CA ILE D 336 16.84 -36.94 -24.58
C ILE D 336 18.10 -37.07 -23.74
N GLY D 337 17.99 -36.85 -22.43
CA GLY D 337 19.17 -36.94 -21.59
C GLY D 337 19.75 -38.33 -21.56
N LEU D 338 18.89 -39.35 -21.53
CA LEU D 338 19.36 -40.72 -21.51
C LEU D 338 20.02 -41.14 -22.82
N MET D 339 20.15 -40.23 -23.79
CA MET D 339 20.80 -40.58 -25.04
C MET D 339 21.68 -39.48 -25.60
N PHE D 340 21.88 -38.37 -24.91
CA PHE D 340 22.66 -37.28 -25.50
C PHE D 340 24.06 -37.66 -25.98
N PRO D 341 24.84 -38.52 -25.31
CA PRO D 341 26.23 -38.70 -25.76
C PRO D 341 26.34 -39.21 -27.17
N LEU D 342 25.62 -40.28 -27.51
CA LEU D 342 25.68 -40.81 -28.87
C LEU D 342 25.17 -39.81 -29.88
N LEU D 343 24.19 -38.99 -29.50
CA LEU D 343 23.69 -37.96 -30.40
C LEU D 343 24.78 -36.94 -30.72
N SER D 344 25.46 -36.44 -29.69
CA SER D 344 26.57 -35.53 -29.90
C SER D 344 27.66 -36.20 -30.74
N LEU D 345 27.87 -37.50 -30.52
CA LEU D 345 28.81 -38.24 -31.34
C LEU D 345 28.40 -38.23 -32.80
N CYS D 346 27.11 -38.47 -33.05
CA CYS D 346 26.62 -38.48 -34.42
C CYS D 346 26.85 -37.15 -35.10
N TYR D 347 26.66 -36.05 -34.37
CA TYR D 347 26.98 -34.76 -34.97
C TYR D 347 28.47 -34.65 -35.25
N LEU D 348 29.31 -34.96 -34.26
CA LEU D 348 30.71 -34.64 -34.36
C LEU D 348 31.45 -35.51 -35.35
N VAL D 349 30.92 -36.69 -35.69
CA VAL D 349 31.58 -37.58 -36.62
C VAL D 349 30.93 -37.58 -37.99
N ALA D 350 29.60 -37.44 -38.05
CA ALA D 350 28.85 -37.49 -39.30
C ALA D 350 27.89 -36.31 -39.36
N PRO D 351 28.40 -35.09 -39.57
CA PRO D 351 27.51 -33.92 -39.61
C PRO D 351 26.64 -33.92 -40.85
N LYS D 352 25.76 -34.92 -40.97
CA LYS D 352 24.87 -35.07 -42.10
C LYS D 352 23.43 -34.99 -41.60
N SER D 353 22.48 -35.02 -42.53
CA SER D 353 21.07 -34.82 -42.18
C SER D 353 20.39 -36.11 -41.75
N ARG D 354 21.02 -36.84 -40.84
CA ARG D 354 20.38 -37.99 -40.21
C ARG D 354 20.23 -37.77 -38.71
N TYR D 355 21.33 -37.49 -38.03
CA TYR D 355 21.28 -37.00 -36.67
C TYR D 355 21.97 -35.65 -36.50
N GLY D 356 22.78 -35.22 -37.47
CA GLY D 356 23.54 -33.99 -37.31
C GLY D 356 22.65 -32.78 -37.13
N LEU D 357 21.55 -32.71 -37.87
CA LEU D 357 20.66 -31.56 -37.74
C LEU D 357 19.88 -31.60 -36.43
N PHE D 358 19.63 -32.78 -35.89
CA PHE D 358 18.74 -32.89 -34.73
C PHE D 358 19.31 -32.14 -33.55
N ILE D 359 20.62 -32.24 -33.31
CA ILE D 359 21.23 -31.45 -32.26
C ILE D 359 21.21 -29.98 -32.62
N ARG D 360 21.43 -29.66 -33.90
CA ARG D 360 21.56 -28.27 -34.31
C ARG D 360 20.31 -27.45 -34.00
N LYS D 361 19.18 -28.11 -33.83
CA LYS D 361 17.98 -27.39 -33.40
C LYS D 361 18.19 -26.87 -31.99
N PRO D 362 17.85 -25.62 -31.72
CA PRO D 362 18.29 -25.02 -30.45
C PRO D 362 17.76 -25.73 -29.23
N PHE D 363 16.43 -25.90 -29.13
CA PHE D 363 15.84 -26.49 -27.94
C PHE D 363 16.52 -27.80 -27.58
N ILE D 364 16.84 -28.62 -28.58
CA ILE D 364 17.57 -29.85 -28.32
C ILE D 364 18.95 -29.56 -27.78
N LYS D 365 19.61 -28.54 -28.31
CA LYS D 365 20.94 -28.19 -27.79
C LYS D 365 20.86 -27.83 -26.32
N PHE D 366 19.85 -27.06 -25.96
CA PHE D 366 19.67 -26.67 -24.56
C PHE D 366 19.41 -27.88 -23.69
N ILE D 367 18.59 -28.81 -24.17
CA ILE D 367 18.33 -30.02 -23.40
C ILE D 367 19.60 -30.81 -23.20
N CYS D 368 20.40 -30.94 -24.26
CA CYS D 368 21.65 -31.68 -24.15
C CYS D 368 22.58 -31.04 -23.14
N HIS D 369 22.70 -29.71 -23.16
CA HIS D 369 23.61 -29.06 -22.22
C HIS D 369 23.12 -29.19 -20.79
N THR D 370 21.81 -29.10 -20.58
CA THR D 370 21.27 -29.34 -19.25
C THR D 370 21.60 -30.74 -18.77
N ALA D 371 21.43 -31.73 -19.63
CA ALA D 371 21.73 -33.09 -19.23
C ALA D 371 23.19 -33.25 -18.87
N SER D 372 24.08 -32.63 -19.64
CA SER D 372 25.50 -32.67 -19.33
C SER D 372 25.77 -32.07 -17.95
N TYR D 373 25.14 -30.94 -17.65
CA TYR D 373 25.40 -30.30 -16.37
C TYR D 373 24.89 -31.16 -15.21
N LEU D 374 23.71 -31.77 -15.37
CA LEU D 374 23.23 -32.69 -14.35
C LEU D 374 24.19 -33.84 -14.15
N THR D 375 24.76 -34.36 -15.23
CA THR D 375 25.76 -35.42 -15.08
C THR D 375 26.96 -34.93 -14.29
N PHE D 376 27.39 -33.69 -14.56
CA PHE D 376 28.50 -33.13 -13.81
C PHE D 376 28.20 -33.11 -12.33
N LEU D 377 27.04 -32.58 -11.94
CA LEU D 377 26.70 -32.55 -10.53
C LEU D 377 26.59 -33.95 -9.95
N PHE D 378 26.07 -34.91 -10.70
CA PHE D 378 25.98 -36.25 -10.15
C PHE D 378 27.35 -36.82 -9.85
N LEU D 379 28.29 -36.68 -10.78
CA LEU D 379 29.63 -37.19 -10.51
C LEU D 379 30.27 -36.45 -9.35
N LEU D 380 30.10 -35.14 -9.31
CA LEU D 380 30.63 -34.34 -8.21
C LEU D 380 30.10 -34.84 -6.88
N LEU D 381 28.79 -35.06 -6.79
CA LEU D 381 28.20 -35.55 -5.56
C LEU D 381 28.68 -36.95 -5.23
N LEU D 382 28.94 -37.76 -6.25
CA LEU D 382 29.45 -39.10 -6.03
C LEU D 382 30.91 -39.11 -5.62
N ALA D 383 31.60 -37.98 -5.75
CA ALA D 383 33.02 -37.94 -5.41
C ALA D 383 33.27 -38.36 -3.96
N SER D 384 32.38 -38.03 -3.05
CA SER D 384 32.53 -38.39 -1.64
C SER D 384 31.75 -39.66 -1.32
N GLN D 385 32.30 -40.78 -1.72
CA GLN D 385 31.81 -42.07 -1.27
C GLN D 385 32.99 -42.93 -0.85
N HIS D 386 32.86 -43.59 0.29
CA HIS D 386 33.94 -44.40 0.81
C HIS D 386 34.22 -45.62 -0.05
N ILE D 387 33.33 -45.94 -0.98
CA ILE D 387 33.61 -46.97 -1.97
C ILE D 387 34.69 -46.54 -2.96
N VAL D 388 34.88 -45.23 -3.13
CA VAL D 388 35.81 -44.72 -4.12
C VAL D 388 36.82 -43.79 -3.45
N SER D 389 36.97 -43.95 -2.14
CA SER D 389 37.86 -43.13 -1.32
C SER D 389 38.80 -44.01 -0.52
N ASN D 390 39.50 -44.90 -1.23
CA ASN D 390 40.18 -46.06 -0.66
C ASN D 390 40.79 -45.81 0.72
N ASN D 391 41.56 -44.73 0.87
CA ASN D 391 42.17 -44.53 2.18
C ASN D 391 42.51 -43.06 2.39
N PRO D 392 42.24 -42.51 3.57
CA PRO D 392 42.65 -41.12 3.85
C PRO D 392 44.14 -40.99 4.10
N ASP D 393 44.70 -41.91 4.87
CA ASP D 393 46.07 -41.78 5.35
C ASP D 393 47.02 -42.02 4.19
N ARG D 394 47.24 -40.96 3.41
CA ARG D 394 48.23 -40.95 2.34
C ARG D 394 48.53 -39.52 1.91
N GLN D 395 49.79 -39.11 1.94
CA GLN D 395 50.13 -37.78 1.47
C GLN D 395 50.03 -37.73 -0.04
N GLY D 396 49.01 -37.03 -0.54
CA GLY D 396 48.86 -36.75 -1.94
C GLY D 396 48.86 -37.98 -2.83
N PRO D 397 47.87 -38.85 -2.65
CA PRO D 397 47.79 -40.03 -3.52
C PRO D 397 47.37 -39.64 -4.92
N LYS D 398 47.58 -40.57 -5.84
CA LYS D 398 47.22 -40.33 -7.23
C LYS D 398 45.71 -40.17 -7.34
N PRO D 399 45.24 -39.35 -8.29
CA PRO D 399 43.81 -39.06 -8.38
C PRO D 399 42.99 -40.33 -8.53
N THR D 400 41.84 -40.36 -7.86
CA THR D 400 40.96 -41.51 -7.93
C THR D 400 40.19 -41.51 -9.25
N THR D 401 39.40 -42.57 -9.47
CA THR D 401 38.67 -42.69 -10.73
C THR D 401 37.71 -41.54 -10.94
N VAL D 402 36.91 -41.24 -9.92
CA VAL D 402 36.01 -40.11 -10.04
C VAL D 402 36.80 -38.83 -10.25
N GLU D 403 37.94 -38.70 -9.58
CA GLU D 403 38.82 -37.57 -9.81
C GLU D 403 39.30 -37.49 -11.25
N TRP D 404 39.33 -38.61 -11.97
CA TRP D 404 39.63 -38.56 -13.39
C TRP D 404 38.42 -38.11 -14.20
N MET D 405 37.26 -38.69 -13.93
CA MET D 405 36.10 -38.35 -14.75
C MET D 405 35.72 -36.88 -14.63
N ILE D 406 36.06 -36.21 -13.53
CA ILE D 406 35.72 -34.80 -13.40
C ILE D 406 36.50 -33.95 -14.38
N LEU D 407 37.78 -34.26 -14.57
CA LEU D 407 38.69 -33.36 -15.27
C LEU D 407 38.20 -32.87 -16.63
N PRO D 408 37.63 -33.71 -17.51
CA PRO D 408 37.16 -33.19 -18.80
C PRO D 408 36.16 -32.07 -18.67
N TRP D 409 35.24 -32.16 -17.70
CA TRP D 409 34.27 -31.09 -17.55
C TRP D 409 34.94 -29.80 -17.15
N VAL D 410 35.95 -29.87 -16.29
CA VAL D 410 36.68 -28.67 -15.91
C VAL D 410 37.35 -28.07 -17.14
N LEU D 411 37.99 -28.90 -17.95
CA LEU D 411 38.65 -28.39 -19.15
C LEU D 411 37.66 -27.72 -20.09
N GLY D 412 36.52 -28.37 -20.33
CA GLY D 412 35.54 -27.81 -21.23
C GLY D 412 34.99 -26.49 -20.73
N PHE D 413 34.70 -26.41 -19.44
CA PHE D 413 34.19 -25.17 -18.89
C PHE D 413 35.22 -24.06 -19.02
N ILE D 414 36.50 -24.39 -18.75
CA ILE D 414 37.55 -23.40 -18.88
C ILE D 414 37.61 -22.88 -20.32
N TRP D 415 37.53 -23.80 -21.28
CA TRP D 415 37.63 -23.37 -22.67
C TRP D 415 36.45 -22.48 -23.06
N THR D 416 35.25 -22.84 -22.62
CA THR D 416 34.09 -22.02 -22.94
C THR D 416 34.24 -20.62 -22.35
N GLU D 417 34.70 -20.53 -21.12
CA GLU D 417 34.88 -19.21 -20.53
C GLU D 417 35.97 -18.42 -21.24
N ILE D 418 37.00 -19.11 -21.71
CA ILE D 418 38.04 -18.44 -22.50
C ILE D 418 37.46 -17.88 -23.78
N LYS D 419 36.63 -18.66 -24.47
CA LYS D 419 35.99 -18.16 -25.68
C LYS D 419 35.13 -16.93 -25.37
N GLN D 420 34.33 -17.01 -24.31
CA GLN D 420 33.43 -15.90 -23.98
C GLN D 420 34.22 -14.64 -23.64
N MET D 421 35.27 -14.77 -22.84
CA MET D 421 36.06 -13.60 -22.47
C MET D 421 36.88 -13.09 -23.66
N TRP D 422 37.23 -13.98 -24.59
CA TRP D 422 37.84 -13.52 -25.84
C TRP D 422 36.87 -12.65 -26.62
N ASP D 423 35.60 -13.05 -26.67
CA ASP D 423 34.61 -12.22 -27.32
C ASP D 423 34.44 -10.88 -26.59
N GLY D 424 34.36 -10.93 -25.26
CA GLY D 424 34.08 -9.72 -24.50
C GLY D 424 35.30 -8.93 -24.09
N GLY D 425 36.25 -9.59 -23.43
CA GLY D 425 37.46 -8.92 -22.99
C GLY D 425 37.26 -8.01 -21.80
N PHE D 426 36.66 -8.55 -20.73
CA PHE D 426 36.47 -7.85 -19.47
C PHE D 426 35.46 -6.72 -19.62
N GLN D 427 35.06 -6.43 -20.85
CA GLN D 427 34.07 -5.40 -21.13
C GLN D 427 32.79 -6.08 -21.59
N ASP D 428 31.69 -5.74 -20.93
CA ASP D 428 30.38 -6.36 -21.10
C ASP D 428 30.38 -7.79 -20.59
N TYR D 429 31.53 -8.35 -20.22
CA TYR D 429 31.62 -9.70 -19.70
C TYR D 429 31.53 -9.73 -18.19
N ILE D 430 32.30 -8.88 -17.52
CA ILE D 430 32.33 -8.90 -16.06
C ILE D 430 31.00 -8.47 -15.48
N HIS D 431 30.23 -7.65 -16.20
CA HIS D 431 29.06 -7.02 -15.62
C HIS D 431 28.08 -8.05 -15.09
N ASP D 432 27.77 -9.06 -15.90
CA ASP D 432 26.88 -10.13 -15.44
C ASP D 432 27.50 -10.87 -14.26
N TRP D 433 26.87 -10.76 -13.09
CA TRP D 433 27.46 -11.33 -11.89
C TRP D 433 27.71 -12.83 -12.02
N TRP D 434 26.93 -13.51 -12.86
CA TRP D 434 27.16 -14.93 -13.06
C TRP D 434 28.53 -15.19 -13.66
N ASN D 435 28.97 -14.34 -14.58
CA ASN D 435 30.30 -14.52 -15.16
C ASN D 435 31.39 -14.31 -14.11
N LEU D 436 31.22 -13.34 -13.23
CA LEU D 436 32.16 -13.15 -12.14
C LEU D 436 32.22 -14.40 -11.26
N MET D 437 31.06 -14.97 -10.96
CA MET D 437 31.04 -16.21 -10.19
C MET D 437 31.75 -17.33 -10.92
N ASP D 438 31.57 -17.42 -12.24
CA ASP D 438 32.25 -18.44 -13.02
C ASP D 438 33.77 -18.26 -12.94
N PHE D 439 34.24 -17.03 -13.02
CA PHE D 439 35.68 -16.79 -12.96
C PHE D 439 36.25 -17.22 -11.61
N VAL D 440 35.65 -16.76 -10.52
CA VAL D 440 36.17 -17.11 -9.20
C VAL D 440 36.00 -18.60 -8.92
N MET D 441 35.02 -19.23 -9.55
CA MET D 441 34.75 -20.65 -9.36
C MET D 441 35.66 -21.54 -10.19
N ASN D 442 36.14 -21.04 -11.33
CA ASN D 442 37.13 -21.78 -12.10
C ASN D 442 38.50 -21.69 -11.45
N SER D 443 38.85 -20.50 -10.94
CA SER D 443 40.17 -20.32 -10.37
C SER D 443 40.44 -21.34 -9.28
N LEU D 444 39.40 -21.65 -8.49
CA LEU D 444 39.57 -22.61 -7.40
C LEU D 444 39.94 -23.99 -7.94
N TYR D 445 39.28 -24.44 -9.00
CA TYR D 445 39.59 -25.74 -9.55
C TYR D 445 41.01 -25.77 -10.08
N LEU D 446 41.43 -24.71 -10.75
CA LEU D 446 42.80 -24.65 -11.24
C LEU D 446 43.79 -24.77 -10.09
N ALA D 447 43.57 -23.99 -9.03
CA ALA D 447 44.46 -24.03 -7.89
C ALA D 447 44.47 -25.42 -7.26
N THR D 448 43.31 -26.08 -7.23
CA THR D 448 43.25 -27.43 -6.68
C THR D 448 44.12 -28.38 -7.48
N ILE D 449 44.02 -28.33 -8.81
CA ILE D 449 44.83 -29.22 -9.63
C ILE D 449 46.31 -28.97 -9.38
N SER D 450 46.72 -27.71 -9.41
CA SER D 450 48.14 -27.40 -9.26
C SER D 450 48.65 -27.85 -7.90
N LEU D 451 47.92 -27.53 -6.84
CA LEU D 451 48.39 -27.84 -5.50
C LEU D 451 48.39 -29.34 -5.25
N LYS D 452 47.41 -30.06 -5.82
CA LYS D 452 47.41 -31.50 -5.68
C LYS D 452 48.62 -32.11 -6.36
N ILE D 453 49.03 -31.56 -7.50
CA ILE D 453 50.25 -32.02 -8.14
C ILE D 453 51.46 -31.76 -7.24
N VAL D 454 51.51 -30.57 -6.63
CA VAL D 454 52.61 -30.26 -5.73
C VAL D 454 52.70 -31.30 -4.63
N ALA D 455 51.57 -31.60 -4.00
CA ALA D 455 51.57 -32.59 -2.94
C ALA D 455 51.95 -33.97 -3.46
N TYR D 456 51.52 -34.30 -4.69
CA TYR D 456 51.92 -35.56 -5.30
C TYR D 456 53.42 -35.69 -5.36
N VAL D 457 54.11 -34.63 -5.75
CA VAL D 457 55.54 -34.75 -6.02
C VAL D 457 56.40 -34.53 -4.77
N LYS D 458 55.92 -33.77 -3.78
CA LYS D 458 56.72 -33.57 -2.57
C LYS D 458 56.62 -34.75 -1.62
N TYR D 459 55.41 -35.06 -1.17
CA TYR D 459 55.18 -35.96 -0.06
C TYR D 459 54.48 -37.21 -0.56
N SER D 460 54.88 -38.36 -0.03
CA SER D 460 54.12 -39.59 -0.27
C SER D 460 54.48 -40.61 0.80
N GLY D 461 53.53 -40.89 1.68
CA GLY D 461 53.73 -41.90 2.71
C GLY D 461 52.39 -42.32 3.29
N CYS D 462 52.43 -43.43 4.02
CA CYS D 462 51.23 -43.93 4.68
C CYS D 462 51.25 -43.54 6.17
N LYS D 463 51.20 -42.24 6.39
CA LYS D 463 51.19 -41.64 7.71
C LYS D 463 49.75 -41.36 8.15
N PRO D 464 49.43 -41.55 9.43
CA PRO D 464 48.04 -41.39 9.87
C PRO D 464 47.52 -39.99 9.62
N ARG D 465 46.21 -39.92 9.35
CA ARG D 465 45.56 -38.64 9.09
C ARG D 465 45.67 -37.73 10.30
N ASP D 466 45.58 -38.29 11.50
CA ASP D 466 45.53 -37.46 12.70
C ASP D 466 46.81 -36.67 12.89
N THR D 467 47.96 -37.29 12.65
CA THR D 467 49.24 -36.65 12.94
C THR D 467 49.81 -35.93 11.72
N TRP D 468 49.03 -35.03 11.14
CA TRP D 468 49.50 -34.18 10.06
C TRP D 468 49.52 -32.74 10.54
N GLU D 469 50.55 -32.01 10.16
CA GLU D 469 50.65 -30.62 10.57
C GLU D 469 49.72 -29.76 9.73
N MET D 470 49.31 -28.63 10.30
CA MET D 470 48.45 -27.69 9.59
C MET D 470 49.13 -27.26 8.30
N TRP D 471 48.36 -26.74 7.36
CA TRP D 471 48.85 -26.34 6.05
C TRP D 471 49.48 -27.48 5.28
N HIS D 472 49.18 -28.73 5.63
CA HIS D 472 49.54 -29.83 4.76
C HIS D 472 48.82 -29.65 3.44
N PRO D 473 49.52 -29.73 2.30
CA PRO D 473 48.88 -29.39 1.02
C PRO D 473 47.59 -30.14 0.77
N THR D 474 47.52 -31.42 1.11
CA THR D 474 46.30 -32.17 0.85
C THR D 474 45.11 -31.54 1.57
N LEU D 475 45.31 -31.03 2.78
CA LEU D 475 44.20 -30.47 3.52
C LEU D 475 43.62 -29.25 2.83
N VAL D 476 44.47 -28.29 2.48
CA VAL D 476 43.96 -27.11 1.79
C VAL D 476 43.39 -27.49 0.43
N ALA D 477 43.95 -28.53 -0.19
CA ALA D 477 43.39 -29.00 -1.44
C ALA D 477 41.95 -29.45 -1.25
N GLU D 478 41.69 -30.24 -0.22
CA GLU D 478 40.33 -30.69 0.04
C GLU D 478 39.41 -29.52 0.33
N ALA D 479 39.87 -28.57 1.14
CA ALA D 479 39.01 -27.44 1.50
C ALA D 479 38.65 -26.62 0.26
N VAL D 480 39.64 -26.30 -0.56
CA VAL D 480 39.38 -25.51 -1.76
C VAL D 480 38.47 -26.29 -2.70
N PHE D 481 38.70 -27.58 -2.86
CA PHE D 481 37.84 -28.36 -3.71
C PHE D 481 36.40 -28.31 -3.22
N ALA D 482 36.19 -28.38 -1.90
CA ALA D 482 34.83 -28.34 -1.38
C ALA D 482 34.16 -27.01 -1.67
N ILE D 483 34.86 -25.90 -1.44
CA ILE D 483 34.26 -24.60 -1.73
C ILE D 483 33.91 -24.51 -3.21
N ALA D 484 34.79 -25.03 -4.07
CA ALA D 484 34.50 -25.06 -5.48
C ALA D 484 33.26 -25.88 -5.77
N ASN D 485 33.07 -26.97 -5.03
CA ASN D 485 31.86 -27.77 -5.21
C ASN D 485 30.62 -26.94 -4.88
N ILE D 486 30.69 -26.16 -3.81
CA ILE D 486 29.53 -25.35 -3.45
C ILE D 486 29.19 -24.37 -4.56
N PHE D 487 30.17 -23.61 -5.03
CA PHE D 487 29.87 -22.67 -6.11
C PHE D 487 29.40 -23.39 -7.36
N SER D 488 30.01 -24.52 -7.70
CA SER D 488 29.59 -25.23 -8.90
C SER D 488 28.13 -25.64 -8.80
N SER D 489 27.74 -26.17 -7.65
CA SER D 489 26.36 -26.61 -7.50
C SER D 489 25.40 -25.45 -7.41
N LEU D 490 25.87 -24.27 -7.00
CA LEU D 490 24.93 -23.19 -6.74
C LEU D 490 24.42 -22.53 -8.00
N ARG D 491 24.95 -22.86 -9.16
CA ARG D 491 24.58 -22.16 -10.39
C ARG D 491 23.37 -22.77 -11.08
N LEU D 492 22.63 -23.65 -10.41
CA LEU D 492 21.41 -24.16 -11.01
C LEU D 492 20.32 -23.10 -11.07
N ILE D 493 20.31 -22.17 -10.12
CA ILE D 493 19.24 -21.17 -10.09
C ILE D 493 19.15 -20.46 -11.42
N SER D 494 20.29 -20.21 -12.06
CA SER D 494 20.28 -19.55 -13.35
C SER D 494 19.57 -20.36 -14.42
N LEU D 495 19.35 -21.64 -14.19
CA LEU D 495 18.63 -22.44 -15.17
C LEU D 495 17.14 -22.13 -15.18
N PHE D 496 16.62 -21.57 -14.09
CA PHE D 496 15.17 -21.46 -13.94
C PHE D 496 14.59 -20.21 -14.58
N THR D 497 15.40 -19.36 -15.19
CA THR D 497 14.82 -18.28 -15.96
C THR D 497 14.07 -18.78 -17.17
N ALA D 498 14.36 -20.01 -17.60
CA ALA D 498 13.66 -20.59 -18.74
C ALA D 498 12.30 -21.16 -18.37
N ASN D 499 11.99 -21.28 -17.09
CA ASN D 499 10.65 -21.70 -16.71
C ASN D 499 9.72 -20.49 -16.70
N SER D 500 8.43 -20.76 -16.64
CA SER D 500 7.44 -19.70 -16.63
C SER D 500 6.86 -19.41 -15.25
N HIS D 501 6.82 -20.40 -14.36
CA HIS D 501 6.29 -20.15 -13.03
C HIS D 501 7.34 -19.59 -12.08
N LEU D 502 8.60 -19.92 -12.29
CA LEU D 502 9.67 -19.52 -11.39
C LEU D 502 10.46 -18.32 -11.87
N GLY D 503 10.56 -18.13 -13.18
CA GLY D 503 11.31 -17.05 -13.75
C GLY D 503 11.12 -15.71 -13.06
N PRO D 504 9.90 -15.17 -13.12
CA PRO D 504 9.69 -13.84 -12.54
C PRO D 504 10.09 -13.76 -11.09
N LEU D 505 9.78 -14.81 -10.34
CA LEU D 505 10.15 -14.85 -8.94
C LEU D 505 11.66 -14.82 -8.77
N GLN D 506 12.36 -15.61 -9.57
CA GLN D 506 13.82 -15.62 -9.46
C GLN D 506 14.38 -14.24 -9.74
N ILE D 507 13.87 -13.56 -10.77
CA ILE D 507 14.38 -12.23 -11.07
C ILE D 507 14.10 -11.28 -9.93
N SER D 508 12.89 -11.32 -9.38
CA SER D 508 12.53 -10.39 -8.31
C SER D 508 13.42 -10.58 -7.09
N LEU D 509 13.72 -11.83 -6.73
CA LEU D 509 14.77 -12.06 -5.74
C LEU D 509 16.10 -11.50 -6.20
N GLY D 510 16.38 -11.56 -7.49
CA GLY D 510 17.62 -11.00 -7.97
C GLY D 510 17.73 -9.51 -7.75
N ARG D 511 16.62 -8.80 -7.84
CA ARG D 511 16.69 -7.35 -7.79
C ARG D 511 16.95 -6.83 -6.38
N MET D 512 16.52 -7.56 -5.36
CA MET D 512 16.70 -7.09 -3.99
C MET D 512 18.06 -7.41 -3.42
N LEU D 513 19.13 -7.04 -4.07
CA LEU D 513 20.43 -7.19 -3.44
C LEU D 513 21.13 -5.88 -3.18
N LEU D 514 20.90 -4.86 -3.99
CA LEU D 514 21.34 -3.55 -3.54
C LEU D 514 20.50 -3.02 -2.41
N ASP D 515 19.38 -3.67 -2.08
CA ASP D 515 18.56 -3.29 -0.95
C ASP D 515 18.94 -4.03 0.31
N ILE D 516 19.96 -4.88 0.26
CA ILE D 516 20.44 -5.63 1.41
C ILE D 516 21.92 -5.39 1.64
N LEU D 517 22.69 -5.27 0.57
CA LEU D 517 24.10 -4.96 0.72
C LEU D 517 24.32 -3.57 1.27
N LYS D 518 23.43 -2.64 0.98
CA LYS D 518 23.52 -1.33 1.59
C LYS D 518 23.14 -1.35 3.05
N PHE D 519 22.89 -2.53 3.60
CA PHE D 519 22.45 -2.69 4.97
C PHE D 519 23.41 -3.54 5.79
N LEU D 520 23.90 -4.62 5.21
CA LEU D 520 24.90 -5.41 5.90
C LEU D 520 26.11 -4.57 6.24
N PHE D 521 26.35 -3.51 5.47
CA PHE D 521 27.46 -2.62 5.79
C PHE D 521 27.24 -1.93 7.13
N ILE D 522 26.07 -1.33 7.31
CA ILE D 522 25.78 -0.68 8.57
C ILE D 522 25.84 -1.67 9.71
N TYR D 523 25.29 -2.86 9.50
CA TYR D 523 25.33 -3.82 10.59
C TYR D 523 26.76 -4.21 10.93
N CYS D 524 27.61 -4.39 9.92
CA CYS D 524 29.00 -4.72 10.18
C CYS D 524 29.68 -3.62 10.97
N LEU D 525 29.35 -2.37 10.67
CA LEU D 525 29.94 -1.27 11.42
C LEU D 525 29.55 -1.35 12.89
N VAL D 526 28.27 -1.58 13.16
CA VAL D 526 27.82 -1.70 14.56
C VAL D 526 28.55 -2.84 15.24
N LEU D 527 28.67 -3.96 14.55
CA LEU D 527 29.33 -5.13 15.12
C LEU D 527 30.76 -4.81 15.49
N LEU D 528 31.47 -4.10 14.62
CA LEU D 528 32.84 -3.72 14.91
C LEU D 528 32.91 -2.87 16.15
N ALA D 529 32.03 -1.89 16.26
CA ALA D 529 32.07 -1.01 17.43
C ALA D 529 31.88 -1.79 18.71
N PHE D 530 30.88 -2.67 18.73
CA PHE D 530 30.62 -3.38 19.98
C PHE D 530 31.72 -4.38 20.31
N ALA D 531 32.32 -5.04 19.31
CA ALA D 531 33.42 -5.94 19.60
C ALA D 531 34.60 -5.19 20.18
N ASN D 532 34.93 -4.06 19.56
CA ASN D 532 36.00 -3.22 20.08
C ASN D 532 35.72 -2.79 21.51
N GLY D 533 34.45 -2.62 21.84
CA GLY D 533 34.13 -2.35 23.22
C GLY D 533 34.40 -3.52 24.14
N LEU D 534 33.73 -4.64 23.89
CA LEU D 534 33.78 -5.75 24.83
C LEU D 534 35.16 -6.35 24.97
N ASN D 535 36.06 -6.12 24.02
CA ASN D 535 37.40 -6.68 24.22
C ASN D 535 38.13 -5.99 25.35
N GLN D 536 37.93 -4.68 25.50
CA GLN D 536 38.66 -3.92 26.53
C GLN D 536 38.34 -4.46 27.91
N LEU D 537 37.07 -4.71 28.17
CA LEU D 537 36.66 -5.08 29.51
C LEU D 537 37.29 -6.38 29.95
N TYR D 538 37.43 -7.33 29.03
CA TYR D 538 37.76 -8.69 29.43
C TYR D 538 39.20 -9.08 29.23
N PHE D 539 39.93 -8.49 28.28
CA PHE D 539 41.15 -9.17 27.84
C PHE D 539 42.16 -9.41 28.94
N TYR D 540 41.94 -8.87 30.14
CA TYR D 540 42.83 -9.21 31.27
C TYR D 540 42.56 -10.58 31.84
N TYR D 541 41.45 -11.21 31.48
CA TYR D 541 41.06 -12.47 32.10
C TYR D 541 41.33 -13.66 31.20
N GLU D 542 42.29 -13.56 30.28
CA GLU D 542 42.58 -14.68 29.40
C GLU D 542 43.04 -15.86 30.24
N ASN D 543 42.21 -16.89 30.32
CA ASN D 543 42.44 -17.94 31.30
C ASN D 543 43.43 -18.97 30.79
N SER D 544 43.01 -19.76 29.80
CA SER D 544 43.85 -20.75 29.12
C SER D 544 44.79 -21.50 30.07
N GLU D 545 44.28 -21.87 31.25
CA GLU D 545 45.09 -22.64 32.21
C GLU D 545 44.88 -24.13 32.02
N GLY D 546 45.48 -24.64 30.95
CA GLY D 546 45.54 -26.07 30.74
C GLY D 546 44.24 -26.69 30.31
N MET D 547 43.37 -25.92 29.68
CA MET D 547 42.10 -26.45 29.21
C MET D 547 42.35 -27.39 28.03
N THR D 548 41.46 -28.36 27.86
CA THR D 548 41.62 -29.29 26.75
C THR D 548 41.40 -28.62 25.40
N CYS D 549 40.54 -27.62 25.34
CA CYS D 549 40.26 -26.89 24.11
C CYS D 549 40.22 -25.41 24.45
N LYS D 550 39.72 -24.60 23.53
CA LYS D 550 39.65 -23.17 23.77
C LYS D 550 38.68 -22.54 22.79
N GLY D 551 38.05 -21.45 23.22
CA GLY D 551 37.13 -20.72 22.37
C GLY D 551 35.69 -21.05 22.65
N ILE D 552 34.83 -20.62 21.74
CA ILE D 552 33.43 -20.98 21.81
C ILE D 552 33.14 -22.27 21.05
N ARG D 553 33.94 -22.58 20.03
CA ARG D 553 33.71 -23.75 19.22
C ARG D 553 34.17 -24.99 19.97
N CYS D 554 33.55 -25.20 21.13
CA CYS D 554 33.91 -26.31 22.00
C CYS D 554 32.68 -26.71 22.80
N GLU D 555 32.76 -27.89 23.42
CA GLU D 555 31.59 -28.42 24.12
C GLU D 555 31.21 -27.54 25.29
N ARG D 556 32.20 -27.06 26.04
CA ARG D 556 31.97 -26.16 27.17
C ARG D 556 32.55 -24.82 26.79
N GLN D 557 31.69 -23.88 26.43
CA GLN D 557 32.17 -22.59 25.97
C GLN D 557 32.97 -21.88 27.05
N ASN D 558 34.11 -21.33 26.67
CA ASN D 558 34.96 -20.65 27.62
C ASN D 558 35.84 -19.67 26.88
N ASN D 559 36.23 -18.62 27.59
CA ASN D 559 37.26 -17.71 27.10
C ASN D 559 36.86 -17.09 25.76
N ALA D 560 35.59 -16.75 25.62
CA ALA D 560 35.12 -16.20 24.36
C ALA D 560 35.62 -14.78 24.14
N PHE D 561 35.53 -13.94 25.17
CA PHE D 561 35.87 -12.54 25.00
C PHE D 561 37.32 -12.30 25.43
N SER D 562 38.24 -12.85 24.64
CA SER D 562 39.65 -12.67 24.92
C SER D 562 40.36 -11.88 23.82
N THR D 563 40.30 -12.35 22.58
CA THR D 563 41.02 -11.73 21.49
C THR D 563 40.02 -10.96 20.63
N LEU D 564 40.51 -10.11 19.75
CA LEU D 564 39.60 -9.40 18.85
C LEU D 564 38.91 -10.36 17.90
N PHE D 565 39.66 -11.30 17.32
CA PHE D 565 39.04 -12.24 16.40
C PHE D 565 38.02 -13.11 17.11
N GLU D 566 38.37 -13.60 18.29
CA GLU D 566 37.42 -14.42 19.04
C GLU D 566 36.16 -13.62 19.37
N THR D 567 36.33 -12.36 19.75
CA THR D 567 35.17 -11.54 20.06
C THR D 567 34.29 -11.34 18.84
N LEU D 568 34.91 -11.13 17.67
CA LEU D 568 34.11 -11.01 16.47
C LEU D 568 33.32 -12.27 16.21
N GLN D 569 33.95 -13.44 16.40
CA GLN D 569 33.22 -14.68 16.20
C GLN D 569 32.03 -14.78 17.14
N SER D 570 32.24 -14.46 18.42
CA SER D 570 31.15 -14.58 19.39
C SER D 570 30.02 -13.63 19.03
N LEU D 571 30.34 -12.40 18.68
CA LEU D 571 29.32 -11.43 18.32
C LEU D 571 28.55 -11.88 17.10
N PHE D 572 29.22 -12.51 16.13
CA PHE D 572 28.47 -12.94 14.96
C PHE D 572 27.54 -14.08 15.30
N TRP D 573 28.05 -15.09 16.00
CA TRP D 573 27.21 -16.23 16.31
C TRP D 573 26.08 -15.89 17.25
N SER D 574 26.21 -14.80 18.02
CA SER D 574 25.16 -14.48 18.96
C SER D 574 23.83 -14.20 18.29
N ILE D 575 23.83 -13.86 17.00
CA ILE D 575 22.59 -13.51 16.32
C ILE D 575 21.61 -14.67 16.36
N PHE D 576 22.09 -15.87 16.06
CA PHE D 576 21.20 -17.02 15.95
C PHE D 576 21.04 -17.76 17.26
N GLY D 577 21.41 -17.15 18.38
CA GLY D 577 21.17 -17.76 19.67
C GLY D 577 21.94 -19.03 19.91
N LEU D 578 23.13 -19.15 19.34
CA LEU D 578 23.98 -20.31 19.55
C LEU D 578 25.08 -20.06 20.57
N ILE D 579 25.01 -18.94 21.29
CA ILE D 579 26.01 -18.63 22.30
C ILE D 579 25.32 -18.66 23.65
N SER D 580 25.72 -19.58 24.51
CA SER D 580 25.10 -19.69 25.80
C SER D 580 25.51 -18.52 26.68
N LEU D 581 24.71 -18.26 27.71
CA LEU D 581 24.85 -17.00 28.42
C LEU D 581 26.05 -16.99 29.35
N TYR D 582 26.43 -18.13 29.89
CA TYR D 582 27.44 -18.09 30.94
C TYR D 582 28.78 -17.74 30.46
N VAL D 583 28.92 -17.30 29.21
CA VAL D 583 30.22 -16.85 28.72
C VAL D 583 30.70 -15.65 29.51
N THR D 584 29.82 -14.68 29.74
CA THR D 584 30.22 -13.41 30.34
C THR D 584 30.47 -13.57 31.83
N ASN D 585 31.45 -14.41 32.14
CA ASN D 585 31.72 -14.77 33.52
C ASN D 585 33.20 -15.08 33.65
N VAL D 586 33.77 -14.75 34.82
CA VAL D 586 35.19 -14.86 35.05
C VAL D 586 35.46 -15.72 36.26
N LYS D 587 36.68 -16.26 36.33
CA LYS D 587 37.04 -17.16 37.42
C LYS D 587 36.99 -16.44 38.76
N ALA D 588 37.42 -15.19 38.80
CA ALA D 588 37.40 -14.43 40.04
C ALA D 588 35.96 -14.02 40.36
N ASP D 589 35.79 -13.20 41.39
CA ASP D 589 34.48 -12.79 41.85
C ASP D 589 34.25 -11.29 41.68
N HIS D 590 34.85 -10.70 40.65
CA HIS D 590 34.68 -9.27 40.42
C HIS D 590 33.27 -9.01 39.94
N LYS D 591 32.30 -9.09 40.84
CA LYS D 591 30.91 -9.06 40.42
C LYS D 591 30.46 -7.63 40.13
N PHE D 592 31.27 -6.91 39.38
CA PHE D 592 30.79 -5.67 38.80
C PHE D 592 31.03 -5.69 37.30
N THR D 593 32.24 -6.09 36.92
CA THR D 593 32.55 -6.21 35.50
C THR D 593 31.69 -7.29 34.87
N GLU D 594 31.46 -8.37 35.61
CA GLU D 594 30.56 -9.40 35.11
C GLU D 594 29.18 -8.83 34.80
N PHE D 595 28.82 -7.75 35.45
CA PHE D 595 27.53 -7.16 35.14
C PHE D 595 27.61 -6.21 33.96
N VAL D 596 28.65 -5.40 33.87
CA VAL D 596 28.75 -4.47 32.77
C VAL D 596 28.90 -5.20 31.45
N GLY D 597 29.66 -6.30 31.47
CA GLY D 597 29.79 -7.09 30.25
C GLY D 597 28.46 -7.64 29.80
N ALA D 598 27.68 -8.18 30.72
CA ALA D 598 26.37 -8.68 30.36
C ALA D 598 25.49 -7.55 29.83
N THR D 599 25.63 -6.36 30.40
CA THR D 599 24.83 -5.23 29.93
C THR D 599 25.17 -4.89 28.50
N MET D 600 26.45 -4.81 28.16
CA MET D 600 26.80 -4.53 26.78
C MET D 600 26.30 -5.62 25.85
N PHE D 601 26.43 -6.88 26.27
CA PHE D 601 26.00 -7.97 25.42
C PHE D 601 24.51 -7.88 25.16
N GLY D 602 23.72 -7.59 26.19
CA GLY D 602 22.29 -7.44 26.00
C GLY D 602 21.95 -6.28 25.10
N THR D 603 22.63 -5.15 25.27
CA THR D 603 22.36 -4.00 24.42
C THR D 603 22.63 -4.33 22.97
N TYR D 604 23.73 -5.03 22.71
CA TYR D 604 24.00 -5.43 21.33
C TYR D 604 22.90 -6.32 20.80
N ASN D 605 22.43 -7.27 21.61
CA ASN D 605 21.39 -8.15 21.12
C ASN D 605 20.12 -7.38 20.80
N VAL D 606 19.72 -6.44 21.66
CA VAL D 606 18.53 -5.66 21.38
C VAL D 606 18.70 -4.89 20.08
N ILE D 607 19.80 -4.16 19.96
CA ILE D 607 20.00 -3.31 18.79
C ILE D 607 19.98 -4.14 17.52
N SER D 608 20.68 -5.27 17.53
CA SER D 608 20.90 -6.02 16.30
C SER D 608 19.90 -7.14 16.10
N LEU D 609 18.88 -7.25 16.92
CA LEU D 609 17.90 -8.28 16.65
C LEU D 609 16.46 -7.81 16.84
N VAL D 610 16.22 -6.59 17.31
CA VAL D 610 14.85 -6.16 17.49
C VAL D 610 14.66 -4.79 16.88
N VAL D 611 15.75 -4.08 16.62
CA VAL D 611 15.63 -2.70 16.19
C VAL D 611 16.27 -2.52 14.82
N LEU D 612 17.23 -3.37 14.50
CA LEU D 612 17.88 -3.23 13.21
C LEU D 612 17.38 -4.22 12.18
N LEU D 613 17.06 -5.45 12.58
CA LEU D 613 16.64 -6.42 11.59
C LEU D 613 15.22 -6.13 11.10
N ASN D 614 14.33 -5.78 12.02
CA ASN D 614 12.97 -5.43 11.61
C ASN D 614 12.98 -4.31 10.59
N MET D 615 13.97 -3.42 10.66
CA MET D 615 14.05 -2.37 9.67
C MET D 615 14.53 -2.89 8.33
N LEU D 616 15.34 -3.95 8.33
CA LEU D 616 15.63 -4.63 7.07
C LEU D 616 14.36 -5.19 6.46
N ILE D 617 13.53 -5.81 7.29
CA ILE D 617 12.26 -6.37 6.80
C ILE D 617 11.40 -5.27 6.21
N ALA D 618 11.25 -4.17 6.95
CA ALA D 618 10.38 -3.09 6.51
C ALA D 618 10.97 -2.33 5.35
N MET D 619 12.25 -2.51 5.05
CA MET D 619 12.82 -1.93 3.84
C MET D 619 12.51 -2.78 2.61
N MET D 620 12.89 -4.06 2.66
CA MET D 620 12.63 -4.92 1.51
C MET D 620 11.14 -4.96 1.19
N ASN D 621 10.31 -4.92 2.23
CA ASN D 621 8.88 -4.97 2.00
C ASN D 621 8.42 -3.83 1.10
N ASN D 622 8.86 -2.61 1.40
CA ASN D 622 8.45 -1.49 0.57
C ASN D 622 9.06 -1.60 -0.82
N SER D 623 10.29 -2.09 -0.92
CA SER D 623 10.91 -2.14 -2.24
C SER D 623 10.25 -3.15 -3.15
N TYR D 624 9.64 -4.20 -2.58
CA TYR D 624 9.03 -5.23 -3.43
C TYR D 624 7.92 -4.66 -4.29
N GLN D 625 7.20 -3.67 -3.79
CA GLN D 625 6.16 -3.10 -4.64
C GLN D 625 6.73 -2.20 -5.72
N HIS D 626 7.84 -1.52 -5.44
CA HIS D 626 8.51 -0.76 -6.48
C HIS D 626 9.00 -1.65 -7.61
N ILE D 627 9.40 -2.88 -7.28
CA ILE D 627 9.99 -3.77 -8.27
C ILE D 627 8.93 -4.63 -8.96
N ALA D 628 8.03 -5.24 -8.18
CA ALA D 628 7.13 -6.24 -8.72
C ALA D 628 6.28 -5.72 -9.86
N ASP D 629 6.00 -4.41 -9.86
CA ASP D 629 5.23 -3.84 -10.96
C ASP D 629 5.92 -4.09 -12.30
N HIS D 630 7.25 -3.99 -12.33
CA HIS D 630 8.02 -4.34 -13.52
C HIS D 630 8.67 -5.69 -13.28
N ALA D 631 7.90 -6.75 -13.55
CA ALA D 631 8.40 -8.11 -13.36
C ALA D 631 8.50 -8.86 -14.68
N ASP D 632 7.40 -8.97 -15.41
CA ASP D 632 7.41 -9.70 -16.67
C ASP D 632 8.17 -8.96 -17.75
N ILE D 633 8.03 -7.64 -17.82
CA ILE D 633 8.73 -6.86 -18.84
C ILE D 633 10.22 -7.08 -18.74
N GLU D 634 10.72 -7.43 -17.56
CA GLU D 634 12.14 -7.68 -17.40
C GLU D 634 12.47 -9.15 -17.51
N TRP D 635 11.59 -10.02 -16.97
CA TRP D 635 11.84 -11.45 -17.08
C TRP D 635 11.93 -11.87 -18.53
N LYS D 636 11.06 -11.32 -19.38
CA LYS D 636 11.09 -11.68 -20.79
C LYS D 636 12.41 -11.28 -21.43
N PHE D 637 12.94 -10.12 -21.06
CA PHE D 637 14.23 -9.72 -21.60
C PHE D 637 15.31 -10.69 -21.18
N ALA D 638 15.31 -11.11 -19.92
CA ALA D 638 16.32 -12.05 -19.46
C ALA D 638 16.20 -13.38 -20.21
N ARG D 639 14.98 -13.88 -20.36
CA ARG D 639 14.77 -15.14 -21.05
C ARG D 639 15.20 -15.03 -22.51
N THR D 640 14.91 -13.90 -23.14
CA THR D 640 15.30 -13.72 -24.53
C THR D 640 16.81 -13.71 -24.67
N LYS D 641 17.52 -13.07 -23.75
CA LYS D 641 18.98 -13.13 -23.81
C LYS D 641 19.46 -14.57 -23.67
N LEU D 642 18.88 -15.31 -22.74
CA LEU D 642 19.25 -16.71 -22.59
C LEU D 642 19.06 -17.47 -23.89
N TRP D 643 17.91 -17.28 -24.54
CA TRP D 643 17.66 -17.96 -25.80
C TRP D 643 18.67 -17.58 -26.86
N MET D 644 18.86 -16.27 -27.06
CA MET D 644 19.77 -15.82 -28.11
C MET D 644 21.18 -16.31 -27.87
N SER D 645 21.49 -16.73 -26.65
CA SER D 645 22.78 -17.36 -26.44
C SER D 645 22.94 -18.66 -27.22
N TYR D 646 21.85 -19.23 -27.74
CA TYR D 646 21.91 -20.56 -28.35
C TYR D 646 21.67 -20.57 -29.85
N PHE D 647 21.26 -19.46 -30.45
CA PHE D 647 20.74 -19.53 -31.81
C PHE D 647 21.83 -19.72 -32.87
N GLU D 648 23.10 -19.64 -32.48
CA GLU D 648 24.19 -19.64 -33.44
C GLU D 648 24.87 -21.00 -33.46
N GLU D 649 25.69 -21.21 -34.49
CA GLU D 649 26.52 -22.41 -34.56
C GLU D 649 27.84 -22.18 -33.84
N GLY D 650 27.78 -21.72 -32.60
CA GLY D 650 28.98 -21.42 -31.85
C GLY D 650 29.41 -22.49 -30.89
N GLY D 651 28.51 -22.93 -30.01
CA GLY D 651 28.86 -23.97 -29.05
C GLY D 651 28.61 -25.36 -29.59
N THR D 652 27.36 -25.64 -29.94
CA THR D 652 26.92 -26.84 -30.67
C THR D 652 27.52 -28.12 -30.11
N LEU D 653 27.95 -28.12 -28.85
CA LEU D 653 28.58 -29.30 -28.27
C LEU D 653 28.55 -29.20 -26.76
N PRO D 654 28.18 -30.26 -26.04
CA PRO D 654 28.29 -30.24 -24.60
C PRO D 654 29.74 -30.13 -24.17
N PRO D 655 30.01 -29.52 -23.03
CA PRO D 655 31.39 -29.35 -22.56
C PRO D 655 32.13 -30.66 -22.39
N PRO D 656 31.49 -31.77 -21.97
CA PRO D 656 32.22 -33.04 -21.95
C PRO D 656 32.82 -33.37 -23.28
N PHE D 657 32.02 -33.34 -24.35
CA PHE D 657 32.50 -33.55 -25.71
C PHE D 657 32.86 -32.23 -26.37
N ASN D 658 33.66 -31.42 -25.69
CA ASN D 658 34.07 -30.14 -26.25
C ASN D 658 35.46 -30.20 -26.86
N ILE D 659 36.17 -31.30 -26.68
CA ILE D 659 37.53 -31.43 -27.17
C ILE D 659 37.78 -32.83 -27.71
N ALA D 696 21.72 -3.45 -55.45
CA ALA D 696 22.62 -4.58 -55.28
C ALA D 696 22.19 -5.44 -54.10
N GLU D 697 23.17 -5.99 -53.38
CA GLU D 697 22.88 -6.92 -52.31
C GLU D 697 22.03 -6.26 -51.23
N ASN D 698 22.39 -5.05 -50.83
CA ASN D 698 21.66 -4.33 -49.79
C ASN D 698 20.98 -3.07 -50.28
N VAL D 699 21.29 -2.60 -51.49
CA VAL D 699 20.58 -1.46 -52.05
C VAL D 699 19.11 -1.81 -52.25
N ARG D 700 18.82 -3.01 -52.73
CA ARG D 700 17.44 -3.46 -52.83
C ARG D 700 16.82 -3.61 -51.44
N LEU D 701 17.60 -4.13 -50.49
CA LEU D 701 17.11 -4.23 -49.13
C LEU D 701 16.78 -2.86 -48.56
N ASN D 702 17.67 -1.89 -48.78
CA ASN D 702 17.37 -0.52 -48.37
C ASN D 702 16.12 -0.02 -49.07
N HIS D 703 15.97 -0.38 -50.34
CA HIS D 703 14.83 0.07 -51.13
C HIS D 703 13.51 -0.36 -50.50
N GLN D 704 13.42 -1.63 -50.13
CA GLN D 704 12.19 -2.12 -49.52
C GLN D 704 12.06 -1.69 -48.06
N TYR D 705 13.19 -1.63 -47.35
CA TYR D 705 13.16 -1.24 -45.95
C TYR D 705 12.66 0.18 -45.78
N GLN D 706 13.04 1.07 -46.70
CA GLN D 706 12.56 2.44 -46.62
C GLN D 706 11.05 2.50 -46.81
N GLU D 707 10.52 1.70 -47.72
CA GLU D 707 9.06 1.68 -47.89
C GLU D 707 8.38 1.21 -46.62
N VAL D 708 8.93 0.17 -46.00
CA VAL D 708 8.36 -0.31 -44.75
C VAL D 708 8.39 0.79 -43.69
N LEU D 709 9.52 1.49 -43.60
CA LEU D 709 9.62 2.57 -42.63
C LEU D 709 8.59 3.66 -42.89
N ARG D 710 8.41 4.02 -44.16
CA ARG D 710 7.43 5.05 -44.48
C ARG D 710 6.04 4.62 -44.03
N ASN D 711 5.67 3.37 -44.31
CA ASN D 711 4.36 2.91 -43.90
C ASN D 711 4.21 2.96 -42.39
N LEU D 712 5.22 2.49 -41.65
CA LEU D 712 5.11 2.48 -40.20
C LEU D 712 4.96 3.89 -39.65
N VAL D 713 5.79 4.82 -40.12
CA VAL D 713 5.74 6.16 -39.55
C VAL D 713 4.42 6.83 -39.91
N LYS D 714 3.91 6.59 -41.12
CA LYS D 714 2.61 7.13 -41.47
C LYS D 714 1.52 6.60 -40.55
N ARG D 715 1.51 5.29 -40.34
CA ARG D 715 0.50 4.72 -39.46
C ARG D 715 0.60 5.30 -38.06
N TYR D 716 1.83 5.43 -37.56
CA TYR D 716 1.99 5.94 -36.21
C TYR D 716 1.52 7.37 -36.08
N VAL D 717 1.95 8.23 -36.99
CA VAL D 717 1.58 9.64 -36.90
C VAL D 717 0.07 9.80 -36.99
N ALA D 718 -0.56 9.09 -37.93
CA ALA D 718 -2.00 9.22 -38.07
C ALA D 718 -2.71 8.66 -36.84
N ALA D 719 -2.20 7.57 -36.28
CA ALA D 719 -3.00 6.77 -35.37
C ALA D 719 -2.80 7.11 -33.90
N MET D 720 -1.69 7.73 -33.52
CA MET D 720 -1.53 8.06 -32.10
C MET D 720 -1.41 9.55 -31.85
N ILE D 721 -0.45 10.24 -32.44
CA ILE D 721 -0.26 11.64 -32.08
C ILE D 721 -1.37 12.52 -32.62
N ARG D 722 -2.19 12.01 -33.53
CA ARG D 722 -3.42 12.69 -33.92
C ARG D 722 -4.61 12.11 -33.18
N ASP D 723 -4.83 10.81 -33.34
CA ASP D 723 -6.08 10.21 -32.88
C ASP D 723 -6.21 10.27 -31.36
N ALA D 724 -5.12 10.17 -30.63
CA ALA D 724 -5.21 10.19 -29.18
C ALA D 724 -5.22 11.60 -28.61
N LYS D 725 -4.83 12.61 -29.39
CA LYS D 725 -4.98 13.98 -28.91
C LYS D 725 -6.45 14.33 -28.75
N THR D 726 -7.30 13.85 -29.65
CA THR D 726 -8.71 14.17 -29.53
C THR D 726 -9.37 13.21 -28.55
N GLU D 727 -8.76 13.06 -27.36
CA GLU D 727 -9.34 12.28 -26.28
C GLU D 727 -8.97 12.84 -24.91
N GLU D 728 -8.61 14.11 -24.82
CA GLU D 728 -8.16 14.72 -23.58
C GLU D 728 -9.26 15.56 -22.94
N GLY D 729 -9.22 15.67 -21.61
CA GLY D 729 -10.24 16.38 -20.89
C GLY D 729 -10.18 17.88 -21.08
N LEU D 730 -11.29 18.54 -20.75
CA LEU D 730 -11.46 19.96 -20.99
C LEU D 730 -10.76 20.79 -19.92
N THR D 731 -10.67 22.09 -20.19
CA THR D 731 -10.04 23.03 -19.27
C THR D 731 -10.65 24.41 -19.46
N GLU D 732 -10.16 25.37 -18.69
CA GLU D 732 -10.78 26.69 -18.65
C GLU D 732 -10.63 27.45 -19.96
N GLU D 733 -9.62 27.08 -20.77
CA GLU D 733 -9.49 27.68 -22.10
C GLU D 733 -10.75 27.45 -22.94
N ASN D 734 -11.31 26.25 -22.87
CA ASN D 734 -12.49 25.95 -23.66
C ASN D 734 -13.67 26.82 -23.23
N PHE D 735 -13.84 27.01 -21.92
CA PHE D 735 -14.82 27.96 -21.41
C PHE D 735 -14.62 29.35 -22.00
N LYS D 736 -13.41 29.87 -21.90
CA LYS D 736 -13.14 31.21 -22.42
C LYS D 736 -13.51 31.30 -23.89
N GLU D 737 -13.06 30.34 -24.69
CA GLU D 737 -13.24 30.43 -26.14
C GLU D 737 -14.71 30.32 -26.51
N LEU D 738 -15.46 29.41 -25.89
CA LEU D 738 -16.88 29.31 -26.19
C LEU D 738 -17.59 30.61 -25.86
N LYS D 739 -17.38 31.14 -24.65
CA LYS D 739 -18.12 32.33 -24.26
C LYS D 739 -17.75 33.52 -25.13
N GLN D 740 -16.46 33.64 -25.47
CA GLN D 740 -16.02 34.75 -26.31
C GLN D 740 -16.61 34.65 -27.71
N ASP D 741 -16.66 33.45 -28.28
CA ASP D 741 -17.24 33.31 -29.61
C ASP D 741 -18.72 33.69 -29.59
N ILE D 742 -19.44 33.25 -28.57
CA ILE D 742 -20.85 33.63 -28.47
C ILE D 742 -20.98 35.14 -28.39
N SER D 743 -20.13 35.79 -27.57
CA SER D 743 -20.22 37.23 -27.42
C SER D 743 -19.94 37.94 -28.74
N SER D 744 -18.95 37.46 -29.49
CA SER D 744 -18.64 38.09 -30.76
C SER D 744 -19.82 37.97 -31.73
N PHE D 745 -20.45 36.78 -31.78
CA PHE D 745 -21.59 36.62 -32.65
C PHE D 745 -22.73 37.54 -32.23
N ARG D 746 -22.88 37.74 -30.92
CA ARG D 746 -23.87 38.70 -30.43
C ARG D 746 -23.59 40.10 -30.94
N TYR D 747 -22.33 40.53 -30.83
CA TYR D 747 -22.00 41.89 -31.24
C TYR D 747 -22.19 42.07 -32.73
N GLU D 748 -21.80 41.09 -33.54
CA GLU D 748 -21.99 41.24 -34.97
C GLU D 748 -23.46 41.33 -35.33
N VAL D 749 -24.29 40.47 -34.74
CA VAL D 749 -25.71 40.50 -35.07
C VAL D 749 -26.32 41.83 -34.66
N ILE D 750 -25.97 42.31 -33.46
CA ILE D 750 -26.53 43.57 -32.99
C ILE D 750 -26.09 44.72 -33.89
N GLY D 751 -24.82 44.70 -34.34
CA GLY D 751 -24.35 45.74 -35.22
C GLY D 751 -25.02 45.73 -36.58
N MET D 752 -25.31 44.56 -37.11
CA MET D 752 -25.96 44.48 -38.42
C MET D 752 -27.47 44.57 -38.36
N MET D 753 -28.07 44.55 -37.16
CA MET D 753 -29.51 44.76 -37.07
C MET D 753 -29.89 46.20 -37.42
N LYS D 754 -29.07 47.17 -37.05
CA LYS D 754 -29.37 48.57 -37.32
C LYS D 754 -28.10 49.41 -37.36
N SJQ E . 33.95 14.13 18.50
CA SJQ E . 32.65 14.19 17.90
C SJQ E . 32.70 13.86 16.44
O SJQ E . 31.71 13.78 15.81
CAB SJQ E . 33.43 12.96 11.05
CAC SJQ E . 34.78 13.28 11.64
CAD SJQ E . 34.80 14.59 12.42
CAF SJQ E . 32.26 13.18 12.01
CAG SJQ E . 32.36 14.47 12.81
CAH SJQ E . 33.73 14.57 13.50
CAI SJQ E . 33.94 13.33 14.35
CAK SJQ E . 35.23 13.75 16.45
CAL SJQ E . 35.08 14.58 17.73
CAP SJQ E . 34.18 13.38 19.70
CAQ SJQ E . 34.31 14.05 20.96
CAT SJQ E . 34.28 12.02 19.64
CAV SJQ E . 34.53 11.26 20.84
FAA SJQ E . 33.26 13.75 9.96
FAE SJQ E . 33.44 11.65 10.68
NAJ SJQ E . 33.96 13.66 15.76
NAR SJQ E . 34.54 13.33 22.12
NAS SJQ E . 34.64 11.91 22.06
OAW SJQ E . 34.63 9.87 20.78
CL SJQ E . 34.13 11.16 18.08
CA CA F . 29.17 18.20 18.05
O13 44E G . 22.77 -7.52 32.21
P 44E G . 21.44 -7.92 32.77
O14 44E G . 21.44 -9.40 33.05
O12 44E G . 21.16 -7.17 34.04
O11 44E G . 20.27 -7.55 31.68
C1 44E G . 20.59 -6.58 30.74
C2 44E G . 19.62 -5.43 30.89
O21 44E G . 20.13 -4.34 30.20
C21 44E G . 19.57 -4.15 28.93
O22 44E G . 19.60 -5.03 28.15
C22 44E G . 18.95 -2.82 28.55
C23 44E G . 18.44 -2.79 27.11
C3 44E G . 19.48 -5.07 32.37
O31 44E G . 18.51 -5.89 32.94
C31 44E G . 17.32 -5.23 33.26
O32 44E G . 17.29 -4.51 34.19
C32 44E G . 16.06 -5.44 32.43
C33 44E G . 15.36 -4.14 32.07
C34 44E G . 14.47 -4.28 30.84
C35 44E G . 14.71 -3.19 29.81
C36 44E G . 14.00 -3.46 28.48
C4 44E G . 18.65 -1.44 26.46
C5 44E G . 17.83 -1.24 25.19
C6 44E G . 18.13 0.09 24.52
N SJQ H . -9.87 -1.13 39.95
CA SJQ H . -10.08 -0.95 38.54
C SJQ H . -9.31 0.23 38.02
O SJQ H . -9.30 0.46 36.86
CAB SJQ H . -6.62 4.83 36.61
CAC SJQ H . -6.76 4.82 38.12
CAD SJQ H . -8.19 4.65 38.60
CAF SJQ H . -7.43 3.74 35.91
CAG SJQ H . -8.83 3.55 36.48
CAH SJQ H . -8.78 3.38 38.00
CAI SJQ H . -7.86 2.22 38.33
CAK SJQ H . -8.56 0.90 40.33
CAL SJQ H . -9.75 0.05 40.77
CAP SJQ H . -9.49 -2.40 40.49
CAQ SJQ H . -10.47 -3.21 41.16
CAT SJQ H . -8.21 -2.83 40.37
CAV SJQ H . -7.81 -4.10 40.93
FAA SJQ H . -7.06 6.05 36.17
FAE SJQ H . -5.31 4.67 36.31
NAJ SJQ H . -8.59 1.11 38.90
NAR SJQ H . -10.10 -4.44 41.69
NAS SJQ H . -8.77 -4.90 41.57
OAW SJQ H . -6.50 -4.55 40.81
CL SJQ H . -6.97 -1.83 39.55
CA CA I . -14.69 -0.57 35.94
O13 44E J . 2.80 -24.61 31.61
P 44E J . 2.65 -25.64 30.52
O14 44E J . 3.92 -26.44 30.43
O12 44E J . 1.49 -26.55 30.84
O11 44E J . 2.34 -24.88 29.11
C1 44E J . 1.83 -23.59 29.20
C2 44E J . 0.48 -23.57 28.51
O21 44E J . -0.18 -22.40 28.89
C21 44E J . -0.10 -21.37 27.94
O22 44E J . 0.96 -21.01 27.55
C22 44E J . -1.36 -20.71 27.41
C23 44E J . -1.07 -19.58 26.42
C3 44E J . -0.34 -24.77 28.97
O31 44E J . -0.02 -25.87 28.16
C31 44E J . -1.04 -26.24 27.28
O32 44E J . -2.00 -26.79 27.69
C32 44E J . -0.91 -25.95 25.79
C33 44E J . -2.17 -25.34 25.19
C34 44E J . -1.89 -24.57 23.91
C35 44E J . -2.51 -23.18 23.91
C36 44E J . -2.03 -22.32 22.74
C4 44E J . -2.05 -18.43 26.57
C5 44E J . -2.06 -17.48 25.39
C6 44E J . -2.99 -16.31 25.60
N SJQ K . -13.90 -38.40 5.19
CA SJQ K . -13.68 -37.15 4.53
C SJQ K . -14.40 -36.02 5.21
O SJQ K . -14.25 -34.92 4.83
CAB SJQ K . -17.48 -32.27 7.81
CAC SJQ K . -17.97 -33.63 8.23
CAD SJQ K . -18.33 -34.54 7.06
CAF SJQ K . -16.47 -32.29 6.67
CAG SJQ K . -16.83 -33.27 5.54
CAH SJQ K . -17.14 -34.66 6.12
CAI SJQ K . -15.94 -35.12 6.93
CAK SJQ K . -15.54 -37.58 6.84
CAL SJQ K . -15.20 -38.64 5.77
CAP SJQ K . -12.81 -39.24 5.57
CAQ SJQ K . -12.52 -40.42 4.79
CAT SJQ K . -12.05 -38.93 6.66
CAV SJQ K . -10.95 -39.80 7.04
FAA SJQ K . -18.56 -31.54 7.41
FAE SJQ K . -16.89 -31.68 8.88
NAJ SJQ K . -15.29 -36.26 6.31
NAR SJQ K . -11.47 -41.25 5.15
NAS SJQ K . -10.66 -40.93 6.28
OAW SJQ K . -10.17 -39.48 8.14
CL SJQ K . -12.38 -37.48 7.63
CA CA L . -14.42 -36.05 -0.62
O13 44E M . 13.45 -36.32 10.61
P 44E M . 14.69 -35.80 9.94
O14 44E M . 15.78 -35.65 10.96
O12 44E M . 15.12 -36.76 8.86
O11 44E M . 14.35 -34.36 9.23
C1 44E M . 13.01 -34.09 8.99
C2 44E M . 12.85 -33.87 7.50
O21 44E M . 11.49 -33.95 7.19
C21 44E M . 10.87 -32.70 7.06
O22 44E M . 10.93 -31.92 7.94
C22 44E M . 10.11 -32.35 5.80
C23 44E M . 9.45 -30.97 5.86
C3 44E M . 13.60 -34.97 6.74
O31 44E M . 14.93 -34.58 6.59
C31 44E M . 15.28 -34.24 5.28
O32 44E M . 15.42 -35.08 4.47
C32 44E M . 15.51 -32.78 4.90
C33 44E M . 14.81 -32.38 3.60
C34 44E M . 14.58 -30.89 3.50
C35 44E M . 13.15 -30.54 3.13
C36 44E M . 12.85 -29.04 3.27
C4 44E M . 8.10 -30.95 5.17
C5 44E M . 7.60 -29.54 4.87
C6 44E M . 6.21 -29.55 4.25
N SJQ N . 29.93 -23.13 -16.25
CA SJQ N . 29.04 -22.01 -16.11
C SJQ N . 27.61 -22.39 -16.37
O SJQ N . 26.76 -21.60 -16.22
CAB SJQ N . 22.58 -24.14 -17.75
CAC SJQ N . 23.57 -25.17 -18.24
CAD SJQ N . 24.66 -24.59 -19.12
CAF SJQ N . 23.21 -22.86 -17.24
CAG SJQ N . 24.36 -22.34 -18.12
CAH SJQ N . 25.38 -23.47 -18.38
CAI SJQ N . 25.86 -24.01 -17.05
CAK SJQ N . 28.24 -24.74 -17.06
CAL SJQ N . 29.63 -24.11 -17.27
CAP SJQ N . 30.86 -23.47 -15.22
CAQ SJQ N . 32.26 -23.16 -15.40
CAT SJQ N . 30.43 -24.09 -14.09
CAV SJQ N . 31.39 -24.44 -13.06
FAA SJQ N . 21.75 -23.83 -18.80
FAE SJQ N . 21.86 -24.70 -16.74
NAJ SJQ N . 27.26 -23.71 -16.83
NAR SJQ N . 33.17 -23.48 -14.42
NAS SJQ N . 32.74 -24.12 -13.22
OAW SJQ N . 30.97 -25.06 -11.89
CL SJQ N . 28.72 -24.49 -13.84
CA CA O . 29.44 -17.28 -18.51
O13 44E P . 33.42 -19.23 11.21
P 44E P . 33.48 -18.08 12.18
O14 44E P . 33.31 -18.61 13.58
O12 44E P . 34.80 -17.37 12.06
O11 44E P . 32.29 -17.02 11.82
C1 44E P . 31.77 -17.08 10.53
C2 44E P . 31.99 -15.74 9.87
O21 44E P . 31.80 -15.89 8.50
C21 44E P . 30.54 -15.48 8.06
O22 44E P . 29.57 -15.94 8.54
C22 44E P . 30.41 -14.45 6.94
C23 44E P . 28.96 -14.18 6.55
C3 44E P . 33.43 -15.27 10.14
O31 44E P . 33.46 -14.61 11.37
C31 44E P . 33.64 -13.23 11.26
O32 44E P . 34.70 -12.80 10.98
C32 44E P . 32.49 -12.27 11.54
C33 44E P . 32.35 -11.18 10.48
C34 44E P . 30.95 -10.59 10.44
C35 44E P . 30.37 -10.55 9.03
C36 44E P . 28.88 -10.18 9.01
C4 44E P . 28.81 -13.95 5.05
C5 44E P . 27.49 -13.30 4.68
C6 44E P . 27.33 -13.16 3.18
#